data_2L21
#
_entry.id   2L21
#
_entity_poly.entity_id   1
_entity_poly.type   'polypeptide(L)'
_entity_poly.pdbx_seq_one_letter_code
;MKSNVQNDCRVTNPATGHLFDLTSLKRESGYTITDSHNRKIELNVCAEAKSSCANGAAVCITDGPKTLNAGKLSKTLTYE
DQVLKLVYEDGDPCPTDLKMKHKSYFSFVCKSDAGDDSQPVFLSFDEQTCTSYFSWHTSLACEEEVPRHHHHHH
;
_entity_poly.pdbx_strand_id   A
#
# COMPACT_ATOMS: atom_id res chain seq x y z
N MET A 1 1.71 -15.17 8.27
CA MET A 1 2.80 -15.91 7.63
C MET A 1 4.02 -14.98 7.64
N LYS A 2 5.15 -15.37 7.07
CA LYS A 2 6.26 -14.46 6.92
C LYS A 2 7.20 -14.90 5.80
N SER A 3 7.27 -14.12 4.75
CA SER A 3 8.21 -14.41 3.68
C SER A 3 9.44 -13.49 3.81
N ASN A 4 9.25 -12.20 3.60
CA ASN A 4 10.32 -11.21 3.76
C ASN A 4 9.94 -10.27 4.88
N VAL A 5 10.62 -10.34 5.96
CA VAL A 5 10.26 -9.58 7.13
C VAL A 5 11.10 -8.34 7.29
N GLN A 6 10.56 -7.24 6.84
CA GLN A 6 11.20 -5.94 7.03
C GLN A 6 10.88 -5.45 8.41
N ASN A 7 11.73 -5.82 9.36
CA ASN A 7 11.59 -5.49 10.80
C ASN A 7 10.45 -6.28 11.42
N ASP A 8 9.25 -5.92 11.03
CA ASP A 8 8.02 -6.54 11.51
C ASP A 8 6.99 -6.51 10.43
N CYS A 9 6.19 -5.43 10.40
CA CYS A 9 5.12 -5.28 9.44
C CYS A 9 4.08 -6.37 9.63
N ARG A 10 3.47 -6.33 10.79
CA ARG A 10 2.49 -7.32 11.16
C ARG A 10 1.67 -6.84 12.35
N VAL A 11 0.41 -7.14 12.32
CA VAL A 11 -0.49 -6.77 13.39
C VAL A 11 -1.51 -7.88 13.62
N THR A 12 -1.70 -8.23 14.84
CA THR A 12 -2.69 -9.21 15.17
C THR A 12 -3.97 -8.48 15.52
N ASN A 13 -4.97 -8.58 14.68
CA ASN A 13 -6.23 -7.91 14.96
C ASN A 13 -7.03 -8.73 15.95
N PRO A 14 -7.24 -8.19 17.16
CA PRO A 14 -7.93 -8.91 18.25
C PRO A 14 -9.38 -9.26 17.88
N ALA A 15 -9.95 -8.50 16.96
CA ALA A 15 -11.31 -8.72 16.51
C ALA A 15 -11.40 -9.94 15.58
N THR A 16 -10.32 -10.21 14.87
CA THR A 16 -10.31 -11.34 13.96
C THR A 16 -9.65 -12.56 14.63
N GLY A 17 -8.55 -12.32 15.31
CA GLY A 17 -7.80 -13.40 15.91
C GLY A 17 -6.74 -13.90 14.95
N HIS A 18 -6.63 -13.21 13.83
CA HIS A 18 -5.68 -13.54 12.79
C HIS A 18 -4.61 -12.48 12.76
N LEU A 19 -3.40 -12.89 12.59
CA LEU A 19 -2.31 -11.97 12.48
C LEU A 19 -2.16 -11.59 11.04
N PHE A 20 -2.21 -10.32 10.78
CA PHE A 20 -2.07 -9.82 9.44
C PHE A 20 -0.63 -9.45 9.23
N ASP A 21 -0.04 -9.97 8.21
CA ASP A 21 1.31 -9.63 7.87
C ASP A 21 1.32 -9.21 6.44
N LEU A 22 2.28 -8.46 6.05
CA LEU A 22 2.44 -8.12 4.66
C LEU A 22 3.84 -8.46 4.25
N THR A 23 4.41 -9.38 5.00
CA THR A 23 5.76 -9.81 4.81
C THR A 23 5.82 -10.86 3.72
N SER A 24 4.76 -11.59 3.62
CA SER A 24 4.63 -12.64 2.65
C SER A 24 4.48 -12.07 1.23
N LEU A 25 3.88 -10.90 1.13
CA LEU A 25 3.60 -10.33 -0.17
C LEU A 25 4.69 -9.36 -0.61
N LYS A 26 5.50 -8.90 0.33
CA LYS A 26 6.51 -7.91 -0.01
C LYS A 26 7.70 -8.55 -0.67
N ARG A 27 8.26 -7.80 -1.56
CA ARG A 27 9.42 -8.18 -2.28
C ARG A 27 10.29 -6.96 -2.34
N GLU A 28 11.59 -7.15 -2.50
CA GLU A 28 12.55 -6.06 -2.40
C GLU A 28 12.36 -4.97 -3.44
N SER A 29 11.99 -5.35 -4.64
CA SER A 29 11.81 -4.40 -5.72
C SER A 29 10.57 -3.52 -5.48
N GLY A 30 9.40 -4.13 -5.54
CA GLY A 30 8.17 -3.42 -5.36
C GLY A 30 7.09 -4.05 -6.20
N TYR A 31 5.91 -3.51 -6.13
CA TYR A 31 4.79 -4.02 -6.89
C TYR A 31 4.37 -2.92 -7.86
N THR A 32 3.68 -3.29 -8.89
CA THR A 32 3.38 -2.38 -9.93
C THR A 32 1.95 -2.48 -10.39
N ILE A 33 1.44 -1.31 -10.59
CA ILE A 33 0.12 -1.06 -11.07
C ILE A 33 0.09 0.25 -11.90
N THR A 34 -1.06 0.64 -12.36
CA THR A 34 -1.20 1.85 -13.14
C THR A 34 -2.01 2.88 -12.33
N ASP A 35 -1.69 4.17 -12.50
CA ASP A 35 -2.35 5.26 -11.80
C ASP A 35 -3.59 5.71 -12.59
N SER A 36 -4.34 6.61 -12.01
CA SER A 36 -5.55 7.17 -12.54
C SER A 36 -5.41 7.62 -13.99
N HIS A 37 -4.26 8.19 -14.35
CA HIS A 37 -4.05 8.59 -15.73
C HIS A 37 -2.61 8.39 -16.14
N ASN A 38 -2.37 7.37 -16.97
CA ASN A 38 -1.04 7.06 -17.62
C ASN A 38 -0.03 6.46 -16.69
N ARG A 39 0.24 7.21 -15.66
CA ARG A 39 1.29 6.94 -14.67
C ARG A 39 1.32 5.51 -14.15
N LYS A 40 2.45 5.11 -13.67
CA LYS A 40 2.64 3.82 -13.11
C LYS A 40 2.78 3.93 -11.61
N ILE A 41 1.94 3.26 -10.89
CA ILE A 41 2.05 3.27 -9.46
C ILE A 41 3.04 2.19 -9.08
N GLU A 42 4.15 2.60 -8.59
CA GLU A 42 5.17 1.70 -8.20
C GLU A 42 5.33 1.81 -6.71
N LEU A 43 4.82 0.85 -6.01
CA LEU A 43 4.82 0.92 -4.57
C LEU A 43 5.10 -0.44 -4.01
N ASN A 44 5.52 -0.48 -2.80
CA ASN A 44 5.77 -1.74 -2.15
C ASN A 44 4.73 -1.91 -1.06
N VAL A 45 4.20 -3.12 -0.93
CA VAL A 45 3.05 -3.47 -0.05
C VAL A 45 3.23 -3.07 1.44
N CYS A 46 4.48 -2.88 1.86
CA CYS A 46 4.79 -2.55 3.25
C CYS A 46 6.32 -2.48 3.41
N ALA A 47 6.99 -2.07 2.39
CA ALA A 47 8.42 -2.00 2.43
C ALA A 47 8.86 -0.88 1.55
N GLU A 48 10.12 -0.67 1.47
CA GLU A 48 10.68 0.37 0.67
C GLU A 48 10.82 -0.10 -0.77
N ALA A 49 10.81 0.84 -1.68
CA ALA A 49 10.93 0.54 -3.08
C ALA A 49 12.38 0.43 -3.48
N LYS A 50 12.69 -0.49 -4.35
CA LYS A 50 14.04 -0.66 -4.81
C LYS A 50 14.31 0.27 -5.96
N SER A 51 13.56 0.13 -7.02
CA SER A 51 13.75 0.98 -8.18
C SER A 51 12.51 1.83 -8.44
N SER A 52 11.41 1.48 -7.77
CA SER A 52 10.12 2.11 -7.97
C SER A 52 10.16 3.62 -7.71
N CYS A 53 11.08 4.05 -6.87
CA CYS A 53 11.23 5.44 -6.60
C CYS A 53 12.70 5.71 -6.31
N ALA A 54 13.13 5.41 -5.11
CA ALA A 54 14.52 5.52 -4.75
C ALA A 54 14.83 4.54 -3.64
N ASN A 55 14.71 4.97 -2.40
CA ASN A 55 14.88 4.10 -1.28
C ASN A 55 13.67 4.07 -0.36
N GLY A 56 13.62 5.07 0.52
CA GLY A 56 12.63 5.12 1.60
C GLY A 56 11.19 5.40 1.17
N ALA A 57 10.97 5.71 -0.08
CA ALA A 57 9.63 5.91 -0.56
C ALA A 57 8.96 4.57 -0.77
N ALA A 58 7.83 4.37 -0.13
CA ALA A 58 7.12 3.12 -0.25
C ALA A 58 6.14 3.19 -1.39
N VAL A 59 5.43 4.29 -1.45
CA VAL A 59 4.49 4.52 -2.53
C VAL A 59 5.01 5.61 -3.41
N CYS A 60 5.28 5.31 -4.64
CA CYS A 60 5.76 6.31 -5.52
C CYS A 60 4.97 6.27 -6.82
N ILE A 61 4.47 7.38 -7.20
CA ILE A 61 3.69 7.49 -8.39
C ILE A 61 4.63 7.87 -9.52
N THR A 62 4.90 6.95 -10.40
CA THR A 62 5.82 7.20 -11.45
C THR A 62 5.12 7.75 -12.69
N ASP A 63 5.26 9.02 -12.89
CA ASP A 63 4.70 9.69 -14.04
C ASP A 63 5.76 9.72 -15.09
N GLY A 64 5.69 8.81 -16.02
CA GLY A 64 6.72 8.68 -17.02
C GLY A 64 8.03 8.26 -16.37
N PRO A 65 9.06 9.08 -16.43
CA PRO A 65 10.30 8.83 -15.73
C PRO A 65 10.41 9.67 -14.43
N LYS A 66 9.33 10.32 -14.06
CA LYS A 66 9.32 11.20 -12.92
C LYS A 66 8.60 10.55 -11.74
N THR A 67 9.35 10.20 -10.74
CA THR A 67 8.84 9.57 -9.56
C THR A 67 8.27 10.61 -8.56
N LEU A 68 7.01 10.47 -8.26
CA LEU A 68 6.33 11.33 -7.31
C LEU A 68 6.13 10.57 -5.99
N ASN A 69 6.89 10.95 -4.98
CA ASN A 69 6.79 10.34 -3.65
C ASN A 69 5.42 10.60 -3.04
N ALA A 70 4.62 9.56 -2.98
CA ALA A 70 3.29 9.67 -2.45
C ALA A 70 3.28 9.43 -0.95
N GLY A 71 4.18 8.59 -0.50
CA GLY A 71 4.27 8.30 0.91
C GLY A 71 5.54 7.58 1.26
N LYS A 72 6.06 7.86 2.43
CA LYS A 72 7.26 7.24 2.91
C LYS A 72 6.94 5.81 3.34
N LEU A 73 7.96 5.02 3.53
CA LEU A 73 7.79 3.69 4.03
C LEU A 73 7.15 3.69 5.41
N SER A 74 5.98 3.17 5.46
CA SER A 74 5.27 3.00 6.66
C SER A 74 4.90 1.54 6.80
N LYS A 75 5.66 0.84 7.63
CA LYS A 75 5.46 -0.59 7.84
C LYS A 75 4.60 -0.81 9.09
N THR A 76 3.76 0.17 9.36
CA THR A 76 2.84 0.13 10.47
C THR A 76 1.43 -0.21 9.93
N LEU A 77 0.91 -1.33 10.38
CA LEU A 77 -0.34 -1.82 9.95
C LEU A 77 -1.40 -1.44 10.95
N THR A 78 -2.54 -1.00 10.46
CA THR A 78 -3.64 -0.64 11.32
C THR A 78 -4.85 -1.45 10.86
N TYR A 79 -5.83 -1.57 11.70
CA TYR A 79 -7.02 -2.30 11.32
C TYR A 79 -8.23 -1.38 11.40
N GLU A 80 -9.07 -1.44 10.40
CA GLU A 80 -10.29 -0.64 10.34
C GLU A 80 -11.26 -1.24 9.37
N ASP A 81 -12.53 -1.33 9.79
CA ASP A 81 -13.67 -1.82 8.97
C ASP A 81 -13.42 -3.20 8.34
N GLN A 82 -12.63 -4.02 9.07
CA GLN A 82 -12.23 -5.40 8.69
C GLN A 82 -11.25 -5.43 7.54
N VAL A 83 -10.72 -4.28 7.21
CA VAL A 83 -9.74 -4.13 6.16
C VAL A 83 -8.42 -3.70 6.82
N LEU A 84 -7.33 -4.07 6.22
CA LEU A 84 -6.03 -3.70 6.74
C LEU A 84 -5.66 -2.32 6.18
N LYS A 85 -5.27 -1.41 7.03
CA LYS A 85 -4.99 -0.06 6.58
C LYS A 85 -3.56 0.32 6.86
N LEU A 86 -2.87 0.76 5.86
CA LEU A 86 -1.56 1.33 6.05
C LEU A 86 -1.55 2.72 5.48
N VAL A 87 -1.04 3.63 6.25
CA VAL A 87 -1.03 5.02 5.88
C VAL A 87 0.35 5.46 5.44
N TYR A 88 0.52 5.63 4.16
CA TYR A 88 1.77 6.08 3.63
C TYR A 88 1.65 7.55 3.38
N GLU A 89 2.09 8.29 4.32
CA GLU A 89 2.06 9.71 4.23
C GLU A 89 3.47 10.20 4.21
N ASP A 90 3.64 11.51 4.34
CA ASP A 90 4.96 12.15 4.36
C ASP A 90 5.65 11.93 3.03
N GLY A 91 5.24 12.70 2.08
CA GLY A 91 5.76 12.59 0.76
C GLY A 91 5.90 13.95 0.16
N ASP A 92 5.91 14.01 -1.14
CA ASP A 92 6.08 15.26 -1.86
C ASP A 92 4.86 16.16 -1.68
N PRO A 93 5.04 17.38 -1.14
CA PRO A 93 3.97 18.33 -0.97
C PRO A 93 3.44 18.77 -2.32
N CYS A 94 2.17 18.63 -2.50
CA CYS A 94 1.53 18.94 -3.74
C CYS A 94 1.34 20.46 -3.88
N PRO A 95 1.23 20.99 -5.11
CA PRO A 95 1.00 22.42 -5.31
C PRO A 95 -0.44 22.81 -4.96
N THR A 96 -1.28 21.80 -4.82
CA THR A 96 -2.64 21.99 -4.44
C THR A 96 -2.72 22.35 -2.94
N ASP A 97 -1.93 21.67 -2.14
CA ASP A 97 -1.87 21.96 -0.72
C ASP A 97 -0.46 21.68 -0.24
N LEU A 98 0.25 22.72 0.01
CA LEU A 98 1.68 22.64 0.29
C LEU A 98 1.88 22.61 1.78
N LYS A 99 0.80 22.82 2.46
CA LYS A 99 0.80 22.99 3.86
C LYS A 99 0.64 21.66 4.59
N MET A 100 0.46 20.61 3.82
CA MET A 100 0.37 19.31 4.32
C MET A 100 1.08 18.43 3.34
N LYS A 101 1.10 17.21 3.61
CA LYS A 101 1.78 16.25 2.80
C LYS A 101 0.80 15.31 2.16
N HIS A 102 1.27 14.59 1.18
CA HIS A 102 0.47 13.61 0.46
C HIS A 102 -0.01 12.54 1.44
N LYS A 103 -1.29 12.26 1.42
CA LYS A 103 -1.87 11.27 2.31
C LYS A 103 -2.33 10.07 1.51
N SER A 104 -1.57 9.02 1.50
CA SER A 104 -1.93 7.86 0.74
C SER A 104 -2.37 6.72 1.67
N TYR A 105 -3.63 6.37 1.57
CA TYR A 105 -4.23 5.35 2.37
C TYR A 105 -4.35 4.09 1.56
N PHE A 106 -3.72 3.06 2.00
CA PHE A 106 -3.78 1.83 1.31
C PHE A 106 -4.64 0.86 2.10
N SER A 107 -5.63 0.34 1.46
CA SER A 107 -6.55 -0.58 2.05
C SER A 107 -6.29 -1.97 1.51
N PHE A 108 -5.90 -2.84 2.39
CA PHE A 108 -5.62 -4.19 2.03
C PHE A 108 -6.82 -5.03 2.37
N VAL A 109 -7.46 -5.53 1.35
CA VAL A 109 -8.66 -6.27 1.45
C VAL A 109 -8.47 -7.71 0.96
N CYS A 110 -8.99 -8.63 1.72
CA CYS A 110 -8.88 -10.02 1.48
C CYS A 110 -9.89 -10.53 0.47
N LYS A 111 -9.41 -11.28 -0.51
CA LYS A 111 -10.25 -11.85 -1.52
C LYS A 111 -9.81 -13.29 -1.69
N SER A 112 -10.74 -14.18 -1.92
CA SER A 112 -10.46 -15.61 -2.04
C SER A 112 -9.45 -15.94 -3.17
N ASP A 113 -9.58 -15.31 -4.31
CA ASP A 113 -8.65 -15.55 -5.43
C ASP A 113 -7.53 -14.51 -5.46
N ALA A 114 -7.87 -13.26 -5.10
CA ALA A 114 -6.96 -12.11 -5.03
C ALA A 114 -6.39 -11.67 -6.40
N GLY A 115 -6.90 -12.24 -7.47
CA GLY A 115 -6.46 -11.89 -8.78
C GLY A 115 -5.16 -12.57 -9.16
N ASP A 116 -4.45 -11.97 -10.07
CA ASP A 116 -3.22 -12.50 -10.59
C ASP A 116 -2.08 -12.08 -9.71
N ASP A 117 -1.95 -12.86 -8.67
CA ASP A 117 -0.90 -12.76 -7.64
C ASP A 117 -1.11 -11.52 -6.80
N SER A 118 -2.20 -11.55 -6.03
CA SER A 118 -2.59 -10.47 -5.14
C SER A 118 -2.49 -9.11 -5.82
N GLN A 119 -3.44 -8.81 -6.65
CA GLN A 119 -3.39 -7.57 -7.39
C GLN A 119 -4.22 -6.47 -6.74
N PRO A 120 -3.71 -5.23 -6.78
CA PRO A 120 -4.39 -4.07 -6.28
C PRO A 120 -5.12 -3.28 -7.37
N VAL A 121 -6.00 -2.42 -6.94
CA VAL A 121 -6.76 -1.55 -7.79
C VAL A 121 -6.61 -0.14 -7.24
N PHE A 122 -6.40 0.85 -8.09
CA PHE A 122 -6.39 2.20 -7.60
C PHE A 122 -7.83 2.59 -7.33
N LEU A 123 -8.11 2.88 -6.09
CA LEU A 123 -9.45 3.15 -5.69
C LEU A 123 -9.83 4.54 -6.13
N SER A 124 -9.14 5.50 -5.58
CA SER A 124 -9.35 6.89 -5.91
C SER A 124 -8.08 7.68 -5.61
N PHE A 125 -7.68 8.50 -6.53
CA PHE A 125 -6.58 9.39 -6.32
C PHE A 125 -7.17 10.77 -6.36
N ASP A 126 -7.07 11.48 -5.29
CA ASP A 126 -7.66 12.78 -5.20
C ASP A 126 -6.59 13.82 -5.06
N GLU A 127 -6.16 14.40 -6.18
CA GLU A 127 -5.14 15.45 -6.13
C GLU A 127 -5.72 16.71 -5.48
N GLN A 128 -7.05 16.83 -5.49
CA GLN A 128 -7.78 17.94 -4.87
C GLN A 128 -7.40 18.07 -3.39
N THR A 129 -7.26 16.95 -2.72
CA THR A 129 -6.89 16.95 -1.34
C THR A 129 -5.58 16.17 -1.13
N CYS A 130 -4.91 15.89 -2.26
CA CYS A 130 -3.60 15.23 -2.30
C CYS A 130 -3.57 13.87 -1.61
N THR A 131 -4.70 13.23 -1.60
CA THR A 131 -4.84 11.94 -1.00
C THR A 131 -4.86 10.88 -2.08
N SER A 132 -4.66 9.68 -1.69
CA SER A 132 -4.68 8.57 -2.56
C SER A 132 -5.24 7.41 -1.79
N TYR A 133 -6.12 6.69 -2.38
CA TYR A 133 -6.71 5.54 -1.76
C TYR A 133 -6.56 4.41 -2.72
N PHE A 134 -6.00 3.32 -2.27
CA PHE A 134 -5.82 2.17 -3.12
C PHE A 134 -6.28 0.94 -2.37
N SER A 135 -6.80 -0.03 -3.08
CA SER A 135 -7.29 -1.25 -2.47
C SER A 135 -6.56 -2.47 -3.05
N TRP A 136 -5.87 -3.18 -2.20
CA TRP A 136 -5.09 -4.33 -2.61
C TRP A 136 -5.83 -5.58 -2.22
N HIS A 137 -6.00 -6.49 -3.15
CA HIS A 137 -6.65 -7.75 -2.84
C HIS A 137 -5.59 -8.79 -2.50
N THR A 138 -5.48 -9.12 -1.23
CA THR A 138 -4.49 -10.06 -0.74
C THR A 138 -5.06 -10.91 0.41
N SER A 139 -4.57 -12.11 0.56
CA SER A 139 -5.05 -13.06 1.53
C SER A 139 -4.51 -12.77 2.94
N LEU A 140 -3.40 -12.05 3.03
CA LEU A 140 -2.76 -11.79 4.33
C LEU A 140 -3.38 -10.57 5.02
N ALA A 141 -4.09 -9.79 4.21
CA ALA A 141 -4.70 -8.52 4.60
C ALA A 141 -5.72 -8.65 5.73
N CYS A 142 -6.72 -9.44 5.52
CA CYS A 142 -7.77 -9.60 6.50
C CYS A 142 -8.33 -10.98 6.44
N GLU A 143 -9.35 -11.25 7.23
CA GLU A 143 -9.98 -12.51 7.19
C GLU A 143 -11.42 -12.42 7.69
N GLU A 144 -12.27 -11.88 6.86
CA GLU A 144 -13.70 -11.89 7.12
C GLU A 144 -14.32 -13.04 6.32
N GLU A 145 -13.64 -13.37 5.26
CA GLU A 145 -13.95 -14.43 4.36
C GLU A 145 -12.67 -15.15 4.18
N VAL A 146 -12.75 -16.39 3.78
CA VAL A 146 -11.56 -17.20 3.56
C VAL A 146 -10.88 -16.81 2.25
N PRO A 147 -9.73 -16.14 2.33
CA PRO A 147 -8.99 -15.68 1.15
C PRO A 147 -7.92 -16.69 0.77
N ARG A 148 -7.97 -17.83 1.40
CA ARG A 148 -7.01 -18.86 1.22
C ARG A 148 -7.59 -19.89 0.29
N MET A 1 1.34 -16.75 5.12
CA MET A 1 2.16 -17.03 3.97
C MET A 1 3.17 -15.94 3.82
N LYS A 2 4.41 -16.30 3.97
CA LYS A 2 5.52 -15.39 3.93
C LYS A 2 6.31 -15.50 2.64
N SER A 3 6.18 -14.51 1.80
CA SER A 3 6.97 -14.46 0.58
C SER A 3 8.33 -13.84 0.91
N ASN A 4 8.29 -12.73 1.60
CA ASN A 4 9.47 -12.01 2.00
C ASN A 4 9.30 -11.64 3.46
N VAL A 5 10.24 -11.99 4.27
CA VAL A 5 10.16 -11.70 5.67
C VAL A 5 11.20 -10.66 6.07
N GLN A 6 10.76 -9.48 6.42
CA GLN A 6 11.66 -8.46 6.91
C GLN A 6 11.39 -8.22 8.38
N ASN A 7 10.63 -9.16 8.96
CA ASN A 7 10.23 -9.20 10.40
C ASN A 7 9.10 -8.22 10.75
N ASP A 8 9.12 -7.07 10.12
CA ASP A 8 8.11 -6.05 10.29
C ASP A 8 6.86 -6.44 9.56
N CYS A 9 5.88 -5.54 9.62
CA CYS A 9 4.60 -5.68 8.95
C CYS A 9 3.88 -6.88 9.52
N ARG A 10 3.71 -6.82 10.81
CA ARG A 10 3.19 -7.88 11.60
C ARG A 10 2.38 -7.31 12.75
N VAL A 11 1.09 -7.52 12.72
CA VAL A 11 0.17 -7.05 13.78
C VAL A 11 -0.94 -8.09 13.96
N THR A 12 -1.45 -8.25 15.16
CA THR A 12 -2.46 -9.26 15.41
C THR A 12 -3.78 -8.62 15.80
N ASN A 13 -4.85 -9.00 15.12
CA ASN A 13 -6.18 -8.48 15.44
C ASN A 13 -6.96 -9.52 16.22
N PRO A 14 -7.26 -9.26 17.50
CA PRO A 14 -7.98 -10.20 18.37
C PRO A 14 -9.40 -10.51 17.87
N ALA A 15 -10.01 -9.56 17.14
CA ALA A 15 -11.34 -9.74 16.62
C ALA A 15 -11.36 -10.80 15.53
N THR A 16 -10.49 -10.65 14.56
CA THR A 16 -10.40 -11.60 13.47
C THR A 16 -9.71 -12.90 13.93
N GLY A 17 -8.77 -12.75 14.86
CA GLY A 17 -8.02 -13.90 15.35
C GLY A 17 -6.84 -14.19 14.46
N HIS A 18 -6.64 -13.34 13.48
CA HIS A 18 -5.60 -13.53 12.51
C HIS A 18 -4.54 -12.48 12.71
N LEU A 19 -3.33 -12.92 12.60
CA LEU A 19 -2.18 -12.08 12.64
C LEU A 19 -1.97 -11.63 11.21
N PHE A 20 -1.95 -10.36 11.02
CA PHE A 20 -1.82 -9.81 9.71
C PHE A 20 -0.37 -9.52 9.44
N ASP A 21 0.24 -10.36 8.67
CA ASP A 21 1.58 -10.14 8.23
C ASP A 21 1.57 -10.18 6.72
N LEU A 22 1.88 -9.06 6.13
CA LEU A 22 1.84 -8.91 4.70
C LEU A 22 3.20 -9.23 4.12
N THR A 23 3.68 -10.39 4.45
CA THR A 23 4.96 -10.86 4.04
C THR A 23 4.95 -11.25 2.56
N SER A 24 3.79 -11.62 2.04
CA SER A 24 3.64 -11.89 0.62
C SER A 24 3.45 -10.61 -0.19
N LEU A 25 3.26 -9.51 0.49
CA LEU A 25 3.06 -8.29 -0.15
C LEU A 25 4.37 -7.55 -0.33
N LYS A 26 5.18 -7.51 0.73
CA LYS A 26 6.49 -6.90 0.62
C LYS A 26 7.38 -7.74 -0.27
N ARG A 27 8.14 -7.08 -1.09
CA ARG A 27 9.01 -7.75 -2.01
C ARG A 27 10.22 -6.91 -2.32
N GLU A 28 11.16 -7.51 -3.02
CA GLU A 28 12.46 -6.92 -3.32
C GLU A 28 12.37 -5.64 -4.17
N SER A 29 11.40 -5.57 -5.06
CA SER A 29 11.24 -4.41 -5.89
C SER A 29 10.02 -3.62 -5.44
N GLY A 30 8.85 -4.23 -5.54
CA GLY A 30 7.64 -3.57 -5.12
C GLY A 30 6.47 -3.88 -6.01
N TYR A 31 5.55 -2.98 -6.07
CA TYR A 31 4.37 -3.10 -6.88
C TYR A 31 4.35 -2.01 -7.91
N THR A 32 3.91 -2.34 -9.08
CA THR A 32 3.86 -1.41 -10.15
C THR A 32 2.64 -1.66 -10.96
N ILE A 33 1.96 -0.60 -11.20
CA ILE A 33 0.74 -0.56 -11.91
C ILE A 33 0.65 0.78 -12.62
N THR A 34 -0.30 0.94 -13.47
CA THR A 34 -0.48 2.19 -14.17
C THR A 34 -1.51 3.02 -13.41
N ASP A 35 -1.37 4.33 -13.40
CA ASP A 35 -2.26 5.20 -12.66
C ASP A 35 -3.56 5.42 -13.45
N SER A 36 -4.31 6.42 -13.06
CA SER A 36 -5.55 6.78 -13.65
C SER A 36 -5.48 6.95 -15.20
N HIS A 37 -4.32 7.40 -15.75
CA HIS A 37 -4.29 7.65 -17.21
C HIS A 37 -2.90 7.91 -17.80
N ASN A 38 -1.95 8.43 -17.03
CA ASN A 38 -0.70 8.92 -17.67
C ASN A 38 0.57 8.37 -17.08
N ARG A 39 0.58 8.11 -15.83
CA ARG A 39 1.80 7.74 -15.14
C ARG A 39 1.69 6.38 -14.49
N LYS A 40 2.73 5.91 -13.86
CA LYS A 40 2.67 4.62 -13.22
C LYS A 40 2.53 4.86 -11.72
N ILE A 41 2.00 3.91 -11.03
CA ILE A 41 1.94 3.98 -9.61
C ILE A 41 2.88 2.95 -9.07
N GLU A 42 3.91 3.42 -8.45
CA GLU A 42 4.90 2.56 -7.84
C GLU A 42 4.64 2.49 -6.35
N LEU A 43 4.47 1.29 -5.83
CA LEU A 43 4.22 1.10 -4.42
C LEU A 43 5.10 -0.02 -3.93
N ASN A 44 5.18 -0.17 -2.64
CA ASN A 44 5.79 -1.35 -2.04
C ASN A 44 5.25 -1.43 -0.64
N VAL A 45 4.65 -2.55 -0.33
CA VAL A 45 3.98 -2.70 0.93
C VAL A 45 4.93 -3.14 2.03
N CYS A 46 5.02 -2.32 3.06
CA CYS A 46 5.77 -2.58 4.29
C CYS A 46 7.29 -2.48 4.13
N ALA A 47 7.81 -2.79 2.98
CA ALA A 47 9.20 -2.67 2.72
C ALA A 47 9.44 -1.47 1.84
N GLU A 48 10.62 -0.91 1.96
CA GLU A 48 11.07 0.23 1.17
C GLU A 48 10.88 -0.03 -0.35
N ALA A 49 10.35 0.95 -1.07
CA ALA A 49 10.13 0.80 -2.51
C ALA A 49 11.46 0.81 -3.24
N LYS A 50 11.76 -0.28 -3.93
CA LYS A 50 13.04 -0.44 -4.59
C LYS A 50 12.85 -0.64 -6.09
N SER A 51 11.74 -0.19 -6.60
CA SER A 51 11.50 -0.31 -8.00
C SER A 51 12.26 0.84 -8.72
N SER A 52 11.85 2.07 -8.50
CA SER A 52 12.56 3.20 -9.08
C SER A 52 12.51 4.48 -8.19
N CYS A 53 11.83 4.43 -7.05
CA CYS A 53 11.71 5.60 -6.18
C CYS A 53 12.84 5.61 -5.11
N ALA A 54 13.84 4.78 -5.36
CA ALA A 54 15.09 4.70 -4.62
C ALA A 54 15.05 3.95 -3.30
N ASN A 55 14.82 4.63 -2.17
CA ASN A 55 14.95 3.95 -0.90
C ASN A 55 13.73 3.96 0.01
N GLY A 56 13.61 5.03 0.79
CA GLY A 56 12.65 5.12 1.89
C GLY A 56 11.25 5.48 1.49
N ALA A 57 10.98 5.48 0.23
CA ALA A 57 9.68 5.81 -0.26
C ALA A 57 8.83 4.56 -0.33
N ALA A 58 7.53 4.72 -0.53
CA ALA A 58 6.62 3.58 -0.63
C ALA A 58 5.61 3.80 -1.72
N VAL A 59 5.11 5.01 -1.82
CA VAL A 59 4.16 5.37 -2.85
C VAL A 59 4.76 6.45 -3.70
N CYS A 60 4.97 6.14 -4.93
CA CYS A 60 5.54 7.07 -5.84
C CYS A 60 4.84 7.03 -7.19
N ILE A 61 4.14 8.09 -7.47
CA ILE A 61 3.45 8.25 -8.71
C ILE A 61 4.52 8.66 -9.71
N THR A 62 4.96 7.74 -10.50
CA THR A 62 6.08 7.98 -11.34
C THR A 62 5.62 8.40 -12.72
N ASP A 63 5.85 9.64 -13.03
CA ASP A 63 5.46 10.21 -14.29
C ASP A 63 6.68 10.34 -15.16
N GLY A 64 6.88 9.35 -15.98
CA GLY A 64 8.07 9.30 -16.80
C GLY A 64 9.29 9.13 -15.92
N PRO A 65 10.29 10.00 -16.03
CA PRO A 65 11.47 9.97 -15.17
C PRO A 65 11.20 10.63 -13.81
N LYS A 66 10.16 11.45 -13.74
CA LYS A 66 9.84 12.19 -12.55
C LYS A 66 9.01 11.36 -11.60
N THR A 67 9.60 10.98 -10.54
CA THR A 67 8.99 10.12 -9.58
C THR A 67 8.41 10.98 -8.44
N LEU A 68 7.09 11.08 -8.38
CA LEU A 68 6.40 11.85 -7.37
C LEU A 68 6.18 11.03 -6.11
N ASN A 69 6.91 11.34 -5.09
CA ASN A 69 6.80 10.63 -3.83
C ASN A 69 5.68 11.23 -3.01
N ALA A 70 4.55 10.58 -3.03
CA ALA A 70 3.39 11.04 -2.28
C ALA A 70 3.44 10.52 -0.86
N GLY A 71 3.99 9.33 -0.72
CA GLY A 71 4.07 8.71 0.57
C GLY A 71 5.33 7.90 0.72
N LYS A 72 6.03 8.11 1.79
CA LYS A 72 7.23 7.37 2.06
C LYS A 72 6.86 6.08 2.76
N LEU A 73 7.82 5.25 2.98
CA LEU A 73 7.57 4.00 3.62
C LEU A 73 7.34 4.23 5.10
N SER A 74 6.13 4.03 5.51
CA SER A 74 5.77 4.02 6.88
C SER A 74 5.15 2.67 7.18
N LYS A 75 5.92 1.80 7.80
CA LYS A 75 5.48 0.45 8.05
C LYS A 75 4.66 0.33 9.34
N THR A 76 3.48 0.86 9.30
CA THR A 76 2.57 0.77 10.42
C THR A 76 1.19 0.33 9.93
N LEU A 77 0.76 -0.79 10.43
CA LEU A 77 -0.44 -1.41 10.07
C LEU A 77 -1.47 -1.14 11.13
N THR A 78 -2.63 -0.84 10.70
CA THR A 78 -3.66 -0.48 11.59
C THR A 78 -4.98 -1.10 11.16
N TYR A 79 -5.51 -1.95 11.99
CA TYR A 79 -6.77 -2.58 11.71
C TYR A 79 -7.91 -1.68 12.14
N GLU A 80 -8.72 -1.31 11.19
CA GLU A 80 -9.82 -0.42 11.40
C GLU A 80 -10.98 -0.93 10.58
N ASP A 81 -12.15 -1.00 11.19
CA ASP A 81 -13.39 -1.44 10.51
C ASP A 81 -13.29 -2.90 10.08
N GLN A 82 -12.40 -3.65 10.75
CA GLN A 82 -12.10 -5.06 10.45
C GLN A 82 -11.32 -5.22 9.15
N VAL A 83 -10.86 -4.10 8.64
CA VAL A 83 -10.07 -4.04 7.45
C VAL A 83 -8.67 -3.61 7.87
N LEU A 84 -7.67 -4.14 7.25
CA LEU A 84 -6.33 -3.77 7.55
C LEU A 84 -5.99 -2.53 6.77
N LYS A 85 -5.76 -1.45 7.45
CA LYS A 85 -5.40 -0.23 6.79
C LYS A 85 -3.94 0.03 7.00
N LEU A 86 -3.39 0.78 6.10
CA LEU A 86 -2.04 1.22 6.17
C LEU A 86 -1.96 2.45 5.28
N VAL A 87 -1.51 3.55 5.80
CA VAL A 87 -1.40 4.74 5.00
C VAL A 87 0.05 5.17 4.86
N TYR A 88 0.46 5.34 3.62
CA TYR A 88 1.80 5.83 3.34
C TYR A 88 1.71 7.29 3.05
N GLU A 89 2.38 8.05 3.86
CA GLU A 89 2.30 9.47 3.80
C GLU A 89 3.66 10.11 3.85
N ASP A 90 3.68 11.40 3.57
CA ASP A 90 4.87 12.25 3.62
C ASP A 90 5.83 12.00 2.47
N GLY A 91 6.21 13.06 1.83
CA GLY A 91 7.08 12.99 0.70
C GLY A 91 7.23 14.36 0.12
N ASP A 92 6.88 14.51 -1.13
CA ASP A 92 6.97 15.80 -1.79
C ASP A 92 5.59 16.42 -1.85
N PRO A 93 5.41 17.63 -1.28
CA PRO A 93 4.13 18.34 -1.28
C PRO A 93 3.67 18.67 -2.68
N CYS A 94 2.44 18.35 -2.99
CA CYS A 94 1.92 18.60 -4.29
C CYS A 94 1.25 20.00 -4.26
N PRO A 95 1.06 20.65 -5.43
CA PRO A 95 0.57 22.04 -5.54
C PRO A 95 -0.70 22.40 -4.77
N THR A 96 -1.57 21.47 -4.50
CA THR A 96 -2.79 21.81 -3.81
C THR A 96 -2.75 21.34 -2.33
N ASP A 97 -2.06 20.26 -2.07
CA ASP A 97 -2.01 19.66 -0.72
C ASP A 97 -0.81 20.10 0.09
N LEU A 98 -0.20 21.18 -0.32
CA LEU A 98 0.93 21.74 0.38
C LEU A 98 0.55 22.17 1.81
N LYS A 99 -0.75 22.32 2.04
CA LYS A 99 -1.29 22.63 3.35
C LYS A 99 -2.36 21.60 3.74
N MET A 100 -2.34 20.45 3.08
CA MET A 100 -3.29 19.42 3.33
C MET A 100 -2.51 18.13 3.52
N LYS A 101 -3.14 17.02 3.35
CA LYS A 101 -2.54 15.73 3.64
C LYS A 101 -2.41 14.89 2.39
N HIS A 102 -1.19 14.56 2.06
CA HIS A 102 -0.92 13.65 0.97
C HIS A 102 -0.54 12.29 1.51
N LYS A 103 -1.44 11.37 1.40
CA LYS A 103 -1.20 10.03 1.83
C LYS A 103 -2.01 9.06 1.04
N SER A 104 -1.45 7.92 0.86
CA SER A 104 -2.08 6.89 0.12
C SER A 104 -2.64 5.86 1.09
N TYR A 105 -3.88 5.55 0.90
CA TYR A 105 -4.62 4.70 1.76
C TYR A 105 -4.65 3.31 1.17
N PHE A 106 -4.08 2.38 1.86
CA PHE A 106 -4.08 1.01 1.44
C PHE A 106 -5.01 0.24 2.32
N SER A 107 -6.09 -0.18 1.75
CA SER A 107 -7.04 -0.96 2.44
C SER A 107 -6.84 -2.43 2.08
N PHE A 108 -6.37 -3.17 3.02
CA PHE A 108 -6.14 -4.57 2.84
C PHE A 108 -7.34 -5.31 3.34
N VAL A 109 -8.03 -5.90 2.44
CA VAL A 109 -9.26 -6.59 2.72
C VAL A 109 -9.17 -7.98 2.09
N CYS A 110 -9.69 -9.00 2.72
CA CYS A 110 -9.47 -10.35 2.21
C CYS A 110 -10.28 -10.75 0.98
N LYS A 111 -9.56 -11.30 0.02
CA LYS A 111 -10.08 -11.89 -1.19
C LYS A 111 -9.24 -13.13 -1.46
N SER A 112 -9.86 -14.27 -1.48
CA SER A 112 -9.15 -15.52 -1.67
C SER A 112 -8.71 -15.69 -3.13
N ASP A 113 -9.51 -15.16 -4.03
CA ASP A 113 -9.32 -15.33 -5.46
C ASP A 113 -8.30 -14.36 -6.09
N ALA A 114 -7.42 -13.77 -5.27
CA ALA A 114 -6.34 -12.95 -5.80
C ALA A 114 -5.33 -13.87 -6.49
N GLY A 115 -5.14 -15.04 -5.90
CA GLY A 115 -4.27 -16.05 -6.48
C GLY A 115 -2.81 -15.77 -6.27
N ASP A 116 -1.97 -16.52 -6.92
CA ASP A 116 -0.54 -16.31 -6.82
C ASP A 116 -0.09 -15.30 -7.85
N ASP A 117 -0.48 -14.10 -7.59
CA ASP A 117 -0.12 -12.91 -8.31
C ASP A 117 -0.61 -11.78 -7.48
N SER A 118 0.29 -11.14 -6.84
CA SER A 118 -0.04 -10.11 -5.96
C SER A 118 -0.42 -8.82 -6.69
N GLN A 119 -1.71 -8.56 -6.76
CA GLN A 119 -2.19 -7.40 -7.43
C GLN A 119 -2.91 -6.43 -6.51
N PRO A 120 -2.40 -5.21 -6.41
CA PRO A 120 -3.01 -4.14 -5.65
C PRO A 120 -4.04 -3.42 -6.52
N VAL A 121 -5.29 -3.49 -6.15
CA VAL A 121 -6.33 -2.86 -6.93
C VAL A 121 -6.39 -1.38 -6.59
N PHE A 122 -6.18 -0.56 -7.59
CA PHE A 122 -6.25 0.85 -7.40
C PHE A 122 -7.68 1.32 -7.59
N LEU A 123 -8.15 2.14 -6.70
CA LEU A 123 -9.47 2.66 -6.79
C LEU A 123 -9.44 3.95 -7.54
N SER A 124 -8.75 4.91 -6.97
CA SER A 124 -8.64 6.22 -7.52
C SER A 124 -7.50 7.00 -6.88
N PHE A 125 -6.87 7.82 -7.65
CA PHE A 125 -5.82 8.70 -7.21
C PHE A 125 -6.28 10.14 -7.35
N ASP A 126 -6.36 10.84 -6.24
CA ASP A 126 -6.69 12.26 -6.28
C ASP A 126 -5.43 13.03 -6.19
N GLU A 127 -5.00 13.60 -7.29
CA GLU A 127 -3.80 14.42 -7.33
C GLU A 127 -4.08 15.77 -6.65
N GLN A 128 -5.37 16.04 -6.48
CA GLN A 128 -5.90 17.21 -5.79
C GLN A 128 -5.30 17.34 -4.39
N THR A 129 -4.96 16.23 -3.79
CA THR A 129 -4.34 16.25 -2.49
C THR A 129 -3.37 15.06 -2.38
N CYS A 130 -2.97 14.55 -3.55
CA CYS A 130 -2.08 13.38 -3.69
C CYS A 130 -2.47 12.19 -2.79
N THR A 131 -3.76 12.00 -2.63
CA THR A 131 -4.27 10.89 -1.87
C THR A 131 -4.65 9.77 -2.81
N SER A 132 -3.98 8.69 -2.70
CA SER A 132 -4.24 7.57 -3.52
C SER A 132 -5.03 6.55 -2.71
N TYR A 133 -6.07 6.01 -3.28
CA TYR A 133 -6.85 5.00 -2.61
C TYR A 133 -6.65 3.66 -3.29
N PHE A 134 -6.10 2.73 -2.55
CA PHE A 134 -5.84 1.41 -3.06
C PHE A 134 -6.46 0.38 -2.14
N SER A 135 -6.79 -0.73 -2.70
CA SER A 135 -7.29 -1.81 -1.95
C SER A 135 -6.69 -3.10 -2.48
N TRP A 136 -5.91 -3.71 -1.67
CA TRP A 136 -5.32 -4.95 -2.02
C TRP A 136 -6.19 -5.97 -1.33
N HIS A 137 -6.95 -6.66 -2.12
CA HIS A 137 -7.84 -7.64 -1.62
C HIS A 137 -7.08 -8.95 -1.49
N THR A 138 -6.47 -9.14 -0.34
CA THR A 138 -5.56 -10.24 -0.09
C THR A 138 -6.03 -11.10 1.07
N SER A 139 -5.75 -12.36 0.99
CA SER A 139 -6.15 -13.33 1.97
C SER A 139 -5.42 -13.15 3.33
N LEU A 140 -4.28 -12.47 3.30
CA LEU A 140 -3.49 -12.23 4.53
C LEU A 140 -4.16 -11.15 5.39
N ALA A 141 -5.06 -10.42 4.78
CA ALA A 141 -5.74 -9.28 5.40
C ALA A 141 -6.76 -9.68 6.46
N CYS A 142 -7.23 -10.90 6.43
CA CYS A 142 -8.19 -11.36 7.42
C CYS A 142 -7.94 -12.84 7.63
N GLU A 143 -8.76 -13.48 8.44
CA GLU A 143 -8.64 -14.89 8.67
C GLU A 143 -9.46 -15.59 7.59
N GLU A 144 -10.75 -15.45 7.70
CA GLU A 144 -11.70 -15.87 6.70
C GLU A 144 -12.96 -15.12 7.07
N GLU A 145 -12.75 -13.91 7.45
CA GLU A 145 -13.76 -13.06 7.97
C GLU A 145 -14.31 -12.30 6.78
N VAL A 146 -15.44 -12.76 6.31
CA VAL A 146 -16.02 -12.31 5.06
C VAL A 146 -16.39 -10.82 5.04
N PRO A 147 -15.72 -10.06 4.16
CA PRO A 147 -16.00 -8.64 3.95
C PRO A 147 -16.98 -8.42 2.79
N ARG A 148 -17.50 -9.51 2.29
CA ARG A 148 -18.46 -9.50 1.22
C ARG A 148 -19.82 -9.81 1.80
N MET A 1 3.92 -19.03 1.53
CA MET A 1 5.33 -18.86 1.22
C MET A 1 5.99 -17.75 2.03
N LYS A 2 5.35 -16.59 2.11
CA LYS A 2 5.83 -15.41 2.85
C LYS A 2 7.21 -14.93 2.36
N SER A 3 7.17 -14.00 1.44
CA SER A 3 8.35 -13.50 0.76
C SER A 3 9.31 -12.70 1.68
N ASN A 4 8.94 -11.47 1.97
CA ASN A 4 9.79 -10.54 2.70
C ASN A 4 9.46 -10.51 4.17
N VAL A 5 10.43 -10.81 4.98
CA VAL A 5 10.19 -10.90 6.40
C VAL A 5 10.50 -9.62 7.19
N GLN A 6 9.69 -8.63 6.95
CA GLN A 6 9.69 -7.45 7.79
C GLN A 6 8.57 -7.71 8.75
N ASN A 7 8.88 -8.00 9.98
CA ASN A 7 7.88 -8.39 10.97
C ASN A 7 7.35 -7.17 11.70
N ASP A 8 7.79 -6.01 11.26
CA ASP A 8 7.31 -4.74 11.81
C ASP A 8 5.84 -4.59 11.47
N CYS A 9 5.51 -4.78 10.21
CA CYS A 9 4.11 -4.84 9.80
C CYS A 9 3.52 -6.20 10.20
N ARG A 10 3.03 -6.28 11.42
CA ARG A 10 2.49 -7.53 11.94
C ARG A 10 1.57 -7.23 13.11
N VAL A 11 0.28 -7.36 12.88
CA VAL A 11 -0.75 -7.00 13.85
C VAL A 11 -1.86 -8.07 13.81
N THR A 12 -2.68 -8.15 14.83
CA THR A 12 -3.79 -9.10 14.84
C THR A 12 -5.10 -8.38 15.23
N ASN A 13 -6.16 -8.67 14.50
CA ASN A 13 -7.45 -8.06 14.76
C ASN A 13 -8.37 -9.05 15.45
N PRO A 14 -9.20 -8.59 16.39
CA PRO A 14 -10.16 -9.47 17.08
C PRO A 14 -11.31 -9.93 16.16
N ALA A 15 -11.52 -9.22 15.05
CA ALA A 15 -12.58 -9.57 14.09
C ALA A 15 -12.25 -10.85 13.36
N THR A 16 -11.18 -10.83 12.60
CA THR A 16 -10.78 -11.98 11.83
C THR A 16 -10.06 -12.98 12.72
N GLY A 17 -9.26 -12.47 13.65
CA GLY A 17 -8.44 -13.33 14.46
C GLY A 17 -7.25 -13.79 13.67
N HIS A 18 -6.87 -12.97 12.71
CA HIS A 18 -5.78 -13.30 11.85
C HIS A 18 -4.61 -12.41 12.11
N LEU A 19 -3.49 -13.03 12.25
CA LEU A 19 -2.24 -12.36 12.37
C LEU A 19 -1.90 -11.82 11.00
N PHE A 20 -1.88 -10.55 10.87
CA PHE A 20 -1.59 -9.95 9.61
C PHE A 20 -0.15 -9.64 9.54
N ASP A 21 0.54 -10.45 8.83
CA ASP A 21 1.90 -10.21 8.54
C ASP A 21 1.99 -10.17 7.03
N LEU A 22 2.21 -9.02 6.51
CA LEU A 22 2.22 -8.86 5.07
C LEU A 22 3.61 -9.11 4.56
N THR A 23 4.04 -10.31 4.71
CA THR A 23 5.33 -10.74 4.35
C THR A 23 5.42 -11.07 2.85
N SER A 24 4.49 -11.88 2.39
CA SER A 24 4.40 -12.32 1.00
C SER A 24 4.31 -11.18 -0.02
N LEU A 25 3.61 -10.11 0.33
CA LEU A 25 3.34 -9.03 -0.54
C LEU A 25 4.57 -8.20 -0.83
N LYS A 26 5.25 -7.76 0.20
CA LYS A 26 6.44 -6.94 0.03
C LYS A 26 7.63 -7.73 -0.40
N ARG A 27 8.61 -7.01 -0.86
CA ARG A 27 9.84 -7.49 -1.40
C ARG A 27 10.66 -6.26 -1.70
N GLU A 28 11.77 -6.39 -2.40
CA GLU A 28 12.65 -5.26 -2.67
C GLU A 28 12.03 -4.32 -3.67
N SER A 29 11.30 -4.86 -4.57
CA SER A 29 10.70 -4.08 -5.60
C SER A 29 9.37 -3.46 -5.15
N GLY A 30 8.38 -4.30 -4.96
CA GLY A 30 7.08 -3.86 -4.59
C GLY A 30 6.12 -4.37 -5.61
N TYR A 31 5.02 -3.71 -5.80
CA TYR A 31 4.08 -4.14 -6.78
C TYR A 31 3.73 -2.96 -7.68
N THR A 32 3.89 -3.17 -8.95
CA THR A 32 3.63 -2.14 -9.93
C THR A 32 2.27 -2.34 -10.60
N ILE A 33 1.59 -1.25 -10.72
CA ILE A 33 0.34 -1.17 -11.39
C ILE A 33 0.50 -0.05 -12.40
N THR A 34 -0.53 0.29 -13.09
CA THR A 34 -0.43 1.33 -14.06
C THR A 34 -1.30 2.51 -13.64
N ASP A 35 -0.83 3.70 -13.92
CA ASP A 35 -1.54 4.92 -13.59
C ASP A 35 -2.72 5.13 -14.58
N SER A 36 -3.49 6.18 -14.34
CA SER A 36 -4.66 6.55 -15.11
C SER A 36 -4.41 6.46 -16.62
N HIS A 37 -3.26 6.97 -17.10
CA HIS A 37 -2.97 6.93 -18.52
C HIS A 37 -1.48 7.01 -18.81
N ASN A 38 -0.84 7.94 -18.18
CA ASN A 38 0.52 8.27 -18.52
C ASN A 38 1.56 7.60 -17.67
N ARG A 39 1.39 7.70 -16.40
CA ARG A 39 2.42 7.31 -15.44
C ARG A 39 2.40 5.80 -15.12
N LYS A 40 3.22 5.44 -14.16
CA LYS A 40 3.28 4.10 -13.62
C LYS A 40 3.03 4.22 -12.13
N ILE A 41 2.35 3.27 -11.54
CA ILE A 41 2.07 3.33 -10.12
C ILE A 41 2.71 2.18 -9.42
N GLU A 42 3.80 2.44 -8.82
CA GLU A 42 4.51 1.45 -8.05
C GLU A 42 4.21 1.67 -6.59
N LEU A 43 3.82 0.64 -5.92
CA LEU A 43 3.59 0.73 -4.53
C LEU A 43 4.17 -0.47 -3.82
N ASN A 44 4.73 -0.26 -2.69
CA ASN A 44 5.22 -1.34 -1.90
C ASN A 44 4.57 -1.23 -0.57
N VAL A 45 3.84 -2.28 -0.18
CA VAL A 45 3.06 -2.33 1.06
C VAL A 45 3.77 -1.70 2.27
N CYS A 46 4.90 -2.22 2.66
CA CYS A 46 5.60 -1.61 3.76
C CYS A 46 7.05 -1.99 3.76
N ALA A 47 7.60 -1.98 2.59
CA ALA A 47 8.98 -2.16 2.40
C ALA A 47 9.42 -1.12 1.41
N GLU A 48 10.67 -1.00 1.23
CA GLU A 48 11.27 -0.02 0.33
C GLU A 48 10.89 -0.33 -1.13
N ALA A 49 10.27 0.63 -1.80
CA ALA A 49 9.86 0.44 -3.19
C ALA A 49 11.01 0.69 -4.13
N LYS A 50 11.79 -0.32 -4.35
CA LYS A 50 12.96 -0.19 -5.16
C LYS A 50 12.69 -0.71 -6.57
N SER A 51 12.30 0.21 -7.41
CA SER A 51 12.02 -0.02 -8.82
C SER A 51 12.11 1.32 -9.54
N SER A 52 11.12 2.14 -9.34
CA SER A 52 11.14 3.48 -9.82
C SER A 52 11.75 4.37 -8.74
N CYS A 53 11.37 4.12 -7.51
CA CYS A 53 12.00 4.77 -6.39
C CYS A 53 13.21 3.93 -5.97
N ALA A 54 13.89 4.30 -4.89
CA ALA A 54 15.07 3.55 -4.48
C ALA A 54 15.12 3.30 -2.99
N ASN A 55 15.00 4.35 -2.18
CA ASN A 55 15.28 4.18 -0.80
C ASN A 55 14.08 4.28 0.14
N GLY A 56 13.65 5.48 0.46
CA GLY A 56 12.66 5.65 1.52
C GLY A 56 11.26 5.90 1.04
N ALA A 57 11.01 5.75 -0.23
CA ALA A 57 9.69 5.96 -0.76
C ALA A 57 8.95 4.64 -0.86
N ALA A 58 7.63 4.67 -0.75
CA ALA A 58 6.87 3.44 -0.82
C ALA A 58 5.78 3.52 -1.90
N VAL A 59 5.17 4.69 -2.04
CA VAL A 59 4.22 4.90 -3.12
C VAL A 59 4.86 5.80 -4.15
N CYS A 60 5.01 5.26 -5.32
CA CYS A 60 5.71 5.92 -6.38
C CYS A 60 4.80 6.08 -7.59
N ILE A 61 4.35 7.28 -7.81
CA ILE A 61 3.60 7.57 -8.99
C ILE A 61 4.61 8.11 -9.99
N THR A 62 5.18 7.23 -10.74
CA THR A 62 6.28 7.55 -11.58
C THR A 62 5.80 8.16 -12.89
N ASP A 63 5.83 9.47 -12.94
CA ASP A 63 5.41 10.25 -14.09
C ASP A 63 6.63 10.52 -14.93
N GLY A 64 6.84 9.67 -15.90
CA GLY A 64 8.01 9.79 -16.75
C GLY A 64 9.27 9.53 -15.95
N PRO A 65 10.23 10.46 -15.95
CA PRO A 65 11.47 10.34 -15.17
C PRO A 65 11.26 10.77 -13.70
N LYS A 66 10.18 11.48 -13.50
CA LYS A 66 9.81 12.05 -12.22
C LYS A 66 9.08 10.97 -11.43
N THR A 67 9.19 11.01 -10.14
CA THR A 67 8.54 10.04 -9.34
C THR A 67 7.78 10.74 -8.22
N LEU A 68 6.49 10.80 -8.35
CA LEU A 68 5.65 11.47 -7.40
C LEU A 68 5.49 10.57 -6.21
N ASN A 69 6.07 10.95 -5.13
CA ASN A 69 5.99 10.18 -3.93
C ASN A 69 4.73 10.53 -3.20
N ALA A 70 3.77 9.63 -3.23
CA ALA A 70 2.48 9.86 -2.58
C ALA A 70 2.49 9.28 -1.18
N GLY A 71 3.66 8.89 -0.76
CA GLY A 71 3.85 8.37 0.54
C GLY A 71 5.19 7.71 0.66
N LYS A 72 5.90 8.03 1.71
CA LYS A 72 7.15 7.37 1.94
C LYS A 72 6.92 6.05 2.60
N LEU A 73 8.00 5.33 2.82
CA LEU A 73 7.95 4.05 3.43
C LEU A 73 7.35 4.15 4.83
N SER A 74 6.23 3.55 4.95
CA SER A 74 5.52 3.45 6.16
C SER A 74 5.45 1.97 6.50
N LYS A 75 6.27 1.53 7.40
CA LYS A 75 6.31 0.14 7.76
C LYS A 75 5.59 -0.05 9.08
N THR A 76 4.30 0.02 9.00
CA THR A 76 3.43 -0.13 10.12
C THR A 76 2.18 -0.79 9.59
N LEU A 77 1.50 -1.52 10.40
CA LEU A 77 0.32 -2.18 9.96
C LEU A 77 -0.68 -2.15 11.07
N THR A 78 -1.89 -1.78 10.77
CA THR A 78 -2.91 -1.66 11.77
C THR A 78 -4.26 -2.03 11.18
N TYR A 79 -5.27 -2.08 12.00
CA TYR A 79 -6.58 -2.43 11.56
C TYR A 79 -7.51 -1.29 11.87
N GLU A 80 -8.32 -0.95 10.93
CA GLU A 80 -9.20 0.16 11.03
C GLU A 80 -10.46 -0.15 10.26
N ASP A 81 -11.61 -0.06 10.94
CA ASP A 81 -12.93 -0.37 10.37
C ASP A 81 -13.03 -1.87 10.18
N GLN A 82 -12.25 -2.57 11.02
CA GLN A 82 -12.09 -4.04 11.02
C GLN A 82 -11.29 -4.55 9.83
N VAL A 83 -11.07 -3.68 8.86
CA VAL A 83 -10.33 -4.02 7.67
C VAL A 83 -8.86 -3.72 7.97
N LEU A 84 -7.96 -4.30 7.23
CA LEU A 84 -6.57 -4.05 7.48
C LEU A 84 -6.19 -2.75 6.81
N LYS A 85 -5.49 -1.89 7.52
CA LYS A 85 -5.18 -0.57 6.98
C LYS A 85 -3.71 -0.20 7.18
N LEU A 86 -3.22 0.60 6.28
CA LEU A 86 -1.89 1.13 6.33
C LEU A 86 -1.96 2.51 5.67
N VAL A 87 -1.21 3.47 6.17
CA VAL A 87 -1.26 4.82 5.62
C VAL A 87 0.13 5.30 5.25
N TYR A 88 0.22 5.92 4.11
CA TYR A 88 1.47 6.49 3.64
C TYR A 88 1.30 7.97 3.63
N GLU A 89 2.27 8.70 4.06
CA GLU A 89 2.19 10.12 3.99
C GLU A 89 3.56 10.72 3.78
N ASP A 90 3.61 12.05 3.70
CA ASP A 90 4.83 12.85 3.53
C ASP A 90 5.65 12.42 2.32
N GLY A 91 5.36 13.03 1.22
CA GLY A 91 6.03 12.69 0.00
C GLY A 91 6.40 13.92 -0.76
N ASP A 92 5.79 14.09 -1.91
CA ASP A 92 6.03 15.26 -2.73
C ASP A 92 5.00 16.31 -2.36
N PRO A 93 5.44 17.39 -1.70
CA PRO A 93 4.57 18.42 -1.13
C PRO A 93 3.64 19.11 -2.14
N CYS A 94 2.38 18.85 -1.98
CA CYS A 94 1.34 19.46 -2.77
C CYS A 94 0.76 20.66 -1.99
N PRO A 95 0.18 21.68 -2.68
CA PRO A 95 -0.38 22.89 -2.04
C PRO A 95 -1.43 22.59 -0.96
N THR A 96 -2.07 21.48 -1.09
CA THR A 96 -3.07 21.05 -0.14
C THR A 96 -2.38 20.54 1.15
N ASP A 97 -1.29 19.81 0.96
CA ASP A 97 -0.51 19.15 2.04
C ASP A 97 0.16 20.16 2.96
N LEU A 98 0.35 21.36 2.46
CA LEU A 98 0.92 22.48 3.22
C LEU A 98 0.14 22.72 4.49
N LYS A 99 -1.16 22.83 4.37
CA LYS A 99 -1.98 23.15 5.51
C LYS A 99 -2.59 21.91 6.11
N MET A 100 -2.82 20.93 5.29
CA MET A 100 -3.46 19.72 5.69
C MET A 100 -2.81 18.55 5.00
N LYS A 101 -1.97 17.87 5.72
CA LYS A 101 -1.22 16.79 5.16
C LYS A 101 -2.01 15.51 5.32
N HIS A 102 -2.36 14.90 4.25
CA HIS A 102 -3.14 13.71 4.33
C HIS A 102 -2.34 12.49 4.00
N LYS A 103 -2.98 11.37 4.16
CA LYS A 103 -2.34 10.11 4.04
C LYS A 103 -2.94 9.38 2.85
N SER A 104 -2.18 8.52 2.29
CA SER A 104 -2.67 7.65 1.29
C SER A 104 -3.09 6.39 2.01
N TYR A 105 -4.38 6.16 2.03
CA TYR A 105 -4.97 5.07 2.77
C TYR A 105 -4.94 3.80 1.94
N PHE A 106 -4.26 2.83 2.44
CA PHE A 106 -4.16 1.57 1.80
C PHE A 106 -4.99 0.60 2.61
N SER A 107 -5.98 0.04 1.99
CA SER A 107 -6.84 -0.91 2.62
C SER A 107 -6.39 -2.31 2.22
N PHE A 108 -6.47 -3.23 3.12
CA PHE A 108 -6.16 -4.60 2.84
C PHE A 108 -7.36 -5.43 3.20
N VAL A 109 -7.92 -6.02 2.19
CA VAL A 109 -9.14 -6.76 2.28
C VAL A 109 -8.96 -8.11 1.58
N CYS A 110 -9.60 -9.12 2.09
CA CYS A 110 -9.42 -10.47 1.59
C CYS A 110 -10.17 -10.72 0.31
N LYS A 111 -9.44 -11.17 -0.68
CA LYS A 111 -10.05 -11.55 -1.94
C LYS A 111 -9.39 -12.79 -2.48
N SER A 112 -10.17 -13.82 -2.66
CA SER A 112 -9.74 -15.09 -3.19
C SER A 112 -9.38 -14.96 -4.68
N ASP A 113 -10.07 -14.05 -5.38
CA ASP A 113 -9.85 -13.81 -6.80
C ASP A 113 -8.67 -12.83 -6.98
N ALA A 114 -7.63 -13.18 -6.29
CA ALA A 114 -6.37 -12.49 -6.25
C ALA A 114 -5.44 -13.42 -5.51
N GLY A 115 -5.94 -13.89 -4.37
CA GLY A 115 -5.33 -14.95 -3.60
C GLY A 115 -3.89 -14.75 -3.24
N ASP A 116 -3.05 -15.60 -3.82
CA ASP A 116 -1.63 -15.69 -3.50
C ASP A 116 -0.85 -14.48 -3.96
N ASP A 117 -0.91 -14.18 -5.24
CA ASP A 117 -0.18 -13.03 -5.78
C ASP A 117 -0.82 -11.76 -5.31
N SER A 118 -2.14 -11.73 -5.47
CA SER A 118 -3.03 -10.62 -5.08
C SER A 118 -2.66 -9.26 -5.70
N GLN A 119 -3.61 -8.68 -6.39
CA GLN A 119 -3.37 -7.42 -7.03
C GLN A 119 -3.79 -6.23 -6.15
N PRO A 120 -2.91 -5.25 -6.01
CA PRO A 120 -3.22 -4.01 -5.33
C PRO A 120 -4.10 -3.14 -6.22
N VAL A 121 -5.30 -2.97 -5.83
CA VAL A 121 -6.24 -2.22 -6.60
C VAL A 121 -6.19 -0.78 -6.17
N PHE A 122 -5.84 0.07 -7.09
CA PHE A 122 -5.83 1.46 -6.82
C PHE A 122 -7.23 1.98 -7.06
N LEU A 123 -7.73 2.73 -6.14
CA LEU A 123 -9.05 3.29 -6.28
C LEU A 123 -8.91 4.55 -7.08
N SER A 124 -8.26 5.51 -6.51
CA SER A 124 -7.98 6.74 -7.17
C SER A 124 -6.90 7.51 -6.43
N PHE A 125 -6.07 8.18 -7.18
CA PHE A 125 -5.08 9.05 -6.63
C PHE A 125 -5.61 10.45 -6.74
N ASP A 126 -5.78 11.08 -5.62
CA ASP A 126 -6.33 12.39 -5.62
C ASP A 126 -5.37 13.36 -4.98
N GLU A 127 -4.85 14.27 -5.76
CA GLU A 127 -3.94 15.28 -5.26
C GLU A 127 -4.72 16.55 -4.86
N GLN A 128 -6.03 16.49 -5.01
CA GLN A 128 -6.91 17.60 -4.66
C GLN A 128 -7.03 17.67 -3.15
N THR A 129 -7.09 16.53 -2.52
CA THR A 129 -7.07 16.47 -1.08
C THR A 129 -5.72 15.87 -0.62
N CYS A 130 -4.93 15.42 -1.60
CA CYS A 130 -3.64 14.76 -1.37
C CYS A 130 -3.84 13.48 -0.58
N THR A 131 -4.50 12.54 -1.23
CA THR A 131 -4.82 11.26 -0.68
C THR A 131 -4.96 10.26 -1.81
N SER A 132 -4.18 9.24 -1.79
CA SER A 132 -4.31 8.21 -2.75
C SER A 132 -4.97 7.02 -2.07
N TYR A 133 -6.01 6.51 -2.66
CA TYR A 133 -6.75 5.41 -2.10
C TYR A 133 -6.31 4.11 -2.76
N PHE A 134 -5.82 3.19 -1.97
CA PHE A 134 -5.43 1.91 -2.49
C PHE A 134 -6.10 0.81 -1.69
N SER A 135 -6.28 -0.33 -2.29
CA SER A 135 -6.87 -1.46 -1.64
C SER A 135 -6.24 -2.72 -2.17
N TRP A 136 -5.59 -3.45 -1.34
CA TRP A 136 -4.96 -4.65 -1.76
C TRP A 136 -5.87 -5.77 -1.38
N HIS A 137 -6.52 -6.29 -2.38
CA HIS A 137 -7.39 -7.40 -2.20
C HIS A 137 -6.50 -8.63 -2.19
N THR A 138 -6.15 -9.07 -1.02
CA THR A 138 -5.18 -10.11 -0.85
C THR A 138 -5.67 -11.19 0.11
N SER A 139 -5.18 -12.39 -0.08
CA SER A 139 -5.54 -13.51 0.76
C SER A 139 -4.80 -13.39 2.11
N LEU A 140 -3.69 -12.64 2.13
CA LEU A 140 -2.90 -12.47 3.35
C LEU A 140 -3.62 -11.56 4.34
N ALA A 141 -4.67 -10.93 3.87
CA ALA A 141 -5.46 -10.02 4.65
C ALA A 141 -6.61 -10.74 5.36
N CYS A 142 -6.63 -12.05 5.30
CA CYS A 142 -7.68 -12.79 5.97
C CYS A 142 -7.21 -14.12 6.46
N GLU A 143 -7.98 -14.66 7.38
CA GLU A 143 -7.83 -16.03 7.82
C GLU A 143 -8.83 -16.74 6.93
N GLU A 144 -10.02 -16.17 6.96
CA GLU A 144 -11.10 -16.44 6.08
C GLU A 144 -12.01 -15.24 6.19
N GLU A 145 -12.42 -14.72 5.08
CA GLU A 145 -13.23 -13.52 5.02
C GLU A 145 -14.10 -13.64 3.80
N VAL A 146 -15.19 -12.95 3.79
CA VAL A 146 -16.13 -13.01 2.68
C VAL A 146 -15.84 -11.92 1.64
N PRO A 147 -15.31 -12.35 0.48
CA PRO A 147 -15.02 -11.48 -0.63
C PRO A 147 -16.30 -11.20 -1.41
N ARG A 148 -16.65 -9.96 -1.46
CA ARG A 148 -17.83 -9.53 -2.14
C ARG A 148 -17.46 -8.60 -3.27
N MET A 1 4.38 -15.11 -3.57
CA MET A 1 5.38 -14.63 -2.64
C MET A 1 5.16 -15.37 -1.34
N LYS A 2 6.20 -15.93 -0.75
CA LYS A 2 6.04 -16.69 0.46
C LYS A 2 6.86 -16.14 1.62
N SER A 3 6.50 -14.95 2.03
CA SER A 3 7.09 -14.26 3.18
C SER A 3 8.52 -13.77 2.92
N ASN A 4 8.69 -12.50 3.09
CA ASN A 4 9.94 -11.84 2.93
C ASN A 4 10.21 -11.05 4.18
N VAL A 5 11.08 -11.52 4.97
CA VAL A 5 11.38 -10.85 6.19
C VAL A 5 12.54 -9.89 6.00
N GLN A 6 12.22 -8.78 5.38
CA GLN A 6 13.17 -7.72 5.16
C GLN A 6 12.89 -6.64 6.21
N ASN A 7 11.75 -6.82 6.84
CA ASN A 7 11.16 -5.92 7.79
C ASN A 7 9.94 -6.63 8.38
N ASP A 8 9.44 -6.18 9.51
CA ASP A 8 8.31 -6.84 10.19
C ASP A 8 6.96 -6.38 9.63
N CYS A 9 6.41 -5.29 10.16
CA CYS A 9 5.11 -4.72 9.72
C CYS A 9 3.99 -5.80 9.70
N ARG A 10 3.49 -6.13 10.88
CA ARG A 10 2.42 -7.11 11.01
C ARG A 10 1.73 -6.92 12.36
N VAL A 11 0.43 -7.16 12.39
CA VAL A 11 -0.37 -6.95 13.59
C VAL A 11 -1.46 -8.01 13.70
N THR A 12 -1.65 -8.54 14.88
CA THR A 12 -2.67 -9.53 15.10
C THR A 12 -3.98 -8.84 15.49
N ASN A 13 -5.08 -9.24 14.91
CA ASN A 13 -6.37 -8.72 15.31
C ASN A 13 -7.10 -9.77 16.13
N PRO A 14 -7.20 -9.55 17.45
CA PRO A 14 -7.84 -10.49 18.38
C PRO A 14 -9.30 -10.76 18.03
N ALA A 15 -9.96 -9.76 17.44
CA ALA A 15 -11.37 -9.84 17.07
C ALA A 15 -11.62 -10.96 16.07
N THR A 16 -10.72 -11.11 15.14
CA THR A 16 -10.85 -12.13 14.13
C THR A 16 -10.00 -13.35 14.51
N GLY A 17 -8.97 -13.12 15.28
CA GLY A 17 -8.03 -14.16 15.62
C GLY A 17 -7.08 -14.40 14.47
N HIS A 18 -7.03 -13.42 13.57
CA HIS A 18 -6.21 -13.51 12.40
C HIS A 18 -5.07 -12.52 12.48
N LEU A 19 -3.89 -13.04 12.42
CA LEU A 19 -2.69 -12.26 12.33
C LEU A 19 -2.62 -11.65 10.96
N PHE A 20 -2.44 -10.37 10.90
CA PHE A 20 -2.31 -9.73 9.64
C PHE A 20 -0.86 -9.67 9.35
N ASP A 21 -0.46 -10.55 8.50
CA ASP A 21 0.92 -10.73 8.10
C ASP A 21 1.09 -10.28 6.69
N LEU A 22 1.74 -9.16 6.51
CA LEU A 22 2.01 -8.70 5.19
C LEU A 22 3.47 -8.85 4.86
N THR A 23 4.18 -9.49 5.77
CA THR A 23 5.51 -9.91 5.60
C THR A 23 5.58 -10.87 4.39
N SER A 24 4.52 -11.63 4.20
CA SER A 24 4.43 -12.55 3.09
C SER A 24 4.12 -11.84 1.76
N LEU A 25 3.76 -10.57 1.82
CA LEU A 25 3.35 -9.86 0.62
C LEU A 25 4.41 -8.83 0.21
N LYS A 26 5.32 -8.54 1.10
CA LYS A 26 6.32 -7.52 0.84
C LYS A 26 7.47 -8.08 0.03
N ARG A 27 8.07 -7.22 -0.73
CA ARG A 27 9.26 -7.50 -1.48
C ARG A 27 9.87 -6.16 -1.75
N GLU A 28 11.13 -6.09 -2.05
CA GLU A 28 11.80 -4.80 -2.22
C GLU A 28 11.30 -4.12 -3.47
N SER A 29 11.15 -4.92 -4.51
CA SER A 29 10.73 -4.46 -5.82
C SER A 29 9.36 -3.76 -5.79
N GLY A 30 8.52 -4.12 -4.83
CA GLY A 30 7.19 -3.55 -4.77
C GLY A 30 6.28 -4.19 -5.78
N TYR A 31 5.18 -3.56 -6.06
CA TYR A 31 4.26 -4.07 -7.01
C TYR A 31 3.78 -2.92 -7.89
N THR A 32 3.84 -3.12 -9.16
CA THR A 32 3.47 -2.09 -10.12
C THR A 32 2.13 -2.32 -10.72
N ILE A 33 1.44 -1.22 -10.80
CA ILE A 33 0.18 -1.12 -11.39
C ILE A 33 0.14 0.19 -12.15
N THR A 34 -0.87 0.42 -12.92
CA THR A 34 -0.99 1.66 -13.65
C THR A 34 -1.83 2.62 -12.80
N ASP A 35 -1.72 3.90 -13.06
CA ASP A 35 -2.60 4.87 -12.42
C ASP A 35 -3.86 4.94 -13.31
N SER A 36 -4.63 6.01 -13.29
CA SER A 36 -5.80 6.11 -14.13
C SER A 36 -5.47 5.89 -15.64
N HIS A 37 -4.47 6.64 -16.19
CA HIS A 37 -4.08 6.51 -17.65
C HIS A 37 -2.81 7.30 -17.98
N ASN A 38 -2.12 7.84 -17.03
CA ASN A 38 -1.04 8.78 -17.35
C ASN A 38 0.32 8.32 -16.91
N ARG A 39 0.38 7.71 -15.77
CA ARG A 39 1.63 7.39 -15.12
C ARG A 39 1.56 6.00 -14.51
N LYS A 40 2.57 5.61 -13.80
CA LYS A 40 2.62 4.30 -13.20
C LYS A 40 2.61 4.39 -11.70
N ILE A 41 1.84 3.54 -11.08
CA ILE A 41 1.78 3.49 -9.65
C ILE A 41 2.61 2.33 -9.18
N GLU A 42 3.81 2.64 -8.89
CA GLU A 42 4.72 1.67 -8.35
C GLU A 42 4.53 1.69 -6.84
N LEU A 43 3.84 0.73 -6.28
CA LEU A 43 3.57 0.75 -4.86
C LEU A 43 4.25 -0.40 -4.13
N ASN A 44 4.22 -0.39 -2.82
CA ASN A 44 4.78 -1.48 -2.04
C ASN A 44 4.03 -1.51 -0.72
N VAL A 45 3.93 -2.68 -0.12
CA VAL A 45 3.17 -2.89 1.10
C VAL A 45 3.95 -2.47 2.38
N CYS A 46 4.78 -3.33 2.87
CA CYS A 46 5.50 -3.10 4.10
C CYS A 46 6.99 -3.18 3.87
N ALA A 47 7.41 -2.75 2.73
CA ALA A 47 8.79 -2.66 2.40
C ALA A 47 8.94 -1.43 1.57
N GLU A 48 10.02 -0.76 1.68
CA GLU A 48 10.25 0.40 0.87
C GLU A 48 10.59 -0.01 -0.55
N ALA A 49 10.04 0.72 -1.51
CA ALA A 49 10.12 0.35 -2.90
C ALA A 49 11.50 0.55 -3.47
N LYS A 50 11.95 -0.46 -4.17
CA LYS A 50 13.19 -0.44 -4.90
C LYS A 50 13.01 0.45 -6.13
N SER A 51 11.73 0.70 -6.48
CA SER A 51 11.36 1.68 -7.47
C SER A 51 11.93 3.00 -6.94
N SER A 52 12.89 3.51 -7.63
CA SER A 52 13.68 4.57 -7.14
C SER A 52 13.08 5.97 -7.30
N CYS A 53 12.15 6.30 -6.41
CA CYS A 53 11.67 7.66 -6.30
C CYS A 53 12.68 8.44 -5.47
N ALA A 54 13.20 7.79 -4.42
CA ALA A 54 14.26 8.35 -3.59
C ALA A 54 14.87 7.29 -2.66
N ASN A 55 14.33 7.19 -1.46
CA ASN A 55 14.86 6.30 -0.47
C ASN A 55 13.82 5.31 0.03
N GLY A 56 12.90 5.80 0.82
CA GLY A 56 11.93 4.96 1.49
C GLY A 56 10.58 5.08 0.89
N ALA A 57 10.52 5.71 -0.27
CA ALA A 57 9.27 5.83 -1.02
C ALA A 57 8.66 4.46 -1.26
N ALA A 58 7.41 4.30 -0.88
CA ALA A 58 6.72 3.05 -1.07
C ALA A 58 5.81 3.16 -2.23
N VAL A 59 5.09 4.26 -2.28
CA VAL A 59 4.30 4.54 -3.41
C VAL A 59 5.12 5.51 -4.24
N CYS A 60 5.50 5.05 -5.36
CA CYS A 60 6.34 5.73 -6.25
C CYS A 60 5.58 5.97 -7.52
N ILE A 61 5.10 7.14 -7.67
CA ILE A 61 4.36 7.49 -8.82
C ILE A 61 5.35 7.93 -9.85
N THR A 62 5.67 7.09 -10.76
CA THR A 62 6.62 7.43 -11.74
C THR A 62 5.90 7.99 -12.96
N ASP A 63 5.98 9.28 -13.12
CA ASP A 63 5.40 9.96 -14.23
C ASP A 63 6.47 10.22 -15.26
N GLY A 64 6.52 9.36 -16.24
CA GLY A 64 7.53 9.43 -17.23
C GLY A 64 8.88 9.16 -16.61
N PRO A 65 9.84 10.07 -16.77
CA PRO A 65 11.14 9.94 -16.17
C PRO A 65 11.22 10.57 -14.77
N LYS A 66 10.12 11.14 -14.28
CA LYS A 66 10.11 11.81 -13.00
C LYS A 66 9.47 10.89 -11.96
N THR A 67 9.99 10.90 -10.76
CA THR A 67 9.48 10.07 -9.72
C THR A 67 8.80 10.91 -8.62
N LEU A 68 7.54 10.65 -8.40
CA LEU A 68 6.75 11.36 -7.42
C LEU A 68 6.44 10.45 -6.23
N ASN A 69 6.87 10.81 -5.06
CA ASN A 69 6.54 10.05 -3.87
C ASN A 69 5.15 10.41 -3.40
N ALA A 70 4.24 9.47 -3.50
CA ALA A 70 2.88 9.71 -3.06
C ALA A 70 2.69 9.16 -1.67
N GLY A 71 3.66 8.42 -1.23
CA GLY A 71 3.62 7.85 0.06
C GLY A 71 4.87 7.11 0.38
N LYS A 72 5.56 7.55 1.40
CA LYS A 72 6.76 6.89 1.86
C LYS A 72 6.34 5.66 2.61
N LEU A 73 7.21 4.73 2.72
CA LEU A 73 6.92 3.54 3.44
C LEU A 73 6.91 3.88 4.91
N SER A 74 5.92 3.43 5.56
CA SER A 74 5.84 3.50 6.95
C SER A 74 5.39 2.13 7.34
N LYS A 75 6.25 1.37 7.96
CA LYS A 75 5.90 0.02 8.34
C LYS A 75 5.03 0.02 9.59
N THR A 76 3.84 0.51 9.40
CA THR A 76 2.87 0.72 10.41
C THR A 76 1.57 0.08 9.94
N LEU A 77 1.34 -1.11 10.37
CA LEU A 77 0.18 -1.83 9.95
C LEU A 77 -0.86 -1.70 11.02
N THR A 78 -2.07 -1.43 10.62
CA THR A 78 -3.12 -1.13 11.54
C THR A 78 -4.45 -1.61 10.96
N TYR A 79 -5.44 -1.82 11.79
CA TYR A 79 -6.72 -2.28 11.32
C TYR A 79 -7.81 -1.28 11.62
N GLU A 80 -8.39 -0.74 10.58
CA GLU A 80 -9.45 0.26 10.65
C GLU A 80 -10.57 -0.24 9.77
N ASP A 81 -11.81 -0.16 10.28
CA ASP A 81 -13.04 -0.64 9.58
C ASP A 81 -13.03 -2.17 9.65
N GLN A 82 -12.09 -2.67 10.47
CA GLN A 82 -11.81 -4.09 10.66
C GLN A 82 -11.25 -4.73 9.37
N VAL A 83 -10.82 -3.85 8.49
CA VAL A 83 -10.11 -4.20 7.28
C VAL A 83 -8.68 -3.78 7.55
N LEU A 84 -7.73 -4.26 6.80
CA LEU A 84 -6.37 -3.95 7.10
C LEU A 84 -6.01 -2.61 6.44
N LYS A 85 -5.30 -1.77 7.15
CA LYS A 85 -4.98 -0.42 6.67
C LYS A 85 -3.51 -0.10 6.91
N LEU A 86 -2.99 0.81 6.13
CA LEU A 86 -1.63 1.29 6.28
C LEU A 86 -1.61 2.72 5.71
N VAL A 87 -0.89 3.62 6.36
CA VAL A 87 -0.79 5.01 5.92
C VAL A 87 0.61 5.34 5.41
N TYR A 88 0.67 5.82 4.21
CA TYR A 88 1.92 6.19 3.57
C TYR A 88 2.05 7.71 3.59
N GLU A 89 3.03 8.18 4.32
CA GLU A 89 3.22 9.61 4.56
C GLU A 89 3.92 10.32 3.42
N ASP A 90 3.98 11.63 3.52
CA ASP A 90 4.76 12.50 2.63
C ASP A 90 4.24 12.58 1.19
N GLY A 91 4.66 13.58 0.51
CA GLY A 91 4.35 13.80 -0.86
C GLY A 91 5.16 14.94 -1.40
N ASP A 92 4.72 15.51 -2.48
CA ASP A 92 5.43 16.63 -3.07
C ASP A 92 4.81 17.93 -2.54
N PRO A 93 5.36 19.12 -2.87
CA PRO A 93 4.77 20.39 -2.46
C PRO A 93 3.43 20.65 -3.14
N CYS A 94 2.42 20.00 -2.66
CA CYS A 94 1.09 20.17 -3.13
C CYS A 94 0.50 21.41 -2.48
N PRO A 95 -0.28 22.21 -3.23
CA PRO A 95 -0.94 23.42 -2.68
C PRO A 95 -1.93 23.07 -1.55
N THR A 96 -2.23 21.81 -1.41
CA THR A 96 -3.11 21.32 -0.38
C THR A 96 -2.27 20.60 0.74
N ASP A 97 -0.95 20.71 0.63
CA ASP A 97 0.02 20.09 1.55
C ASP A 97 1.02 21.13 1.99
N LEU A 98 0.55 22.30 2.17
CA LEU A 98 1.39 23.39 2.58
C LEU A 98 1.46 23.38 4.09
N LYS A 99 0.33 23.09 4.68
CA LYS A 99 0.16 23.08 6.10
C LYS A 99 0.05 21.63 6.63
N MET A 100 0.07 20.69 5.74
CA MET A 100 -0.12 19.35 6.09
C MET A 100 0.68 18.51 5.19
N LYS A 101 0.85 17.33 5.58
CA LYS A 101 1.53 16.32 4.82
C LYS A 101 0.65 15.09 4.78
N HIS A 102 -0.04 14.94 3.67
CA HIS A 102 -1.03 13.87 3.44
C HIS A 102 -0.49 12.48 3.75
N LYS A 103 -1.38 11.59 4.08
CA LYS A 103 -1.05 10.21 4.27
C LYS A 103 -1.93 9.47 3.30
N SER A 104 -1.36 8.61 2.54
CA SER A 104 -2.10 7.85 1.57
C SER A 104 -2.52 6.55 2.20
N TYR A 105 -3.76 6.20 2.02
CA TYR A 105 -4.36 5.11 2.72
C TYR A 105 -4.42 3.88 1.84
N PHE A 106 -3.79 2.83 2.29
CA PHE A 106 -3.82 1.59 1.60
C PHE A 106 -4.70 0.65 2.40
N SER A 107 -5.69 0.12 1.77
CA SER A 107 -6.57 -0.80 2.39
C SER A 107 -6.22 -2.21 1.91
N PHE A 108 -6.14 -3.12 2.81
CA PHE A 108 -5.86 -4.49 2.49
C PHE A 108 -7.06 -5.31 2.83
N VAL A 109 -7.71 -5.75 1.79
CA VAL A 109 -8.93 -6.50 1.85
C VAL A 109 -8.68 -7.87 1.23
N CYS A 110 -9.40 -8.85 1.66
CA CYS A 110 -9.17 -10.20 1.22
C CYS A 110 -9.87 -10.54 -0.06
N LYS A 111 -9.25 -11.41 -0.81
CA LYS A 111 -9.80 -11.96 -2.01
C LYS A 111 -9.44 -13.44 -2.02
N SER A 112 -10.41 -14.30 -2.18
CA SER A 112 -10.20 -15.74 -2.15
C SER A 112 -9.73 -16.22 -3.53
N ASP A 113 -9.77 -15.30 -4.45
CA ASP A 113 -9.34 -15.53 -5.83
C ASP A 113 -8.04 -14.74 -6.09
N ALA A 114 -7.40 -14.28 -5.02
CA ALA A 114 -6.17 -13.49 -5.12
C ALA A 114 -5.02 -14.30 -5.70
N GLY A 115 -4.93 -15.56 -5.29
CA GLY A 115 -3.90 -16.45 -5.77
C GLY A 115 -2.52 -16.02 -5.34
N ASP A 116 -1.55 -16.22 -6.21
CA ASP A 116 -0.17 -15.86 -5.92
C ASP A 116 0.10 -14.48 -6.47
N ASP A 117 -0.68 -14.11 -7.48
CA ASP A 117 -0.54 -12.81 -8.14
C ASP A 117 -0.77 -11.72 -7.15
N SER A 118 -1.98 -11.71 -6.57
CA SER A 118 -2.42 -10.77 -5.56
C SER A 118 -2.54 -9.34 -6.18
N GLN A 119 -3.75 -8.81 -6.25
CA GLN A 119 -3.96 -7.57 -6.97
C GLN A 119 -4.16 -6.34 -6.09
N PRO A 120 -3.33 -5.34 -6.28
CA PRO A 120 -3.49 -4.04 -5.68
C PRO A 120 -4.42 -3.22 -6.56
N VAL A 121 -5.59 -2.97 -6.07
CA VAL A 121 -6.54 -2.21 -6.82
C VAL A 121 -6.46 -0.78 -6.36
N PHE A 122 -6.03 0.08 -7.23
CA PHE A 122 -5.99 1.47 -6.93
C PHE A 122 -7.40 2.01 -7.11
N LEU A 123 -7.84 2.85 -6.22
CA LEU A 123 -9.14 3.44 -6.34
C LEU A 123 -9.03 4.67 -7.20
N SER A 124 -8.27 5.62 -6.71
CA SER A 124 -8.02 6.84 -7.39
C SER A 124 -7.01 7.63 -6.57
N PHE A 125 -6.33 8.53 -7.23
CA PHE A 125 -5.47 9.47 -6.58
C PHE A 125 -6.37 10.64 -6.23
N ASP A 126 -6.24 11.14 -5.07
CA ASP A 126 -7.09 12.22 -4.62
C ASP A 126 -6.37 13.52 -4.72
N GLU A 127 -6.86 14.42 -5.53
CA GLU A 127 -6.21 15.72 -5.67
C GLU A 127 -6.81 16.71 -4.70
N GLN A 128 -7.86 16.27 -4.02
CA GLN A 128 -8.55 17.06 -3.03
C GLN A 128 -7.62 17.41 -1.89
N THR A 129 -6.82 16.47 -1.46
CA THR A 129 -5.79 16.76 -0.49
C THR A 129 -4.47 16.06 -0.87
N CYS A 130 -4.36 15.66 -2.14
CA CYS A 130 -3.16 15.04 -2.71
C CYS A 130 -2.80 13.67 -2.10
N THR A 131 -3.81 12.97 -1.61
CA THR A 131 -3.61 11.65 -1.05
C THR A 131 -3.88 10.58 -2.13
N SER A 132 -3.84 9.33 -1.77
CA SER A 132 -4.10 8.24 -2.66
C SER A 132 -4.91 7.17 -1.93
N TYR A 133 -5.80 6.51 -2.64
CA TYR A 133 -6.59 5.44 -2.04
C TYR A 133 -6.32 4.14 -2.77
N PHE A 134 -5.81 3.17 -2.05
CA PHE A 134 -5.52 1.88 -2.63
C PHE A 134 -6.20 0.79 -1.85
N SER A 135 -6.51 -0.29 -2.50
CA SER A 135 -7.07 -1.45 -1.85
C SER A 135 -6.52 -2.71 -2.50
N TRP A 136 -5.79 -3.47 -1.75
CA TRP A 136 -5.18 -4.66 -2.26
C TRP A 136 -6.06 -5.81 -1.87
N HIS A 137 -6.44 -6.58 -2.84
CA HIS A 137 -7.26 -7.74 -2.64
C HIS A 137 -6.34 -8.94 -2.55
N THR A 138 -5.95 -9.26 -1.34
CA THR A 138 -4.99 -10.33 -1.08
C THR A 138 -5.62 -11.37 -0.18
N SER A 139 -5.19 -12.59 -0.29
CA SER A 139 -5.75 -13.68 0.48
C SER A 139 -5.17 -13.73 1.90
N LEU A 140 -4.08 -13.02 2.13
CA LEU A 140 -3.44 -13.01 3.45
C LEU A 140 -4.14 -12.04 4.38
N ALA A 141 -4.89 -11.12 3.77
CA ALA A 141 -5.57 -10.04 4.47
C ALA A 141 -6.53 -10.47 5.58
N CYS A 142 -7.72 -10.91 5.24
CA CYS A 142 -8.69 -11.20 6.28
C CYS A 142 -8.78 -12.69 6.52
N GLU A 143 -9.63 -13.08 7.42
CA GLU A 143 -9.85 -14.47 7.68
C GLU A 143 -11.16 -14.88 7.02
N GLU A 144 -12.17 -14.05 7.18
CA GLU A 144 -13.46 -14.36 6.64
C GLU A 144 -14.22 -13.09 6.22
N GLU A 145 -14.23 -12.86 4.93
CA GLU A 145 -15.00 -11.82 4.33
C GLU A 145 -15.15 -12.17 2.88
N VAL A 146 -16.30 -11.94 2.35
CA VAL A 146 -16.54 -12.22 0.96
C VAL A 146 -16.49 -10.93 0.14
N PRO A 147 -15.48 -10.80 -0.73
CA PRO A 147 -15.31 -9.64 -1.61
C PRO A 147 -16.08 -9.82 -2.93
N ARG A 148 -16.92 -10.81 -2.95
CA ARG A 148 -17.72 -11.12 -4.11
C ARG A 148 -19.10 -10.54 -3.90
N MET A 1 1.13 -18.62 1.78
CA MET A 1 2.47 -18.15 1.46
C MET A 1 2.88 -17.11 2.48
N LYS A 2 4.13 -17.11 2.85
CA LYS A 2 4.63 -16.16 3.81
C LYS A 2 6.04 -15.75 3.38
N SER A 3 6.10 -14.97 2.31
CA SER A 3 7.35 -14.61 1.66
C SER A 3 8.31 -13.74 2.50
N ASN A 4 8.11 -12.43 2.48
CA ASN A 4 9.08 -11.50 3.01
C ASN A 4 8.55 -10.64 4.12
N VAL A 5 9.28 -10.62 5.19
CA VAL A 5 9.03 -9.73 6.28
C VAL A 5 10.34 -9.04 6.68
N GLN A 6 10.46 -7.78 6.25
CA GLN A 6 11.66 -6.97 6.47
C GLN A 6 11.96 -6.75 7.98
N ASN A 7 11.33 -5.76 8.57
CA ASN A 7 11.53 -5.45 9.97
C ASN A 7 10.30 -5.86 10.72
N ASP A 8 9.17 -5.28 10.32
CA ASP A 8 7.89 -5.63 10.90
C ASP A 8 6.72 -5.33 9.96
N CYS A 9 5.92 -4.31 10.26
CA CYS A 9 4.64 -4.04 9.59
C CYS A 9 3.73 -5.25 9.71
N ARG A 10 3.10 -5.33 10.83
CA ARG A 10 2.22 -6.42 11.17
C ARG A 10 1.32 -6.01 12.31
N VAL A 11 0.17 -6.59 12.36
CA VAL A 11 -0.76 -6.32 13.41
C VAL A 11 -1.51 -7.60 13.77
N THR A 12 -1.56 -7.90 15.02
CA THR A 12 -2.17 -9.12 15.47
C THR A 12 -3.66 -8.91 15.72
N ASN A 13 -4.46 -9.76 15.12
CA ASN A 13 -5.89 -9.76 15.36
C ASN A 13 -6.20 -10.88 16.33
N PRO A 14 -6.55 -10.54 17.57
CA PRO A 14 -6.84 -11.53 18.61
C PRO A 14 -8.15 -12.28 18.40
N ALA A 15 -9.12 -11.63 17.76
CA ALA A 15 -10.43 -12.20 17.57
C ALA A 15 -10.40 -13.28 16.50
N THR A 16 -9.63 -13.06 15.47
CA THR A 16 -9.50 -14.02 14.42
C THR A 16 -8.36 -14.99 14.73
N GLY A 17 -7.42 -14.52 15.55
CA GLY A 17 -6.25 -15.29 15.90
C GLY A 17 -5.24 -15.24 14.78
N HIS A 18 -5.48 -14.37 13.85
CA HIS A 18 -4.69 -14.25 12.67
C HIS A 18 -3.92 -12.95 12.71
N LEU A 19 -2.64 -13.03 12.94
CA LEU A 19 -1.78 -11.87 12.86
C LEU A 19 -1.65 -11.52 11.39
N PHE A 20 -1.86 -10.27 11.06
CA PHE A 20 -1.83 -9.86 9.69
C PHE A 20 -0.44 -9.37 9.35
N ASP A 21 0.20 -10.06 8.43
CA ASP A 21 1.49 -9.67 7.94
C ASP A 21 1.49 -9.97 6.46
N LEU A 22 1.72 -8.96 5.68
CA LEU A 22 1.67 -9.02 4.23
C LEU A 22 3.00 -9.48 3.63
N THR A 23 3.47 -10.61 4.08
CA THR A 23 4.75 -11.18 3.66
C THR A 23 4.85 -11.39 2.14
N SER A 24 3.81 -11.93 1.54
CA SER A 24 3.80 -12.19 0.11
C SER A 24 3.85 -10.89 -0.71
N LEU A 25 3.45 -9.81 -0.11
CA LEU A 25 3.35 -8.56 -0.74
C LEU A 25 4.69 -7.78 -0.69
N LYS A 26 5.25 -7.65 0.53
CA LYS A 26 6.55 -6.93 0.76
C LYS A 26 7.63 -7.56 -0.12
N ARG A 27 8.29 -6.77 -0.94
CA ARG A 27 9.28 -7.32 -1.84
C ARG A 27 10.54 -6.46 -1.93
N GLU A 28 11.45 -6.86 -2.79
CA GLU A 28 12.74 -6.20 -2.97
C GLU A 28 12.60 -4.93 -3.83
N SER A 29 11.91 -5.06 -4.93
CA SER A 29 11.80 -3.99 -5.89
C SER A 29 10.62 -3.04 -5.57
N GLY A 30 9.42 -3.50 -5.85
CA GLY A 30 8.21 -2.76 -5.65
C GLY A 30 7.08 -3.42 -6.42
N TYR A 31 5.85 -3.17 -6.02
CA TYR A 31 4.72 -3.78 -6.69
C TYR A 31 4.14 -2.74 -7.62
N THR A 32 3.64 -3.17 -8.74
CA THR A 32 3.17 -2.26 -9.73
C THR A 32 1.74 -2.44 -10.04
N ILE A 33 1.18 -1.33 -10.31
CA ILE A 33 -0.15 -1.16 -10.73
C ILE A 33 -0.18 0.06 -11.59
N THR A 34 -1.26 0.29 -12.24
CA THR A 34 -1.38 1.45 -13.07
C THR A 34 -1.96 2.57 -12.23
N ASP A 35 -1.60 3.81 -12.55
CA ASP A 35 -2.09 4.94 -11.82
C ASP A 35 -3.50 5.29 -12.32
N SER A 36 -3.97 6.44 -11.98
CA SER A 36 -5.25 6.91 -12.32
C SER A 36 -5.55 6.83 -13.83
N HIS A 37 -4.55 6.97 -14.70
CA HIS A 37 -4.89 7.05 -16.10
C HIS A 37 -3.82 6.53 -17.06
N ASN A 38 -2.57 6.51 -16.67
CA ASN A 38 -1.53 6.22 -17.67
C ASN A 38 -0.32 5.59 -17.08
N ARG A 39 0.16 6.23 -16.07
CA ARG A 39 1.42 5.90 -15.43
C ARG A 39 1.29 4.66 -14.58
N LYS A 40 2.38 4.25 -14.01
CA LYS A 40 2.41 3.17 -13.09
C LYS A 40 2.74 3.65 -11.72
N ILE A 41 2.13 3.03 -10.75
CA ILE A 41 2.36 3.33 -9.39
C ILE A 41 3.35 2.32 -8.89
N GLU A 42 4.51 2.77 -8.64
CA GLU A 42 5.56 1.95 -8.11
C GLU A 42 5.41 2.01 -6.60
N LEU A 43 4.86 0.98 -6.01
CA LEU A 43 4.69 0.98 -4.59
C LEU A 43 5.10 -0.33 -3.94
N ASN A 44 5.95 -0.22 -2.98
CA ASN A 44 6.39 -1.38 -2.26
C ASN A 44 5.83 -1.30 -0.87
N VAL A 45 5.03 -2.27 -0.53
CA VAL A 45 4.29 -2.25 0.70
C VAL A 45 5.07 -2.81 1.88
N CYS A 46 5.24 -1.95 2.89
CA CYS A 46 5.92 -2.27 4.15
C CYS A 46 7.35 -2.74 4.00
N ALA A 47 7.86 -2.48 2.87
CA ALA A 47 9.18 -2.73 2.51
C ALA A 47 9.55 -1.55 1.69
N GLU A 48 10.63 -0.94 2.04
CA GLU A 48 11.10 0.25 1.36
C GLU A 48 11.26 0.04 -0.18
N ALA A 49 10.67 0.95 -0.95
CA ALA A 49 10.63 0.86 -2.41
C ALA A 49 11.98 1.15 -3.01
N LYS A 50 12.43 0.26 -3.84
CA LYS A 50 13.75 0.38 -4.37
C LYS A 50 13.75 0.77 -5.84
N SER A 51 12.77 0.29 -6.58
CA SER A 51 12.68 0.58 -7.98
C SER A 51 12.31 2.03 -8.23
N SER A 52 13.22 2.78 -8.84
CA SER A 52 13.03 4.18 -9.27
C SER A 52 12.89 5.20 -8.12
N CYS A 53 12.37 4.78 -6.98
CA CYS A 53 12.26 5.65 -5.84
C CYS A 53 13.66 5.95 -5.29
N ALA A 54 14.17 5.08 -4.37
CA ALA A 54 15.53 5.17 -3.81
C ALA A 54 15.70 4.24 -2.63
N ASN A 55 15.41 4.75 -1.45
CA ASN A 55 15.69 4.09 -0.24
C ASN A 55 14.44 3.84 0.59
N GLY A 56 13.93 4.85 1.25
CA GLY A 56 12.87 4.71 2.21
C GLY A 56 11.52 5.17 1.72
N ALA A 57 11.41 5.42 0.44
CA ALA A 57 10.12 5.77 -0.14
C ALA A 57 9.27 4.50 -0.24
N ALA A 58 7.99 4.64 -0.51
CA ALA A 58 7.13 3.47 -0.63
C ALA A 58 6.23 3.58 -1.83
N VAL A 59 5.53 4.70 -1.95
CA VAL A 59 4.61 4.89 -3.05
C VAL A 59 5.16 5.97 -3.97
N CYS A 60 5.44 5.58 -5.16
CA CYS A 60 5.98 6.47 -6.14
C CYS A 60 5.18 6.44 -7.42
N ILE A 61 4.50 7.52 -7.71
CA ILE A 61 3.82 7.64 -8.95
C ILE A 61 4.89 7.99 -9.95
N THR A 62 5.26 7.06 -10.79
CA THR A 62 6.37 7.32 -11.65
C THR A 62 5.88 7.88 -12.98
N ASP A 63 5.93 9.18 -13.11
CA ASP A 63 5.46 9.87 -14.29
C ASP A 63 6.63 9.99 -15.24
N GLY A 64 6.72 9.04 -16.16
CA GLY A 64 7.85 9.00 -17.05
C GLY A 64 9.11 8.75 -16.26
N PRO A 65 10.09 9.67 -16.31
CA PRO A 65 11.29 9.58 -15.51
C PRO A 65 11.22 10.47 -14.24
N LYS A 66 10.02 10.91 -13.90
CA LYS A 66 9.79 11.74 -12.73
C LYS A 66 9.14 10.89 -11.64
N THR A 67 9.66 10.95 -10.45
CA THR A 67 9.16 10.13 -9.39
C THR A 67 8.38 10.98 -8.37
N LEU A 68 7.09 10.79 -8.32
CA LEU A 68 6.25 11.48 -7.37
C LEU A 68 6.09 10.65 -6.11
N ASN A 69 6.68 11.09 -5.04
CA ASN A 69 6.59 10.37 -3.78
C ASN A 69 5.31 10.76 -3.08
N ALA A 70 4.33 9.90 -3.16
CA ALA A 70 3.06 10.14 -2.52
C ALA A 70 3.10 9.57 -1.10
N GLY A 71 3.98 8.61 -0.91
CA GLY A 71 4.11 8.00 0.36
C GLY A 71 5.49 7.45 0.61
N LYS A 72 6.03 7.80 1.75
CA LYS A 72 7.29 7.28 2.21
C LYS A 72 6.97 5.99 2.94
N LEU A 73 7.95 5.17 3.18
CA LEU A 73 7.74 3.92 3.88
C LEU A 73 7.25 4.17 5.28
N SER A 74 6.00 3.94 5.49
CA SER A 74 5.43 4.00 6.78
C SER A 74 5.16 2.56 7.19
N LYS A 75 6.01 2.06 8.02
CA LYS A 75 5.97 0.71 8.45
C LYS A 75 5.16 0.62 9.73
N THR A 76 3.87 0.75 9.57
CA THR A 76 2.92 0.68 10.65
C THR A 76 1.61 0.13 10.09
N LEU A 77 1.25 -1.04 10.52
CA LEU A 77 0.10 -1.71 10.00
C LEU A 77 -0.90 -1.85 11.11
N THR A 78 -2.14 -1.72 10.78
CA THR A 78 -3.21 -1.80 11.73
C THR A 78 -4.47 -2.23 10.97
N TYR A 79 -5.57 -2.40 11.63
CA TYR A 79 -6.77 -2.83 10.95
C TYR A 79 -7.99 -2.24 11.61
N GLU A 80 -9.03 -2.09 10.85
CA GLU A 80 -10.27 -1.56 11.31
C GLU A 80 -11.39 -2.49 10.82
N ASP A 81 -11.93 -3.29 11.73
CA ASP A 81 -13.03 -4.24 11.43
C ASP A 81 -12.56 -5.28 10.40
N GLN A 82 -11.38 -5.82 10.68
CA GLN A 82 -10.66 -6.81 9.84
C GLN A 82 -10.14 -6.27 8.52
N VAL A 83 -10.59 -5.11 8.10
CA VAL A 83 -10.05 -4.50 6.94
C VAL A 83 -8.71 -3.93 7.35
N LEU A 84 -7.69 -4.34 6.69
CA LEU A 84 -6.36 -4.02 7.07
C LEU A 84 -6.04 -2.64 6.57
N LYS A 85 -5.59 -1.84 7.45
CA LYS A 85 -5.42 -0.47 7.17
C LYS A 85 -3.97 -0.05 7.28
N LEU A 86 -3.54 0.65 6.27
CA LEU A 86 -2.20 1.12 6.15
C LEU A 86 -2.27 2.46 5.44
N VAL A 87 -1.33 3.34 5.71
CA VAL A 87 -1.30 4.64 5.10
C VAL A 87 0.11 4.98 4.69
N TYR A 88 0.26 5.68 3.60
CA TYR A 88 1.54 6.18 3.19
C TYR A 88 1.42 7.64 2.88
N GLU A 89 2.35 8.41 3.35
CA GLU A 89 2.36 9.81 3.10
C GLU A 89 3.76 10.30 3.04
N ASP A 90 3.91 11.51 2.53
CA ASP A 90 5.17 12.25 2.51
C ASP A 90 6.15 11.72 1.46
N GLY A 91 7.09 12.52 1.15
CA GLY A 91 8.05 12.23 0.15
C GLY A 91 8.23 13.45 -0.68
N ASP A 92 7.14 13.94 -1.16
CA ASP A 92 7.10 15.19 -1.85
C ASP A 92 5.97 16.00 -1.27
N PRO A 93 6.29 17.04 -0.50
CA PRO A 93 5.27 17.92 0.05
C PRO A 93 4.59 18.70 -1.06
N CYS A 94 3.37 18.34 -1.33
CA CYS A 94 2.60 18.89 -2.41
C CYS A 94 2.30 20.36 -2.15
N PRO A 95 2.62 21.25 -3.12
CA PRO A 95 2.43 22.70 -2.98
C PRO A 95 0.95 23.10 -2.83
N THR A 96 0.07 22.20 -3.20
CA THR A 96 -1.31 22.38 -3.11
C THR A 96 -1.87 21.72 -1.83
N ASP A 97 -1.08 20.86 -1.20
CA ASP A 97 -1.60 20.02 -0.13
C ASP A 97 -0.63 20.00 1.06
N LEU A 98 0.02 21.11 1.30
CA LEU A 98 0.96 21.18 2.39
C LEU A 98 0.32 21.75 3.64
N LYS A 99 -0.66 22.62 3.46
CA LYS A 99 -1.34 23.27 4.59
C LYS A 99 -2.45 22.38 5.03
N MET A 100 -3.12 21.84 4.07
CA MET A 100 -4.15 20.87 4.26
C MET A 100 -3.63 19.59 3.65
N LYS A 101 -3.01 18.79 4.46
CA LYS A 101 -2.30 17.64 3.96
C LYS A 101 -3.10 16.35 4.08
N HIS A 102 -3.11 15.61 2.99
CA HIS A 102 -3.72 14.32 2.92
C HIS A 102 -2.65 13.22 2.87
N LYS A 103 -3.08 12.00 2.57
CA LYS A 103 -2.22 10.84 2.49
C LYS A 103 -2.90 9.73 1.71
N SER A 104 -2.18 8.66 1.43
CA SER A 104 -2.76 7.56 0.71
C SER A 104 -3.25 6.51 1.68
N TYR A 105 -4.47 6.08 1.49
CA TYR A 105 -5.10 5.11 2.32
C TYR A 105 -5.12 3.79 1.62
N PHE A 106 -4.55 2.81 2.26
CA PHE A 106 -4.55 1.49 1.73
C PHE A 106 -5.44 0.62 2.58
N SER A 107 -6.40 0.02 1.96
CA SER A 107 -7.28 -0.88 2.63
C SER A 107 -7.09 -2.28 2.07
N PHE A 108 -6.56 -3.14 2.86
CA PHE A 108 -6.34 -4.50 2.48
C PHE A 108 -7.54 -5.30 2.90
N VAL A 109 -8.13 -5.94 1.97
CA VAL A 109 -9.33 -6.70 2.20
C VAL A 109 -9.20 -8.09 1.61
N CYS A 110 -9.54 -9.07 2.41
CA CYS A 110 -9.48 -10.43 2.01
C CYS A 110 -10.65 -10.80 1.12
N LYS A 111 -10.34 -11.08 -0.13
CA LYS A 111 -11.32 -11.48 -1.10
C LYS A 111 -10.67 -12.58 -1.92
N SER A 112 -11.35 -13.70 -2.09
CA SER A 112 -10.76 -14.83 -2.79
C SER A 112 -10.71 -14.59 -4.33
N ASP A 113 -11.26 -13.49 -4.78
CA ASP A 113 -11.27 -13.16 -6.21
C ASP A 113 -9.90 -12.73 -6.69
N ALA A 114 -9.01 -12.43 -5.76
CA ALA A 114 -7.65 -12.12 -6.10
C ALA A 114 -6.77 -13.34 -5.91
N GLY A 115 -7.42 -14.40 -5.43
CA GLY A 115 -6.75 -15.66 -5.17
C GLY A 115 -5.68 -15.54 -4.11
N ASP A 116 -4.49 -15.85 -4.50
CA ASP A 116 -3.32 -15.78 -3.65
C ASP A 116 -2.38 -14.71 -4.21
N ASP A 117 -2.49 -14.44 -5.52
CA ASP A 117 -1.65 -13.44 -6.21
C ASP A 117 -1.77 -12.08 -5.56
N SER A 118 -3.03 -11.71 -5.28
CA SER A 118 -3.38 -10.48 -4.56
C SER A 118 -2.96 -9.19 -5.30
N GLN A 119 -3.92 -8.48 -5.88
CA GLN A 119 -3.58 -7.23 -6.58
C GLN A 119 -4.26 -6.01 -5.93
N PRO A 120 -3.60 -4.84 -6.00
CA PRO A 120 -4.13 -3.59 -5.50
C PRO A 120 -5.01 -2.88 -6.52
N VAL A 121 -6.19 -2.52 -6.10
CA VAL A 121 -7.11 -1.82 -6.94
C VAL A 121 -7.08 -0.35 -6.57
N PHE A 122 -6.93 0.51 -7.54
CA PHE A 122 -6.92 1.92 -7.29
C PHE A 122 -8.35 2.47 -7.32
N LEU A 123 -8.75 3.11 -6.24
CA LEU A 123 -10.09 3.70 -6.17
C LEU A 123 -10.07 5.09 -6.73
N SER A 124 -9.13 5.86 -6.29
CA SER A 124 -8.98 7.21 -6.76
C SER A 124 -7.58 7.67 -6.48
N PHE A 125 -7.05 8.44 -7.39
CA PHE A 125 -5.79 9.08 -7.21
C PHE A 125 -6.00 10.53 -7.50
N ASP A 126 -5.82 11.31 -6.51
CA ASP A 126 -6.01 12.71 -6.61
C ASP A 126 -4.68 13.36 -6.50
N GLU A 127 -4.18 13.82 -7.60
CA GLU A 127 -2.87 14.40 -7.69
C GLU A 127 -2.89 15.83 -7.13
N GLN A 128 -3.97 16.53 -7.44
CA GLN A 128 -4.23 17.89 -7.02
C GLN A 128 -4.10 18.06 -5.50
N THR A 129 -4.66 17.12 -4.78
CA THR A 129 -4.67 17.17 -3.34
C THR A 129 -3.96 15.93 -2.74
N CYS A 130 -3.08 15.31 -3.56
CA CYS A 130 -2.22 14.15 -3.16
C CYS A 130 -2.94 13.10 -2.29
N THR A 131 -4.18 12.85 -2.59
CA THR A 131 -4.97 11.91 -1.86
C THR A 131 -5.06 10.65 -2.69
N SER A 132 -4.96 9.51 -2.07
CA SER A 132 -5.05 8.28 -2.80
C SER A 132 -5.78 7.24 -1.98
N TYR A 133 -6.57 6.44 -2.65
CA TYR A 133 -7.30 5.36 -2.02
C TYR A 133 -7.04 4.10 -2.80
N PHE A 134 -6.46 3.13 -2.15
CA PHE A 134 -6.13 1.87 -2.79
C PHE A 134 -6.67 0.72 -1.96
N SER A 135 -7.24 -0.23 -2.61
CA SER A 135 -7.80 -1.37 -1.95
C SER A 135 -7.09 -2.61 -2.47
N TRP A 136 -6.40 -3.29 -1.61
CA TRP A 136 -5.65 -4.43 -2.02
C TRP A 136 -6.44 -5.66 -1.67
N HIS A 137 -6.87 -6.37 -2.67
CA HIS A 137 -7.59 -7.60 -2.45
C HIS A 137 -6.56 -8.67 -2.24
N THR A 138 -6.42 -9.09 -1.04
CA THR A 138 -5.42 -10.06 -0.71
C THR A 138 -5.91 -11.01 0.36
N SER A 139 -5.51 -12.25 0.25
CA SER A 139 -5.87 -13.27 1.20
C SER A 139 -4.94 -13.23 2.45
N LEU A 140 -4.00 -12.29 2.45
CA LEU A 140 -3.09 -12.10 3.58
C LEU A 140 -3.63 -10.98 4.49
N ALA A 141 -4.70 -10.34 4.03
CA ALA A 141 -5.28 -9.20 4.73
C ALA A 141 -6.07 -9.59 5.97
N CYS A 142 -6.98 -10.50 5.82
CA CYS A 142 -7.82 -10.93 6.91
C CYS A 142 -8.21 -12.38 6.74
N GLU A 143 -8.87 -12.94 7.74
CA GLU A 143 -9.25 -14.33 7.66
C GLU A 143 -10.74 -14.45 7.75
N GLU A 144 -11.33 -14.32 6.61
CA GLU A 144 -12.72 -14.39 6.34
C GLU A 144 -12.73 -13.94 4.88
N GLU A 145 -13.73 -13.24 4.48
CA GLU A 145 -13.80 -12.65 3.19
C GLU A 145 -14.83 -11.57 3.28
N VAL A 146 -14.57 -10.46 2.66
CA VAL A 146 -15.47 -9.35 2.71
C VAL A 146 -16.36 -9.31 1.45
N PRO A 147 -17.68 -9.52 1.64
CA PRO A 147 -18.69 -9.45 0.58
C PRO A 147 -19.40 -8.07 0.57
N ARG A 148 -18.67 -7.05 0.93
CA ARG A 148 -19.20 -5.71 1.01
C ARG A 148 -18.13 -4.70 0.64
N MET A 1 5.77 -15.39 -4.87
CA MET A 1 5.71 -14.19 -4.05
C MET A 1 5.36 -14.60 -2.63
N LYS A 2 6.37 -14.76 -1.80
CA LYS A 2 6.15 -15.22 -0.44
C LYS A 2 6.62 -14.20 0.58
N SER A 3 6.42 -14.55 1.84
CA SER A 3 6.83 -13.79 3.00
C SER A 3 8.30 -13.33 2.92
N ASN A 4 8.48 -12.03 2.78
CA ASN A 4 9.77 -11.42 2.75
C ASN A 4 10.01 -10.86 4.15
N VAL A 5 11.23 -10.89 4.63
CA VAL A 5 11.50 -10.55 6.00
C VAL A 5 11.96 -9.12 6.16
N GLN A 6 11.02 -8.28 6.42
CA GLN A 6 11.25 -6.91 6.76
C GLN A 6 11.08 -6.74 8.26
N ASN A 7 10.73 -7.85 8.93
CA ASN A 7 10.56 -7.94 10.39
C ASN A 7 9.30 -7.26 10.88
N ASP A 8 9.20 -5.99 10.63
CA ASP A 8 8.08 -5.21 11.08
C ASP A 8 7.02 -5.13 10.02
N CYS A 9 5.97 -4.40 10.31
CA CYS A 9 4.74 -4.35 9.52
C CYS A 9 3.97 -5.65 9.64
N ARG A 10 3.23 -5.74 10.74
CA ARG A 10 2.34 -6.85 11.06
C ARG A 10 1.54 -6.49 12.31
N VAL A 11 0.29 -6.89 12.35
CA VAL A 11 -0.56 -6.57 13.48
C VAL A 11 -1.56 -7.71 13.71
N THR A 12 -1.81 -8.04 14.94
CA THR A 12 -2.69 -9.12 15.25
C THR A 12 -4.12 -8.60 15.47
N ASN A 13 -5.10 -9.30 14.92
CA ASN A 13 -6.50 -8.98 15.15
C ASN A 13 -7.03 -9.99 16.17
N PRO A 14 -7.22 -9.57 17.42
CA PRO A 14 -7.67 -10.49 18.48
C PRO A 14 -9.11 -10.98 18.30
N ALA A 15 -9.92 -10.19 17.60
CA ALA A 15 -11.33 -10.52 17.39
C ALA A 15 -11.45 -11.69 16.41
N THR A 16 -10.63 -11.67 15.39
CA THR A 16 -10.60 -12.75 14.45
C THR A 16 -9.68 -13.86 14.96
N GLY A 17 -8.66 -13.47 15.70
CA GLY A 17 -7.67 -14.40 16.20
C GLY A 17 -6.65 -14.68 15.12
N HIS A 18 -6.67 -13.87 14.10
CA HIS A 18 -5.84 -14.05 12.95
C HIS A 18 -4.81 -12.94 12.92
N LEU A 19 -3.61 -13.30 12.60
CA LEU A 19 -2.51 -12.36 12.48
C LEU A 19 -2.60 -11.72 11.12
N PHE A 20 -2.65 -10.43 11.09
CA PHE A 20 -2.70 -9.73 9.85
C PHE A 20 -1.30 -9.32 9.51
N ASP A 21 -0.75 -9.95 8.53
CA ASP A 21 0.59 -9.67 8.12
C ASP A 21 0.65 -9.67 6.63
N LEU A 22 1.38 -8.75 6.10
CA LEU A 22 1.53 -8.64 4.68
C LEU A 22 2.94 -8.97 4.32
N THR A 23 3.50 -9.94 5.00
CA THR A 23 4.88 -10.31 4.80
C THR A 23 5.09 -10.87 3.40
N SER A 24 4.08 -11.55 2.88
CA SER A 24 4.13 -12.16 1.56
C SER A 24 3.94 -11.11 0.47
N LEU A 25 3.60 -9.91 0.85
CA LEU A 25 3.36 -8.85 -0.10
C LEU A 25 4.56 -7.92 -0.20
N LYS A 26 5.41 -7.99 0.77
CA LYS A 26 6.64 -7.22 0.79
C LYS A 26 7.61 -7.79 -0.23
N ARG A 27 8.27 -6.95 -0.97
CA ARG A 27 9.25 -7.39 -1.94
C ARG A 27 10.39 -6.41 -2.00
N GLU A 28 11.39 -6.69 -2.79
CA GLU A 28 12.57 -5.83 -2.86
C GLU A 28 12.36 -4.64 -3.79
N SER A 29 11.59 -4.83 -4.82
CA SER A 29 11.35 -3.78 -5.77
C SER A 29 10.06 -3.00 -5.41
N GLY A 30 8.92 -3.55 -5.76
CA GLY A 30 7.65 -2.91 -5.50
C GLY A 30 6.61 -3.47 -6.44
N TYR A 31 5.36 -3.39 -6.07
CA TYR A 31 4.30 -3.92 -6.88
C TYR A 31 3.64 -2.77 -7.58
N THR A 32 3.32 -2.94 -8.82
CA THR A 32 2.89 -1.82 -9.59
C THR A 32 1.69 -2.14 -10.41
N ILE A 33 1.04 -1.10 -10.69
CA ILE A 33 -0.11 -1.01 -11.50
C ILE A 33 0.01 0.28 -12.29
N THR A 34 -0.80 0.46 -13.27
CA THR A 34 -0.76 1.66 -14.05
C THR A 34 -1.72 2.66 -13.41
N ASP A 35 -1.44 3.93 -13.52
CA ASP A 35 -2.29 4.95 -12.90
C ASP A 35 -3.54 5.17 -13.77
N SER A 36 -4.12 6.35 -13.69
CA SER A 36 -5.25 6.73 -14.48
C SER A 36 -5.04 6.49 -15.99
N HIS A 37 -3.77 6.58 -16.50
CA HIS A 37 -3.57 6.41 -17.95
C HIS A 37 -2.12 6.09 -18.39
N ASN A 38 -1.11 6.44 -17.62
CA ASN A 38 0.25 6.34 -18.15
C ASN A 38 1.28 6.10 -17.07
N ARG A 39 1.26 6.98 -16.12
CA ARG A 39 2.19 6.98 -15.00
C ARG A 39 2.12 5.66 -14.23
N LYS A 40 3.20 5.33 -13.58
CA LYS A 40 3.26 4.09 -12.86
C LYS A 40 2.86 4.30 -11.43
N ILE A 41 1.95 3.49 -10.95
CA ILE A 41 1.63 3.48 -9.55
C ILE A 41 2.38 2.33 -8.96
N GLU A 42 3.52 2.64 -8.46
CA GLU A 42 4.41 1.66 -7.86
C GLU A 42 4.32 1.75 -6.33
N LEU A 43 3.88 0.69 -5.69
CA LEU A 43 3.77 0.67 -4.23
C LEU A 43 4.52 -0.53 -3.72
N ASN A 44 5.31 -0.36 -2.72
CA ASN A 44 5.94 -1.51 -2.14
C ASN A 44 5.49 -1.63 -0.70
N VAL A 45 4.71 -2.66 -0.46
CA VAL A 45 4.06 -2.87 0.82
C VAL A 45 5.04 -3.16 1.95
N CYS A 46 5.24 -2.17 2.81
CA CYS A 46 6.04 -2.28 4.04
C CYS A 46 7.51 -2.59 3.79
N ALA A 47 7.93 -2.40 2.60
CA ALA A 47 9.27 -2.60 2.19
C ALA A 47 9.65 -1.45 1.33
N GLU A 48 10.87 -1.03 1.46
CA GLU A 48 11.40 0.12 0.72
C GLU A 48 11.21 -0.07 -0.78
N ALA A 49 10.50 0.84 -1.41
CA ALA A 49 10.24 0.75 -2.83
C ALA A 49 11.48 1.10 -3.60
N LYS A 50 11.95 0.17 -4.39
CA LYS A 50 13.17 0.37 -5.13
C LYS A 50 12.94 0.04 -6.61
N SER A 51 11.68 0.13 -7.04
CA SER A 51 11.37 -0.04 -8.45
C SER A 51 11.94 1.15 -9.24
N SER A 52 11.28 2.28 -9.21
CA SER A 52 11.83 3.49 -9.81
C SER A 52 12.16 4.46 -8.69
N CYS A 53 11.98 4.00 -7.49
CA CYS A 53 12.17 4.80 -6.31
C CYS A 53 13.58 4.45 -5.75
N ALA A 54 13.83 4.68 -4.48
CA ALA A 54 15.11 4.31 -3.91
C ALA A 54 14.96 3.64 -2.54
N ASN A 55 14.81 4.44 -1.50
CA ASN A 55 14.71 3.92 -0.16
C ASN A 55 13.44 4.32 0.55
N GLY A 56 13.38 5.59 0.96
CA GLY A 56 12.30 6.11 1.78
C GLY A 56 10.96 6.26 1.09
N ALA A 57 10.83 5.71 -0.07
CA ALA A 57 9.61 5.79 -0.80
C ALA A 57 8.84 4.50 -0.68
N ALA A 58 7.55 4.61 -0.59
CA ALA A 58 6.69 3.44 -0.58
C ALA A 58 5.63 3.58 -1.66
N VAL A 59 5.17 4.81 -1.86
CA VAL A 59 4.21 5.11 -2.91
C VAL A 59 4.89 5.96 -3.93
N CYS A 60 5.00 5.45 -5.11
CA CYS A 60 5.65 6.12 -6.18
C CYS A 60 4.74 6.25 -7.36
N ILE A 61 4.48 7.48 -7.75
CA ILE A 61 3.79 7.75 -8.95
C ILE A 61 4.85 8.22 -9.90
N THR A 62 5.41 7.32 -10.61
CA THR A 62 6.55 7.60 -11.40
C THR A 62 6.12 8.10 -12.77
N ASP A 63 6.37 9.37 -12.98
CA ASP A 63 6.07 10.04 -14.22
C ASP A 63 7.35 10.15 -15.00
N GLY A 64 7.54 9.19 -15.87
CA GLY A 64 8.77 9.10 -16.62
C GLY A 64 9.92 8.73 -15.70
N PRO A 65 10.98 9.53 -15.65
CA PRO A 65 12.09 9.28 -14.75
C PRO A 65 11.82 9.84 -13.35
N LYS A 66 10.99 10.86 -13.28
CA LYS A 66 10.70 11.54 -12.04
C LYS A 66 9.66 10.77 -11.26
N THR A 67 10.04 10.34 -10.12
CA THR A 67 9.22 9.56 -9.28
C THR A 67 8.54 10.44 -8.23
N LEU A 68 7.23 10.59 -8.32
CA LEU A 68 6.45 11.37 -7.36
C LEU A 68 6.25 10.51 -6.11
N ASN A 69 6.79 10.94 -5.01
CA ASN A 69 6.69 10.17 -3.80
C ASN A 69 5.53 10.64 -2.97
N ALA A 70 4.44 9.94 -3.05
CA ALA A 70 3.24 10.32 -2.32
C ALA A 70 3.27 9.74 -0.92
N GLY A 71 4.06 8.71 -0.73
CA GLY A 71 4.13 8.08 0.55
C GLY A 71 5.50 7.53 0.82
N LYS A 72 5.99 7.78 2.02
CA LYS A 72 7.26 7.27 2.45
C LYS A 72 7.08 5.88 2.99
N LEU A 73 8.15 5.15 3.07
CA LEU A 73 8.09 3.82 3.59
C LEU A 73 7.75 3.87 5.07
N SER A 74 6.70 3.20 5.41
CA SER A 74 6.26 3.12 6.75
C SER A 74 6.04 1.65 7.07
N LYS A 75 6.92 1.07 7.83
CA LYS A 75 6.87 -0.32 8.15
C LYS A 75 6.03 -0.49 9.40
N THR A 76 4.77 -0.35 9.22
CA THR A 76 3.79 -0.40 10.24
C THR A 76 2.55 -0.96 9.61
N LEU A 77 1.71 -1.57 10.37
CA LEU A 77 0.49 -2.11 9.84
C LEU A 77 -0.60 -1.88 10.87
N THR A 78 -1.80 -1.63 10.40
CA THR A 78 -2.90 -1.34 11.28
C THR A 78 -4.19 -1.85 10.65
N TYR A 79 -5.28 -1.76 11.33
CA TYR A 79 -6.54 -2.22 10.81
C TYR A 79 -7.66 -1.37 11.33
N GLU A 80 -8.59 -1.06 10.48
CA GLU A 80 -9.74 -0.26 10.79
C GLU A 80 -10.90 -0.83 10.05
N ASP A 81 -12.07 -0.85 10.67
CA ASP A 81 -13.30 -1.46 10.11
C ASP A 81 -13.12 -2.97 10.03
N GLN A 82 -12.11 -3.47 10.77
CA GLN A 82 -11.66 -4.86 10.77
C GLN A 82 -10.99 -5.27 9.47
N VAL A 83 -10.87 -4.34 8.56
CA VAL A 83 -10.18 -4.55 7.32
C VAL A 83 -8.75 -4.07 7.56
N LEU A 84 -7.80 -4.60 6.86
CA LEU A 84 -6.44 -4.25 7.14
C LEU A 84 -6.13 -2.93 6.45
N LYS A 85 -5.47 -2.03 7.13
CA LYS A 85 -5.21 -0.73 6.58
C LYS A 85 -3.80 -0.24 6.85
N LEU A 86 -3.40 0.73 6.07
CA LEU A 86 -2.11 1.31 6.15
C LEU A 86 -2.18 2.66 5.47
N VAL A 87 -1.36 3.57 5.89
CA VAL A 87 -1.32 4.88 5.33
C VAL A 87 0.09 5.21 4.89
N TYR A 88 0.21 5.81 3.75
CA TYR A 88 1.49 6.24 3.27
C TYR A 88 1.45 7.70 2.90
N GLU A 89 2.30 8.47 3.52
CA GLU A 89 2.39 9.89 3.31
C GLU A 89 3.84 10.27 3.33
N ASP A 90 4.14 11.50 2.97
CA ASP A 90 5.50 12.09 2.98
C ASP A 90 6.36 11.71 1.78
N GLY A 91 6.94 12.71 1.21
CA GLY A 91 7.74 12.58 0.05
C GLY A 91 7.68 13.87 -0.69
N ASP A 92 6.66 14.02 -1.45
CA ASP A 92 6.38 15.21 -2.21
C ASP A 92 4.99 15.69 -1.83
N PRO A 93 4.68 16.96 -2.02
CA PRO A 93 3.34 17.46 -1.82
C PRO A 93 2.56 17.34 -3.15
N CYS A 94 1.48 18.04 -3.29
CA CYS A 94 0.75 18.00 -4.52
C CYS A 94 0.93 19.34 -5.24
N PRO A 95 0.83 19.36 -6.58
CA PRO A 95 0.88 20.63 -7.32
C PRO A 95 -0.37 21.44 -7.01
N THR A 96 -1.46 20.73 -6.77
CA THR A 96 -2.72 21.28 -6.42
C THR A 96 -2.64 21.96 -5.04
N ASP A 97 -2.03 21.26 -4.11
CA ASP A 97 -1.87 21.76 -2.77
C ASP A 97 -0.50 21.40 -2.27
N LEU A 98 0.34 22.39 -2.13
CA LEU A 98 1.71 22.17 -1.74
C LEU A 98 1.86 22.37 -0.26
N LYS A 99 0.80 22.83 0.36
CA LYS A 99 0.88 23.23 1.72
C LYS A 99 0.58 22.09 2.69
N MET A 100 0.51 20.87 2.17
CA MET A 100 0.32 19.72 2.94
C MET A 100 0.73 18.53 2.09
N LYS A 101 0.91 17.47 2.75
CA LYS A 101 1.18 16.18 2.16
C LYS A 101 0.23 15.17 2.81
N HIS A 102 -0.87 14.90 2.16
CA HIS A 102 -1.87 14.06 2.78
C HIS A 102 -1.64 12.59 2.47
N LYS A 103 -1.74 11.80 3.50
CA LYS A 103 -1.57 10.37 3.45
C LYS A 103 -2.54 9.67 2.49
N SER A 104 -2.04 8.66 1.83
CA SER A 104 -2.82 7.83 0.98
C SER A 104 -3.29 6.63 1.80
N TYR A 105 -4.48 6.16 1.53
CA TYR A 105 -5.07 5.13 2.33
C TYR A 105 -5.05 3.81 1.61
N PHE A 106 -4.43 2.86 2.21
CA PHE A 106 -4.38 1.53 1.71
C PHE A 106 -5.26 0.66 2.55
N SER A 107 -6.12 -0.06 1.90
CA SER A 107 -6.99 -0.97 2.56
C SER A 107 -6.78 -2.34 1.96
N PHE A 108 -6.35 -3.23 2.78
CA PHE A 108 -6.05 -4.55 2.39
C PHE A 108 -7.22 -5.42 2.78
N VAL A 109 -7.86 -5.93 1.78
CA VAL A 109 -9.02 -6.77 1.93
C VAL A 109 -8.71 -8.18 1.45
N CYS A 110 -9.09 -9.14 2.27
CA CYS A 110 -8.81 -10.53 2.03
C CYS A 110 -9.56 -11.13 0.88
N LYS A 111 -8.88 -11.15 -0.22
CA LYS A 111 -9.34 -11.83 -1.37
C LYS A 111 -8.62 -13.14 -1.38
N SER A 112 -9.34 -14.16 -1.02
CA SER A 112 -8.77 -15.46 -0.82
C SER A 112 -8.40 -16.06 -2.19
N ASP A 113 -9.11 -15.64 -3.22
CA ASP A 113 -8.85 -16.12 -4.59
C ASP A 113 -7.78 -15.26 -5.29
N ALA A 114 -7.06 -14.45 -4.50
CA ALA A 114 -5.98 -13.63 -5.04
C ALA A 114 -4.72 -14.46 -5.23
N GLY A 115 -4.71 -15.64 -4.62
CA GLY A 115 -3.66 -16.59 -4.79
C GLY A 115 -2.35 -16.15 -4.19
N ASP A 116 -1.35 -16.09 -5.03
CA ASP A 116 0.00 -15.77 -4.60
C ASP A 116 0.38 -14.36 -5.08
N ASP A 117 -0.41 -13.83 -6.00
CA ASP A 117 -0.12 -12.52 -6.62
C ASP A 117 -0.49 -11.36 -5.71
N SER A 118 -1.78 -11.28 -5.34
CA SER A 118 -2.35 -10.18 -4.55
C SER A 118 -2.43 -8.88 -5.38
N GLN A 119 -3.62 -8.59 -5.91
CA GLN A 119 -3.80 -7.46 -6.82
C GLN A 119 -4.27 -6.16 -6.12
N PRO A 120 -3.59 -5.05 -6.40
CA PRO A 120 -3.97 -3.75 -5.89
C PRO A 120 -4.98 -3.05 -6.81
N VAL A 121 -6.15 -2.80 -6.32
CA VAL A 121 -7.17 -2.13 -7.06
C VAL A 121 -7.36 -0.75 -6.48
N PHE A 122 -6.95 0.24 -7.20
CA PHE A 122 -7.05 1.57 -6.70
C PHE A 122 -8.43 2.14 -6.97
N LEU A 123 -8.96 2.85 -6.01
CA LEU A 123 -10.25 3.47 -6.15
C LEU A 123 -10.08 4.71 -6.99
N SER A 124 -9.19 5.57 -6.55
CA SER A 124 -8.87 6.77 -7.25
C SER A 124 -7.67 7.41 -6.60
N PHE A 125 -6.99 8.22 -7.36
CA PHE A 125 -5.95 9.04 -6.85
C PHE A 125 -6.51 10.44 -6.96
N ASP A 126 -6.72 11.09 -5.87
CA ASP A 126 -7.31 12.40 -5.92
C ASP A 126 -6.30 13.43 -5.52
N GLU A 127 -5.63 13.98 -6.52
CA GLU A 127 -4.60 14.98 -6.32
C GLU A 127 -5.21 16.26 -5.73
N GLN A 128 -6.50 16.46 -6.00
CA GLN A 128 -7.27 17.60 -5.51
C GLN A 128 -7.13 17.75 -4.00
N THR A 129 -7.19 16.64 -3.31
CA THR A 129 -7.14 16.65 -1.86
C THR A 129 -5.96 15.79 -1.36
N CYS A 130 -5.10 15.37 -2.31
CA CYS A 130 -3.93 14.51 -2.02
C CYS A 130 -4.37 13.21 -1.32
N THR A 131 -5.57 12.77 -1.61
CA THR A 131 -6.11 11.62 -0.96
C THR A 131 -6.38 10.55 -1.98
N SER A 132 -5.69 9.47 -1.84
CA SER A 132 -5.81 8.39 -2.75
C SER A 132 -6.20 7.14 -1.99
N TYR A 133 -7.02 6.31 -2.58
CA TYR A 133 -7.48 5.10 -1.92
C TYR A 133 -7.03 3.91 -2.73
N PHE A 134 -6.35 3.01 -2.08
CA PHE A 134 -5.88 1.81 -2.72
C PHE A 134 -6.42 0.60 -1.98
N SER A 135 -7.17 -0.22 -2.67
CA SER A 135 -7.73 -1.40 -2.08
C SER A 135 -6.94 -2.59 -2.59
N TRP A 136 -6.17 -3.17 -1.74
CA TRP A 136 -5.32 -4.23 -2.14
C TRP A 136 -5.98 -5.53 -1.76
N HIS A 137 -6.35 -6.27 -2.75
CA HIS A 137 -7.03 -7.50 -2.57
C HIS A 137 -6.01 -8.61 -2.47
N THR A 138 -5.65 -8.91 -1.27
CA THR A 138 -4.67 -9.91 -0.97
C THR A 138 -5.27 -10.89 0.02
N SER A 139 -4.82 -12.11 -0.02
CA SER A 139 -5.35 -13.14 0.83
C SER A 139 -4.86 -12.98 2.27
N LEU A 140 -3.68 -12.39 2.42
CA LEU A 140 -3.01 -12.31 3.72
C LEU A 140 -3.49 -11.12 4.55
N ALA A 141 -4.45 -10.39 4.03
CA ALA A 141 -4.97 -9.18 4.66
C ALA A 141 -5.83 -9.47 5.88
N CYS A 142 -6.76 -10.35 5.71
CA CYS A 142 -7.69 -10.72 6.75
C CYS A 142 -8.06 -12.16 6.56
N GLU A 143 -8.95 -12.69 7.35
CA GLU A 143 -9.28 -14.07 7.24
C GLU A 143 -10.49 -14.25 6.33
N GLU A 144 -11.56 -13.58 6.68
CA GLU A 144 -12.75 -13.59 5.89
C GLU A 144 -13.48 -12.27 6.05
N GLU A 145 -13.95 -11.72 4.97
CA GLU A 145 -14.69 -10.49 4.99
C GLU A 145 -15.76 -10.57 3.93
N VAL A 146 -16.82 -9.82 4.14
CA VAL A 146 -17.90 -9.79 3.20
C VAL A 146 -17.60 -8.78 2.08
N PRO A 147 -17.43 -9.27 0.83
CA PRO A 147 -17.07 -8.41 -0.30
C PRO A 147 -18.25 -7.59 -0.83
N ARG A 148 -19.44 -7.85 -0.35
CA ARG A 148 -20.60 -7.10 -0.78
C ARG A 148 -21.22 -6.47 0.44
N MET A 1 2.19 -18.81 2.81
CA MET A 1 2.24 -17.41 3.24
C MET A 1 3.53 -17.12 3.98
N LYS A 2 3.65 -15.88 4.47
CA LYS A 2 4.84 -15.37 5.15
C LYS A 2 6.10 -15.50 4.29
N SER A 3 6.08 -14.85 3.16
CA SER A 3 7.20 -14.90 2.26
C SER A 3 8.42 -14.10 2.75
N ASN A 4 8.30 -12.79 2.82
CA ASN A 4 9.42 -11.97 3.23
C ASN A 4 9.09 -11.24 4.51
N VAL A 5 9.68 -11.67 5.59
CA VAL A 5 9.48 -11.00 6.85
C VAL A 5 10.52 -9.90 7.00
N GLN A 6 10.19 -8.76 6.47
CA GLN A 6 11.08 -7.61 6.51
C GLN A 6 10.81 -6.80 7.76
N ASN A 7 11.45 -7.21 8.84
CA ASN A 7 11.42 -6.53 10.17
C ASN A 7 10.05 -6.60 10.86
N ASP A 8 9.03 -6.05 10.24
CA ASP A 8 7.73 -5.93 10.86
C ASP A 8 6.64 -5.68 9.80
N CYS A 9 5.83 -4.62 9.98
CA CYS A 9 4.67 -4.34 9.15
C CYS A 9 3.70 -5.52 9.23
N ARG A 10 3.00 -5.55 10.37
CA ARG A 10 2.07 -6.58 10.74
C ARG A 10 1.25 -6.10 11.92
N VAL A 11 0.12 -6.71 12.16
CA VAL A 11 -0.69 -6.34 13.31
C VAL A 11 -1.50 -7.56 13.78
N THR A 12 -1.68 -7.68 15.06
CA THR A 12 -2.39 -8.80 15.63
C THR A 12 -3.86 -8.46 15.84
N ASN A 13 -4.75 -9.15 15.16
CA ASN A 13 -6.17 -8.99 15.40
C ASN A 13 -6.65 -10.16 16.22
N PRO A 14 -6.99 -9.94 17.50
CA PRO A 14 -7.37 -11.00 18.43
C PRO A 14 -8.71 -11.66 18.08
N ALA A 15 -9.57 -10.90 17.40
CA ALA A 15 -10.87 -11.40 17.00
C ALA A 15 -10.71 -12.57 16.04
N THR A 16 -9.77 -12.44 15.16
CA THR A 16 -9.45 -13.51 14.25
C THR A 16 -8.42 -14.45 14.90
N GLY A 17 -7.45 -13.88 15.59
CA GLY A 17 -6.38 -14.67 16.16
C GLY A 17 -5.29 -14.88 15.15
N HIS A 18 -5.43 -14.19 14.04
CA HIS A 18 -4.52 -14.28 12.95
C HIS A 18 -3.72 -13.02 12.93
N LEU A 19 -2.45 -13.16 12.99
CA LEU A 19 -1.54 -12.05 12.85
C LEU A 19 -1.58 -11.64 11.38
N PHE A 20 -1.84 -10.40 11.10
CA PHE A 20 -1.92 -9.97 9.74
C PHE A 20 -0.58 -9.44 9.30
N ASP A 21 0.12 -10.22 8.53
CA ASP A 21 1.35 -9.74 7.96
C ASP A 21 1.34 -9.92 6.47
N LEU A 22 1.54 -8.84 5.81
CA LEU A 22 1.67 -8.85 4.39
C LEU A 22 3.13 -9.07 4.08
N THR A 23 3.57 -10.26 4.26
CA THR A 23 4.94 -10.64 4.07
C THR A 23 5.23 -11.00 2.63
N SER A 24 4.25 -11.50 1.93
CA SER A 24 4.41 -11.80 0.53
C SER A 24 4.30 -10.52 -0.30
N LEU A 25 3.86 -9.46 0.35
CA LEU A 25 3.70 -8.19 -0.28
C LEU A 25 4.98 -7.36 -0.17
N LYS A 26 5.79 -7.64 0.85
CA LYS A 26 7.04 -6.91 1.00
C LYS A 26 7.97 -7.54 0.00
N ARG A 27 8.18 -6.89 -1.09
CA ARG A 27 8.95 -7.50 -2.12
C ARG A 27 10.24 -6.78 -2.36
N GLU A 28 11.11 -7.47 -3.06
CA GLU A 28 12.48 -7.02 -3.32
C GLU A 28 12.55 -5.66 -4.01
N SER A 29 11.78 -5.47 -5.04
CA SER A 29 11.81 -4.23 -5.74
C SER A 29 10.57 -3.39 -5.41
N GLY A 30 9.40 -3.89 -5.78
CA GLY A 30 8.17 -3.16 -5.54
C GLY A 30 7.11 -3.62 -6.49
N TYR A 31 5.91 -3.10 -6.38
CA TYR A 31 4.85 -3.46 -7.27
C TYR A 31 4.33 -2.21 -7.96
N THR A 32 3.72 -2.39 -9.07
CA THR A 32 3.27 -1.27 -9.79
C THR A 32 1.96 -1.58 -10.42
N ILE A 33 1.22 -0.57 -10.50
CA ILE A 33 -0.02 -0.55 -11.13
C ILE A 33 -0.03 0.58 -12.13
N THR A 34 -0.90 0.52 -13.07
CA THR A 34 -0.89 1.50 -14.09
C THR A 34 -1.79 2.65 -13.74
N ASP A 35 -1.20 3.79 -13.67
CA ASP A 35 -1.90 5.00 -13.43
C ASP A 35 -2.18 5.61 -14.76
N SER A 36 -3.39 5.92 -15.02
CA SER A 36 -3.71 6.56 -16.24
C SER A 36 -3.69 8.06 -16.11
N HIS A 37 -3.54 8.53 -14.88
CA HIS A 37 -3.40 9.95 -14.61
C HIS A 37 -1.99 10.32 -15.00
N ASN A 38 -1.05 9.58 -14.46
CA ASN A 38 0.34 9.73 -14.79
C ASN A 38 0.76 8.53 -15.63
N ARG A 39 1.22 7.42 -14.98
CA ARG A 39 1.67 6.19 -15.69
C ARG A 39 1.99 5.03 -14.76
N LYS A 40 3.03 5.14 -13.98
CA LYS A 40 3.39 4.04 -13.10
C LYS A 40 3.17 4.43 -11.66
N ILE A 41 2.24 3.80 -11.01
CA ILE A 41 2.14 3.98 -9.60
C ILE A 41 3.07 2.95 -9.03
N GLU A 42 4.12 3.40 -8.45
CA GLU A 42 5.16 2.55 -7.95
C GLU A 42 5.02 2.46 -6.44
N LEU A 43 4.80 1.28 -5.92
CA LEU A 43 4.60 1.16 -4.49
C LEU A 43 5.22 -0.13 -4.01
N ASN A 44 5.73 -0.11 -2.84
CA ASN A 44 6.17 -1.31 -2.22
C ASN A 44 5.71 -1.24 -0.80
N VAL A 45 4.85 -2.14 -0.44
CA VAL A 45 4.26 -2.10 0.87
C VAL A 45 5.10 -2.85 1.87
N CYS A 46 5.35 -2.20 3.00
CA CYS A 46 6.10 -2.72 4.13
C CYS A 46 7.60 -2.76 3.89
N ALA A 47 8.03 -2.42 2.72
CA ALA A 47 9.43 -2.45 2.39
C ALA A 47 9.74 -1.32 1.45
N GLU A 48 10.99 -0.92 1.44
CA GLU A 48 11.47 0.20 0.62
C GLU A 48 11.22 -0.08 -0.87
N ALA A 49 10.66 0.88 -1.57
CA ALA A 49 10.41 0.73 -2.99
C ALA A 49 11.70 0.93 -3.73
N LYS A 50 12.34 -0.14 -4.06
CA LYS A 50 13.67 -0.10 -4.63
C LYS A 50 13.59 -0.20 -6.16
N SER A 51 12.40 -0.40 -6.65
CA SER A 51 12.12 -0.55 -8.05
C SER A 51 12.37 0.74 -8.84
N SER A 52 11.59 1.77 -8.60
CA SER A 52 11.76 3.03 -9.31
C SER A 52 12.03 4.18 -8.34
N CYS A 53 12.10 3.86 -7.08
CA CYS A 53 12.37 4.83 -6.05
C CYS A 53 13.74 4.47 -5.45
N ALA A 54 14.10 5.03 -4.30
CA ALA A 54 15.35 4.67 -3.69
C ALA A 54 15.16 3.85 -2.39
N ASN A 55 15.09 4.52 -1.25
CA ASN A 55 14.91 3.85 0.00
C ASN A 55 13.69 4.29 0.77
N GLY A 56 13.73 5.51 1.27
CA GLY A 56 12.68 6.05 2.15
C GLY A 56 11.33 6.30 1.48
N ALA A 57 11.24 5.99 0.23
CA ALA A 57 10.01 6.16 -0.49
C ALA A 57 9.37 4.81 -0.68
N ALA A 58 8.12 4.70 -0.29
CA ALA A 58 7.41 3.44 -0.43
C ALA A 58 6.34 3.57 -1.49
N VAL A 59 5.84 4.77 -1.66
CA VAL A 59 4.85 5.05 -2.68
C VAL A 59 5.34 6.20 -3.52
N CYS A 60 5.55 5.94 -4.77
CA CYS A 60 6.00 6.92 -5.70
C CYS A 60 5.10 6.94 -6.91
N ILE A 61 4.75 8.09 -7.36
CA ILE A 61 4.04 8.20 -8.58
C ILE A 61 5.10 8.47 -9.61
N THR A 62 5.37 7.50 -10.40
CA THR A 62 6.46 7.55 -11.31
C THR A 62 5.95 7.67 -12.74
N ASP A 63 5.94 8.87 -13.25
CA ASP A 63 5.53 9.12 -14.61
C ASP A 63 6.76 9.22 -15.47
N GLY A 64 7.12 8.12 -16.08
CA GLY A 64 8.34 8.07 -16.83
C GLY A 64 9.52 8.17 -15.90
N PRO A 65 10.37 9.21 -16.06
CA PRO A 65 11.49 9.45 -15.16
C PRO A 65 11.12 10.38 -14.00
N LYS A 66 9.86 10.72 -13.88
CA LYS A 66 9.41 11.63 -12.85
C LYS A 66 8.97 10.82 -11.64
N THR A 67 9.40 11.20 -10.47
CA THR A 67 9.05 10.49 -9.28
C THR A 67 8.45 11.45 -8.24
N LEU A 68 7.19 11.24 -7.93
CA LEU A 68 6.48 12.02 -6.93
C LEU A 68 6.35 11.11 -5.70
N ASN A 69 6.93 11.51 -4.57
CA ASN A 69 6.86 10.67 -3.38
C ASN A 69 5.56 10.92 -2.65
N ALA A 70 4.59 10.08 -2.90
CA ALA A 70 3.28 10.24 -2.30
C ALA A 70 3.24 9.66 -0.90
N GLY A 71 4.06 8.66 -0.66
CA GLY A 71 4.08 8.02 0.63
C GLY A 71 5.46 7.59 1.05
N LYS A 72 5.85 8.00 2.23
CA LYS A 72 7.14 7.64 2.81
C LYS A 72 7.09 6.20 3.25
N LEU A 73 8.23 5.58 3.37
CA LEU A 73 8.30 4.21 3.82
C LEU A 73 7.79 4.09 5.25
N SER A 74 6.72 3.36 5.38
CA SER A 74 6.12 3.08 6.65
C SER A 74 6.01 1.57 6.76
N LYS A 75 6.64 1.02 7.76
CA LYS A 75 6.67 -0.42 7.92
C LYS A 75 5.81 -0.82 9.09
N THR A 76 4.53 -0.59 8.95
CA THR A 76 3.57 -0.92 9.96
C THR A 76 2.24 -1.22 9.30
N LEU A 77 1.44 -2.02 9.95
CA LEU A 77 0.14 -2.42 9.51
C LEU A 77 -0.78 -2.26 10.67
N THR A 78 -2.02 -1.95 10.42
CA THR A 78 -2.95 -1.73 11.47
C THR A 78 -4.34 -2.15 11.02
N TYR A 79 -5.15 -2.64 11.92
CA TYR A 79 -6.48 -3.03 11.58
C TYR A 79 -7.44 -1.94 12.02
N GLU A 80 -8.14 -1.41 11.08
CA GLU A 80 -9.07 -0.34 11.32
C GLU A 80 -10.29 -0.64 10.48
N ASP A 81 -11.48 -0.41 11.04
CA ASP A 81 -12.75 -0.70 10.34
C ASP A 81 -12.89 -2.20 10.11
N GLN A 82 -12.09 -2.98 10.88
CA GLN A 82 -11.98 -4.44 10.76
C GLN A 82 -11.40 -4.85 9.40
N VAL A 83 -10.63 -3.94 8.83
CA VAL A 83 -9.94 -4.14 7.57
C VAL A 83 -8.47 -3.88 7.86
N LEU A 84 -7.58 -4.48 7.09
CA LEU A 84 -6.18 -4.24 7.29
C LEU A 84 -5.83 -2.95 6.57
N LYS A 85 -5.43 -1.98 7.30
CA LYS A 85 -5.20 -0.68 6.71
C LYS A 85 -3.79 -0.17 6.93
N LEU A 86 -3.40 0.76 6.10
CA LEU A 86 -2.12 1.42 6.18
C LEU A 86 -2.29 2.78 5.49
N VAL A 87 -1.67 3.81 6.02
CA VAL A 87 -1.75 5.14 5.45
C VAL A 87 -0.36 5.67 5.06
N TYR A 88 -0.08 5.60 3.77
CA TYR A 88 1.19 6.09 3.25
C TYR A 88 1.06 7.55 2.88
N GLU A 89 1.87 8.37 3.49
CA GLU A 89 1.86 9.80 3.28
C GLU A 89 3.26 10.34 3.45
N ASP A 90 3.42 11.64 3.26
CA ASP A 90 4.66 12.40 3.53
C ASP A 90 5.72 12.24 2.45
N GLY A 91 6.06 13.34 1.85
CA GLY A 91 7.09 13.37 0.85
C GLY A 91 6.88 14.56 -0.03
N ASP A 92 6.14 14.36 -1.06
CA ASP A 92 5.80 15.41 -1.97
C ASP A 92 4.29 15.51 -2.00
N PRO A 93 3.75 16.72 -2.17
CA PRO A 93 2.33 16.91 -2.33
C PRO A 93 1.95 16.84 -3.81
N CYS A 94 0.70 17.09 -4.12
CA CYS A 94 0.22 17.03 -5.48
C CYS A 94 0.69 18.26 -6.25
N PRO A 95 0.80 18.16 -7.59
CA PRO A 95 1.13 19.32 -8.42
C PRO A 95 0.02 20.37 -8.39
N THR A 96 -1.20 19.88 -8.34
CA THR A 96 -2.39 20.68 -8.29
C THR A 96 -2.42 21.47 -6.97
N ASP A 97 -2.31 20.73 -5.90
CA ASP A 97 -2.39 21.28 -4.57
C ASP A 97 -1.21 20.85 -3.76
N LEU A 98 -0.31 21.75 -3.56
CA LEU A 98 0.88 21.52 -2.78
C LEU A 98 0.60 22.02 -1.38
N LYS A 99 -0.49 22.74 -1.29
CA LYS A 99 -0.91 23.45 -0.11
C LYS A 99 -1.32 22.52 1.02
N MET A 100 -1.58 21.27 0.71
CA MET A 100 -2.03 20.33 1.67
C MET A 100 -1.86 18.96 1.07
N LYS A 101 -1.63 18.06 1.90
CA LYS A 101 -1.55 16.65 1.58
C LYS A 101 -2.36 15.85 2.58
N HIS A 102 -2.77 14.66 2.23
CA HIS A 102 -3.40 13.79 3.23
C HIS A 102 -2.60 12.53 3.38
N LYS A 103 -2.99 11.48 2.68
CA LYS A 103 -2.32 10.22 2.66
C LYS A 103 -2.98 9.37 1.62
N SER A 104 -2.36 8.31 1.30
CA SER A 104 -2.93 7.34 0.45
C SER A 104 -3.38 6.19 1.35
N TYR A 105 -4.65 5.92 1.33
CA TYR A 105 -5.25 4.91 2.15
C TYR A 105 -5.12 3.56 1.48
N PHE A 106 -4.53 2.65 2.17
CA PHE A 106 -4.39 1.30 1.71
C PHE A 106 -5.32 0.44 2.51
N SER A 107 -6.32 -0.05 1.84
CA SER A 107 -7.31 -0.86 2.43
C SER A 107 -7.12 -2.30 1.96
N PHE A 108 -6.52 -3.10 2.80
CA PHE A 108 -6.24 -4.48 2.51
C PHE A 108 -7.39 -5.31 2.99
N VAL A 109 -8.14 -5.77 2.05
CA VAL A 109 -9.33 -6.51 2.31
C VAL A 109 -9.24 -7.89 1.68
N CYS A 110 -9.47 -8.90 2.49
CA CYS A 110 -9.46 -10.25 2.02
C CYS A 110 -10.63 -10.56 1.12
N LYS A 111 -10.34 -11.05 -0.04
CA LYS A 111 -11.31 -11.43 -0.99
C LYS A 111 -10.81 -12.72 -1.58
N SER A 112 -11.64 -13.74 -1.58
CA SER A 112 -11.25 -15.05 -2.08
C SER A 112 -10.89 -14.98 -3.56
N ASP A 113 -11.57 -14.08 -4.29
CA ASP A 113 -11.22 -13.80 -5.69
C ASP A 113 -9.83 -13.26 -5.77
N ALA A 114 -9.64 -12.11 -5.11
CA ALA A 114 -8.36 -11.39 -4.99
C ALA A 114 -7.88 -10.77 -6.31
N GLY A 115 -8.07 -11.49 -7.38
CA GLY A 115 -7.72 -11.02 -8.66
C GLY A 115 -6.37 -11.54 -9.08
N ASP A 116 -6.36 -12.70 -9.78
CA ASP A 116 -5.13 -13.36 -10.30
C ASP A 116 -4.30 -14.00 -9.18
N ASP A 117 -3.92 -13.21 -8.25
CA ASP A 117 -3.19 -13.62 -7.06
C ASP A 117 -3.79 -12.89 -5.93
N SER A 118 -3.72 -11.60 -6.07
CA SER A 118 -4.26 -10.61 -5.20
C SER A 118 -3.77 -9.30 -5.77
N GLN A 119 -4.66 -8.46 -6.19
CA GLN A 119 -4.23 -7.27 -6.87
C GLN A 119 -4.63 -5.98 -6.15
N PRO A 120 -3.88 -4.88 -6.43
CA PRO A 120 -4.18 -3.58 -5.90
C PRO A 120 -5.22 -2.89 -6.76
N VAL A 121 -6.44 -2.87 -6.30
CA VAL A 121 -7.47 -2.20 -7.01
C VAL A 121 -7.58 -0.81 -6.45
N PHE A 122 -7.10 0.14 -7.19
CA PHE A 122 -7.17 1.48 -6.75
C PHE A 122 -8.46 2.08 -7.19
N LEU A 123 -9.10 2.78 -6.31
CA LEU A 123 -10.33 3.46 -6.61
C LEU A 123 -9.98 4.60 -7.51
N SER A 124 -9.06 5.42 -7.04
CA SER A 124 -8.51 6.52 -7.78
C SER A 124 -7.41 7.18 -6.98
N PHE A 125 -6.50 7.81 -7.69
CA PHE A 125 -5.52 8.66 -7.08
C PHE A 125 -6.09 10.04 -7.21
N ASP A 126 -6.36 10.69 -6.12
CA ASP A 126 -6.94 12.01 -6.18
C ASP A 126 -5.86 13.02 -5.98
N GLU A 127 -5.47 13.66 -7.05
CA GLU A 127 -4.42 14.66 -7.01
C GLU A 127 -4.98 16.04 -6.70
N GLN A 128 -6.26 16.10 -6.43
CA GLN A 128 -6.91 17.35 -6.14
C GLN A 128 -6.92 17.58 -4.63
N THR A 129 -7.02 16.50 -3.87
CA THR A 129 -7.00 16.59 -2.44
C THR A 129 -5.84 15.75 -1.83
N CYS A 130 -5.00 15.19 -2.72
CA CYS A 130 -3.85 14.35 -2.30
C CYS A 130 -4.30 13.21 -1.41
N THR A 131 -5.22 12.44 -1.92
CA THR A 131 -5.75 11.33 -1.20
C THR A 131 -6.00 10.21 -2.18
N SER A 132 -5.34 9.13 -1.97
CA SER A 132 -5.44 8.05 -2.87
C SER A 132 -6.11 6.90 -2.17
N TYR A 133 -6.91 6.15 -2.87
CA TYR A 133 -7.53 4.99 -2.29
C TYR A 133 -7.05 3.76 -3.02
N PHE A 134 -6.28 2.96 -2.33
CA PHE A 134 -5.78 1.72 -2.87
C PHE A 134 -6.37 0.59 -2.07
N SER A 135 -7.10 -0.26 -2.69
CA SER A 135 -7.65 -1.36 -1.98
C SER A 135 -7.13 -2.66 -2.57
N TRP A 136 -6.33 -3.35 -1.81
CA TRP A 136 -5.73 -4.55 -2.26
C TRP A 136 -6.55 -5.70 -1.74
N HIS A 137 -7.05 -6.50 -2.63
CA HIS A 137 -7.80 -7.67 -2.29
C HIS A 137 -6.82 -8.79 -2.08
N THR A 138 -6.42 -9.00 -0.85
CA THR A 138 -5.40 -9.98 -0.53
C THR A 138 -5.91 -11.02 0.43
N SER A 139 -5.47 -12.23 0.24
CA SER A 139 -5.86 -13.33 1.06
C SER A 139 -5.07 -13.35 2.39
N LEU A 140 -4.08 -12.47 2.51
CA LEU A 140 -3.27 -12.36 3.72
C LEU A 140 -3.91 -11.35 4.68
N ALA A 141 -4.98 -10.72 4.23
CA ALA A 141 -5.65 -9.66 4.98
C ALA A 141 -6.49 -10.15 6.15
N CYS A 142 -7.11 -11.31 6.02
CA CYS A 142 -7.89 -11.86 7.10
C CYS A 142 -7.77 -13.37 7.04
N GLU A 143 -8.49 -14.10 7.89
CA GLU A 143 -8.38 -15.56 7.89
C GLU A 143 -9.23 -16.09 6.76
N GLU A 144 -10.28 -15.33 6.47
CA GLU A 144 -11.23 -15.59 5.42
C GLU A 144 -12.22 -16.68 5.75
N GLU A 145 -13.17 -16.79 4.87
CA GLU A 145 -14.20 -17.76 4.90
C GLU A 145 -14.45 -18.11 3.46
N VAL A 146 -13.88 -19.19 3.04
CA VAL A 146 -13.94 -19.57 1.66
C VAL A 146 -15.01 -20.62 1.44
N PRO A 147 -16.07 -20.25 0.74
CA PRO A 147 -17.21 -21.15 0.39
C PRO A 147 -16.83 -22.22 -0.66
N ARG A 148 -15.59 -22.66 -0.66
CA ARG A 148 -15.12 -23.63 -1.60
C ARG A 148 -14.52 -24.78 -0.82
N MET A 1 0.28 -18.21 3.62
CA MET A 1 0.06 -16.84 3.16
C MET A 1 1.26 -15.97 3.53
N LYS A 2 2.44 -16.54 3.66
CA LYS A 2 3.61 -15.76 4.02
C LYS A 2 4.75 -16.07 3.07
N SER A 3 5.62 -15.10 2.85
CA SER A 3 6.74 -15.29 1.94
C SER A 3 8.04 -14.63 2.43
N ASN A 4 8.16 -13.33 2.23
CA ASN A 4 9.40 -12.62 2.52
C ASN A 4 9.31 -11.80 3.76
N VAL A 5 10.13 -12.11 4.70
CA VAL A 5 10.18 -11.40 5.94
C VAL A 5 11.27 -10.32 5.90
N GLN A 6 10.84 -9.10 5.70
CA GLN A 6 11.76 -7.97 5.67
C GLN A 6 12.22 -7.61 7.07
N ASN A 7 11.32 -6.99 7.82
CA ASN A 7 11.65 -6.56 9.16
C ASN A 7 10.43 -6.74 10.02
N ASP A 8 9.38 -5.99 9.69
CA ASP A 8 8.13 -6.08 10.44
C ASP A 8 6.93 -5.83 9.53
N CYS A 9 6.23 -4.68 9.70
CA CYS A 9 4.98 -4.37 9.00
C CYS A 9 4.06 -5.58 8.98
N ARG A 10 3.51 -5.84 10.12
CA ARG A 10 2.63 -6.94 10.37
C ARG A 10 1.89 -6.61 11.63
N VAL A 11 0.64 -6.96 11.72
CA VAL A 11 -0.14 -6.57 12.86
C VAL A 11 -1.00 -7.72 13.36
N THR A 12 -1.00 -7.91 14.63
CA THR A 12 -1.77 -8.94 15.24
C THR A 12 -3.10 -8.35 15.70
N ASN A 13 -4.18 -8.71 15.03
CA ASN A 13 -5.50 -8.22 15.41
C ASN A 13 -6.07 -9.14 16.49
N PRO A 14 -6.25 -8.65 17.72
CA PRO A 14 -6.75 -9.46 18.83
C PRO A 14 -8.23 -9.82 18.67
N ALA A 15 -8.97 -8.99 17.96
CA ALA A 15 -10.40 -9.22 17.77
C ALA A 15 -10.61 -10.39 16.84
N THR A 16 -9.79 -10.47 15.83
CA THR A 16 -9.87 -11.53 14.89
C THR A 16 -9.09 -12.75 15.40
N GLY A 17 -7.91 -12.49 15.94
CA GLY A 17 -7.05 -13.57 16.39
C GLY A 17 -6.12 -13.98 15.28
N HIS A 18 -6.15 -13.20 14.23
CA HIS A 18 -5.38 -13.46 13.05
C HIS A 18 -4.30 -12.40 12.96
N LEU A 19 -3.10 -12.83 12.74
CA LEU A 19 -1.99 -11.92 12.56
C LEU A 19 -1.94 -11.60 11.09
N PHE A 20 -2.10 -10.35 10.75
CA PHE A 20 -2.11 -9.95 9.37
C PHE A 20 -0.73 -9.55 8.99
N ASP A 21 -0.22 -10.17 7.99
CA ASP A 21 1.12 -9.94 7.55
C ASP A 21 1.24 -10.11 6.06
N LEU A 22 1.66 -9.07 5.41
CA LEU A 22 1.79 -9.02 3.97
C LEU A 22 3.20 -9.43 3.52
N THR A 23 3.71 -10.54 4.01
CA THR A 23 5.05 -11.01 3.65
C THR A 23 5.17 -11.43 2.18
N SER A 24 4.10 -11.85 1.57
CA SER A 24 4.13 -12.23 0.16
C SER A 24 4.08 -10.98 -0.74
N LEU A 25 3.91 -9.82 -0.13
CA LEU A 25 3.83 -8.59 -0.85
C LEU A 25 5.10 -7.76 -0.59
N LYS A 26 5.51 -7.68 0.68
CA LYS A 26 6.71 -6.92 1.06
C LYS A 26 7.96 -7.51 0.41
N ARG A 27 8.49 -6.81 -0.53
CA ARG A 27 9.64 -7.29 -1.20
C ARG A 27 10.68 -6.22 -1.37
N GLU A 28 11.80 -6.62 -1.87
CA GLU A 28 13.00 -5.80 -2.01
C GLU A 28 12.85 -4.70 -3.06
N SER A 29 12.11 -4.99 -4.09
CA SER A 29 11.96 -4.11 -5.20
C SER A 29 10.78 -3.13 -5.03
N GLY A 30 9.59 -3.65 -5.16
CA GLY A 30 8.39 -2.88 -5.06
C GLY A 30 7.26 -3.61 -5.72
N TYR A 31 6.13 -2.99 -5.82
CA TYR A 31 4.99 -3.59 -6.45
C TYR A 31 4.39 -2.55 -7.38
N THR A 32 3.99 -2.99 -8.53
CA THR A 32 3.47 -2.08 -9.49
C THR A 32 2.00 -2.31 -9.77
N ILE A 33 1.35 -1.23 -10.00
CA ILE A 33 0.03 -1.20 -10.49
C ILE A 33 0.08 -0.19 -11.61
N THR A 34 -1.00 0.02 -12.27
CA THR A 34 -0.97 0.95 -13.35
C THR A 34 -1.70 2.21 -12.93
N ASP A 35 -1.14 3.35 -13.28
CA ASP A 35 -1.74 4.65 -13.00
C ASP A 35 -2.95 4.84 -13.90
N SER A 36 -3.68 5.93 -13.72
CA SER A 36 -4.91 6.26 -14.44
C SER A 36 -4.80 5.91 -15.93
N HIS A 37 -3.76 6.41 -16.57
CA HIS A 37 -3.50 6.09 -17.97
C HIS A 37 -2.11 6.55 -18.38
N ASN A 38 -1.33 7.04 -17.43
CA ASN A 38 -0.07 7.65 -17.82
C ASN A 38 1.13 6.97 -17.19
N ARG A 39 1.16 7.01 -15.90
CA ARG A 39 2.34 6.61 -15.14
C ARG A 39 2.27 5.15 -14.67
N LYS A 40 3.25 4.76 -13.89
CA LYS A 40 3.25 3.48 -13.22
C LYS A 40 3.11 3.73 -11.75
N ILE A 41 2.35 2.93 -11.09
CA ILE A 41 2.24 3.09 -9.67
C ILE A 41 3.21 2.12 -9.02
N GLU A 42 4.35 2.65 -8.69
CA GLU A 42 5.39 1.88 -8.05
C GLU A 42 5.25 2.09 -6.56
N LEU A 43 4.72 1.13 -5.90
CA LEU A 43 4.55 1.22 -4.48
C LEU A 43 4.97 -0.03 -3.80
N ASN A 44 5.63 0.10 -2.73
CA ASN A 44 6.05 -1.05 -2.01
C ASN A 44 5.45 -1.00 -0.65
N VAL A 45 4.79 -2.05 -0.30
CA VAL A 45 4.04 -2.11 0.92
C VAL A 45 4.77 -2.98 1.91
N CYS A 46 4.93 -2.46 3.14
CA CYS A 46 5.59 -3.16 4.24
C CYS A 46 7.09 -3.22 4.10
N ALA A 47 7.58 -2.63 3.05
CA ALA A 47 8.96 -2.57 2.75
C ALA A 47 9.14 -1.34 1.90
N GLU A 48 10.30 -0.79 1.91
CA GLU A 48 10.58 0.43 1.19
C GLU A 48 10.84 0.15 -0.29
N ALA A 49 10.37 1.04 -1.15
CA ALA A 49 10.51 0.85 -2.58
C ALA A 49 11.90 1.23 -3.02
N LYS A 50 12.56 0.33 -3.70
CA LYS A 50 13.93 0.52 -4.07
C LYS A 50 14.10 0.66 -5.58
N SER A 51 13.11 0.21 -6.33
CA SER A 51 13.20 0.22 -7.79
C SER A 51 13.11 1.63 -8.38
N SER A 52 11.90 2.16 -8.51
CA SER A 52 11.74 3.48 -9.09
C SER A 52 11.93 4.57 -8.04
N CYS A 53 11.72 4.20 -6.80
CA CYS A 53 11.88 5.14 -5.71
C CYS A 53 13.30 4.98 -5.20
N ALA A 54 13.75 5.89 -4.35
CA ALA A 54 15.11 5.76 -3.85
C ALA A 54 15.21 4.87 -2.64
N ASN A 55 15.01 5.45 -1.49
CA ASN A 55 15.25 4.79 -0.28
C ASN A 55 14.03 4.70 0.63
N GLY A 56 13.56 5.83 1.10
CA GLY A 56 12.55 5.85 2.12
C GLY A 56 11.16 6.11 1.61
N ALA A 57 11.00 6.09 0.33
CA ALA A 57 9.69 6.29 -0.28
C ALA A 57 8.97 4.96 -0.40
N ALA A 58 7.66 4.98 -0.28
CA ALA A 58 6.88 3.77 -0.37
C ALA A 58 6.01 3.80 -1.59
N VAL A 59 5.25 4.86 -1.76
CA VAL A 59 4.35 4.97 -2.88
C VAL A 59 4.84 6.04 -3.83
N CYS A 60 5.19 5.65 -5.01
CA CYS A 60 5.64 6.58 -6.00
C CYS A 60 4.83 6.43 -7.26
N ILE A 61 4.05 7.42 -7.57
CA ILE A 61 3.34 7.44 -8.82
C ILE A 61 4.40 7.90 -9.82
N THR A 62 5.01 6.96 -10.47
CA THR A 62 6.17 7.22 -11.25
C THR A 62 5.84 7.35 -12.73
N ASP A 63 5.96 8.56 -13.23
CA ASP A 63 5.78 8.84 -14.63
C ASP A 63 7.12 8.82 -15.32
N GLY A 64 7.39 7.71 -15.96
CA GLY A 64 8.65 7.53 -16.61
C GLY A 64 9.74 7.33 -15.57
N PRO A 65 10.76 8.17 -15.55
CA PRO A 65 11.79 8.13 -14.54
C PRO A 65 11.48 9.03 -13.34
N LYS A 66 10.44 9.84 -13.46
CA LYS A 66 10.10 10.78 -12.42
C LYS A 66 9.09 10.18 -11.46
N THR A 67 9.37 10.27 -10.21
CA THR A 67 8.47 9.77 -9.23
C THR A 67 7.59 10.90 -8.67
N LEU A 68 6.45 10.52 -8.20
CA LEU A 68 5.58 11.37 -7.43
C LEU A 68 5.30 10.63 -6.15
N ASN A 69 6.06 10.97 -5.13
CA ASN A 69 5.95 10.27 -3.86
C ASN A 69 4.71 10.71 -3.12
N ALA A 70 3.81 9.80 -2.91
CA ALA A 70 2.56 10.08 -2.23
C ALA A 70 2.68 9.76 -0.75
N GLY A 71 3.62 8.92 -0.42
CA GLY A 71 3.78 8.53 0.94
C GLY A 71 5.07 7.79 1.15
N LYS A 72 5.79 8.19 2.18
CA LYS A 72 7.04 7.59 2.49
C LYS A 72 6.81 6.29 3.26
N LEU A 73 7.84 5.49 3.35
CA LEU A 73 7.74 4.21 3.96
C LEU A 73 7.61 4.30 5.48
N SER A 74 6.49 3.84 5.93
CA SER A 74 6.21 3.67 7.31
C SER A 74 5.98 2.17 7.46
N LYS A 75 6.90 1.47 8.07
CA LYS A 75 6.88 0.00 8.12
C LYS A 75 6.01 -0.52 9.28
N THR A 76 4.88 0.08 9.38
CA THR A 76 3.90 -0.27 10.34
C THR A 76 2.71 -0.81 9.56
N LEU A 77 1.91 -1.64 10.15
CA LEU A 77 0.74 -2.19 9.53
C LEU A 77 -0.35 -2.13 10.55
N THR A 78 -1.57 -1.85 10.15
CA THR A 78 -2.61 -1.74 11.13
C THR A 78 -3.96 -2.18 10.57
N TYR A 79 -4.96 -2.19 11.42
CA TYR A 79 -6.28 -2.67 11.09
C TYR A 79 -7.30 -1.72 11.66
N GLU A 80 -8.43 -1.68 11.06
CA GLU A 80 -9.53 -0.88 11.53
C GLU A 80 -10.76 -1.51 10.94
N ASP A 81 -11.70 -1.93 11.79
CA ASP A 81 -12.96 -2.61 11.34
C ASP A 81 -12.65 -4.00 10.82
N GLN A 82 -11.55 -4.58 11.29
CA GLN A 82 -11.02 -5.88 10.86
C GLN A 82 -10.41 -5.87 9.45
N VAL A 83 -10.66 -4.82 8.68
CA VAL A 83 -10.03 -4.69 7.38
C VAL A 83 -8.63 -4.13 7.60
N LEU A 84 -7.69 -4.56 6.80
CA LEU A 84 -6.30 -4.19 7.00
C LEU A 84 -6.07 -2.82 6.39
N LYS A 85 -5.41 -1.95 7.09
CA LYS A 85 -5.22 -0.61 6.61
C LYS A 85 -3.81 -0.11 6.76
N LEU A 86 -3.45 0.72 5.81
CA LEU A 86 -2.21 1.43 5.77
C LEU A 86 -2.43 2.82 5.27
N VAL A 87 -1.68 3.73 5.79
CA VAL A 87 -1.69 5.09 5.38
C VAL A 87 -0.26 5.56 5.16
N TYR A 88 0.17 5.56 3.92
CA TYR A 88 1.49 6.06 3.65
C TYR A 88 1.39 7.55 3.41
N GLU A 89 2.10 8.31 4.20
CA GLU A 89 2.00 9.75 4.17
C GLU A 89 3.35 10.41 4.05
N ASP A 90 3.32 11.73 3.85
CA ASP A 90 4.51 12.60 3.64
C ASP A 90 5.32 12.18 2.45
N GLY A 91 5.17 12.92 1.40
CA GLY A 91 5.88 12.66 0.19
C GLY A 91 6.18 13.96 -0.49
N ASP A 92 5.72 14.10 -1.69
CA ASP A 92 5.88 15.31 -2.44
C ASP A 92 4.75 16.27 -2.09
N PRO A 93 5.07 17.39 -1.41
CA PRO A 93 4.07 18.37 -0.99
C PRO A 93 3.51 19.13 -2.16
N CYS A 94 2.31 19.56 -2.04
CA CYS A 94 1.63 20.25 -3.10
C CYS A 94 0.94 21.47 -2.54
N PRO A 95 0.80 22.57 -3.33
CA PRO A 95 0.17 23.83 -2.88
C PRO A 95 -1.34 23.67 -2.64
N THR A 96 -1.85 22.55 -3.05
CA THR A 96 -3.18 22.17 -2.88
C THR A 96 -3.41 21.58 -1.48
N ASP A 97 -2.45 20.80 -1.04
CA ASP A 97 -2.51 20.18 0.26
C ASP A 97 -1.21 20.49 1.00
N LEU A 98 -1.08 21.75 1.34
CA LEU A 98 0.08 22.23 2.02
C LEU A 98 -0.16 22.31 3.51
N LYS A 99 -1.39 22.61 3.87
CA LYS A 99 -1.76 22.84 5.26
C LYS A 99 -2.74 21.82 5.76
N MET A 100 -2.79 20.70 5.09
CA MET A 100 -3.60 19.63 5.47
C MET A 100 -2.68 18.43 5.45
N LYS A 101 -3.21 17.27 5.47
CA LYS A 101 -2.42 16.07 5.53
C LYS A 101 -2.87 15.09 4.45
N HIS A 102 -1.98 14.77 3.55
CA HIS A 102 -2.32 13.80 2.53
C HIS A 102 -1.71 12.46 2.81
N LYS A 103 -2.52 11.45 2.72
CA LYS A 103 -2.15 10.09 2.99
C LYS A 103 -2.55 9.24 1.81
N SER A 104 -1.97 8.11 1.69
CA SER A 104 -2.41 7.16 0.74
C SER A 104 -3.07 6.02 1.48
N TYR A 105 -4.37 5.87 1.28
CA TYR A 105 -5.16 4.87 1.96
C TYR A 105 -5.09 3.54 1.28
N PHE A 106 -4.56 2.60 1.98
CA PHE A 106 -4.52 1.25 1.53
C PHE A 106 -5.49 0.44 2.34
N SER A 107 -6.55 0.05 1.70
CA SER A 107 -7.54 -0.77 2.34
C SER A 107 -7.38 -2.20 1.83
N PHE A 108 -6.81 -3.03 2.64
CA PHE A 108 -6.55 -4.40 2.27
C PHE A 108 -7.75 -5.23 2.68
N VAL A 109 -8.48 -5.66 1.69
CA VAL A 109 -9.70 -6.39 1.87
C VAL A 109 -9.51 -7.88 1.54
N CYS A 110 -10.08 -8.71 2.40
CA CYS A 110 -10.09 -10.16 2.32
C CYS A 110 -10.50 -10.66 0.92
N LYS A 111 -9.54 -11.21 0.21
CA LYS A 111 -9.83 -11.89 -1.03
C LYS A 111 -8.99 -13.14 -1.11
N SER A 112 -9.57 -14.26 -0.73
CA SER A 112 -8.86 -15.53 -0.71
C SER A 112 -8.49 -15.95 -2.14
N ASP A 113 -9.25 -15.46 -3.10
CA ASP A 113 -9.06 -15.74 -4.52
C ASP A 113 -7.77 -15.11 -5.05
N ALA A 114 -7.24 -14.13 -4.32
CA ALA A 114 -6.03 -13.43 -4.74
C ALA A 114 -4.77 -14.22 -4.42
N GLY A 115 -4.93 -15.33 -3.70
CA GLY A 115 -3.83 -16.20 -3.38
C GLY A 115 -2.73 -15.49 -2.62
N ASP A 116 -1.54 -15.58 -3.15
CA ASP A 116 -0.39 -14.91 -2.57
C ASP A 116 0.12 -13.86 -3.55
N ASP A 117 -0.64 -13.70 -4.63
CA ASP A 117 -0.32 -12.72 -5.67
C ASP A 117 -0.56 -11.34 -5.13
N SER A 118 -1.79 -11.16 -4.61
CA SER A 118 -2.20 -9.93 -3.94
C SER A 118 -2.27 -8.74 -4.95
N GLN A 119 -3.47 -8.35 -5.36
CA GLN A 119 -3.61 -7.30 -6.38
C GLN A 119 -4.45 -6.10 -5.92
N PRO A 120 -4.00 -4.88 -6.23
CA PRO A 120 -4.66 -3.66 -5.85
C PRO A 120 -5.55 -3.07 -6.95
N VAL A 121 -6.62 -2.47 -6.52
CA VAL A 121 -7.54 -1.77 -7.37
C VAL A 121 -7.57 -0.34 -6.85
N PHE A 122 -7.22 0.61 -7.67
CA PHE A 122 -7.23 1.97 -7.19
C PHE A 122 -8.61 2.55 -7.32
N LEU A 123 -8.97 3.37 -6.38
CA LEU A 123 -10.22 4.10 -6.44
C LEU A 123 -9.98 5.25 -7.37
N SER A 124 -9.09 6.10 -6.92
CA SER A 124 -8.67 7.26 -7.63
C SER A 124 -7.52 7.91 -6.87
N PHE A 125 -6.75 8.66 -7.59
CA PHE A 125 -5.74 9.47 -7.02
C PHE A 125 -6.29 10.87 -7.04
N ASP A 126 -6.49 11.45 -5.91
CA ASP A 126 -7.02 12.78 -5.88
C ASP A 126 -5.89 13.73 -5.81
N GLU A 127 -5.71 14.49 -6.85
CA GLU A 127 -4.60 15.41 -6.92
C GLU A 127 -4.95 16.76 -6.30
N GLN A 128 -6.20 16.94 -5.92
CA GLN A 128 -6.61 18.17 -5.29
C GLN A 128 -6.13 18.19 -3.85
N THR A 129 -6.37 17.12 -3.14
CA THR A 129 -5.90 17.01 -1.77
C THR A 129 -4.70 16.06 -1.70
N CYS A 130 -4.21 15.65 -2.88
CA CYS A 130 -3.01 14.79 -3.03
C CYS A 130 -3.11 13.48 -2.23
N THR A 131 -4.32 12.99 -2.08
CA THR A 131 -4.61 11.82 -1.30
C THR A 131 -4.91 10.65 -2.25
N SER A 132 -4.41 9.48 -1.94
CA SER A 132 -4.56 8.34 -2.79
C SER A 132 -5.49 7.31 -2.14
N TYR A 133 -6.31 6.64 -2.93
CA TYR A 133 -7.21 5.61 -2.41
C TYR A 133 -6.96 4.29 -3.15
N PHE A 134 -6.52 3.27 -2.44
CA PHE A 134 -6.27 1.97 -3.03
C PHE A 134 -6.95 0.86 -2.24
N SER A 135 -7.70 0.04 -2.92
CA SER A 135 -8.33 -1.11 -2.31
C SER A 135 -7.55 -2.33 -2.77
N TRP A 136 -6.98 -3.03 -1.84
CA TRP A 136 -6.12 -4.11 -2.18
C TRP A 136 -6.78 -5.41 -1.79
N HIS A 137 -7.03 -6.22 -2.77
CA HIS A 137 -7.68 -7.49 -2.56
C HIS A 137 -6.62 -8.55 -2.36
N THR A 138 -6.48 -9.00 -1.15
CA THR A 138 -5.47 -9.97 -0.83
C THR A 138 -5.94 -10.92 0.27
N SER A 139 -5.42 -12.12 0.27
CA SER A 139 -5.72 -13.12 1.29
C SER A 139 -5.01 -12.74 2.60
N LEU A 140 -3.91 -12.03 2.46
CA LEU A 140 -3.03 -11.67 3.58
C LEU A 140 -3.57 -10.42 4.30
N ALA A 141 -4.71 -9.96 3.86
CA ALA A 141 -5.31 -8.75 4.36
C ALA A 141 -6.01 -8.94 5.67
N CYS A 142 -7.04 -9.71 5.65
CA CYS A 142 -7.86 -9.87 6.79
C CYS A 142 -8.43 -11.26 6.82
N GLU A 143 -9.25 -11.54 7.79
CA GLU A 143 -9.86 -12.83 7.87
C GLU A 143 -11.35 -12.70 7.62
N GLU A 144 -11.97 -11.69 8.23
CA GLU A 144 -13.39 -11.46 8.05
C GLU A 144 -13.71 -10.01 7.75
N GLU A 145 -13.89 -9.73 6.49
CA GLU A 145 -14.32 -8.43 6.05
C GLU A 145 -14.99 -8.69 4.73
N VAL A 146 -16.26 -8.90 4.80
CA VAL A 146 -17.04 -9.26 3.67
C VAL A 146 -17.63 -8.01 3.06
N PRO A 147 -17.28 -7.72 1.81
CA PRO A 147 -17.80 -6.57 1.02
C PRO A 147 -19.30 -6.73 0.65
N ARG A 148 -20.06 -7.32 1.55
CA ARG A 148 -21.47 -7.56 1.39
C ARG A 148 -22.11 -7.41 2.76
N MET A 1 1.01 -19.17 2.35
CA MET A 1 1.32 -18.34 3.51
C MET A 1 1.97 -17.02 3.15
N LYS A 2 3.28 -16.98 3.01
CA LYS A 2 3.94 -15.70 2.84
C LYS A 2 5.25 -15.77 2.08
N SER A 3 5.67 -14.63 1.56
CA SER A 3 6.93 -14.53 0.88
C SER A 3 8.09 -14.34 1.88
N ASN A 4 8.21 -13.15 2.48
CA ASN A 4 9.35 -12.90 3.36
C ASN A 4 9.10 -11.76 4.32
N VAL A 5 9.63 -11.91 5.52
CA VAL A 5 9.50 -10.93 6.58
C VAL A 5 10.65 -9.92 6.47
N GLN A 6 10.40 -8.72 6.94
CA GLN A 6 11.42 -7.67 6.96
C GLN A 6 11.84 -7.41 8.40
N ASN A 7 10.90 -6.89 9.18
CA ASN A 7 11.14 -6.61 10.58
C ASN A 7 9.82 -6.41 11.31
N ASP A 8 8.96 -5.62 10.72
CA ASP A 8 7.70 -5.31 11.31
C ASP A 8 6.63 -5.48 10.24
N CYS A 9 5.46 -4.91 10.45
CA CYS A 9 4.30 -5.11 9.60
C CYS A 9 3.78 -6.51 9.79
N ARG A 10 3.12 -6.68 10.90
CA ARG A 10 2.49 -7.90 11.30
C ARG A 10 1.69 -7.58 12.54
N VAL A 11 0.42 -7.88 12.52
CA VAL A 11 -0.44 -7.61 13.64
C VAL A 11 -1.55 -8.66 13.67
N THR A 12 -2.22 -8.83 14.76
CA THR A 12 -3.27 -9.78 14.86
C THR A 12 -4.57 -9.10 15.26
N ASN A 13 -5.67 -9.50 14.66
CA ASN A 13 -6.97 -8.97 15.02
C ASN A 13 -7.60 -9.91 16.00
N PRO A 14 -7.90 -9.44 17.23
CA PRO A 14 -8.50 -10.25 18.30
C PRO A 14 -9.77 -10.99 17.87
N ALA A 15 -10.59 -10.33 17.07
CA ALA A 15 -11.84 -10.90 16.59
C ALA A 15 -11.59 -12.10 15.68
N THR A 16 -10.65 -11.95 14.77
CA THR A 16 -10.34 -12.99 13.82
C THR A 16 -9.55 -14.10 14.52
N GLY A 17 -8.58 -13.70 15.33
CA GLY A 17 -7.71 -14.66 16.00
C GLY A 17 -6.59 -15.11 15.09
N HIS A 18 -6.68 -14.69 13.87
CA HIS A 18 -5.74 -15.02 12.84
C HIS A 18 -4.92 -13.82 12.45
N LEU A 19 -3.81 -14.07 11.81
CA LEU A 19 -2.81 -13.06 11.56
C LEU A 19 -3.16 -12.14 10.38
N PHE A 20 -2.70 -10.91 10.51
CA PHE A 20 -2.75 -9.90 9.48
C PHE A 20 -1.30 -9.54 9.17
N ASP A 21 -0.79 -10.03 8.08
CA ASP A 21 0.61 -9.85 7.74
C ASP A 21 0.83 -9.87 6.25
N LEU A 22 1.40 -8.81 5.74
CA LEU A 22 1.61 -8.62 4.32
C LEU A 22 3.03 -9.05 3.91
N THR A 23 3.47 -10.20 4.37
CA THR A 23 4.79 -10.71 4.08
C THR A 23 5.00 -11.07 2.60
N SER A 24 3.94 -11.33 1.89
CA SER A 24 4.05 -11.59 0.47
C SER A 24 4.09 -10.28 -0.32
N LEU A 25 3.91 -9.18 0.38
CA LEU A 25 3.94 -7.89 -0.26
C LEU A 25 5.23 -7.18 0.07
N LYS A 26 5.73 -7.40 1.27
CA LYS A 26 6.95 -6.76 1.69
C LYS A 26 8.18 -7.40 1.02
N ARG A 27 8.68 -6.75 0.03
CA ARG A 27 9.82 -7.18 -0.75
C ARG A 27 10.59 -5.94 -1.11
N GLU A 28 11.70 -6.04 -1.79
CA GLU A 28 12.45 -4.84 -2.14
C GLU A 28 11.87 -4.20 -3.39
N SER A 29 11.67 -5.01 -4.41
CA SER A 29 11.28 -4.58 -5.74
C SER A 29 10.03 -3.68 -5.77
N GLY A 30 9.01 -4.10 -5.11
CA GLY A 30 7.79 -3.37 -5.08
C GLY A 30 6.76 -4.05 -5.92
N TYR A 31 5.65 -3.42 -6.10
CA TYR A 31 4.63 -3.92 -6.93
C TYR A 31 4.05 -2.77 -7.71
N THR A 32 3.59 -3.06 -8.87
CA THR A 32 3.13 -2.02 -9.71
C THR A 32 1.82 -2.35 -10.32
N ILE A 33 1.11 -1.31 -10.49
CA ILE A 33 -0.14 -1.27 -11.12
C ILE A 33 -0.13 -0.05 -12.00
N THR A 34 -1.09 0.08 -12.82
CA THR A 34 -1.13 1.20 -13.69
C THR A 34 -1.91 2.35 -13.04
N ASP A 35 -1.47 3.57 -13.30
CA ASP A 35 -2.11 4.81 -12.81
C ASP A 35 -3.49 4.97 -13.47
N SER A 36 -4.22 6.04 -13.13
CA SER A 36 -5.53 6.35 -13.70
C SER A 36 -5.52 6.13 -15.22
N HIS A 37 -4.43 6.54 -15.88
CA HIS A 37 -4.26 6.27 -17.32
C HIS A 37 -2.89 6.72 -17.82
N ASN A 38 -2.28 7.64 -17.15
CA ASN A 38 -1.06 8.25 -17.66
C ASN A 38 0.19 7.55 -17.19
N ARG A 39 0.34 7.55 -15.92
CA ARG A 39 1.58 7.09 -15.26
C ARG A 39 1.57 5.61 -14.96
N LYS A 40 2.54 5.21 -14.18
CA LYS A 40 2.63 3.88 -13.68
C LYS A 40 2.74 4.02 -12.16
N ILE A 41 1.98 3.24 -11.44
CA ILE A 41 1.98 3.32 -10.00
C ILE A 41 2.95 2.30 -9.45
N GLU A 42 3.98 2.79 -8.87
CA GLU A 42 5.02 1.96 -8.30
C GLU A 42 5.05 2.15 -6.81
N LEU A 43 4.81 1.10 -6.09
CA LEU A 43 4.79 1.18 -4.65
C LEU A 43 5.12 -0.13 -4.03
N ASN A 44 5.42 -0.11 -2.78
CA ASN A 44 5.69 -1.31 -2.04
C ASN A 44 5.28 -1.07 -0.63
N VAL A 45 4.74 -2.07 0.00
CA VAL A 45 4.19 -1.93 1.30
C VAL A 45 4.90 -2.85 2.28
N CYS A 46 5.13 -2.32 3.48
CA CYS A 46 5.74 -3.02 4.62
C CYS A 46 7.23 -3.18 4.47
N ALA A 47 7.73 -2.60 3.43
CA ALA A 47 9.11 -2.57 3.11
C ALA A 47 9.27 -1.44 2.13
N GLU A 48 10.41 -0.84 2.12
CA GLU A 48 10.69 0.28 1.24
C GLU A 48 10.71 -0.12 -0.25
N ALA A 49 10.25 0.77 -1.11
CA ALA A 49 10.09 0.49 -2.52
C ALA A 49 11.34 0.76 -3.31
N LYS A 50 11.93 -0.29 -3.80
CA LYS A 50 13.12 -0.23 -4.63
C LYS A 50 12.69 -0.20 -6.12
N SER A 51 11.58 0.46 -6.37
CA SER A 51 11.05 0.66 -7.71
C SER A 51 11.84 1.84 -8.36
N SER A 52 11.18 2.68 -9.17
CA SER A 52 11.85 3.86 -9.74
C SER A 52 12.21 4.90 -8.66
N CYS A 53 11.71 4.66 -7.46
CA CYS A 53 11.97 5.50 -6.31
C CYS A 53 13.47 5.36 -5.90
N ALA A 54 13.91 6.06 -4.88
CA ALA A 54 15.28 5.90 -4.46
C ALA A 54 15.47 4.73 -3.52
N ASN A 55 15.36 5.00 -2.25
CA ASN A 55 15.63 4.01 -1.27
C ASN A 55 14.46 3.77 -0.31
N GLY A 56 14.08 4.81 0.43
CA GLY A 56 13.13 4.64 1.52
C GLY A 56 11.75 5.13 1.18
N ALA A 57 11.52 5.41 -0.08
CA ALA A 57 10.22 5.85 -0.53
C ALA A 57 9.33 4.64 -0.67
N ALA A 58 8.04 4.81 -0.53
CA ALA A 58 7.14 3.67 -0.63
C ALA A 58 6.16 3.81 -1.75
N VAL A 59 5.62 5.00 -1.95
CA VAL A 59 4.64 5.20 -3.00
C VAL A 59 5.14 6.21 -4.02
N CYS A 60 5.31 5.77 -5.22
CA CYS A 60 5.74 6.63 -6.30
C CYS A 60 4.81 6.50 -7.49
N ILE A 61 4.12 7.56 -7.79
CA ILE A 61 3.30 7.59 -8.97
C ILE A 61 4.21 8.24 -10.01
N THR A 62 4.88 7.44 -10.77
CA THR A 62 5.92 7.93 -11.61
C THR A 62 5.44 8.20 -13.02
N ASP A 63 5.63 9.42 -13.47
CA ASP A 63 5.38 9.78 -14.82
C ASP A 63 6.66 10.24 -15.48
N GLY A 64 7.31 9.30 -16.12
CA GLY A 64 8.56 9.57 -16.79
C GLY A 64 9.68 9.74 -15.78
N PRO A 65 10.45 10.83 -15.86
CA PRO A 65 11.47 11.15 -14.86
C PRO A 65 10.83 11.72 -13.59
N LYS A 66 9.63 12.25 -13.77
CA LYS A 66 8.88 12.88 -12.72
C LYS A 66 8.31 11.80 -11.81
N THR A 67 8.79 11.75 -10.63
CA THR A 67 8.40 10.74 -9.71
C THR A 67 7.59 11.37 -8.60
N LEU A 68 6.28 11.17 -8.62
CA LEU A 68 5.43 11.72 -7.60
C LEU A 68 5.52 10.81 -6.40
N ASN A 69 6.37 11.18 -5.48
CA ASN A 69 6.54 10.45 -4.28
C ASN A 69 5.50 10.90 -3.34
N ALA A 70 4.47 10.10 -3.22
CA ALA A 70 3.42 10.41 -2.33
C ALA A 70 3.92 10.28 -0.92
N GLY A 71 4.47 9.15 -0.61
CA GLY A 71 4.89 8.91 0.73
C GLY A 71 6.02 7.94 0.80
N LYS A 72 6.72 7.94 1.90
CA LYS A 72 7.84 7.07 2.09
C LYS A 72 7.44 5.90 2.96
N LEU A 73 8.39 5.06 3.27
CA LEU A 73 8.14 3.87 4.01
C LEU A 73 7.96 4.11 5.51
N SER A 74 6.89 3.58 5.99
CA SER A 74 6.55 3.48 7.38
C SER A 74 5.63 2.26 7.48
N LYS A 75 6.14 1.14 7.96
CA LYS A 75 5.31 -0.06 7.98
C LYS A 75 4.36 -0.11 9.19
N THR A 76 3.41 0.78 9.19
CA THR A 76 2.45 0.92 10.28
C THR A 76 1.12 0.20 9.94
N LEU A 77 0.85 -0.91 10.61
CA LEU A 77 -0.36 -1.65 10.37
C LEU A 77 -1.40 -1.29 11.39
N THR A 78 -2.52 -0.93 10.91
CA THR A 78 -3.61 -0.56 11.72
C THR A 78 -4.89 -1.12 11.11
N TYR A 79 -5.59 -1.91 11.87
CA TYR A 79 -6.78 -2.55 11.39
C TYR A 79 -8.00 -1.77 11.81
N GLU A 80 -8.80 -1.38 10.84
CA GLU A 80 -9.98 -0.62 11.06
C GLU A 80 -11.14 -1.36 10.44
N ASP A 81 -12.17 -1.63 11.23
CA ASP A 81 -13.41 -2.29 10.74
C ASP A 81 -13.05 -3.70 10.18
N GLN A 82 -12.05 -4.31 10.82
CA GLN A 82 -11.50 -5.64 10.49
C GLN A 82 -10.81 -5.68 9.12
N VAL A 83 -10.51 -4.53 8.58
CA VAL A 83 -9.75 -4.41 7.36
C VAL A 83 -8.39 -3.84 7.72
N LEU A 84 -7.35 -4.41 7.16
CA LEU A 84 -6.03 -3.99 7.49
C LEU A 84 -5.68 -2.76 6.69
N LYS A 85 -5.33 -1.71 7.33
CA LYS A 85 -4.99 -0.50 6.64
C LYS A 85 -3.60 -0.08 6.96
N LEU A 86 -3.04 0.68 6.08
CA LEU A 86 -1.73 1.24 6.25
C LEU A 86 -1.73 2.55 5.46
N VAL A 87 -1.08 3.55 5.98
CA VAL A 87 -1.00 4.83 5.31
C VAL A 87 0.43 5.19 5.00
N TYR A 88 0.67 5.73 3.83
CA TYR A 88 1.98 6.20 3.46
C TYR A 88 1.96 7.67 3.15
N GLU A 89 2.68 8.40 3.93
CA GLU A 89 2.85 9.81 3.74
C GLU A 89 4.31 10.18 3.94
N ASP A 90 4.58 11.48 4.09
CA ASP A 90 5.92 12.04 4.16
C ASP A 90 6.57 11.90 2.80
N GLY A 91 6.30 12.86 1.98
CA GLY A 91 6.77 12.88 0.63
C GLY A 91 6.63 14.27 0.13
N ASP A 92 6.09 14.45 -1.03
CA ASP A 92 5.92 15.79 -1.57
C ASP A 92 4.46 16.25 -1.46
N PRO A 93 4.21 17.28 -0.65
CA PRO A 93 2.89 17.87 -0.52
C PRO A 93 2.54 18.67 -1.77
N CYS A 94 1.29 18.82 -2.05
CA CYS A 94 0.91 19.53 -3.24
C CYS A 94 0.37 20.90 -2.86
N PRO A 95 0.44 21.90 -3.76
CA PRO A 95 -0.01 23.28 -3.47
C PRO A 95 -1.47 23.34 -3.03
N THR A 96 -2.23 22.37 -3.48
CA THR A 96 -3.62 22.22 -3.13
C THR A 96 -3.79 21.93 -1.62
N ASP A 97 -2.86 21.17 -1.04
CA ASP A 97 -2.91 20.88 0.40
C ASP A 97 -1.51 20.62 0.90
N LEU A 98 -1.03 21.52 1.69
CA LEU A 98 0.31 21.50 2.21
C LEU A 98 0.27 20.86 3.58
N LYS A 99 -0.90 20.90 4.15
CA LYS A 99 -1.18 20.45 5.48
C LYS A 99 -1.63 19.01 5.47
N MET A 100 -1.30 18.32 4.41
CA MET A 100 -1.68 16.98 4.21
C MET A 100 -0.67 16.05 4.84
N LYS A 101 -1.03 15.57 5.94
CA LYS A 101 -0.17 14.65 6.68
C LYS A 101 -0.64 13.20 6.51
N HIS A 102 -1.07 12.91 5.30
CA HIS A 102 -1.43 11.59 4.80
C HIS A 102 -1.40 11.70 3.30
N LYS A 103 -0.79 10.74 2.64
CA LYS A 103 -0.65 10.82 1.19
C LYS A 103 -1.31 9.66 0.48
N SER A 104 -1.34 8.52 1.10
CA SER A 104 -1.96 7.37 0.51
C SER A 104 -2.60 6.49 1.57
N TYR A 105 -3.77 5.99 1.26
CA TYR A 105 -4.52 5.12 2.12
C TYR A 105 -4.62 3.76 1.48
N PHE A 106 -4.07 2.78 2.14
CA PHE A 106 -4.10 1.43 1.67
C PHE A 106 -5.05 0.61 2.50
N SER A 107 -6.06 0.10 1.87
CA SER A 107 -6.99 -0.76 2.51
C SER A 107 -6.76 -2.19 2.03
N PHE A 108 -6.22 -2.99 2.89
CA PHE A 108 -5.93 -4.35 2.63
C PHE A 108 -7.10 -5.18 3.06
N VAL A 109 -7.81 -5.67 2.10
CA VAL A 109 -9.00 -6.40 2.34
C VAL A 109 -8.85 -7.86 1.97
N CYS A 110 -9.18 -8.69 2.94
CA CYS A 110 -9.10 -10.12 2.89
C CYS A 110 -9.94 -10.74 1.78
N LYS A 111 -9.23 -11.26 0.80
CA LYS A 111 -9.81 -11.96 -0.30
C LYS A 111 -8.97 -13.17 -0.62
N SER A 112 -9.28 -14.29 -0.01
CA SER A 112 -8.61 -15.56 -0.22
C SER A 112 -8.70 -16.03 -1.68
N ASP A 113 -9.73 -15.53 -2.37
CA ASP A 113 -9.90 -15.82 -3.80
C ASP A 113 -8.73 -15.27 -4.61
N ALA A 114 -8.17 -14.19 -4.13
CA ALA A 114 -7.06 -13.54 -4.81
C ALA A 114 -5.75 -13.92 -4.11
N GLY A 115 -5.71 -15.15 -3.63
CA GLY A 115 -4.55 -15.66 -2.94
C GLY A 115 -3.32 -15.79 -3.83
N ASP A 116 -3.52 -16.00 -5.11
CA ASP A 116 -2.38 -16.16 -6.01
C ASP A 116 -1.94 -14.82 -6.53
N ASP A 117 -2.87 -14.09 -7.08
CA ASP A 117 -2.59 -12.79 -7.59
C ASP A 117 -3.47 -11.79 -6.89
N SER A 118 -2.98 -11.37 -5.77
CA SER A 118 -3.60 -10.37 -4.98
C SER A 118 -3.54 -9.05 -5.75
N GLN A 119 -4.67 -8.60 -6.22
CA GLN A 119 -4.74 -7.41 -7.03
C GLN A 119 -4.91 -6.14 -6.19
N PRO A 120 -4.04 -5.17 -6.42
CA PRO A 120 -4.12 -3.87 -5.80
C PRO A 120 -5.00 -2.97 -6.63
N VAL A 121 -6.23 -2.88 -6.26
CA VAL A 121 -7.19 -2.10 -7.00
C VAL A 121 -7.18 -0.70 -6.44
N PHE A 122 -6.95 0.24 -7.30
CA PHE A 122 -6.97 1.60 -6.87
C PHE A 122 -8.37 2.12 -6.92
N LEU A 123 -8.81 2.71 -5.83
CA LEU A 123 -10.12 3.31 -5.79
C LEU A 123 -10.08 4.47 -6.71
N SER A 124 -9.03 5.26 -6.56
CA SER A 124 -8.75 6.38 -7.41
C SER A 124 -7.50 7.05 -6.88
N PHE A 125 -6.85 7.78 -7.72
CA PHE A 125 -5.80 8.63 -7.32
C PHE A 125 -6.34 10.02 -7.45
N ASP A 126 -6.44 10.68 -6.35
CA ASP A 126 -6.94 12.02 -6.35
C ASP A 126 -5.79 12.92 -6.68
N GLU A 127 -5.85 13.55 -7.82
CA GLU A 127 -4.75 14.37 -8.28
C GLU A 127 -4.95 15.80 -7.84
N GLN A 128 -6.06 16.07 -7.19
CA GLN A 128 -6.34 17.37 -6.67
C GLN A 128 -5.46 17.60 -5.45
N THR A 129 -5.67 16.81 -4.43
CA THR A 129 -4.92 16.95 -3.21
C THR A 129 -3.69 16.02 -3.23
N CYS A 130 -3.67 15.14 -4.24
CA CYS A 130 -2.60 14.16 -4.44
C CYS A 130 -2.67 13.10 -3.36
N THR A 131 -3.73 12.33 -3.37
CA THR A 131 -3.93 11.29 -2.41
C THR A 131 -4.29 10.00 -3.12
N SER A 132 -3.54 8.98 -2.83
CA SER A 132 -3.72 7.71 -3.43
C SER A 132 -4.62 6.82 -2.55
N TYR A 133 -5.63 6.22 -3.16
CA TYR A 133 -6.51 5.31 -2.42
C TYR A 133 -6.40 3.93 -3.04
N PHE A 134 -5.89 2.98 -2.30
CA PHE A 134 -5.69 1.64 -2.83
C PHE A 134 -6.34 0.60 -1.97
N SER A 135 -6.84 -0.42 -2.61
CA SER A 135 -7.45 -1.54 -1.95
C SER A 135 -6.83 -2.82 -2.48
N TRP A 136 -6.11 -3.51 -1.65
CA TRP A 136 -5.42 -4.68 -2.08
C TRP A 136 -6.23 -5.90 -1.67
N HIS A 137 -6.79 -6.56 -2.68
CA HIS A 137 -7.60 -7.75 -2.48
C HIS A 137 -6.65 -8.92 -2.31
N THR A 138 -6.40 -9.29 -1.09
CA THR A 138 -5.41 -10.29 -0.80
C THR A 138 -5.82 -11.14 0.40
N SER A 139 -5.35 -12.37 0.45
CA SER A 139 -5.59 -13.21 1.58
C SER A 139 -4.69 -12.78 2.77
N LEU A 140 -3.55 -12.14 2.43
CA LEU A 140 -2.54 -11.65 3.41
C LEU A 140 -3.13 -10.60 4.37
N ALA A 141 -4.22 -10.00 3.95
CA ALA A 141 -4.85 -8.93 4.68
C ALA A 141 -5.46 -9.41 5.98
N CYS A 142 -6.42 -10.29 5.91
CA CYS A 142 -7.05 -10.79 7.10
C CYS A 142 -7.15 -12.26 6.99
N GLU A 143 -6.44 -12.95 7.84
CA GLU A 143 -6.48 -14.40 7.92
C GLU A 143 -5.97 -15.01 6.63
N GLU A 144 -4.67 -14.99 6.50
CA GLU A 144 -4.02 -15.52 5.33
C GLU A 144 -4.24 -17.01 5.25
N GLU A 145 -5.07 -17.39 4.34
CA GLU A 145 -5.30 -18.74 4.03
C GLU A 145 -5.98 -18.79 2.69
N VAL A 146 -5.61 -19.74 1.90
CA VAL A 146 -6.17 -19.95 0.60
C VAL A 146 -6.88 -21.30 0.66
N PRO A 147 -8.22 -21.29 0.86
CA PRO A 147 -9.01 -22.49 1.02
C PRO A 147 -9.37 -23.16 -0.31
N ARG A 148 -9.26 -22.42 -1.39
CA ARG A 148 -9.55 -22.97 -2.69
C ARG A 148 -8.27 -23.00 -3.47
N MET A 1 5.15 -20.67 2.29
CA MET A 1 4.31 -19.47 2.17
C MET A 1 4.93 -18.34 2.92
N LYS A 2 4.52 -17.13 2.59
CA LYS A 2 4.92 -15.88 3.24
C LYS A 2 6.38 -15.51 2.97
N SER A 3 6.55 -14.41 2.28
CA SER A 3 7.86 -13.87 1.93
C SER A 3 8.54 -13.23 3.19
N ASN A 4 9.61 -12.49 2.94
CA ASN A 4 10.44 -11.91 3.99
C ASN A 4 9.73 -10.81 4.77
N VAL A 5 10.27 -10.53 5.91
CA VAL A 5 9.77 -9.52 6.81
C VAL A 5 10.81 -8.42 6.93
N GLN A 6 10.36 -7.18 7.00
CA GLN A 6 11.28 -6.10 7.19
C GLN A 6 11.45 -5.82 8.66
N ASN A 7 10.58 -5.01 9.23
CA ASN A 7 10.67 -4.70 10.64
C ASN A 7 9.57 -5.42 11.37
N ASP A 8 8.34 -5.21 10.94
CA ASP A 8 7.20 -5.92 11.52
C ASP A 8 6.40 -6.52 10.42
N CYS A 9 5.70 -5.67 9.67
CA CYS A 9 4.82 -6.10 8.57
C CYS A 9 3.73 -7.06 9.08
N ARG A 10 3.47 -7.00 10.36
CA ARG A 10 2.62 -7.94 11.05
C ARG A 10 1.72 -7.14 11.97
N VAL A 11 0.48 -7.54 12.10
CA VAL A 11 -0.44 -6.92 13.03
C VAL A 11 -1.59 -7.88 13.37
N THR A 12 -1.91 -7.98 14.62
CA THR A 12 -2.95 -8.86 15.06
C THR A 12 -4.24 -8.06 15.27
N ASN A 13 -5.37 -8.58 14.85
CA ASN A 13 -6.63 -7.89 15.12
C ASN A 13 -7.20 -8.40 16.45
N PRO A 14 -7.76 -7.52 17.27
CA PRO A 14 -8.37 -7.91 18.54
C PRO A 14 -9.84 -8.30 18.36
N ALA A 15 -10.27 -8.34 17.13
CA ALA A 15 -11.62 -8.70 16.78
C ALA A 15 -11.71 -10.19 16.57
N THR A 16 -10.96 -10.68 15.61
CA THR A 16 -10.98 -12.08 15.26
C THR A 16 -9.90 -12.84 16.05
N GLY A 17 -8.81 -12.15 16.37
CA GLY A 17 -7.70 -12.79 17.00
C GLY A 17 -6.81 -13.37 15.96
N HIS A 18 -6.86 -12.77 14.80
CA HIS A 18 -6.11 -13.25 13.67
C HIS A 18 -4.91 -12.38 13.40
N LEU A 19 -3.86 -13.04 13.00
CA LEU A 19 -2.57 -12.44 12.79
C LEU A 19 -2.38 -12.11 11.32
N PHE A 20 -2.41 -10.85 11.01
CA PHE A 20 -2.26 -10.39 9.65
C PHE A 20 -0.84 -10.02 9.40
N ASP A 21 -0.35 -10.34 8.24
CA ASP A 21 0.97 -9.94 7.85
C ASP A 21 1.06 -9.77 6.36
N LEU A 22 1.78 -8.78 5.96
CA LEU A 22 2.02 -8.58 4.60
C LEU A 22 3.45 -8.91 4.32
N THR A 23 3.69 -10.17 4.29
CA THR A 23 4.97 -10.73 4.06
C THR A 23 5.26 -10.80 2.57
N SER A 24 4.46 -11.57 1.85
CA SER A 24 4.63 -11.80 0.40
C SER A 24 4.25 -10.59 -0.44
N LEU A 25 3.75 -9.56 0.21
CA LEU A 25 3.38 -8.35 -0.48
C LEU A 25 4.64 -7.56 -0.86
N LYS A 26 5.71 -7.74 -0.12
CA LYS A 26 6.96 -7.11 -0.47
C LYS A 26 7.72 -8.11 -1.34
N ARG A 27 7.98 -7.72 -2.55
CA ARG A 27 8.56 -8.59 -3.53
C ARG A 27 9.16 -7.77 -4.66
N GLU A 28 9.42 -8.41 -5.81
CA GLU A 28 10.08 -7.81 -6.99
C GLU A 28 9.57 -6.40 -7.32
N SER A 29 8.28 -6.23 -7.34
CA SER A 29 7.71 -4.93 -7.58
C SER A 29 6.97 -4.45 -6.34
N GLY A 30 6.28 -5.36 -5.68
CA GLY A 30 5.56 -5.02 -4.48
C GLY A 30 4.16 -4.57 -4.81
N TYR A 31 3.90 -3.31 -4.64
CA TYR A 31 2.59 -2.78 -4.90
C TYR A 31 2.67 -2.13 -6.27
N THR A 32 2.09 -2.74 -7.26
CA THR A 32 2.18 -2.22 -8.60
C THR A 32 0.90 -2.40 -9.34
N ILE A 33 0.53 -1.34 -9.99
CA ILE A 33 -0.59 -1.25 -10.83
C ILE A 33 -0.29 -0.24 -11.89
N THR A 34 -1.12 -0.15 -12.87
CA THR A 34 -0.91 0.76 -13.94
C THR A 34 -1.67 2.05 -13.67
N ASP A 35 -1.02 3.15 -13.88
CA ASP A 35 -1.61 4.46 -13.71
C ASP A 35 -2.03 4.94 -15.10
N SER A 36 -3.09 5.68 -15.21
CA SER A 36 -3.55 6.11 -16.51
C SER A 36 -2.93 7.46 -16.89
N HIS A 37 -2.47 8.17 -15.90
CA HIS A 37 -1.96 9.50 -16.09
C HIS A 37 -0.46 9.45 -16.30
N ASN A 38 0.20 8.84 -15.38
CA ASN A 38 1.65 8.77 -15.33
C ASN A 38 2.14 7.42 -15.69
N ARG A 39 1.21 6.49 -15.86
CA ARG A 39 1.47 5.12 -16.32
C ARG A 39 2.03 4.16 -15.25
N LYS A 40 3.03 4.55 -14.53
CA LYS A 40 3.70 3.63 -13.62
C LYS A 40 3.36 3.90 -12.14
N ILE A 41 2.69 2.96 -11.49
CA ILE A 41 2.41 3.06 -10.05
C ILE A 41 3.23 2.00 -9.32
N GLU A 42 4.23 2.42 -8.58
CA GLU A 42 5.03 1.47 -7.81
C GLU A 42 5.20 1.91 -6.38
N LEU A 43 4.88 0.99 -5.50
CA LEU A 43 5.01 1.17 -4.09
C LEU A 43 5.62 -0.09 -3.56
N ASN A 44 6.08 -0.07 -2.34
CA ASN A 44 6.49 -1.30 -1.72
C ASN A 44 5.74 -1.40 -0.41
N VAL A 45 5.43 -2.60 0.01
CA VAL A 45 4.61 -2.79 1.17
C VAL A 45 5.42 -3.19 2.39
N CYS A 46 5.56 -2.23 3.30
CA CYS A 46 6.26 -2.40 4.59
C CYS A 46 7.77 -2.47 4.37
N ALA A 47 8.16 -2.23 3.17
CA ALA A 47 9.53 -2.27 2.80
C ALA A 47 9.83 -1.06 2.01
N GLU A 48 11.06 -0.67 2.04
CA GLU A 48 11.56 0.46 1.32
C GLU A 48 11.28 0.26 -0.16
N ALA A 49 10.80 1.31 -0.84
CA ALA A 49 10.42 1.20 -2.24
C ALA A 49 11.57 0.66 -3.08
N LYS A 50 11.32 -0.51 -3.66
CA LYS A 50 12.28 -1.18 -4.53
C LYS A 50 12.16 -0.56 -5.91
N SER A 51 11.15 0.27 -6.01
CA SER A 51 10.82 1.03 -7.15
C SER A 51 11.91 2.11 -7.40
N SER A 52 11.71 2.93 -8.39
CA SER A 52 12.70 3.93 -8.76
C SER A 52 12.61 5.19 -7.88
N CYS A 53 12.10 5.05 -6.66
CA CYS A 53 11.99 6.16 -5.74
C CYS A 53 13.38 6.56 -5.25
N ALA A 54 13.90 5.78 -4.29
CA ALA A 54 15.26 5.90 -3.74
C ALA A 54 15.41 4.98 -2.54
N ASN A 55 15.18 5.50 -1.34
CA ASN A 55 15.26 4.71 -0.14
C ASN A 55 13.99 4.75 0.69
N GLY A 56 13.83 5.87 1.38
CA GLY A 56 12.81 6.05 2.39
C GLY A 56 11.44 6.42 1.88
N ALA A 57 11.24 6.33 0.59
CA ALA A 57 9.95 6.58 0.01
C ALA A 57 9.25 5.25 -0.15
N ALA A 58 7.93 5.25 -0.19
CA ALA A 58 7.20 4.00 -0.34
C ALA A 58 6.25 4.04 -1.49
N VAL A 59 5.65 5.19 -1.72
CA VAL A 59 4.67 5.34 -2.77
C VAL A 59 5.17 6.30 -3.81
N CYS A 60 5.36 5.82 -5.01
CA CYS A 60 5.77 6.68 -6.09
C CYS A 60 5.00 6.42 -7.35
N ILE A 61 4.55 7.46 -7.95
CA ILE A 61 3.96 7.36 -9.24
C ILE A 61 5.05 7.79 -10.20
N THR A 62 5.62 6.85 -10.88
CA THR A 62 6.78 7.10 -11.68
C THR A 62 6.39 7.60 -13.07
N ASP A 63 6.51 8.88 -13.30
CA ASP A 63 6.28 9.39 -14.61
C ASP A 63 7.60 9.49 -15.34
N GLY A 64 7.89 8.45 -16.09
CA GLY A 64 9.14 8.37 -16.84
C GLY A 64 10.32 8.25 -15.88
N PRO A 65 11.21 9.25 -15.86
CA PRO A 65 12.35 9.28 -14.93
C PRO A 65 11.97 9.93 -13.58
N LYS A 66 10.75 10.46 -13.51
CA LYS A 66 10.28 11.15 -12.34
C LYS A 66 9.53 10.22 -11.45
N THR A 67 9.60 10.46 -10.18
CA THR A 67 8.87 9.70 -9.22
C THR A 67 8.06 10.61 -8.32
N LEU A 68 6.76 10.63 -8.54
CA LEU A 68 5.87 11.45 -7.73
C LEU A 68 5.76 10.83 -6.37
N ASN A 69 6.35 11.47 -5.40
CA ASN A 69 6.38 10.97 -4.04
C ASN A 69 5.06 11.26 -3.35
N ALA A 70 4.27 10.24 -3.18
CA ALA A 70 2.99 10.42 -2.52
C ALA A 70 3.11 10.15 -1.03
N GLY A 71 3.89 9.16 -0.67
CA GLY A 71 4.05 8.82 0.72
C GLY A 71 5.40 8.23 1.00
N LYS A 72 5.92 8.51 2.16
CA LYS A 72 7.20 7.99 2.57
C LYS A 72 7.04 6.61 3.15
N LEU A 73 8.13 5.94 3.35
CA LEU A 73 8.10 4.61 3.87
C LEU A 73 8.07 4.62 5.39
N SER A 74 6.88 4.56 5.89
CA SER A 74 6.66 4.39 7.28
C SER A 74 5.94 3.05 7.45
N LYS A 75 6.68 2.05 7.87
CA LYS A 75 6.23 0.68 7.94
C LYS A 75 5.31 0.43 9.14
N THR A 76 4.14 0.96 9.01
CA THR A 76 3.10 0.84 9.98
C THR A 76 1.89 0.20 9.32
N LEU A 77 1.56 -0.97 9.76
CA LEU A 77 0.48 -1.75 9.23
C LEU A 77 -0.47 -1.98 10.36
N THR A 78 -1.75 -1.84 10.13
CA THR A 78 -2.69 -1.98 11.19
C THR A 78 -4.08 -2.33 10.68
N TYR A 79 -4.96 -2.59 11.59
CA TYR A 79 -6.32 -2.96 11.31
C TYR A 79 -7.18 -1.70 11.38
N GLU A 80 -7.97 -1.45 10.38
CA GLU A 80 -8.82 -0.29 10.37
C GLU A 80 -10.00 -0.57 9.44
N ASP A 81 -11.23 -0.52 10.00
CA ASP A 81 -12.50 -0.85 9.31
C ASP A 81 -12.59 -2.37 9.13
N GLN A 82 -11.83 -3.08 10.00
CA GLN A 82 -11.69 -4.56 10.00
C GLN A 82 -10.94 -5.04 8.76
N VAL A 83 -10.43 -4.08 8.05
CA VAL A 83 -9.65 -4.28 6.87
C VAL A 83 -8.21 -3.97 7.24
N LEU A 84 -7.28 -4.56 6.59
CA LEU A 84 -5.90 -4.34 6.88
C LEU A 84 -5.45 -3.06 6.19
N LYS A 85 -5.17 -2.06 6.94
CA LYS A 85 -4.78 -0.82 6.36
C LYS A 85 -3.32 -0.55 6.47
N LEU A 86 -2.79 -0.20 5.37
CA LEU A 86 -1.46 0.26 5.25
C LEU A 86 -1.58 1.68 4.82
N VAL A 87 -0.98 2.58 5.52
CA VAL A 87 -1.09 3.96 5.15
C VAL A 87 0.28 4.57 4.99
N TYR A 88 0.43 5.34 3.96
CA TYR A 88 1.65 6.05 3.73
C TYR A 88 1.33 7.48 3.51
N GLU A 89 2.03 8.33 4.19
CA GLU A 89 1.76 9.73 4.11
C GLU A 89 3.03 10.53 3.99
N ASP A 90 2.84 11.82 3.73
CA ASP A 90 3.90 12.83 3.55
C ASP A 90 4.98 12.41 2.56
N GLY A 91 4.76 12.71 1.32
CA GLY A 91 5.73 12.42 0.32
C GLY A 91 6.39 13.68 -0.12
N ASP A 92 5.88 14.24 -1.18
CA ASP A 92 6.39 15.49 -1.70
C ASP A 92 5.30 16.55 -1.60
N PRO A 93 5.61 17.73 -1.02
CA PRO A 93 4.64 18.82 -0.80
C PRO A 93 3.91 19.27 -2.08
N CYS A 94 2.62 19.10 -2.07
CA CYS A 94 1.77 19.51 -3.16
C CYS A 94 1.50 21.00 -3.07
N PRO A 95 1.19 21.66 -4.22
CA PRO A 95 0.94 23.11 -4.27
C PRO A 95 -0.21 23.56 -3.35
N THR A 96 -1.22 22.76 -3.26
CA THR A 96 -2.35 23.03 -2.48
C THR A 96 -2.14 22.57 -1.03
N ASP A 97 -1.66 21.37 -0.89
CA ASP A 97 -1.45 20.76 0.41
C ASP A 97 0.00 20.67 0.76
N LEU A 98 0.53 21.74 1.28
CA LEU A 98 1.90 21.76 1.75
C LEU A 98 1.87 21.50 3.23
N LYS A 99 0.95 22.18 3.88
CA LYS A 99 0.88 22.17 5.32
C LYS A 99 -0.38 21.52 5.86
N MET A 100 -1.35 21.27 4.99
CA MET A 100 -2.57 20.62 5.44
C MET A 100 -2.37 19.10 5.59
N LYS A 101 -2.68 18.33 4.56
CA LYS A 101 -2.48 16.89 4.63
C LYS A 101 -1.74 16.37 3.39
N HIS A 102 -1.60 15.05 3.34
CA HIS A 102 -1.07 14.30 2.18
C HIS A 102 -0.91 12.85 2.63
N LYS A 103 -1.91 12.04 2.41
CA LYS A 103 -1.86 10.66 2.83
C LYS A 103 -2.56 9.75 1.85
N SER A 104 -2.06 8.57 1.72
CA SER A 104 -2.62 7.59 0.86
C SER A 104 -2.98 6.34 1.70
N TYR A 105 -4.24 5.94 1.58
CA TYR A 105 -4.79 4.81 2.30
C TYR A 105 -4.76 3.59 1.41
N PHE A 106 -4.21 2.50 1.89
CA PHE A 106 -4.18 1.26 1.15
C PHE A 106 -4.92 0.22 1.95
N SER A 107 -6.06 -0.19 1.47
CA SER A 107 -6.91 -1.11 2.17
C SER A 107 -6.76 -2.54 1.66
N PHE A 108 -6.03 -3.33 2.40
CA PHE A 108 -5.82 -4.72 2.10
C PHE A 108 -6.97 -5.53 2.66
N VAL A 109 -7.79 -5.99 1.80
CA VAL A 109 -8.97 -6.70 2.17
C VAL A 109 -8.85 -8.20 1.84
N CYS A 110 -9.25 -9.01 2.81
CA CYS A 110 -9.20 -10.47 2.76
C CYS A 110 -9.88 -11.03 1.51
N LYS A 111 -9.09 -11.48 0.57
CA LYS A 111 -9.59 -12.20 -0.55
C LYS A 111 -8.68 -13.33 -0.92
N SER A 112 -8.99 -14.50 -0.41
CA SER A 112 -8.24 -15.70 -0.67
C SER A 112 -8.51 -16.16 -2.10
N ASP A 113 -9.54 -15.56 -2.70
CA ASP A 113 -9.95 -15.84 -4.08
C ASP A 113 -8.96 -15.19 -5.04
N ALA A 114 -8.21 -14.22 -4.53
CA ALA A 114 -7.19 -13.55 -5.31
C ALA A 114 -5.92 -14.39 -5.31
N GLY A 115 -5.88 -15.32 -4.36
CA GLY A 115 -4.84 -16.32 -4.27
C GLY A 115 -3.46 -15.79 -3.99
N ASP A 116 -2.54 -16.22 -4.81
CA ASP A 116 -1.13 -15.95 -4.67
C ASP A 116 -0.76 -14.65 -5.33
N ASP A 117 -1.41 -14.38 -6.43
CA ASP A 117 -1.14 -13.18 -7.20
C ASP A 117 -1.70 -12.01 -6.48
N SER A 118 -3.02 -12.10 -6.26
CA SER A 118 -3.80 -11.05 -5.66
C SER A 118 -3.87 -9.82 -6.59
N GLN A 119 -4.66 -8.84 -6.24
CA GLN A 119 -4.78 -7.66 -7.08
C GLN A 119 -5.04 -6.38 -6.30
N PRO A 120 -4.43 -5.28 -6.75
CA PRO A 120 -4.69 -3.96 -6.22
C PRO A 120 -5.83 -3.28 -6.98
N VAL A 121 -6.57 -2.47 -6.29
CA VAL A 121 -7.67 -1.73 -6.85
C VAL A 121 -7.46 -0.26 -6.55
N PHE A 122 -7.54 0.56 -7.56
CA PHE A 122 -7.38 1.98 -7.37
C PHE A 122 -8.74 2.64 -7.28
N LEU A 123 -9.06 3.15 -6.11
CA LEU A 123 -10.34 3.80 -5.89
C LEU A 123 -10.30 5.18 -6.46
N SER A 124 -9.45 6.02 -5.90
CA SER A 124 -9.31 7.37 -6.40
C SER A 124 -8.00 7.99 -5.96
N PHE A 125 -7.43 8.75 -6.84
CA PHE A 125 -6.27 9.53 -6.53
C PHE A 125 -6.69 10.99 -6.61
N ASP A 126 -6.63 11.67 -5.52
CA ASP A 126 -6.96 13.07 -5.52
C ASP A 126 -5.69 13.86 -5.43
N GLU A 127 -5.38 14.61 -6.46
CA GLU A 127 -4.16 15.40 -6.48
C GLU A 127 -4.42 16.79 -5.95
N GLN A 128 -5.69 17.11 -5.75
CA GLN A 128 -6.08 18.42 -5.25
C GLN A 128 -5.64 18.57 -3.81
N THR A 129 -5.98 17.62 -2.98
CA THR A 129 -5.57 17.64 -1.62
C THR A 129 -4.50 16.57 -1.38
N CYS A 130 -4.14 15.86 -2.45
CA CYS A 130 -3.14 14.82 -2.41
C CYS A 130 -3.44 13.75 -1.38
N THR A 131 -4.56 13.15 -1.54
CA THR A 131 -5.01 12.08 -0.72
C THR A 131 -5.48 10.98 -1.65
N SER A 132 -5.08 9.79 -1.40
CA SER A 132 -5.37 8.72 -2.29
C SER A 132 -5.99 7.54 -1.57
N TYR A 133 -6.90 6.88 -2.24
CA TYR A 133 -7.57 5.73 -1.70
C TYR A 133 -7.34 4.55 -2.63
N PHE A 134 -6.65 3.56 -2.12
CA PHE A 134 -6.37 2.37 -2.86
C PHE A 134 -6.72 1.17 -1.99
N SER A 135 -6.96 0.06 -2.62
CA SER A 135 -7.26 -1.15 -1.94
C SER A 135 -6.50 -2.30 -2.61
N TRP A 136 -6.42 -3.41 -1.95
CA TRP A 136 -5.77 -4.58 -2.47
C TRP A 136 -6.47 -5.80 -1.91
N HIS A 137 -6.95 -6.67 -2.77
CA HIS A 137 -7.59 -7.90 -2.34
C HIS A 137 -6.55 -8.98 -2.34
N THR A 138 -6.21 -9.47 -1.17
CA THR A 138 -5.19 -10.48 -1.07
C THR A 138 -5.50 -11.48 0.02
N SER A 139 -5.02 -12.68 -0.16
CA SER A 139 -5.18 -13.76 0.77
C SER A 139 -4.40 -13.51 2.06
N LEU A 140 -3.36 -12.66 1.98
CA LEU A 140 -2.50 -12.39 3.14
C LEU A 140 -3.00 -11.22 3.96
N ALA A 141 -4.04 -10.54 3.46
CA ALA A 141 -4.59 -9.37 4.12
C ALA A 141 -5.23 -9.74 5.42
N CYS A 142 -5.77 -10.91 5.45
CA CYS A 142 -6.41 -11.45 6.59
C CYS A 142 -5.97 -12.89 6.66
N GLU A 143 -6.46 -13.68 7.58
CA GLU A 143 -6.01 -15.04 7.60
C GLU A 143 -6.84 -15.88 6.68
N GLU A 144 -8.14 -15.86 6.94
CA GLU A 144 -9.18 -16.43 6.10
C GLU A 144 -10.41 -16.47 6.93
N GLU A 145 -11.12 -15.40 6.92
CA GLU A 145 -12.29 -15.28 7.69
C GLU A 145 -13.42 -15.60 6.77
N VAL A 146 -13.85 -16.83 6.85
CA VAL A 146 -14.81 -17.41 5.95
C VAL A 146 -16.18 -16.76 6.12
N PRO A 147 -16.62 -15.96 5.13
CA PRO A 147 -17.93 -15.29 5.15
C PRO A 147 -19.08 -16.30 5.20
N ARG A 148 -18.94 -17.36 4.43
CA ARG A 148 -19.96 -18.37 4.34
C ARG A 148 -19.35 -19.70 4.73
N MET A 1 4.20 -12.32 -5.21
CA MET A 1 4.37 -12.07 -3.79
C MET A 1 5.09 -13.27 -3.18
N LYS A 2 5.94 -13.03 -2.22
CA LYS A 2 6.61 -14.09 -1.51
C LYS A 2 7.05 -13.62 -0.16
N SER A 3 6.74 -14.42 0.81
CA SER A 3 7.06 -14.20 2.18
C SER A 3 8.56 -13.96 2.43
N ASN A 4 8.87 -12.80 2.91
CA ASN A 4 10.20 -12.43 3.35
C ASN A 4 9.99 -11.48 4.45
N VAL A 5 10.39 -11.84 5.62
CA VAL A 5 10.12 -11.05 6.81
C VAL A 5 10.90 -9.73 6.85
N GLN A 6 10.17 -8.62 6.78
CA GLN A 6 10.77 -7.32 6.94
C GLN A 6 10.95 -7.04 8.44
N ASN A 7 11.44 -5.88 8.79
CA ASN A 7 11.75 -5.56 10.19
C ASN A 7 10.49 -5.42 11.05
N ASP A 8 9.38 -5.07 10.45
CA ASP A 8 8.11 -4.97 11.18
C ASP A 8 6.99 -5.57 10.32
N CYS A 9 6.26 -4.70 9.59
CA CYS A 9 5.29 -5.11 8.58
C CYS A 9 4.13 -5.93 9.19
N ARG A 10 3.77 -5.65 10.43
CA ARG A 10 2.75 -6.43 11.11
C ARG A 10 1.93 -5.63 12.11
N VAL A 11 0.76 -6.15 12.40
CA VAL A 11 -0.12 -5.61 13.42
C VAL A 11 -1.04 -6.74 13.91
N THR A 12 -1.31 -6.79 15.18
CA THR A 12 -2.17 -7.80 15.69
C THR A 12 -3.61 -7.27 15.75
N ASN A 13 -4.54 -8.02 15.19
CA ASN A 13 -5.94 -7.63 15.22
C ASN A 13 -6.65 -8.36 16.35
N PRO A 14 -7.07 -7.62 17.39
CA PRO A 14 -7.74 -8.21 18.56
C PRO A 14 -9.12 -8.80 18.23
N ALA A 15 -9.68 -8.41 17.08
CA ALA A 15 -10.96 -8.95 16.65
C ALA A 15 -10.80 -10.41 16.27
N THR A 16 -9.83 -10.71 15.43
CA THR A 16 -9.55 -12.07 15.05
C THR A 16 -8.76 -12.77 16.17
N GLY A 17 -7.80 -12.05 16.73
CA GLY A 17 -6.96 -12.59 17.78
C GLY A 17 -5.60 -12.96 17.25
N HIS A 18 -5.52 -13.03 15.94
CA HIS A 18 -4.32 -13.40 15.25
C HIS A 18 -3.58 -12.19 14.72
N LEU A 19 -2.33 -12.43 14.44
CA LEU A 19 -1.41 -11.43 13.96
C LEU A 19 -1.51 -11.30 12.44
N PHE A 20 -1.63 -10.09 11.98
CA PHE A 20 -1.67 -9.81 10.57
C PHE A 20 -0.33 -9.30 10.14
N ASP A 21 0.24 -9.91 9.16
CA ASP A 21 1.51 -9.47 8.61
C ASP A 21 1.32 -9.31 7.14
N LEU A 22 2.05 -8.43 6.51
CA LEU A 22 2.01 -8.30 5.06
C LEU A 22 3.35 -8.61 4.47
N THR A 23 4.13 -9.32 5.24
CA THR A 23 5.46 -9.62 4.88
C THR A 23 5.52 -10.78 3.83
N SER A 24 4.38 -11.40 3.56
CA SER A 24 4.28 -12.39 2.52
C SER A 24 3.87 -11.69 1.21
N LEU A 25 3.15 -10.59 1.35
CA LEU A 25 2.62 -9.88 0.21
C LEU A 25 3.69 -8.96 -0.37
N LYS A 26 4.51 -8.39 0.50
CA LYS A 26 5.61 -7.53 0.10
C LYS A 26 6.55 -8.25 -0.88
N ARG A 27 7.31 -7.49 -1.60
CA ARG A 27 8.30 -8.04 -2.49
C ARG A 27 9.50 -7.12 -2.42
N GLU A 28 10.50 -7.35 -3.22
CA GLU A 28 11.66 -6.49 -3.19
C GLU A 28 11.41 -5.26 -4.05
N SER A 29 10.99 -5.49 -5.27
CA SER A 29 10.77 -4.42 -6.21
C SER A 29 9.56 -3.54 -5.84
N GLY A 30 8.41 -3.93 -6.27
CA GLY A 30 7.22 -3.18 -6.01
C GLY A 30 6.14 -3.59 -6.94
N TYR A 31 5.00 -3.06 -6.77
CA TYR A 31 3.86 -3.36 -7.58
C TYR A 31 3.56 -2.21 -8.45
N THR A 32 3.22 -2.51 -9.64
CA THR A 32 2.97 -1.53 -10.61
C THR A 32 1.57 -1.58 -11.11
N ILE A 33 0.99 -0.46 -11.00
CA ILE A 33 -0.30 -0.21 -11.44
C ILE A 33 -0.29 1.17 -12.08
N THR A 34 -1.27 1.45 -12.84
CA THR A 34 -1.33 2.70 -13.53
C THR A 34 -2.08 3.73 -12.68
N ASP A 35 -1.68 4.98 -12.83
CA ASP A 35 -2.32 6.10 -12.15
C ASP A 35 -3.57 6.48 -12.96
N SER A 36 -3.99 7.74 -12.92
CA SER A 36 -5.05 8.27 -13.77
C SER A 36 -5.05 7.63 -15.20
N HIS A 37 -3.81 7.48 -15.80
CA HIS A 37 -3.56 6.81 -17.12
C HIS A 37 -2.22 7.31 -17.68
N ASN A 38 -1.80 8.44 -17.19
CA ASN A 38 -0.65 9.15 -17.71
C ASN A 38 0.68 8.51 -17.32
N ARG A 39 0.75 7.94 -16.15
CA ARG A 39 2.01 7.46 -15.63
C ARG A 39 1.84 6.22 -14.73
N LYS A 40 2.87 5.91 -13.98
CA LYS A 40 2.90 4.72 -13.16
C LYS A 40 2.72 5.03 -11.68
N ILE A 41 2.03 4.15 -11.02
CA ILE A 41 1.95 4.16 -9.59
C ILE A 41 2.84 3.03 -9.13
N GLU A 42 3.95 3.38 -8.61
CA GLU A 42 4.92 2.42 -8.16
C GLU A 42 4.83 2.32 -6.65
N LEU A 43 4.45 1.18 -6.14
CA LEU A 43 4.33 1.02 -4.70
C LEU A 43 4.58 -0.40 -4.30
N ASN A 44 5.26 -0.59 -3.23
CA ASN A 44 5.50 -1.91 -2.71
C ASN A 44 4.55 -2.08 -1.55
N VAL A 45 4.12 -3.29 -1.30
CA VAL A 45 3.21 -3.54 -0.23
C VAL A 45 3.97 -3.66 1.07
N CYS A 46 3.82 -2.66 1.92
CA CYS A 46 4.36 -2.64 3.29
C CYS A 46 5.87 -2.36 3.33
N ALA A 47 6.60 -2.99 2.45
CA ALA A 47 8.00 -2.80 2.29
C ALA A 47 8.25 -1.61 1.37
N GLU A 48 9.49 -1.22 1.27
CA GLU A 48 9.90 -0.13 0.44
C GLU A 48 10.06 -0.58 -1.00
N ALA A 49 9.56 0.22 -1.91
CA ALA A 49 9.62 -0.09 -3.30
C ALA A 49 10.99 0.18 -3.83
N LYS A 50 11.65 -0.85 -4.25
CA LYS A 50 13.01 -0.74 -4.72
C LYS A 50 13.02 -0.77 -6.24
N SER A 51 11.84 -0.82 -6.82
CA SER A 51 11.67 -0.81 -8.23
C SER A 51 11.99 0.59 -8.80
N SER A 52 11.10 1.55 -8.61
CA SER A 52 11.33 2.90 -9.09
C SER A 52 11.66 3.84 -7.92
N CYS A 53 11.20 3.49 -6.73
CA CYS A 53 11.50 4.26 -5.54
C CYS A 53 12.84 3.71 -4.99
N ALA A 54 13.22 4.04 -3.78
CA ALA A 54 14.43 3.45 -3.24
C ALA A 54 14.20 2.81 -1.88
N ASN A 55 14.38 3.59 -0.84
CA ASN A 55 14.23 3.09 0.47
C ASN A 55 13.21 3.87 1.28
N GLY A 56 13.21 5.17 1.10
CA GLY A 56 12.37 6.05 1.89
C GLY A 56 10.95 6.18 1.38
N ALA A 57 10.73 5.83 0.14
CA ALA A 57 9.39 5.89 -0.43
C ALA A 57 8.85 4.51 -0.61
N ALA A 58 7.58 4.34 -0.29
CA ALA A 58 6.95 3.08 -0.51
C ALA A 58 6.04 3.17 -1.69
N VAL A 59 5.47 4.37 -1.88
CA VAL A 59 4.63 4.65 -3.00
C VAL A 59 5.19 5.87 -3.69
N CYS A 60 5.60 5.72 -4.91
CA CYS A 60 6.08 6.82 -5.65
C CYS A 60 5.43 6.89 -7.02
N ILE A 61 4.92 8.05 -7.34
CA ILE A 61 4.29 8.27 -8.62
C ILE A 61 5.39 8.60 -9.58
N THR A 62 5.60 7.74 -10.50
CA THR A 62 6.68 7.89 -11.41
C THR A 62 6.25 8.35 -12.76
N ASP A 63 6.64 9.56 -13.09
CA ASP A 63 6.43 10.06 -14.41
C ASP A 63 7.80 10.29 -14.98
N GLY A 64 8.29 9.28 -15.66
CA GLY A 64 9.61 9.34 -16.21
C GLY A 64 10.64 9.26 -15.10
N PRO A 65 11.63 10.14 -15.09
CA PRO A 65 12.63 10.19 -14.04
C PRO A 65 12.14 11.03 -12.84
N LYS A 66 10.97 11.60 -12.98
CA LYS A 66 10.40 12.42 -11.95
C LYS A 66 9.63 11.54 -10.98
N THR A 67 10.16 11.43 -9.82
CA THR A 67 9.60 10.60 -8.79
C THR A 67 8.82 11.47 -7.81
N LEU A 68 7.54 11.28 -7.74
CA LEU A 68 6.69 12.00 -6.80
C LEU A 68 6.47 11.10 -5.60
N ASN A 69 6.48 11.63 -4.40
CA ASN A 69 6.36 10.80 -3.22
C ASN A 69 4.92 10.71 -2.78
N ALA A 70 4.27 9.65 -3.15
CA ALA A 70 2.86 9.46 -2.87
C ALA A 70 2.67 8.68 -1.58
N GLY A 71 3.74 8.60 -0.83
CA GLY A 71 3.68 7.97 0.44
C GLY A 71 5.02 7.43 0.81
N LYS A 72 5.57 7.93 1.90
CA LYS A 72 6.87 7.46 2.32
C LYS A 72 6.72 6.05 2.88
N LEU A 73 7.81 5.35 3.02
CA LEU A 73 7.78 4.02 3.51
C LEU A 73 7.17 3.93 4.87
N SER A 74 6.04 3.31 4.91
CA SER A 74 5.37 3.04 6.09
C SER A 74 5.38 1.54 6.24
N LYS A 75 6.26 1.04 7.09
CA LYS A 75 6.41 -0.37 7.31
C LYS A 75 5.48 -0.76 8.45
N THR A 76 4.87 0.26 9.02
CA THR A 76 3.90 0.16 10.05
C THR A 76 2.56 -0.27 9.44
N LEU A 77 1.94 -1.21 10.07
CA LEU A 77 0.73 -1.79 9.60
C LEU A 77 -0.30 -1.56 10.68
N THR A 78 -1.55 -1.47 10.31
CA THR A 78 -2.59 -1.20 11.24
C THR A 78 -3.91 -1.81 10.75
N TYR A 79 -4.97 -1.62 11.47
CA TYR A 79 -6.25 -2.20 11.14
C TYR A 79 -7.32 -1.18 11.42
N GLU A 80 -8.42 -1.28 10.73
CA GLU A 80 -9.52 -0.40 10.92
C GLU A 80 -10.79 -1.06 10.44
N ASP A 81 -11.72 -1.22 11.35
CA ASP A 81 -13.04 -1.81 11.09
C ASP A 81 -12.88 -3.24 10.55
N GLN A 82 -12.02 -3.99 11.22
CA GLN A 82 -11.72 -5.40 10.89
C GLN A 82 -11.05 -5.61 9.52
N VAL A 83 -10.69 -4.52 8.88
CA VAL A 83 -9.99 -4.55 7.62
C VAL A 83 -8.56 -4.15 7.90
N LEU A 84 -7.62 -4.69 7.16
CA LEU A 84 -6.23 -4.37 7.36
C LEU A 84 -5.95 -3.06 6.63
N LYS A 85 -5.33 -2.14 7.28
CA LYS A 85 -5.13 -0.83 6.72
C LYS A 85 -3.68 -0.43 6.79
N LEU A 86 -3.22 0.26 5.77
CA LEU A 86 -1.89 0.77 5.77
C LEU A 86 -1.92 2.05 4.95
N VAL A 87 -1.58 3.12 5.56
CA VAL A 87 -1.59 4.38 4.90
C VAL A 87 -0.18 4.89 4.72
N TYR A 88 0.17 5.21 3.51
CA TYR A 88 1.48 5.70 3.23
C TYR A 88 1.40 7.20 3.18
N GLU A 89 1.69 7.79 4.28
CA GLU A 89 1.54 9.20 4.44
C GLU A 89 2.88 9.87 4.32
N ASP A 90 2.82 11.21 4.39
CA ASP A 90 3.99 12.10 4.50
C ASP A 90 4.97 12.08 3.32
N GLY A 91 5.44 13.24 2.99
CA GLY A 91 6.41 13.41 1.93
C GLY A 91 6.31 14.77 1.35
N ASP A 92 5.96 14.85 0.09
CA ASP A 92 5.72 16.14 -0.52
C ASP A 92 4.33 16.60 -0.14
N PRO A 93 4.20 17.87 0.24
CA PRO A 93 2.93 18.42 0.74
C PRO A 93 1.90 18.68 -0.34
N CYS A 94 0.74 19.08 0.09
CA CYS A 94 -0.38 19.40 -0.76
C CYS A 94 -1.05 20.61 -0.17
N PRO A 95 -1.87 21.38 -0.94
CA PRO A 95 -2.56 22.60 -0.43
C PRO A 95 -3.38 22.33 0.84
N THR A 96 -3.92 21.14 0.93
CA THR A 96 -4.65 20.72 2.02
C THR A 96 -3.72 20.17 3.10
N ASP A 97 -2.85 19.28 2.68
CA ASP A 97 -2.01 18.49 3.54
C ASP A 97 -0.73 19.20 3.95
N LEU A 98 -0.93 20.38 4.48
CA LEU A 98 0.11 21.18 5.08
C LEU A 98 0.09 20.95 6.58
N LYS A 99 -1.07 21.23 7.15
CA LYS A 99 -1.32 21.15 8.58
C LYS A 99 -1.98 19.81 8.94
N MET A 100 -1.78 18.87 8.07
CA MET A 100 -2.31 17.56 8.14
C MET A 100 -1.38 16.79 7.26
N LYS A 101 -1.15 15.58 7.58
CA LYS A 101 -0.20 14.79 6.85
C LYS A 101 -0.81 13.48 6.43
N HIS A 102 -1.30 13.48 5.25
CA HIS A 102 -1.94 12.34 4.67
C HIS A 102 -1.56 12.26 3.21
N LYS A 103 -1.48 11.05 2.69
CA LYS A 103 -1.15 10.89 1.30
C LYS A 103 -1.87 9.66 0.72
N SER A 104 -1.32 8.49 0.90
CA SER A 104 -1.84 7.30 0.28
C SER A 104 -2.70 6.53 1.28
N TYR A 105 -3.74 5.93 0.79
CA TYR A 105 -4.67 5.22 1.61
C TYR A 105 -4.87 3.83 1.03
N PHE A 106 -4.21 2.85 1.63
CA PHE A 106 -4.28 1.52 1.11
C PHE A 106 -5.07 0.62 2.07
N SER A 107 -6.06 -0.03 1.56
CA SER A 107 -6.86 -0.94 2.31
C SER A 107 -6.57 -2.38 1.85
N PHE A 108 -6.29 -3.26 2.78
CA PHE A 108 -6.03 -4.65 2.47
C PHE A 108 -7.12 -5.49 3.08
N VAL A 109 -7.90 -6.10 2.25
CA VAL A 109 -8.99 -6.91 2.71
C VAL A 109 -8.86 -8.32 2.14
N CYS A 110 -9.05 -9.30 2.99
CA CYS A 110 -8.88 -10.68 2.65
C CYS A 110 -9.85 -11.20 1.59
N LYS A 111 -9.29 -11.56 0.45
CA LYS A 111 -10.04 -12.10 -0.67
C LYS A 111 -9.78 -13.59 -0.69
N SER A 112 -10.69 -14.35 -1.23
CA SER A 112 -10.52 -15.78 -1.29
C SER A 112 -9.68 -16.17 -2.52
N ASP A 113 -9.76 -15.37 -3.59
CA ASP A 113 -8.97 -15.66 -4.80
C ASP A 113 -7.71 -14.76 -4.85
N ALA A 114 -7.91 -13.41 -4.81
CA ALA A 114 -6.86 -12.42 -4.75
C ALA A 114 -6.01 -12.41 -6.01
N GLY A 115 -6.65 -12.71 -7.14
CA GLY A 115 -5.97 -12.67 -8.42
C GLY A 115 -4.78 -13.59 -8.50
N ASP A 116 -4.92 -14.74 -7.83
CA ASP A 116 -3.91 -15.80 -7.75
C ASP A 116 -2.76 -15.41 -6.83
N ASP A 117 -2.07 -14.38 -7.19
CA ASP A 117 -0.91 -13.92 -6.45
C ASP A 117 -1.20 -12.59 -5.77
N SER A 118 -0.96 -11.50 -6.46
CA SER A 118 -1.18 -10.20 -5.94
C SER A 118 -1.20 -9.19 -7.06
N GLN A 119 -2.29 -8.50 -7.16
CA GLN A 119 -2.49 -7.48 -8.15
C GLN A 119 -3.32 -6.32 -7.56
N PRO A 120 -2.68 -5.20 -7.22
CA PRO A 120 -3.36 -4.06 -6.55
C PRO A 120 -4.53 -3.48 -7.34
N VAL A 121 -5.59 -3.15 -6.64
CA VAL A 121 -6.73 -2.52 -7.24
C VAL A 121 -6.70 -1.04 -6.88
N PHE A 122 -6.61 -0.21 -7.87
CA PHE A 122 -6.57 1.20 -7.64
C PHE A 122 -7.95 1.78 -7.86
N LEU A 123 -8.35 2.67 -6.97
CA LEU A 123 -9.62 3.31 -7.09
C LEU A 123 -9.45 4.58 -7.89
N SER A 124 -8.62 5.46 -7.39
CA SER A 124 -8.32 6.70 -8.05
C SER A 124 -7.18 7.41 -7.33
N PHE A 125 -6.56 8.34 -8.00
CA PHE A 125 -5.61 9.21 -7.37
C PHE A 125 -6.24 10.59 -7.38
N ASP A 126 -6.49 11.13 -6.24
CA ASP A 126 -7.11 12.42 -6.13
C ASP A 126 -6.23 13.37 -5.43
N GLU A 127 -6.17 14.57 -5.91
CA GLU A 127 -5.34 15.61 -5.32
C GLU A 127 -6.12 16.43 -4.30
N GLN A 128 -7.38 16.01 -4.04
CA GLN A 128 -8.25 16.66 -3.05
C GLN A 128 -7.52 16.77 -1.73
N THR A 129 -6.96 15.67 -1.32
CA THR A 129 -6.12 15.57 -0.15
C THR A 129 -5.04 14.52 -0.48
N CYS A 130 -4.66 14.55 -1.78
CA CYS A 130 -3.59 13.72 -2.36
C CYS A 130 -3.73 12.24 -2.07
N THR A 131 -4.94 11.79 -1.92
CA THR A 131 -5.18 10.46 -1.52
C THR A 131 -5.12 9.52 -2.69
N SER A 132 -4.21 8.63 -2.59
CA SER A 132 -4.08 7.57 -3.50
C SER A 132 -4.93 6.43 -2.93
N TYR A 133 -6.13 6.26 -3.47
CA TYR A 133 -7.04 5.26 -2.94
C TYR A 133 -6.73 3.91 -3.53
N PHE A 134 -6.23 3.01 -2.71
CA PHE A 134 -5.92 1.68 -3.18
C PHE A 134 -6.60 0.67 -2.30
N SER A 135 -6.93 -0.43 -2.87
CA SER A 135 -7.52 -1.51 -2.16
C SER A 135 -6.99 -2.79 -2.75
N TRP A 136 -6.47 -3.64 -1.94
CA TRP A 136 -6.06 -4.88 -2.42
C TRP A 136 -6.75 -5.99 -1.65
N HIS A 137 -7.61 -6.66 -2.35
CA HIS A 137 -8.28 -7.82 -1.88
C HIS A 137 -7.26 -8.97 -1.96
N THR A 138 -6.64 -9.26 -0.87
CA THR A 138 -5.57 -10.23 -0.82
C THR A 138 -5.79 -11.20 0.32
N SER A 139 -5.30 -12.39 0.20
CA SER A 139 -5.50 -13.39 1.22
C SER A 139 -4.57 -13.15 2.44
N LEU A 140 -3.49 -12.39 2.25
CA LEU A 140 -2.52 -12.14 3.33
C LEU A 140 -2.94 -10.94 4.20
N ALA A 141 -4.13 -10.45 3.96
CA ALA A 141 -4.67 -9.30 4.66
C ALA A 141 -5.24 -9.64 6.03
N CYS A 142 -5.92 -10.74 6.15
CA CYS A 142 -6.49 -11.07 7.42
C CYS A 142 -6.41 -12.58 7.61
N GLU A 143 -6.90 -13.10 8.72
CA GLU A 143 -6.83 -14.53 8.94
C GLU A 143 -8.03 -15.19 8.26
N GLU A 144 -9.08 -14.42 8.14
CA GLU A 144 -10.30 -14.83 7.49
C GLU A 144 -10.12 -14.64 5.95
N GLU A 145 -11.22 -14.59 5.23
CA GLU A 145 -11.22 -14.33 3.81
C GLU A 145 -12.65 -14.08 3.40
N VAL A 146 -12.85 -13.22 2.46
CA VAL A 146 -14.15 -12.95 1.95
C VAL A 146 -14.38 -13.83 0.73
N PRO A 147 -15.38 -14.71 0.76
CA PRO A 147 -15.70 -15.63 -0.34
C PRO A 147 -16.46 -14.92 -1.49
N ARG A 148 -16.13 -13.68 -1.69
CA ARG A 148 -16.68 -12.88 -2.73
C ARG A 148 -15.52 -12.33 -3.46
N MET A 1 1.41 -17.71 5.05
CA MET A 1 2.13 -17.36 3.83
C MET A 1 3.04 -16.21 4.14
N LYS A 2 4.31 -16.50 4.41
CA LYS A 2 5.22 -15.46 4.82
C LYS A 2 6.55 -15.58 4.07
N SER A 3 6.69 -14.79 3.05
CA SER A 3 7.85 -14.83 2.18
C SER A 3 9.09 -14.07 2.74
N ASN A 4 9.00 -12.75 2.83
CA ASN A 4 10.17 -11.93 3.13
C ASN A 4 10.48 -11.85 4.61
N VAL A 5 9.68 -11.06 5.33
CA VAL A 5 9.90 -10.75 6.75
C VAL A 5 11.26 -10.06 6.94
N GLN A 6 11.29 -8.80 6.59
CA GLN A 6 12.51 -8.03 6.67
C GLN A 6 12.70 -7.24 7.97
N ASN A 7 11.61 -6.97 8.68
CA ASN A 7 11.67 -6.21 9.92
C ASN A 7 10.37 -6.35 10.71
N ASP A 8 9.34 -5.64 10.27
CA ASP A 8 8.05 -5.63 10.97
C ASP A 8 6.90 -5.43 9.95
N CYS A 9 5.99 -4.50 10.23
CA CYS A 9 4.77 -4.26 9.47
C CYS A 9 3.90 -5.49 9.63
N ARG A 10 3.37 -5.62 10.85
CA ARG A 10 2.57 -6.75 11.28
C ARG A 10 1.60 -6.21 12.32
N VAL A 11 0.38 -6.65 12.30
CA VAL A 11 -0.61 -6.21 13.28
C VAL A 11 -1.55 -7.35 13.60
N THR A 12 -1.91 -7.50 14.83
CA THR A 12 -2.85 -8.52 15.19
C THR A 12 -4.24 -7.91 15.08
N ASN A 13 -5.06 -8.46 14.20
CA ASN A 13 -6.41 -7.96 14.02
C ASN A 13 -7.35 -8.71 14.92
N PRO A 14 -7.91 -8.03 15.93
CA PRO A 14 -8.82 -8.64 16.90
C PRO A 14 -10.13 -9.10 16.27
N ALA A 15 -10.46 -8.54 15.12
CA ALA A 15 -11.68 -8.91 14.43
C ALA A 15 -11.55 -10.30 13.80
N THR A 16 -10.37 -10.66 13.39
CA THR A 16 -10.14 -11.97 12.83
C THR A 16 -9.57 -12.91 13.89
N GLY A 17 -8.67 -12.38 14.72
CA GLY A 17 -7.99 -13.19 15.71
C GLY A 17 -6.73 -13.78 15.13
N HIS A 18 -6.41 -13.36 13.92
CA HIS A 18 -5.26 -13.82 13.20
C HIS A 18 -4.26 -12.66 13.11
N LEU A 19 -2.99 -12.98 13.09
CA LEU A 19 -1.96 -11.99 12.91
C LEU A 19 -1.93 -11.61 11.45
N PHE A 20 -1.99 -10.35 11.18
CA PHE A 20 -1.90 -9.88 9.83
C PHE A 20 -0.53 -9.34 9.60
N ASP A 21 0.19 -9.97 8.74
CA ASP A 21 1.46 -9.48 8.37
C ASP A 21 1.66 -9.64 6.90
N LEU A 22 1.90 -8.53 6.27
CA LEU A 22 2.13 -8.53 4.86
C LEU A 22 3.58 -8.88 4.62
N THR A 23 3.88 -10.12 4.81
CA THR A 23 5.20 -10.63 4.72
C THR A 23 5.57 -11.12 3.34
N SER A 24 4.61 -11.61 2.60
CA SER A 24 4.86 -11.96 1.22
C SER A 24 4.64 -10.75 0.32
N LEU A 25 4.01 -9.73 0.87
CA LEU A 25 3.76 -8.52 0.11
C LEU A 25 4.98 -7.60 0.17
N LYS A 26 5.72 -7.68 1.26
CA LYS A 26 6.94 -6.90 1.39
C LYS A 26 8.04 -7.53 0.57
N ARG A 27 8.58 -6.79 -0.33
CA ARG A 27 9.63 -7.27 -1.19
C ARG A 27 10.69 -6.18 -1.36
N GLU A 28 11.61 -6.33 -2.29
CA GLU A 28 12.67 -5.35 -2.43
C GLU A 28 12.26 -4.22 -3.36
N SER A 29 11.70 -4.57 -4.48
CA SER A 29 11.31 -3.58 -5.44
C SER A 29 9.86 -3.14 -5.19
N GLY A 30 8.95 -4.11 -5.16
CA GLY A 30 7.56 -3.79 -4.84
C GLY A 30 6.59 -4.31 -5.86
N TYR A 31 5.37 -3.83 -5.78
CA TYR A 31 4.31 -4.16 -6.69
C TYR A 31 4.09 -3.01 -7.62
N THR A 32 3.53 -3.31 -8.74
CA THR A 32 3.33 -2.31 -9.71
C THR A 32 1.98 -2.50 -10.32
N ILE A 33 1.45 -1.42 -10.71
CA ILE A 33 0.17 -1.29 -11.30
C ILE A 33 0.15 -0.08 -12.19
N THR A 34 -0.91 0.10 -12.89
CA THR A 34 -1.06 1.22 -13.76
C THR A 34 -1.79 2.32 -12.99
N ASP A 35 -1.48 3.57 -13.28
CA ASP A 35 -2.15 4.71 -12.67
C ASP A 35 -3.46 4.97 -13.47
N SER A 36 -4.01 6.16 -13.38
CA SER A 36 -5.25 6.54 -14.02
C SER A 36 -5.31 6.17 -15.52
N HIS A 37 -4.24 6.44 -16.27
CA HIS A 37 -4.25 6.08 -17.69
C HIS A 37 -2.85 6.05 -18.31
N ASN A 38 -2.00 6.97 -17.94
CA ASN A 38 -0.70 7.07 -18.60
C ASN A 38 0.41 6.75 -17.65
N ARG A 39 0.31 7.32 -16.49
CA ARG A 39 1.31 7.18 -15.46
C ARG A 39 1.31 5.75 -14.91
N LYS A 40 2.29 5.39 -14.13
CA LYS A 40 2.36 4.06 -13.58
C LYS A 40 2.51 4.16 -12.06
N ILE A 41 1.99 3.20 -11.34
CA ILE A 41 2.07 3.21 -9.90
C ILE A 41 2.99 2.09 -9.44
N GLU A 42 4.01 2.46 -8.76
CA GLU A 42 4.95 1.52 -8.22
C GLU A 42 4.86 1.61 -6.70
N LEU A 43 4.44 0.57 -6.07
CA LEU A 43 4.25 0.61 -4.64
C LEU A 43 4.64 -0.68 -3.92
N ASN A 44 5.52 -0.55 -2.98
CA ASN A 44 5.96 -1.67 -2.17
C ASN A 44 5.38 -1.48 -0.81
N VAL A 45 4.86 -2.52 -0.25
CA VAL A 45 4.19 -2.43 1.00
C VAL A 45 4.96 -3.16 2.07
N CYS A 46 5.15 -2.48 3.20
CA CYS A 46 5.82 -3.00 4.39
C CYS A 46 7.33 -3.01 4.25
N ALA A 47 7.82 -2.54 3.14
CA ALA A 47 9.23 -2.45 2.87
C ALA A 47 9.43 -1.34 1.87
N GLU A 48 10.62 -0.78 1.86
CA GLU A 48 10.94 0.31 0.94
C GLU A 48 10.99 -0.18 -0.51
N ALA A 49 10.59 0.66 -1.45
CA ALA A 49 10.54 0.29 -2.84
C ALA A 49 11.81 0.69 -3.55
N LYS A 50 12.32 -0.21 -4.37
CA LYS A 50 13.54 0.07 -5.10
C LYS A 50 13.38 -0.09 -6.61
N SER A 51 12.15 -0.31 -7.10
CA SER A 51 11.93 -0.49 -8.54
C SER A 51 12.38 0.75 -9.32
N SER A 52 11.78 1.87 -8.99
CA SER A 52 12.10 3.13 -9.60
C SER A 52 12.08 4.19 -8.51
N CYS A 53 12.28 3.72 -7.29
CA CYS A 53 12.26 4.53 -6.11
C CYS A 53 13.63 4.44 -5.48
N ALA A 54 14.01 5.44 -4.70
CA ALA A 54 15.33 5.45 -4.10
C ALA A 54 15.42 4.50 -2.90
N ASN A 55 15.12 5.00 -1.72
CA ASN A 55 15.09 4.17 -0.56
C ASN A 55 13.73 4.21 0.14
N GLY A 56 13.52 5.24 0.97
CA GLY A 56 12.35 5.38 1.81
C GLY A 56 11.05 5.68 1.08
N ALA A 57 11.07 5.56 -0.20
CA ALA A 57 9.90 5.75 -0.98
C ALA A 57 9.21 4.42 -1.12
N ALA A 58 7.98 4.33 -0.68
CA ALA A 58 7.26 3.07 -0.76
C ALA A 58 6.29 3.11 -1.91
N VAL A 59 5.61 4.22 -2.04
CA VAL A 59 4.66 4.39 -3.10
C VAL A 59 5.17 5.48 -4.02
N CYS A 60 5.43 5.12 -5.24
CA CYS A 60 5.92 6.04 -6.21
C CYS A 60 4.98 6.08 -7.40
N ILE A 61 4.61 7.26 -7.78
CA ILE A 61 3.87 7.45 -8.98
C ILE A 61 4.88 7.87 -10.01
N THR A 62 5.18 7.00 -10.90
CA THR A 62 6.16 7.24 -11.87
C THR A 62 5.57 7.69 -13.15
N ASP A 63 5.94 8.86 -13.54
CA ASP A 63 5.60 9.33 -14.82
C ASP A 63 6.84 9.94 -15.38
N GLY A 64 7.56 9.13 -16.10
CA GLY A 64 8.77 9.56 -16.73
C GLY A 64 9.87 9.68 -15.70
N PRO A 65 10.66 10.75 -15.74
CA PRO A 65 11.69 11.00 -14.73
C PRO A 65 11.04 11.47 -13.42
N LYS A 66 9.84 12.02 -13.53
CA LYS A 66 9.13 12.58 -12.42
C LYS A 66 8.59 11.48 -11.53
N THR A 67 9.17 11.39 -10.37
CA THR A 67 8.79 10.40 -9.41
C THR A 67 8.05 11.08 -8.26
N LEU A 68 6.79 10.77 -8.10
CA LEU A 68 5.98 11.32 -7.02
C LEU A 68 5.98 10.33 -5.87
N ASN A 69 6.19 10.80 -4.68
CA ASN A 69 6.19 9.92 -3.53
C ASN A 69 4.84 9.97 -2.87
N ALA A 70 4.02 9.04 -3.25
CA ALA A 70 2.67 8.94 -2.77
C ALA A 70 2.62 8.10 -1.49
N GLY A 71 3.70 8.16 -0.76
CA GLY A 71 3.80 7.47 0.47
C GLY A 71 5.21 7.05 0.74
N LYS A 72 5.77 7.50 1.83
CA LYS A 72 7.10 7.12 2.18
C LYS A 72 7.00 5.86 3.00
N LEU A 73 8.03 5.07 3.00
CA LEU A 73 8.03 3.84 3.70
C LEU A 73 7.95 4.05 5.19
N SER A 74 6.79 3.76 5.69
CA SER A 74 6.47 3.77 7.06
C SER A 74 5.68 2.51 7.26
N LYS A 75 6.27 1.50 7.83
CA LYS A 75 5.65 0.21 7.91
C LYS A 75 4.68 0.10 9.11
N THR A 76 3.83 1.10 9.22
CA THR A 76 2.81 1.20 10.23
C THR A 76 1.57 0.44 9.74
N LEU A 77 1.37 -0.74 10.25
CA LEU A 77 0.30 -1.60 9.82
C LEU A 77 -0.71 -1.69 10.95
N THR A 78 -1.95 -1.51 10.62
CA THR A 78 -2.98 -1.45 11.60
C THR A 78 -4.31 -1.96 11.00
N TYR A 79 -5.36 -1.86 11.74
CA TYR A 79 -6.66 -2.36 11.32
C TYR A 79 -7.67 -1.24 11.49
N GLU A 80 -8.66 -1.24 10.63
CA GLU A 80 -9.71 -0.23 10.66
C GLU A 80 -10.91 -0.73 9.90
N ASP A 81 -12.05 -0.78 10.59
CA ASP A 81 -13.34 -1.21 10.01
C ASP A 81 -13.29 -2.71 9.69
N GLN A 82 -12.53 -3.45 10.52
CA GLN A 82 -12.34 -4.92 10.42
C GLN A 82 -11.55 -5.33 9.18
N VAL A 83 -11.06 -4.35 8.47
CA VAL A 83 -10.28 -4.55 7.28
C VAL A 83 -8.85 -4.11 7.64
N LEU A 84 -7.87 -4.62 6.93
CA LEU A 84 -6.49 -4.29 7.22
C LEU A 84 -6.19 -2.96 6.58
N LYS A 85 -5.55 -2.08 7.29
CA LYS A 85 -5.31 -0.74 6.79
C LYS A 85 -3.88 -0.32 7.02
N LEU A 86 -3.31 0.35 6.06
CA LEU A 86 -1.98 0.86 6.18
C LEU A 86 -1.99 2.21 5.50
N VAL A 87 -1.37 3.18 6.09
CA VAL A 87 -1.34 4.49 5.51
C VAL A 87 0.08 4.88 5.11
N TYR A 88 0.24 5.28 3.89
CA TYR A 88 1.52 5.75 3.41
C TYR A 88 1.47 7.22 3.15
N GLU A 89 2.02 7.98 4.04
CA GLU A 89 2.04 9.41 3.87
C GLU A 89 3.44 9.97 3.77
N ASP A 90 3.52 11.29 3.67
CA ASP A 90 4.74 12.05 3.60
C ASP A 90 5.48 11.75 2.30
N GLY A 91 6.77 11.77 2.36
CA GLY A 91 7.61 11.64 1.20
C GLY A 91 7.85 13.02 0.68
N ASP A 92 6.93 13.46 -0.10
CA ASP A 92 6.88 14.83 -0.54
C ASP A 92 5.74 15.53 0.19
N PRO A 93 6.02 16.67 0.79
CA PRO A 93 5.02 17.43 1.52
C PRO A 93 4.03 18.16 0.61
N CYS A 94 2.77 17.94 0.86
CA CYS A 94 1.72 18.68 0.19
C CYS A 94 1.25 19.79 1.12
N PRO A 95 1.15 21.03 0.62
CA PRO A 95 0.71 22.22 1.42
C PRO A 95 -0.74 22.12 1.90
N THR A 96 -1.42 21.11 1.44
CA THR A 96 -2.73 20.84 1.80
C THR A 96 -2.74 20.13 3.16
N ASP A 97 -1.69 19.40 3.40
CA ASP A 97 -1.60 18.54 4.54
C ASP A 97 -0.49 18.94 5.46
N LEU A 98 -0.74 20.02 6.14
CA LEU A 98 0.15 20.57 7.12
C LEU A 98 -0.29 20.09 8.50
N LYS A 99 -1.56 20.36 8.75
CA LYS A 99 -2.23 20.14 10.03
C LYS A 99 -3.11 18.88 9.95
N MET A 100 -2.82 18.10 8.97
CA MET A 100 -3.50 16.91 8.63
C MET A 100 -2.48 16.19 7.81
N LYS A 101 -2.46 14.93 7.84
CA LYS A 101 -1.44 14.24 7.08
C LYS A 101 -2.02 13.13 6.21
N HIS A 102 -2.36 13.46 5.00
CA HIS A 102 -2.85 12.50 4.05
C HIS A 102 -1.83 12.29 2.95
N LYS A 103 -1.94 11.16 2.26
CA LYS A 103 -1.13 10.87 1.08
C LYS A 103 -1.61 9.56 0.44
N SER A 104 -1.72 8.52 1.20
CA SER A 104 -2.20 7.27 0.67
C SER A 104 -2.80 6.40 1.75
N TYR A 105 -3.91 5.79 1.44
CA TYR A 105 -4.63 4.92 2.31
C TYR A 105 -4.78 3.58 1.62
N PHE A 106 -4.28 2.56 2.23
CA PHE A 106 -4.35 1.24 1.69
C PHE A 106 -5.34 0.39 2.46
N SER A 107 -6.37 0.02 1.79
CA SER A 107 -7.36 -0.85 2.32
C SER A 107 -7.03 -2.27 1.88
N PHE A 108 -6.50 -3.04 2.77
CA PHE A 108 -6.16 -4.40 2.48
C PHE A 108 -7.31 -5.29 2.86
N VAL A 109 -8.01 -5.73 1.86
CA VAL A 109 -9.18 -6.51 2.06
C VAL A 109 -8.95 -7.94 1.59
N CYS A 110 -9.32 -8.86 2.44
CA CYS A 110 -9.21 -10.25 2.14
C CYS A 110 -10.30 -10.66 1.19
N LYS A 111 -9.92 -11.14 0.05
CA LYS A 111 -10.87 -11.61 -0.89
C LYS A 111 -10.33 -12.86 -1.53
N SER A 112 -10.95 -13.99 -1.23
CA SER A 112 -10.56 -15.31 -1.76
C SER A 112 -10.48 -15.29 -3.31
N ASP A 113 -11.33 -14.45 -3.91
CA ASP A 113 -11.38 -14.23 -5.36
C ASP A 113 -10.04 -13.71 -5.91
N ALA A 114 -9.30 -13.02 -5.08
CA ALA A 114 -8.04 -12.43 -5.47
C ALA A 114 -6.93 -12.94 -4.58
N GLY A 115 -7.13 -14.13 -4.04
CA GLY A 115 -6.18 -14.75 -3.12
C GLY A 115 -4.82 -14.99 -3.72
N ASP A 116 -4.79 -15.22 -5.02
CA ASP A 116 -3.53 -15.45 -5.69
C ASP A 116 -3.07 -14.19 -6.39
N ASP A 117 -4.02 -13.51 -7.00
CA ASP A 117 -3.73 -12.28 -7.76
C ASP A 117 -3.07 -11.24 -6.90
N SER A 118 -3.69 -10.95 -5.76
CA SER A 118 -3.24 -9.91 -4.85
C SER A 118 -3.15 -8.60 -5.63
N GLN A 119 -4.30 -8.06 -5.97
CA GLN A 119 -4.35 -6.93 -6.84
C GLN A 119 -4.68 -5.63 -6.12
N PRO A 120 -3.79 -4.65 -6.24
CA PRO A 120 -4.02 -3.32 -5.74
C PRO A 120 -4.88 -2.51 -6.72
N VAL A 121 -6.11 -2.31 -6.38
CA VAL A 121 -7.04 -1.59 -7.21
C VAL A 121 -7.03 -0.14 -6.78
N PHE A 122 -6.68 0.75 -7.68
CA PHE A 122 -6.72 2.15 -7.34
C PHE A 122 -8.17 2.57 -7.34
N LEU A 123 -8.62 3.04 -6.20
CA LEU A 123 -9.98 3.46 -6.04
C LEU A 123 -10.09 4.80 -6.70
N SER A 124 -9.23 5.67 -6.24
CA SER A 124 -9.10 6.98 -6.80
C SER A 124 -7.84 7.62 -6.28
N PHE A 125 -7.32 8.54 -7.03
CA PHE A 125 -6.21 9.33 -6.60
C PHE A 125 -6.76 10.73 -6.51
N ASP A 126 -6.77 11.28 -5.35
CA ASP A 126 -7.33 12.60 -5.16
C ASP A 126 -6.29 13.53 -4.62
N GLU A 127 -5.64 14.27 -5.50
CA GLU A 127 -4.54 15.13 -5.12
C GLU A 127 -4.99 16.47 -4.54
N GLN A 128 -6.30 16.64 -4.37
CA GLN A 128 -6.86 17.82 -3.70
C GLN A 128 -6.27 17.94 -2.28
N THR A 129 -6.14 16.80 -1.64
CA THR A 129 -5.45 16.71 -0.37
C THR A 129 -4.47 15.53 -0.45
N CYS A 130 -3.98 15.32 -1.68
CA CYS A 130 -2.96 14.31 -2.02
C CYS A 130 -3.28 12.90 -1.53
N THR A 131 -4.54 12.55 -1.43
CA THR A 131 -4.90 11.28 -0.88
C THR A 131 -5.14 10.24 -1.98
N SER A 132 -4.35 9.23 -1.96
CA SER A 132 -4.47 8.13 -2.86
C SER A 132 -5.21 7.00 -2.14
N TYR A 133 -6.26 6.50 -2.73
CA TYR A 133 -7.03 5.41 -2.13
C TYR A 133 -6.79 4.14 -2.91
N PHE A 134 -6.26 3.14 -2.26
CA PHE A 134 -5.99 1.88 -2.92
C PHE A 134 -6.66 0.74 -2.17
N SER A 135 -7.39 -0.07 -2.89
CA SER A 135 -8.05 -1.21 -2.32
C SER A 135 -7.32 -2.45 -2.79
N TRP A 136 -6.66 -3.10 -1.90
CA TRP A 136 -5.85 -4.22 -2.25
C TRP A 136 -6.63 -5.49 -1.93
N HIS A 137 -7.08 -6.15 -2.96
CA HIS A 137 -7.83 -7.38 -2.82
C HIS A 137 -6.84 -8.52 -2.72
N THR A 138 -6.52 -8.91 -1.51
CA THR A 138 -5.58 -9.97 -1.32
C THR A 138 -5.90 -10.83 -0.08
N SER A 139 -5.74 -12.12 -0.21
CA SER A 139 -5.88 -13.02 0.94
C SER A 139 -4.57 -13.10 1.74
N LEU A 140 -3.60 -12.27 1.37
CA LEU A 140 -2.35 -12.17 2.10
C LEU A 140 -2.55 -11.13 3.21
N ALA A 141 -3.55 -10.29 3.01
CA ALA A 141 -3.87 -9.20 3.90
C ALA A 141 -4.67 -9.68 5.09
N CYS A 142 -5.62 -10.48 4.80
CA CYS A 142 -6.58 -10.90 5.74
C CYS A 142 -6.98 -12.31 5.35
N GLU A 143 -7.80 -12.97 6.11
CA GLU A 143 -8.10 -14.35 5.86
C GLU A 143 -9.35 -14.49 4.99
N GLU A 144 -10.50 -14.10 5.54
CA GLU A 144 -11.83 -14.27 4.93
C GLU A 144 -12.17 -15.76 4.80
N GLU A 145 -11.55 -16.38 3.84
CA GLU A 145 -11.71 -17.75 3.56
C GLU A 145 -10.46 -18.16 2.84
N VAL A 146 -9.72 -19.04 3.43
CA VAL A 146 -8.47 -19.49 2.88
C VAL A 146 -8.73 -20.69 1.99
N PRO A 147 -8.53 -20.54 0.67
CA PRO A 147 -8.73 -21.61 -0.30
C PRO A 147 -7.81 -22.82 -0.01
N ARG A 148 -6.52 -22.55 0.11
CA ARG A 148 -5.55 -23.60 0.42
C ARG A 148 -4.68 -23.10 1.54
N MET A 1 0.96 -18.29 4.14
CA MET A 1 2.16 -18.30 3.30
C MET A 1 3.03 -17.09 3.61
N LYS A 2 4.25 -17.11 3.13
CA LYS A 2 5.22 -16.05 3.35
C LYS A 2 6.15 -15.94 2.15
N SER A 3 6.43 -14.73 1.72
CA SER A 3 7.37 -14.54 0.64
C SER A 3 8.69 -13.98 1.20
N ASN A 4 8.57 -13.05 2.13
CA ASN A 4 9.70 -12.49 2.85
C ASN A 4 9.12 -11.90 4.15
N VAL A 5 9.90 -11.21 4.94
CA VAL A 5 9.42 -10.75 6.23
C VAL A 5 10.10 -9.45 6.55
N GLN A 6 9.49 -8.68 7.38
CA GLN A 6 9.99 -7.41 7.81
C GLN A 6 10.07 -7.38 9.32
N ASN A 7 10.37 -6.20 9.88
CA ASN A 7 10.38 -5.97 11.33
C ASN A 7 9.05 -6.35 11.93
N ASP A 8 8.02 -5.90 11.28
CA ASP A 8 6.69 -6.22 11.68
C ASP A 8 5.91 -6.79 10.51
N CYS A 9 5.20 -5.94 9.77
CA CYS A 9 4.39 -6.32 8.59
C CYS A 9 3.24 -7.26 9.00
N ARG A 10 2.99 -7.31 10.28
CA ARG A 10 1.97 -8.13 10.83
C ARG A 10 1.41 -7.46 12.06
N VAL A 11 0.13 -7.23 12.04
CA VAL A 11 -0.51 -6.62 13.16
C VAL A 11 -1.58 -7.55 13.68
N THR A 12 -1.56 -7.75 14.95
CA THR A 12 -2.53 -8.57 15.58
C THR A 12 -3.63 -7.65 16.06
N ASN A 13 -4.84 -7.86 15.59
CA ASN A 13 -5.93 -7.04 16.04
C ASN A 13 -6.60 -7.72 17.20
N PRO A 14 -6.52 -7.15 18.41
CA PRO A 14 -7.11 -7.74 19.62
C PRO A 14 -8.62 -7.94 19.50
N ALA A 15 -9.28 -7.07 18.77
CA ALA A 15 -10.71 -7.14 18.59
C ALA A 15 -11.10 -8.36 17.75
N THR A 16 -10.40 -8.57 16.66
CA THR A 16 -10.67 -9.70 15.79
C THR A 16 -10.05 -10.99 16.37
N GLY A 17 -8.84 -10.87 16.86
CA GLY A 17 -8.12 -12.02 17.37
C GLY A 17 -7.14 -12.53 16.35
N HIS A 18 -7.40 -12.17 15.10
CA HIS A 18 -6.61 -12.62 13.96
C HIS A 18 -5.42 -11.72 13.70
N LEU A 19 -4.49 -12.27 12.96
CA LEU A 19 -3.26 -11.61 12.60
C LEU A 19 -3.29 -11.28 11.11
N PHE A 20 -2.99 -10.06 10.80
CA PHE A 20 -2.82 -9.65 9.42
C PHE A 20 -1.34 -9.75 9.14
N ASP A 21 -0.95 -10.62 8.26
CA ASP A 21 0.48 -10.84 8.02
C ASP A 21 0.78 -10.76 6.53
N LEU A 22 1.44 -9.69 6.12
CA LEU A 22 1.67 -9.42 4.70
C LEU A 22 3.06 -9.85 4.25
N THR A 23 3.51 -10.95 4.76
CA THR A 23 4.80 -11.49 4.45
C THR A 23 4.94 -11.86 2.94
N SER A 24 3.85 -12.25 2.33
CA SER A 24 3.83 -12.51 0.91
C SER A 24 3.58 -11.24 0.11
N LEU A 25 3.30 -10.15 0.77
CA LEU A 25 3.03 -8.95 0.11
C LEU A 25 4.29 -8.14 -0.09
N LYS A 26 5.10 -8.01 0.95
CA LYS A 26 6.29 -7.22 0.82
C LYS A 26 7.24 -7.92 -0.13
N ARG A 27 7.80 -7.17 -1.00
CA ARG A 27 8.70 -7.72 -1.97
C ARG A 27 9.89 -6.81 -2.07
N GLU A 28 10.94 -7.25 -2.70
CA GLU A 28 12.17 -6.50 -2.72
C GLU A 28 12.12 -5.32 -3.67
N SER A 29 11.36 -5.47 -4.73
CA SER A 29 11.19 -4.43 -5.68
C SER A 29 10.00 -3.53 -5.31
N GLY A 30 8.82 -4.02 -5.54
CA GLY A 30 7.62 -3.31 -5.26
C GLY A 30 6.52 -3.80 -6.16
N TYR A 31 5.41 -3.16 -6.13
CA TYR A 31 4.28 -3.50 -6.94
C TYR A 31 4.21 -2.52 -8.06
N THR A 32 3.89 -3.00 -9.21
CA THR A 32 3.80 -2.18 -10.35
C THR A 32 2.37 -2.08 -10.81
N ILE A 33 1.90 -0.89 -10.78
CA ILE A 33 0.59 -0.58 -11.19
C ILE A 33 0.63 0.69 -12.01
N THR A 34 -0.48 1.08 -12.52
CA THR A 34 -0.54 2.25 -13.32
C THR A 34 -1.53 3.22 -12.69
N ASP A 35 -1.30 4.48 -12.91
CA ASP A 35 -2.18 5.53 -12.47
C ASP A 35 -3.26 5.72 -13.57
N SER A 36 -4.04 6.79 -13.49
CA SER A 36 -5.17 7.10 -14.36
C SER A 36 -5.03 6.63 -15.86
N HIS A 37 -3.93 7.02 -16.53
CA HIS A 37 -3.68 6.59 -17.94
C HIS A 37 -2.36 7.08 -18.46
N ASN A 38 -1.52 7.51 -17.58
CA ASN A 38 -0.27 8.06 -17.99
C ASN A 38 0.78 7.73 -16.98
N ARG A 39 0.55 8.22 -15.78
CA ARG A 39 1.48 8.02 -14.70
C ARG A 39 1.51 6.56 -14.28
N LYS A 40 2.60 6.14 -13.74
CA LYS A 40 2.73 4.79 -13.25
C LYS A 40 2.74 4.83 -11.74
N ILE A 41 2.15 3.86 -11.13
CA ILE A 41 2.14 3.80 -9.71
C ILE A 41 3.07 2.71 -9.26
N GLU A 42 4.16 3.12 -8.74
CA GLU A 42 5.18 2.23 -8.27
C GLU A 42 5.17 2.33 -6.77
N LEU A 43 4.84 1.26 -6.11
CA LEU A 43 4.75 1.30 -4.67
C LEU A 43 5.07 -0.01 -4.04
N ASN A 44 5.40 0.00 -2.78
CA ASN A 44 5.69 -1.23 -2.08
C ASN A 44 5.15 -1.13 -0.66
N VAL A 45 4.68 -2.23 -0.14
CA VAL A 45 4.06 -2.29 1.16
C VAL A 45 4.94 -3.06 2.12
N CYS A 46 5.01 -2.56 3.37
CA CYS A 46 5.85 -3.11 4.47
C CYS A 46 7.33 -2.80 4.27
N ALA A 47 7.70 -2.62 3.05
CA ALA A 47 9.02 -2.31 2.69
C ALA A 47 8.99 -1.18 1.70
N GLU A 48 10.07 -0.54 1.57
CA GLU A 48 10.23 0.62 0.70
C GLU A 48 10.26 0.22 -0.78
N ALA A 49 9.74 1.10 -1.64
CA ALA A 49 9.61 0.87 -3.08
C ALA A 49 10.94 1.05 -3.78
N LYS A 50 11.38 0.02 -4.46
CA LYS A 50 12.67 0.03 -5.10
C LYS A 50 12.59 -0.34 -6.58
N SER A 51 11.38 -0.42 -7.13
CA SER A 51 11.25 -0.80 -8.53
C SER A 51 11.67 0.37 -9.41
N SER A 52 11.18 1.54 -9.09
CA SER A 52 11.48 2.76 -9.83
C SER A 52 11.62 4.00 -8.91
N CYS A 53 11.09 3.92 -7.69
CA CYS A 53 11.18 5.04 -6.77
C CYS A 53 12.62 5.15 -6.20
N ALA A 54 12.85 6.08 -5.27
CA ALA A 54 14.21 6.35 -4.81
C ALA A 54 14.72 5.41 -3.72
N ASN A 55 14.51 5.79 -2.47
CA ASN A 55 15.12 5.10 -1.39
C ASN A 55 14.14 4.54 -0.36
N GLY A 56 13.62 5.42 0.49
CA GLY A 56 12.81 5.01 1.62
C GLY A 56 11.37 5.29 1.42
N ALA A 57 11.02 5.61 0.21
CA ALA A 57 9.68 5.93 -0.13
C ALA A 57 8.85 4.66 -0.33
N ALA A 58 7.54 4.79 -0.26
CA ALA A 58 6.68 3.64 -0.42
C ALA A 58 5.74 3.81 -1.57
N VAL A 59 4.97 4.90 -1.57
CA VAL A 59 4.04 5.15 -2.67
C VAL A 59 4.63 6.22 -3.57
N CYS A 60 4.91 5.87 -4.79
CA CYS A 60 5.54 6.76 -5.69
C CYS A 60 4.83 6.80 -7.05
N ILE A 61 4.32 7.96 -7.37
CA ILE A 61 3.63 8.17 -8.61
C ILE A 61 4.67 8.59 -9.62
N THR A 62 4.91 7.79 -10.60
CA THR A 62 5.91 8.12 -11.56
C THR A 62 5.27 8.86 -12.72
N ASP A 63 5.53 10.14 -12.76
CA ASP A 63 4.99 11.02 -13.76
C ASP A 63 6.06 11.18 -14.82
N GLY A 64 5.93 10.41 -15.88
CA GLY A 64 6.93 10.40 -16.91
C GLY A 64 8.16 9.67 -16.40
N PRO A 65 9.30 10.33 -16.35
CA PRO A 65 10.51 9.77 -15.75
C PRO A 65 10.74 10.30 -14.32
N LYS A 66 9.85 11.16 -13.87
CA LYS A 66 10.02 11.84 -12.62
C LYS A 66 9.13 11.20 -11.57
N THR A 67 9.68 10.97 -10.42
CA THR A 67 8.97 10.31 -9.37
C THR A 67 8.37 11.31 -8.38
N LEU A 68 7.07 11.23 -8.19
CA LEU A 68 6.37 12.02 -7.21
C LEU A 68 6.10 11.13 -6.01
N ASN A 69 6.63 11.49 -4.88
CA ASN A 69 6.47 10.67 -3.71
C ASN A 69 5.25 11.14 -2.92
N ALA A 70 4.24 10.29 -2.86
CA ALA A 70 3.02 10.64 -2.14
C ALA A 70 3.14 10.23 -0.68
N GLY A 71 3.99 9.27 -0.42
CA GLY A 71 4.20 8.82 0.92
C GLY A 71 5.43 7.96 1.02
N LYS A 72 6.21 8.17 2.03
CA LYS A 72 7.40 7.38 2.23
C LYS A 72 7.02 6.10 2.92
N LEU A 73 7.98 5.22 3.10
CA LEU A 73 7.73 4.01 3.78
C LEU A 73 7.49 4.28 5.23
N SER A 74 6.34 3.94 5.65
CA SER A 74 6.00 3.90 7.00
C SER A 74 5.28 2.61 7.14
N LYS A 75 5.96 1.62 7.67
CA LYS A 75 5.38 0.32 7.81
C LYS A 75 4.39 0.30 8.99
N THR A 76 3.28 0.96 8.79
CA THR A 76 2.25 1.09 9.75
C THR A 76 1.08 0.19 9.35
N LEU A 77 1.04 -0.96 9.94
CA LEU A 77 0.01 -1.93 9.71
C LEU A 77 -1.04 -1.69 10.77
N THR A 78 -2.15 -1.13 10.39
CA THR A 78 -3.12 -0.78 11.37
C THR A 78 -4.53 -1.23 10.98
N TYR A 79 -5.31 -1.58 11.96
CA TYR A 79 -6.68 -2.06 11.79
C TYR A 79 -7.69 -0.92 11.88
N GLU A 80 -8.55 -0.84 10.90
CA GLU A 80 -9.59 0.16 10.89
C GLU A 80 -10.74 -0.46 10.06
N ASP A 81 -11.94 -0.52 10.65
CA ASP A 81 -13.14 -1.24 10.11
C ASP A 81 -12.83 -2.70 9.78
N GLN A 82 -11.89 -3.25 10.58
CA GLN A 82 -11.38 -4.61 10.49
C GLN A 82 -10.57 -4.84 9.20
N VAL A 83 -10.36 -3.79 8.46
CA VAL A 83 -9.59 -3.85 7.28
C VAL A 83 -8.18 -3.37 7.62
N LEU A 84 -7.21 -3.92 6.98
CA LEU A 84 -5.85 -3.56 7.23
C LEU A 84 -5.54 -2.31 6.44
N LYS A 85 -5.30 -1.27 7.15
CA LYS A 85 -5.01 -0.02 6.55
C LYS A 85 -3.52 0.20 6.58
N LEU A 86 -2.99 0.48 5.42
CA LEU A 86 -1.61 0.87 5.26
C LEU A 86 -1.60 2.30 4.84
N VAL A 87 -1.12 3.13 5.69
CA VAL A 87 -1.08 4.52 5.44
C VAL A 87 0.34 4.96 5.10
N TYR A 88 0.49 5.52 3.95
CA TYR A 88 1.77 6.00 3.52
C TYR A 88 1.73 7.48 3.38
N GLU A 89 2.60 8.14 4.09
CA GLU A 89 2.59 9.58 4.23
C GLU A 89 3.99 10.15 4.09
N ASP A 90 4.05 11.46 3.83
CA ASP A 90 5.28 12.26 3.78
C ASP A 90 6.13 11.93 2.58
N GLY A 91 5.97 12.70 1.55
CA GLY A 91 6.76 12.55 0.37
C GLY A 91 7.16 13.89 -0.15
N ASP A 92 6.51 14.31 -1.18
CA ASP A 92 6.71 15.63 -1.72
C ASP A 92 5.54 16.48 -1.29
N PRO A 93 5.81 17.65 -0.72
CA PRO A 93 4.76 18.55 -0.27
C PRO A 93 3.94 19.07 -1.45
N CYS A 94 2.72 18.62 -1.53
CA CYS A 94 1.81 19.01 -2.57
C CYS A 94 1.38 20.45 -2.34
N PRO A 95 1.04 21.21 -3.41
CA PRO A 95 0.68 22.64 -3.32
C PRO A 95 -0.38 22.95 -2.25
N THR A 96 -1.30 22.05 -2.08
CA THR A 96 -2.36 22.16 -1.17
C THR A 96 -2.04 21.49 0.17
N ASP A 97 -1.00 20.67 0.16
CA ASP A 97 -0.74 19.79 1.27
C ASP A 97 0.69 19.91 1.80
N LEU A 98 1.12 21.11 2.11
CA LEU A 98 2.36 21.27 2.83
C LEU A 98 2.02 21.40 4.30
N LYS A 99 0.94 22.13 4.54
CA LYS A 99 0.48 22.46 5.88
C LYS A 99 -0.44 21.37 6.46
N MET A 100 -0.69 20.37 5.67
CA MET A 100 -1.55 19.29 5.98
C MET A 100 -1.11 18.18 5.08
N LYS A 101 -1.14 17.02 5.54
CA LYS A 101 -0.80 15.88 4.73
C LYS A 101 -1.86 14.82 4.84
N HIS A 102 -2.73 14.74 3.87
CA HIS A 102 -3.68 13.66 3.87
C HIS A 102 -3.02 12.54 3.12
N LYS A 103 -2.72 11.51 3.82
CA LYS A 103 -1.90 10.44 3.31
C LYS A 103 -2.63 9.45 2.44
N SER A 104 -1.87 8.52 1.91
CA SER A 104 -2.39 7.53 1.02
C SER A 104 -2.78 6.29 1.81
N TYR A 105 -3.89 5.70 1.42
CA TYR A 105 -4.47 4.59 2.10
C TYR A 105 -4.50 3.38 1.21
N PHE A 106 -3.80 2.37 1.62
CA PHE A 106 -3.83 1.12 0.94
C PHE A 106 -4.61 0.17 1.84
N SER A 107 -5.76 -0.24 1.40
CA SER A 107 -6.59 -1.09 2.19
C SER A 107 -6.41 -2.56 1.80
N PHE A 108 -5.91 -3.33 2.72
CA PHE A 108 -5.76 -4.74 2.54
C PHE A 108 -6.88 -5.44 3.24
N VAL A 109 -7.59 -6.24 2.52
CA VAL A 109 -8.74 -6.91 3.04
C VAL A 109 -8.69 -8.38 2.62
N CYS A 110 -9.32 -9.24 3.40
CA CYS A 110 -9.32 -10.69 3.18
C CYS A 110 -9.82 -11.09 1.79
N LYS A 111 -9.13 -12.06 1.21
CA LYS A 111 -9.52 -12.72 -0.01
C LYS A 111 -9.17 -14.20 0.20
N SER A 112 -9.67 -15.07 -0.63
CA SER A 112 -9.26 -16.47 -0.64
C SER A 112 -8.54 -16.71 -1.98
N ASP A 113 -7.92 -15.66 -2.47
CA ASP A 113 -7.36 -15.62 -3.79
C ASP A 113 -6.03 -14.86 -3.87
N ALA A 114 -6.07 -13.51 -4.01
CA ALA A 114 -4.90 -12.64 -4.12
C ALA A 114 -4.13 -12.88 -5.43
N GLY A 115 -4.79 -13.53 -6.38
CA GLY A 115 -4.18 -13.87 -7.64
C GLY A 115 -3.01 -14.81 -7.44
N ASP A 116 -1.93 -14.54 -8.09
CA ASP A 116 -0.72 -15.34 -7.94
C ASP A 116 0.46 -14.45 -7.59
N ASP A 117 0.44 -13.25 -8.14
CA ASP A 117 1.54 -12.31 -8.01
C ASP A 117 1.27 -11.27 -6.94
N SER A 118 0.09 -11.35 -6.32
CA SER A 118 -0.37 -10.33 -5.39
C SER A 118 -0.42 -8.96 -6.09
N GLN A 119 -1.47 -8.77 -6.85
CA GLN A 119 -1.63 -7.62 -7.71
C GLN A 119 -2.64 -6.59 -7.17
N PRO A 120 -2.13 -5.48 -6.63
CA PRO A 120 -2.94 -4.40 -6.02
C PRO A 120 -3.98 -3.79 -6.97
N VAL A 121 -5.13 -3.47 -6.42
CA VAL A 121 -6.18 -2.83 -7.17
C VAL A 121 -6.17 -1.35 -6.83
N PHE A 122 -5.95 -0.54 -7.83
CA PHE A 122 -5.92 0.88 -7.64
C PHE A 122 -7.30 1.44 -7.87
N LEU A 123 -7.73 2.31 -7.01
CA LEU A 123 -8.99 2.97 -7.19
C LEU A 123 -8.76 4.24 -7.94
N SER A 124 -8.03 5.15 -7.32
CA SER A 124 -7.71 6.42 -7.90
C SER A 124 -6.68 7.14 -7.05
N PHE A 125 -5.88 7.95 -7.68
CA PHE A 125 -4.96 8.81 -6.99
C PHE A 125 -5.48 10.23 -7.08
N ASP A 126 -5.76 10.80 -5.95
CA ASP A 126 -6.24 12.16 -5.89
C ASP A 126 -5.07 13.12 -5.79
N GLU A 127 -5.04 14.12 -6.67
CA GLU A 127 -3.96 15.11 -6.67
C GLU A 127 -4.34 16.35 -5.85
N GLN A 128 -5.54 16.37 -5.31
CA GLN A 128 -6.04 17.54 -4.62
C GLN A 128 -5.59 17.56 -3.17
N THR A 129 -5.54 16.40 -2.57
CA THR A 129 -5.01 16.28 -1.25
C THR A 129 -3.99 15.13 -1.23
N CYS A 130 -3.55 14.74 -2.45
CA CYS A 130 -2.51 13.72 -2.69
C CYS A 130 -2.77 12.41 -1.98
N THR A 131 -3.98 11.94 -2.11
CA THR A 131 -4.36 10.73 -1.48
C THR A 131 -4.51 9.61 -2.50
N SER A 132 -3.66 8.64 -2.38
CA SER A 132 -3.72 7.49 -3.22
C SER A 132 -4.66 6.46 -2.58
N TYR A 133 -5.65 6.02 -3.33
CA TYR A 133 -6.61 5.04 -2.84
C TYR A 133 -6.33 3.68 -3.45
N PHE A 134 -5.92 2.74 -2.64
CA PHE A 134 -5.66 1.41 -3.11
C PHE A 134 -6.36 0.41 -2.24
N SER A 135 -6.71 -0.69 -2.81
CA SER A 135 -7.35 -1.75 -2.10
C SER A 135 -6.89 -3.08 -2.67
N TRP A 136 -6.50 -3.97 -1.84
CA TRP A 136 -6.09 -5.24 -2.29
C TRP A 136 -6.69 -6.34 -1.44
N HIS A 137 -7.56 -7.08 -2.06
CA HIS A 137 -8.12 -8.26 -1.48
C HIS A 137 -7.07 -9.34 -1.55
N THR A 138 -6.48 -9.64 -0.44
CA THR A 138 -5.45 -10.62 -0.38
C THR A 138 -5.67 -11.53 0.82
N SER A 139 -5.31 -12.77 0.66
CA SER A 139 -5.48 -13.79 1.67
C SER A 139 -4.60 -13.52 2.89
N LEU A 140 -3.52 -12.77 2.68
CA LEU A 140 -2.55 -12.43 3.72
C LEU A 140 -3.11 -11.37 4.66
N ALA A 141 -4.21 -10.80 4.28
CA ALA A 141 -4.85 -9.74 5.01
C ALA A 141 -6.19 -10.21 5.50
N CYS A 142 -6.28 -11.46 5.82
CA CYS A 142 -7.55 -11.99 6.20
C CYS A 142 -7.82 -11.77 7.67
N GLU A 143 -8.95 -11.21 7.96
CA GLU A 143 -9.34 -10.94 9.30
C GLU A 143 -10.28 -12.02 9.78
N GLU A 144 -11.07 -12.54 8.88
CA GLU A 144 -11.94 -13.66 9.17
C GLU A 144 -12.57 -14.14 7.89
N GLU A 145 -13.26 -13.25 7.23
CA GLU A 145 -14.00 -13.55 6.04
C GLU A 145 -14.27 -12.25 5.34
N VAL A 146 -14.12 -12.25 4.02
CA VAL A 146 -14.22 -11.03 3.17
C VAL A 146 -15.43 -10.16 3.53
N PRO A 147 -15.22 -9.01 4.19
CA PRO A 147 -16.28 -8.09 4.52
C PRO A 147 -16.62 -7.19 3.32
N ARG A 148 -15.61 -6.56 2.80
CA ARG A 148 -15.74 -5.64 1.70
C ARG A 148 -14.80 -6.08 0.61
N MET A 1 2.48 -19.60 1.18
CA MET A 1 2.82 -18.43 0.39
C MET A 1 4.04 -17.71 0.98
N LYS A 2 3.84 -16.89 2.07
CA LYS A 2 4.89 -16.12 2.83
C LYS A 2 6.15 -15.80 1.99
N SER A 3 6.14 -14.67 1.31
CA SER A 3 7.20 -14.34 0.37
C SER A 3 8.51 -13.90 1.06
N ASN A 4 8.45 -12.85 1.84
CA ASN A 4 9.64 -12.29 2.43
C ASN A 4 9.35 -11.69 3.78
N VAL A 5 10.23 -11.92 4.71
CA VAL A 5 10.15 -11.30 6.01
C VAL A 5 11.26 -10.25 6.16
N GLN A 6 10.87 -9.03 6.41
CA GLN A 6 11.82 -7.94 6.58
C GLN A 6 12.14 -7.76 8.05
N ASN A 7 11.21 -7.15 8.76
CA ASN A 7 11.38 -6.89 10.18
C ASN A 7 10.05 -7.07 10.82
N ASP A 8 9.12 -6.22 10.43
CA ASP A 8 7.81 -6.24 10.98
C ASP A 8 6.73 -5.84 9.98
N CYS A 9 6.10 -4.69 10.16
CA CYS A 9 4.90 -4.29 9.39
C CYS A 9 3.90 -5.45 9.41
N ARG A 10 3.35 -5.66 10.59
CA ARG A 10 2.43 -6.72 10.89
C ARG A 10 1.72 -6.41 12.20
N VAL A 11 0.49 -6.77 12.31
CA VAL A 11 -0.30 -6.48 13.50
C VAL A 11 -1.22 -7.67 13.79
N THR A 12 -1.36 -7.99 15.03
CA THR A 12 -2.14 -9.13 15.43
C THR A 12 -3.58 -8.70 15.65
N ASN A 13 -4.50 -9.48 15.16
CA ASN A 13 -5.88 -9.22 15.40
C ASN A 13 -6.50 -10.41 16.12
N PRO A 14 -6.61 -10.32 17.44
CA PRO A 14 -7.09 -11.40 18.30
C PRO A 14 -8.59 -11.65 18.14
N ALA A 15 -9.26 -10.74 17.45
CA ALA A 15 -10.68 -10.89 17.20
C ALA A 15 -10.90 -12.03 16.23
N THR A 16 -10.10 -12.07 15.17
CA THR A 16 -10.21 -13.12 14.18
C THR A 16 -9.30 -14.29 14.56
N GLY A 17 -8.24 -13.97 15.29
CA GLY A 17 -7.24 -14.96 15.62
C GLY A 17 -6.24 -15.04 14.49
N HIS A 18 -6.31 -14.06 13.64
CA HIS A 18 -5.50 -13.97 12.46
C HIS A 18 -4.49 -12.85 12.61
N LEU A 19 -3.27 -13.16 12.33
CA LEU A 19 -2.21 -12.20 12.32
C LEU A 19 -2.19 -11.55 10.96
N PHE A 20 -2.15 -10.26 10.91
CA PHE A 20 -2.04 -9.58 9.67
C PHE A 20 -0.59 -9.35 9.41
N ASP A 21 -0.06 -10.14 8.56
CA ASP A 21 1.32 -10.10 8.20
C ASP A 21 1.43 -10.14 6.71
N LEU A 22 1.86 -9.06 6.16
CA LEU A 22 1.95 -8.91 4.75
C LEU A 22 3.37 -9.22 4.29
N THR A 23 3.68 -10.48 4.27
CA THR A 23 4.98 -10.97 3.85
C THR A 23 5.09 -11.15 2.34
N SER A 24 3.99 -11.42 1.71
CA SER A 24 3.93 -11.56 0.26
C SER A 24 4.01 -10.19 -0.40
N LEU A 25 3.62 -9.19 0.37
CA LEU A 25 3.58 -7.86 -0.05
C LEU A 25 4.93 -7.22 0.11
N LYS A 26 5.58 -7.46 1.23
CA LYS A 26 6.92 -6.96 1.45
C LYS A 26 7.91 -7.75 0.63
N ARG A 27 8.33 -7.17 -0.43
CA ARG A 27 9.19 -7.83 -1.37
C ARG A 27 10.34 -6.93 -1.73
N GLU A 28 11.31 -7.47 -2.42
CA GLU A 28 12.53 -6.75 -2.71
C GLU A 28 12.34 -5.69 -3.80
N SER A 29 11.42 -5.93 -4.71
CA SER A 29 11.18 -4.96 -5.73
C SER A 29 9.92 -4.15 -5.39
N GLY A 30 8.78 -4.80 -5.33
CA GLY A 30 7.57 -4.12 -4.97
C GLY A 30 6.41 -4.52 -5.87
N TYR A 31 5.38 -3.72 -5.83
CA TYR A 31 4.19 -3.91 -6.62
C TYR A 31 4.07 -2.80 -7.62
N THR A 32 3.37 -3.08 -8.68
CA THR A 32 3.19 -2.13 -9.71
C THR A 32 1.80 -2.24 -10.25
N ILE A 33 1.27 -1.10 -10.45
CA ILE A 33 -0.03 -0.91 -10.96
C ILE A 33 -0.03 0.32 -11.82
N THR A 34 -1.06 0.49 -12.60
CA THR A 34 -1.15 1.63 -13.46
C THR A 34 -1.89 2.74 -12.70
N ASP A 35 -1.52 3.96 -12.99
CA ASP A 35 -2.12 5.12 -12.34
C ASP A 35 -3.42 5.48 -13.07
N SER A 36 -3.80 6.75 -13.00
CA SER A 36 -4.93 7.32 -13.64
C SER A 36 -5.05 6.87 -15.13
N HIS A 37 -3.91 6.73 -15.89
CA HIS A 37 -4.03 6.35 -17.32
C HIS A 37 -2.68 6.00 -18.01
N ASN A 38 -1.55 6.22 -17.38
CA ASN A 38 -0.30 6.05 -18.10
C ASN A 38 0.81 5.56 -17.23
N ARG A 39 1.01 6.30 -16.20
CA ARG A 39 2.12 6.12 -15.31
C ARG A 39 1.92 4.92 -14.42
N LYS A 40 2.96 4.53 -13.77
CA LYS A 40 2.90 3.47 -12.85
C LYS A 40 2.93 3.98 -11.45
N ILE A 41 2.15 3.33 -10.64
CA ILE A 41 2.14 3.57 -9.25
C ILE A 41 3.04 2.51 -8.67
N GLU A 42 4.24 2.90 -8.47
CA GLU A 42 5.25 2.01 -7.96
C GLU A 42 5.19 2.04 -6.45
N LEU A 43 4.72 0.97 -5.88
CA LEU A 43 4.51 0.91 -4.46
C LEU A 43 4.92 -0.43 -3.88
N ASN A 44 5.35 -0.42 -2.67
CA ASN A 44 5.74 -1.64 -2.01
C ASN A 44 5.26 -1.57 -0.60
N VAL A 45 4.65 -2.62 -0.14
CA VAL A 45 4.06 -2.62 1.16
C VAL A 45 4.90 -3.38 2.15
N CYS A 46 5.18 -2.73 3.26
CA CYS A 46 5.91 -3.29 4.40
C CYS A 46 7.41 -3.39 4.17
N ALA A 47 7.86 -2.82 3.08
CA ALA A 47 9.25 -2.77 2.73
C ALA A 47 9.42 -1.61 1.77
N GLU A 48 10.60 -1.02 1.75
CA GLU A 48 10.93 0.11 0.86
C GLU A 48 10.57 -0.21 -0.61
N ALA A 49 10.03 0.77 -1.31
CA ALA A 49 9.63 0.56 -2.68
C ALA A 49 10.82 0.70 -3.60
N LYS A 50 11.44 -0.40 -3.88
CA LYS A 50 12.62 -0.44 -4.69
C LYS A 50 12.21 -0.71 -6.16
N SER A 51 10.98 -0.37 -6.48
CA SER A 51 10.46 -0.53 -7.82
C SER A 51 11.03 0.59 -8.73
N SER A 52 10.42 1.76 -8.73
CA SER A 52 10.95 2.89 -9.48
C SER A 52 11.22 4.06 -8.54
N CYS A 53 11.09 3.81 -7.27
CA CYS A 53 11.41 4.79 -6.27
C CYS A 53 12.84 4.45 -5.81
N ALA A 54 13.34 5.02 -4.74
CA ALA A 54 14.65 4.64 -4.28
C ALA A 54 14.59 3.84 -3.00
N ASN A 55 14.65 4.51 -1.86
CA ASN A 55 14.60 3.85 -0.59
C ASN A 55 13.46 4.36 0.26
N GLY A 56 13.47 5.67 0.48
CA GLY A 56 12.53 6.29 1.39
C GLY A 56 11.08 6.19 0.99
N ALA A 57 10.81 6.24 -0.29
CA ALA A 57 9.44 6.19 -0.76
C ALA A 57 8.90 4.77 -0.76
N ALA A 58 7.63 4.63 -0.43
CA ALA A 58 6.99 3.34 -0.47
C ALA A 58 5.91 3.34 -1.51
N VAL A 59 5.62 4.52 -2.02
CA VAL A 59 4.68 4.67 -3.08
C VAL A 59 5.05 5.92 -3.88
N CYS A 60 5.39 5.73 -5.11
CA CYS A 60 5.75 6.84 -5.96
C CYS A 60 5.08 6.74 -7.33
N ILE A 61 4.60 7.85 -7.81
CA ILE A 61 4.01 7.93 -9.12
C ILE A 61 5.13 8.30 -10.06
N THR A 62 5.51 7.41 -10.94
CA THR A 62 6.61 7.69 -11.80
C THR A 62 6.10 8.36 -13.08
N ASP A 63 6.19 9.68 -13.14
CA ASP A 63 5.69 10.41 -14.28
C ASP A 63 6.85 10.84 -15.16
N GLY A 64 7.13 10.04 -16.14
CA GLY A 64 8.22 10.35 -17.04
C GLY A 64 9.54 10.32 -16.32
N PRO A 65 10.31 11.43 -16.35
CA PRO A 65 11.57 11.52 -15.63
C PRO A 65 11.35 11.99 -14.18
N LYS A 66 10.12 12.30 -13.86
CA LYS A 66 9.74 12.82 -12.58
C LYS A 66 9.21 11.70 -11.72
N THR A 67 9.37 11.82 -10.45
CA THR A 67 8.87 10.83 -9.56
C THR A 67 8.16 11.52 -8.39
N LEU A 68 6.86 11.45 -8.39
CA LEU A 68 6.05 12.08 -7.38
C LEU A 68 5.92 11.12 -6.22
N ASN A 69 6.53 11.48 -5.11
CA ASN A 69 6.46 10.67 -3.90
C ASN A 69 5.08 10.87 -3.28
N ALA A 70 4.33 9.82 -3.15
CA ALA A 70 2.98 9.93 -2.63
C ALA A 70 2.94 9.51 -1.17
N GLY A 71 3.99 8.85 -0.75
CA GLY A 71 4.09 8.37 0.60
C GLY A 71 5.37 7.62 0.78
N LYS A 72 5.88 7.63 1.96
CA LYS A 72 7.17 7.04 2.21
C LYS A 72 6.99 5.74 2.95
N LEU A 73 8.08 5.03 3.17
CA LEU A 73 8.04 3.78 3.89
C LEU A 73 7.67 4.01 5.35
N SER A 74 6.42 3.84 5.63
CA SER A 74 5.92 3.85 6.96
C SER A 74 5.74 2.37 7.35
N LYS A 75 6.65 1.85 8.13
CA LYS A 75 6.62 0.44 8.47
C LYS A 75 5.80 0.25 9.73
N THR A 76 4.52 0.34 9.55
CA THR A 76 3.55 0.22 10.59
C THR A 76 2.29 -0.36 9.94
N LEU A 77 1.46 -1.04 10.70
CA LEU A 77 0.26 -1.64 10.16
C LEU A 77 -0.85 -1.48 11.17
N THR A 78 -2.04 -1.27 10.70
CA THR A 78 -3.17 -1.01 11.56
C THR A 78 -4.43 -1.64 10.94
N TYR A 79 -5.51 -1.70 11.65
CA TYR A 79 -6.74 -2.22 11.13
C TYR A 79 -7.92 -1.38 11.57
N GLU A 80 -8.79 -1.07 10.63
CA GLU A 80 -9.93 -0.22 10.86
C GLU A 80 -10.96 -0.52 9.79
N ASP A 81 -12.23 -0.25 10.10
CA ASP A 81 -13.38 -0.50 9.19
C ASP A 81 -13.60 -1.97 8.99
N GLN A 82 -12.95 -2.77 9.85
CA GLN A 82 -12.95 -4.23 9.81
C GLN A 82 -12.22 -4.71 8.55
N VAL A 83 -11.28 -3.87 8.16
CA VAL A 83 -10.40 -4.05 7.03
C VAL A 83 -8.98 -3.77 7.56
N LEU A 84 -7.97 -4.25 6.88
CA LEU A 84 -6.62 -3.97 7.27
C LEU A 84 -6.23 -2.63 6.67
N LYS A 85 -5.57 -1.79 7.42
CA LYS A 85 -5.25 -0.46 6.94
C LYS A 85 -3.78 -0.16 7.06
N LEU A 86 -3.31 0.70 6.20
CA LEU A 86 -1.97 1.18 6.26
C LEU A 86 -1.95 2.48 5.48
N VAL A 87 -1.28 3.46 6.00
CA VAL A 87 -1.15 4.72 5.32
C VAL A 87 0.30 5.05 5.10
N TYR A 88 0.69 5.15 3.86
CA TYR A 88 2.03 5.60 3.57
C TYR A 88 2.02 7.08 3.49
N GLU A 89 2.46 7.67 4.55
CA GLU A 89 2.41 9.08 4.70
C GLU A 89 3.70 9.77 4.33
N ASP A 90 3.60 11.06 4.12
CA ASP A 90 4.72 11.93 3.82
C ASP A 90 5.31 11.71 2.44
N GLY A 91 4.83 12.49 1.51
CA GLY A 91 5.31 12.46 0.17
C GLY A 91 5.65 13.85 -0.26
N ASP A 92 5.72 14.08 -1.55
CA ASP A 92 5.97 15.42 -2.09
C ASP A 92 4.78 16.27 -1.81
N PRO A 93 4.97 17.38 -1.08
CA PRO A 93 3.90 18.29 -0.76
C PRO A 93 3.34 18.95 -2.00
N CYS A 94 2.06 18.91 -2.13
CA CYS A 94 1.37 19.52 -3.22
C CYS A 94 0.82 20.86 -2.73
N PRO A 95 0.12 21.69 -3.56
CA PRO A 95 -0.42 23.02 -3.12
C PRO A 95 -1.44 22.94 -1.97
N THR A 96 -1.77 21.75 -1.59
CA THR A 96 -2.63 21.48 -0.54
C THR A 96 -1.84 21.21 0.75
N ASP A 97 -0.62 20.74 0.60
CA ASP A 97 0.21 20.26 1.72
C ASP A 97 1.01 21.35 2.35
N LEU A 98 0.43 22.48 2.40
CA LEU A 98 1.05 23.63 2.98
C LEU A 98 0.92 23.50 4.50
N LYS A 99 -0.25 23.07 4.92
CA LYS A 99 -0.60 23.00 6.32
C LYS A 99 -1.28 21.64 6.63
N MET A 100 -0.84 20.61 5.91
CA MET A 100 -1.32 19.27 6.04
C MET A 100 -0.32 18.43 5.30
N LYS A 101 -0.33 17.18 5.54
CA LYS A 101 0.52 16.24 4.83
C LYS A 101 -0.31 15.06 4.31
N HIS A 102 -0.40 14.93 3.00
CA HIS A 102 -1.12 13.83 2.35
C HIS A 102 -0.45 12.48 2.59
N LYS A 103 -1.19 11.44 2.31
CA LYS A 103 -0.71 10.09 2.44
C LYS A 103 -1.48 9.22 1.46
N SER A 104 -1.14 8.00 1.41
CA SER A 104 -1.84 7.05 0.61
C SER A 104 -2.59 6.07 1.52
N TYR A 105 -3.87 5.89 1.27
CA TYR A 105 -4.71 5.03 2.08
C TYR A 105 -4.79 3.65 1.46
N PHE A 106 -4.26 2.69 2.15
CA PHE A 106 -4.29 1.33 1.71
C PHE A 106 -5.27 0.55 2.57
N SER A 107 -6.28 0.03 1.94
CA SER A 107 -7.26 -0.78 2.61
C SER A 107 -7.08 -2.22 2.12
N PHE A 108 -6.54 -3.05 2.97
CA PHE A 108 -6.24 -4.42 2.63
C PHE A 108 -7.42 -5.31 2.97
N VAL A 109 -7.95 -5.91 1.96
CA VAL A 109 -9.10 -6.78 2.08
C VAL A 109 -8.76 -8.17 1.62
N CYS A 110 -9.26 -9.16 2.34
CA CYS A 110 -9.01 -10.55 2.04
C CYS A 110 -9.65 -10.95 0.74
N LYS A 111 -8.88 -11.54 -0.12
CA LYS A 111 -9.37 -11.94 -1.40
C LYS A 111 -8.83 -13.30 -1.74
N SER A 112 -9.70 -14.22 -2.02
CA SER A 112 -9.32 -15.56 -2.39
C SER A 112 -8.81 -15.56 -3.83
N ASP A 113 -9.52 -14.85 -4.70
CA ASP A 113 -9.17 -14.73 -6.13
C ASP A 113 -7.78 -14.12 -6.35
N ALA A 114 -7.41 -13.18 -5.50
CA ALA A 114 -6.10 -12.52 -5.59
C ALA A 114 -5.03 -13.32 -4.88
N GLY A 115 -5.35 -14.56 -4.57
CA GLY A 115 -4.44 -15.43 -3.87
C GLY A 115 -3.33 -16.00 -4.75
N ASP A 116 -3.06 -15.38 -5.88
CA ASP A 116 -1.95 -15.77 -6.75
C ASP A 116 -0.68 -15.12 -6.24
N ASP A 117 -0.86 -14.09 -5.47
CA ASP A 117 0.21 -13.31 -4.87
C ASP A 117 -0.44 -12.36 -3.91
N SER A 118 -1.17 -11.43 -4.50
CA SER A 118 -1.97 -10.34 -3.93
C SER A 118 -2.07 -9.32 -5.04
N GLN A 119 -3.05 -8.45 -5.02
CA GLN A 119 -3.11 -7.42 -6.04
C GLN A 119 -3.78 -6.15 -5.54
N PRO A 120 -3.18 -5.00 -5.82
CA PRO A 120 -3.72 -3.72 -5.46
C PRO A 120 -4.71 -3.22 -6.50
N VAL A 121 -5.87 -2.82 -6.05
CA VAL A 121 -6.85 -2.26 -6.92
C VAL A 121 -6.93 -0.78 -6.67
N PHE A 122 -6.51 -0.02 -7.63
CA PHE A 122 -6.56 1.40 -7.52
C PHE A 122 -7.99 1.88 -7.63
N LEU A 123 -8.47 2.48 -6.56
CA LEU A 123 -9.79 2.99 -6.53
C LEU A 123 -9.80 4.29 -7.29
N SER A 124 -9.02 5.22 -6.82
CA SER A 124 -8.86 6.48 -7.44
C SER A 124 -7.67 7.23 -6.86
N PHE A 125 -7.05 8.03 -7.68
CA PHE A 125 -6.00 8.89 -7.26
C PHE A 125 -6.55 10.30 -7.18
N ASP A 126 -6.34 10.92 -6.07
CA ASP A 126 -6.77 12.28 -5.86
C ASP A 126 -5.62 13.19 -6.20
N GLU A 127 -5.81 14.00 -7.21
CA GLU A 127 -4.74 14.90 -7.68
C GLU A 127 -4.75 16.18 -6.85
N GLN A 128 -5.86 16.39 -6.16
CA GLN A 128 -6.07 17.51 -5.30
C GLN A 128 -4.99 17.58 -4.22
N THR A 129 -4.95 16.59 -3.39
CA THR A 129 -4.01 16.52 -2.32
C THR A 129 -2.92 15.51 -2.62
N CYS A 130 -3.01 14.89 -3.80
CA CYS A 130 -2.07 13.85 -4.24
C CYS A 130 -2.22 12.61 -3.34
N THR A 131 -3.44 12.40 -2.90
CA THR A 131 -3.80 11.30 -2.04
C THR A 131 -4.19 10.08 -2.88
N SER A 132 -3.80 8.92 -2.46
CA SER A 132 -4.08 7.72 -3.20
C SER A 132 -5.02 6.81 -2.39
N TYR A 133 -6.02 6.24 -3.04
CA TYR A 133 -6.94 5.31 -2.40
C TYR A 133 -6.79 3.95 -3.05
N PHE A 134 -6.34 2.96 -2.30
CA PHE A 134 -6.14 1.63 -2.86
C PHE A 134 -6.85 0.57 -2.05
N SER A 135 -7.58 -0.27 -2.74
CA SER A 135 -8.19 -1.42 -2.15
C SER A 135 -7.28 -2.57 -2.50
N TRP A 136 -6.58 -3.04 -1.54
CA TRP A 136 -5.60 -4.03 -1.79
C TRP A 136 -6.17 -5.39 -1.44
N HIS A 137 -6.55 -6.10 -2.45
CA HIS A 137 -7.06 -7.42 -2.26
C HIS A 137 -5.88 -8.36 -2.00
N THR A 138 -5.77 -8.81 -0.80
CA THR A 138 -4.72 -9.69 -0.39
C THR A 138 -5.26 -10.75 0.56
N SER A 139 -4.73 -11.93 0.44
CA SER A 139 -5.17 -13.07 1.20
C SER A 139 -4.52 -13.07 2.61
N LEU A 140 -3.72 -12.07 2.89
CA LEU A 140 -3.08 -11.96 4.18
C LEU A 140 -3.83 -10.93 5.04
N ALA A 141 -4.92 -10.44 4.49
CA ALA A 141 -5.73 -9.39 5.10
C ALA A 141 -7.12 -9.88 5.50
N CYS A 142 -7.21 -11.11 5.89
CA CYS A 142 -8.51 -11.70 6.21
C CYS A 142 -9.01 -11.35 7.62
N GLU A 143 -10.20 -10.76 7.64
CA GLU A 143 -10.97 -10.49 8.86
C GLU A 143 -12.45 -10.54 8.53
N GLU A 144 -13.00 -9.45 8.00
CA GLU A 144 -14.42 -9.38 7.65
C GLU A 144 -14.66 -9.69 6.20
N GLU A 145 -13.61 -10.11 5.56
CA GLU A 145 -13.63 -10.58 4.23
C GLU A 145 -13.26 -12.02 4.36
N VAL A 146 -14.19 -12.87 4.12
CA VAL A 146 -13.98 -14.28 4.36
C VAL A 146 -13.17 -14.93 3.24
N PRO A 147 -12.06 -15.57 3.60
CA PRO A 147 -11.21 -16.29 2.66
C PRO A 147 -11.89 -17.55 2.11
N ARG A 148 -12.76 -18.12 2.88
CA ARG A 148 -13.46 -19.31 2.48
C ARG A 148 -14.96 -19.07 2.55
N MET A 1 1.76 -18.28 2.76
CA MET A 1 2.42 -17.36 1.83
C MET A 1 3.39 -16.48 2.60
N LYS A 2 4.54 -16.23 2.03
CA LYS A 2 5.59 -15.45 2.67
C LYS A 2 6.66 -15.01 1.64
N SER A 3 6.82 -13.72 1.47
CA SER A 3 7.88 -13.21 0.62
C SER A 3 8.98 -12.56 1.48
N ASN A 4 8.79 -11.30 1.88
CA ASN A 4 9.79 -10.61 2.69
C ASN A 4 9.37 -10.62 4.13
N VAL A 5 10.16 -11.26 4.94
CA VAL A 5 9.85 -11.38 6.33
C VAL A 5 10.36 -10.19 7.15
N GLN A 6 9.64 -9.13 7.03
CA GLN A 6 9.85 -7.97 7.84
C GLN A 6 9.17 -8.22 9.15
N ASN A 7 9.89 -8.03 10.23
CA ASN A 7 9.36 -8.32 11.57
C ASN A 7 8.38 -7.23 11.99
N ASP A 8 8.36 -6.17 11.23
CA ASP A 8 7.41 -5.10 11.45
C ASP A 8 6.41 -5.21 10.35
N CYS A 9 5.45 -4.30 10.32
CA CYS A 9 4.35 -4.36 9.36
C CYS A 9 3.63 -5.71 9.49
N ARG A 10 3.12 -5.94 10.69
CA ARG A 10 2.41 -7.16 11.07
C ARG A 10 1.83 -6.95 12.45
N VAL A 11 0.54 -7.08 12.55
CA VAL A 11 -0.15 -6.83 13.80
C VAL A 11 -1.25 -7.88 13.99
N THR A 12 -1.42 -8.33 15.19
CA THR A 12 -2.40 -9.34 15.47
C THR A 12 -3.71 -8.64 15.79
N ASN A 13 -4.77 -9.07 15.18
CA ASN A 13 -6.06 -8.52 15.47
C ASN A 13 -6.82 -9.51 16.33
N PRO A 14 -6.91 -9.26 17.64
CA PRO A 14 -7.56 -10.16 18.59
C PRO A 14 -9.05 -10.31 18.34
N ALA A 15 -9.62 -9.37 17.59
CA ALA A 15 -11.03 -9.42 17.23
C ALA A 15 -11.28 -10.60 16.32
N THR A 16 -10.29 -10.95 15.50
CA THR A 16 -10.40 -12.09 14.64
C THR A 16 -9.63 -13.26 15.26
N GLY A 17 -8.48 -12.94 15.82
CA GLY A 17 -7.60 -13.92 16.39
C GLY A 17 -6.51 -14.28 15.41
N HIS A 18 -6.46 -13.54 14.31
CA HIS A 18 -5.51 -13.81 13.25
C HIS A 18 -4.47 -12.69 13.19
N LEU A 19 -3.26 -13.06 12.84
CA LEU A 19 -2.17 -12.12 12.65
C LEU A 19 -2.28 -11.51 11.28
N PHE A 20 -2.32 -10.23 11.21
CA PHE A 20 -2.39 -9.55 9.96
C PHE A 20 -0.97 -9.18 9.56
N ASP A 21 -0.46 -9.92 8.63
CA ASP A 21 0.89 -9.78 8.14
C ASP A 21 0.89 -9.97 6.66
N LEU A 22 1.58 -9.12 5.98
CA LEU A 22 1.55 -9.11 4.55
C LEU A 22 2.90 -9.52 3.98
N THR A 23 3.53 -10.56 4.55
CA THR A 23 4.84 -11.04 4.08
C THR A 23 4.93 -11.25 2.58
N SER A 24 3.88 -11.77 2.00
CA SER A 24 3.78 -12.02 0.58
C SER A 24 3.79 -10.71 -0.24
N LEU A 25 3.17 -9.69 0.31
CA LEU A 25 2.99 -8.45 -0.34
C LEU A 25 4.24 -7.61 -0.23
N LYS A 26 4.80 -7.55 0.95
CA LYS A 26 6.05 -6.88 1.16
C LYS A 26 7.14 -7.68 0.49
N ARG A 27 7.75 -7.09 -0.50
CA ARG A 27 8.72 -7.77 -1.31
C ARG A 27 9.84 -6.83 -1.66
N GLU A 28 10.97 -7.38 -2.04
CA GLU A 28 12.20 -6.62 -2.33
C GLU A 28 12.03 -5.52 -3.38
N SER A 29 11.46 -5.83 -4.52
CA SER A 29 11.28 -4.85 -5.56
C SER A 29 10.05 -4.01 -5.24
N GLY A 30 8.93 -4.65 -5.17
CA GLY A 30 7.70 -3.98 -4.94
C GLY A 30 6.74 -4.34 -6.01
N TYR A 31 5.69 -3.61 -6.13
CA TYR A 31 4.68 -3.90 -7.10
C TYR A 31 4.34 -2.67 -7.88
N THR A 32 3.76 -2.88 -9.01
CA THR A 32 3.44 -1.80 -9.87
C THR A 32 2.11 -2.03 -10.48
N ILE A 33 1.47 -0.95 -10.65
CA ILE A 33 0.18 -0.85 -11.19
C ILE A 33 0.11 0.39 -12.06
N THR A 34 -0.94 0.55 -12.78
CA THR A 34 -1.10 1.70 -13.61
C THR A 34 -1.83 2.79 -12.83
N ASP A 35 -1.50 4.03 -13.10
CA ASP A 35 -2.17 5.15 -12.49
C ASP A 35 -3.47 5.44 -13.25
N SER A 36 -4.19 6.44 -12.85
CA SER A 36 -5.40 6.87 -13.52
C SER A 36 -5.02 7.59 -14.86
N HIS A 37 -3.72 7.68 -15.11
CA HIS A 37 -3.17 8.27 -16.31
C HIS A 37 -2.27 7.23 -16.98
N ASN A 38 -1.45 7.67 -17.91
CA ASN A 38 -0.50 6.78 -18.63
C ASN A 38 0.57 6.28 -17.70
N ARG A 39 1.00 7.17 -16.84
CA ARG A 39 2.02 6.90 -15.82
C ARG A 39 1.68 5.69 -14.92
N LYS A 40 2.70 5.14 -14.30
CA LYS A 40 2.54 3.98 -13.46
C LYS A 40 2.67 4.35 -12.00
N ILE A 41 2.09 3.53 -11.16
CA ILE A 41 2.15 3.72 -9.75
C ILE A 41 3.05 2.63 -9.16
N GLU A 42 4.14 3.06 -8.64
CA GLU A 42 5.10 2.18 -8.02
C GLU A 42 4.80 2.16 -6.53
N LEU A 43 4.45 1.01 -5.99
CA LEU A 43 4.15 0.93 -4.57
C LEU A 43 4.84 -0.27 -3.98
N ASN A 44 5.17 -0.18 -2.74
CA ASN A 44 5.68 -1.31 -2.01
C ASN A 44 5.06 -1.24 -0.66
N VAL A 45 4.43 -2.34 -0.25
CA VAL A 45 3.70 -2.39 1.01
C VAL A 45 4.51 -1.93 2.22
N CYS A 46 5.58 -2.60 2.49
CA CYS A 46 6.39 -2.28 3.65
C CYS A 46 7.72 -2.99 3.60
N ALA A 47 8.29 -3.06 2.42
CA ALA A 47 9.57 -3.68 2.24
C ALA A 47 10.49 -2.77 1.45
N GLU A 48 10.16 -1.50 1.52
CA GLU A 48 10.85 -0.39 0.89
C GLU A 48 10.82 -0.43 -0.64
N ALA A 49 10.31 0.63 -1.25
CA ALA A 49 10.24 0.72 -2.69
C ALA A 49 11.65 0.89 -3.23
N LYS A 50 12.18 -0.19 -3.71
CA LYS A 50 13.54 -0.27 -4.18
C LYS A 50 13.60 0.07 -5.66
N SER A 51 12.53 -0.24 -6.34
CA SER A 51 12.45 -0.02 -7.76
C SER A 51 11.75 1.31 -8.06
N SER A 52 12.30 2.05 -9.04
CA SER A 52 11.83 3.37 -9.49
C SER A 52 12.13 4.48 -8.47
N CYS A 53 11.87 4.19 -7.23
CA CYS A 53 12.13 5.09 -6.15
C CYS A 53 13.58 4.81 -5.68
N ALA A 54 13.97 5.29 -4.52
CA ALA A 54 15.29 4.95 -4.01
C ALA A 54 15.21 4.01 -2.82
N ASN A 55 15.04 4.58 -1.64
CA ASN A 55 15.14 3.83 -0.46
C ASN A 55 13.87 3.87 0.41
N GLY A 56 13.66 5.00 1.05
CA GLY A 56 12.61 5.13 2.06
C GLY A 56 11.26 5.54 1.51
N ALA A 57 11.10 5.51 0.21
CA ALA A 57 9.83 5.83 -0.38
C ALA A 57 8.99 4.55 -0.48
N ALA A 58 7.70 4.70 -0.65
CA ALA A 58 6.84 3.54 -0.80
C ALA A 58 5.85 3.76 -1.91
N VAL A 59 5.43 4.99 -2.10
CA VAL A 59 4.50 5.33 -3.14
C VAL A 59 5.16 6.30 -4.08
N CYS A 60 5.32 5.89 -5.30
CA CYS A 60 5.90 6.74 -6.29
C CYS A 60 5.04 6.75 -7.52
N ILE A 61 4.38 7.86 -7.73
CA ILE A 61 3.63 8.04 -8.94
C ILE A 61 4.66 8.53 -9.93
N THR A 62 5.04 7.68 -10.83
CA THR A 62 6.16 7.98 -11.65
C THR A 62 5.73 8.22 -13.09
N ASP A 63 5.83 9.44 -13.52
CA ASP A 63 5.52 9.82 -14.87
C ASP A 63 6.76 10.28 -15.58
N GLY A 64 7.29 9.36 -16.34
CA GLY A 64 8.48 9.62 -17.09
C GLY A 64 9.66 9.83 -16.16
N PRO A 65 10.32 10.99 -16.21
CA PRO A 65 11.45 11.28 -15.34
C PRO A 65 11.01 11.80 -13.96
N LYS A 66 9.71 12.07 -13.80
CA LYS A 66 9.21 12.58 -12.55
C LYS A 66 8.71 11.46 -11.68
N THR A 67 9.25 11.38 -10.52
CA THR A 67 8.89 10.40 -9.55
C THR A 67 8.24 11.16 -8.39
N LEU A 68 6.95 11.04 -8.27
CA LEU A 68 6.21 11.75 -7.25
C LEU A 68 6.01 10.89 -6.03
N ASN A 69 6.68 11.23 -4.96
CA ASN A 69 6.54 10.54 -3.69
C ASN A 69 5.20 10.91 -3.09
N ALA A 70 4.28 9.98 -3.12
CA ALA A 70 2.97 10.21 -2.59
C ALA A 70 2.79 9.50 -1.26
N GLY A 71 3.90 9.04 -0.74
CA GLY A 71 3.91 8.36 0.51
C GLY A 71 5.23 7.67 0.70
N LYS A 72 5.86 7.87 1.83
CA LYS A 72 7.11 7.23 2.06
C LYS A 72 6.84 5.89 2.70
N LEU A 73 7.88 5.12 2.87
CA LEU A 73 7.78 3.82 3.44
C LEU A 73 7.18 3.90 4.83
N SER A 74 6.00 3.38 4.92
CA SER A 74 5.28 3.34 6.12
C SER A 74 5.10 1.86 6.48
N LYS A 75 5.81 1.43 7.49
CA LYS A 75 5.81 0.07 7.90
C LYS A 75 4.86 -0.06 9.10
N THR A 76 4.12 1.01 9.35
CA THR A 76 3.14 1.06 10.39
C THR A 76 1.87 0.43 9.82
N LEU A 77 1.41 -0.61 10.47
CA LEU A 77 0.29 -1.36 9.99
C LEU A 77 -0.79 -1.33 11.04
N THR A 78 -2.01 -1.14 10.63
CA THR A 78 -3.08 -1.03 11.58
C THR A 78 -4.35 -1.67 11.06
N TYR A 79 -5.01 -2.42 11.92
CA TYR A 79 -6.25 -3.04 11.55
C TYR A 79 -7.38 -2.09 11.86
N GLU A 80 -8.34 -2.02 10.98
CA GLU A 80 -9.44 -1.12 11.13
C GLU A 80 -10.71 -1.78 10.65
N ASP A 81 -11.53 -2.20 11.62
CA ASP A 81 -12.81 -2.89 11.38
C ASP A 81 -12.57 -4.19 10.63
N GLN A 82 -11.48 -4.84 11.01
CA GLN A 82 -10.98 -6.09 10.44
C GLN A 82 -10.33 -5.95 9.07
N VAL A 83 -10.52 -4.80 8.42
CA VAL A 83 -9.82 -4.52 7.18
C VAL A 83 -8.49 -3.93 7.57
N LEU A 84 -7.46 -4.40 6.97
CA LEU A 84 -6.15 -3.96 7.32
C LEU A 84 -5.87 -2.65 6.59
N LYS A 85 -5.44 -1.66 7.31
CA LYS A 85 -5.18 -0.37 6.72
C LYS A 85 -3.72 0.01 6.86
N LEU A 86 -3.21 0.67 5.88
CA LEU A 86 -1.89 1.19 5.90
C LEU A 86 -1.93 2.48 5.11
N VAL A 87 -1.60 3.58 5.73
CA VAL A 87 -1.58 4.85 5.06
C VAL A 87 -0.14 5.25 4.80
N TYR A 88 0.19 5.34 3.55
CA TYR A 88 1.52 5.72 3.12
C TYR A 88 1.60 7.21 3.14
N GLU A 89 2.18 7.71 4.18
CA GLU A 89 2.15 9.12 4.43
C GLU A 89 3.50 9.77 4.34
N ASP A 90 3.54 11.05 4.75
CA ASP A 90 4.73 11.92 4.71
C ASP A 90 5.14 12.12 3.26
N GLY A 91 4.16 12.11 2.38
CA GLY A 91 4.40 12.28 0.97
C GLY A 91 5.00 13.65 0.65
N ASP A 92 5.57 13.76 -0.53
CA ASP A 92 6.22 14.98 -0.97
C ASP A 92 5.18 16.07 -1.18
N PRO A 93 5.32 17.21 -0.47
CA PRO A 93 4.37 18.32 -0.52
C PRO A 93 4.11 18.84 -1.93
N CYS A 94 2.88 18.70 -2.36
CA CYS A 94 2.45 19.15 -3.66
C CYS A 94 2.01 20.60 -3.51
N PRO A 95 1.91 21.38 -4.60
CA PRO A 95 1.45 22.79 -4.51
C PRO A 95 0.06 22.91 -3.85
N THR A 96 -0.73 21.85 -3.94
CA THR A 96 -2.02 21.77 -3.39
C THR A 96 -2.03 21.11 -1.99
N ASP A 97 -0.89 20.61 -1.55
CA ASP A 97 -0.78 19.84 -0.30
C ASP A 97 0.61 20.06 0.27
N LEU A 98 0.83 21.27 0.70
CA LEU A 98 2.10 21.74 1.25
C LEU A 98 2.07 21.69 2.74
N LYS A 99 1.02 22.31 3.27
CA LYS A 99 0.86 22.58 4.71
C LYS A 99 -0.08 21.55 5.31
N MET A 100 -0.12 20.48 4.64
CA MET A 100 -0.87 19.34 4.91
C MET A 100 -0.08 18.29 4.20
N LYS A 101 0.02 17.16 4.77
CA LYS A 101 0.87 16.13 4.21
C LYS A 101 0.12 14.86 3.94
N HIS A 102 -0.26 14.71 2.71
CA HIS A 102 -0.99 13.57 2.17
C HIS A 102 -0.49 12.18 2.59
N LYS A 103 -1.46 11.34 2.87
CA LYS A 103 -1.26 9.96 3.17
C LYS A 103 -2.09 9.17 2.17
N SER A 104 -1.51 8.18 1.57
CA SER A 104 -2.21 7.37 0.63
C SER A 104 -2.80 6.16 1.36
N TYR A 105 -4.10 6.03 1.27
CA TYR A 105 -4.83 4.99 1.97
C TYR A 105 -4.77 3.70 1.23
N PHE A 106 -4.23 2.70 1.83
CA PHE A 106 -4.24 1.42 1.25
C PHE A 106 -5.05 0.51 2.16
N SER A 107 -6.12 -0.01 1.64
CA SER A 107 -6.97 -0.91 2.34
C SER A 107 -6.74 -2.34 1.90
N PHE A 108 -6.39 -3.16 2.84
CA PHE A 108 -6.15 -4.55 2.60
C PHE A 108 -7.32 -5.35 3.14
N VAL A 109 -8.07 -5.92 2.25
CA VAL A 109 -9.24 -6.69 2.60
C VAL A 109 -9.04 -8.13 2.09
N CYS A 110 -9.56 -9.08 2.80
CA CYS A 110 -9.38 -10.47 2.47
C CYS A 110 -10.37 -10.99 1.45
N LYS A 111 -9.87 -11.36 0.29
CA LYS A 111 -10.68 -11.92 -0.76
C LYS A 111 -10.03 -13.07 -1.47
N SER A 112 -10.78 -14.12 -1.60
CA SER A 112 -10.39 -15.32 -2.32
C SER A 112 -10.43 -15.02 -3.84
N ASP A 113 -10.98 -13.84 -4.19
CA ASP A 113 -11.03 -13.36 -5.58
C ASP A 113 -9.63 -13.22 -6.12
N ALA A 114 -8.70 -12.97 -5.22
CA ALA A 114 -7.31 -12.87 -5.59
C ALA A 114 -6.56 -14.02 -4.98
N GLY A 115 -6.74 -14.22 -3.69
CA GLY A 115 -6.03 -15.29 -3.01
C GLY A 115 -4.52 -15.12 -3.11
N ASP A 116 -3.83 -16.14 -3.59
CA ASP A 116 -2.38 -16.10 -3.72
C ASP A 116 -1.95 -15.27 -4.93
N ASP A 117 -2.87 -15.05 -5.86
CA ASP A 117 -2.61 -14.23 -7.07
C ASP A 117 -2.19 -12.85 -6.64
N SER A 118 -3.06 -12.22 -5.84
CA SER A 118 -2.81 -10.93 -5.21
C SER A 118 -2.48 -9.77 -6.16
N GLN A 119 -3.44 -8.86 -6.30
CA GLN A 119 -3.28 -7.69 -7.11
C GLN A 119 -3.90 -6.47 -6.41
N PRO A 120 -3.23 -5.31 -6.49
CA PRO A 120 -3.67 -4.08 -5.85
C PRO A 120 -4.62 -3.29 -6.74
N VAL A 121 -5.80 -3.05 -6.25
CA VAL A 121 -6.80 -2.31 -6.98
C VAL A 121 -6.59 -0.83 -6.74
N PHE A 122 -6.37 -0.08 -7.77
CA PHE A 122 -6.23 1.34 -7.64
C PHE A 122 -7.59 2.00 -7.82
N LEU A 123 -7.98 2.79 -6.85
CA LEU A 123 -9.25 3.45 -6.90
C LEU A 123 -9.10 4.77 -7.64
N SER A 124 -8.49 5.75 -7.01
CA SER A 124 -8.27 7.04 -7.62
C SER A 124 -7.15 7.77 -6.90
N PHE A 125 -6.36 8.51 -7.66
CA PHE A 125 -5.37 9.38 -7.11
C PHE A 125 -5.89 10.80 -7.26
N ASP A 126 -6.10 11.45 -6.17
CA ASP A 126 -6.58 12.81 -6.19
C ASP A 126 -5.40 13.75 -6.15
N GLU A 127 -5.27 14.58 -7.16
CA GLU A 127 -4.14 15.49 -7.24
C GLU A 127 -4.40 16.81 -6.50
N GLN A 128 -5.59 16.93 -5.94
CA GLN A 128 -5.96 18.12 -5.22
C GLN A 128 -5.33 18.10 -3.82
N THR A 129 -5.23 16.93 -3.24
CA THR A 129 -4.53 16.77 -1.98
C THR A 129 -3.46 15.66 -2.11
N CYS A 130 -3.23 15.20 -3.34
CA CYS A 130 -2.24 14.14 -3.65
C CYS A 130 -2.46 12.86 -2.84
N THR A 131 -3.70 12.62 -2.52
CA THR A 131 -4.06 11.48 -1.74
C THR A 131 -4.65 10.41 -2.67
N SER A 132 -4.22 9.20 -2.52
CA SER A 132 -4.72 8.16 -3.34
C SER A 132 -5.39 7.10 -2.49
N TYR A 133 -6.16 6.27 -3.13
CA TYR A 133 -6.86 5.20 -2.48
C TYR A 133 -6.56 3.91 -3.22
N PHE A 134 -6.08 2.94 -2.50
CA PHE A 134 -5.79 1.66 -3.07
C PHE A 134 -6.41 0.59 -2.20
N SER A 135 -6.86 -0.46 -2.81
CA SER A 135 -7.45 -1.56 -2.10
C SER A 135 -6.87 -2.88 -2.60
N TRP A 136 -6.28 -3.63 -1.74
CA TRP A 136 -5.71 -4.88 -2.10
C TRP A 136 -6.52 -5.96 -1.43
N HIS A 137 -7.20 -6.71 -2.22
CA HIS A 137 -7.96 -7.80 -1.69
C HIS A 137 -7.15 -9.10 -1.71
N THR A 138 -6.46 -9.35 -0.63
CA THR A 138 -5.59 -10.49 -0.50
C THR A 138 -5.93 -11.27 0.77
N SER A 139 -5.67 -12.55 0.74
CA SER A 139 -5.91 -13.43 1.85
C SER A 139 -5.05 -13.08 3.09
N LEU A 140 -3.90 -12.44 2.87
CA LEU A 140 -2.96 -12.10 3.97
C LEU A 140 -3.51 -10.96 4.83
N ALA A 141 -4.47 -10.25 4.30
CA ALA A 141 -5.02 -9.08 4.93
C ALA A 141 -5.84 -9.40 6.18
N CYS A 142 -6.84 -10.21 6.02
CA CYS A 142 -7.72 -10.54 7.10
C CYS A 142 -8.24 -11.95 6.96
N GLU A 143 -9.10 -12.34 7.86
CA GLU A 143 -9.67 -13.66 7.82
C GLU A 143 -11.20 -13.55 7.69
N GLU A 144 -11.74 -12.42 8.09
CA GLU A 144 -13.16 -12.21 8.11
C GLU A 144 -13.42 -10.73 7.90
N GLU A 145 -14.43 -10.44 7.09
CA GLU A 145 -14.94 -9.10 6.89
C GLU A 145 -16.24 -9.22 6.12
N VAL A 146 -17.20 -8.42 6.44
CA VAL A 146 -18.50 -8.50 5.83
C VAL A 146 -18.59 -7.63 4.54
N PRO A 147 -18.76 -8.27 3.37
CA PRO A 147 -18.84 -7.55 2.10
C PRO A 147 -20.25 -6.98 1.80
N ARG A 148 -21.24 -7.55 2.44
CA ARG A 148 -22.60 -7.11 2.26
C ARG A 148 -23.08 -6.45 3.51
N MET A 1 10.66 -12.70 -2.65
CA MET A 1 9.38 -12.42 -3.29
C MET A 1 8.26 -12.62 -2.30
N LYS A 2 8.17 -13.80 -1.74
CA LYS A 2 7.15 -14.11 -0.79
C LYS A 2 7.78 -14.32 0.55
N SER A 3 7.41 -13.46 1.49
CA SER A 3 7.96 -13.39 2.82
C SER A 3 9.27 -12.62 2.83
N ASN A 4 9.14 -11.31 3.03
CA ASN A 4 10.28 -10.41 3.10
C ASN A 4 10.24 -9.66 4.42
N VAL A 5 11.16 -9.98 5.27
CA VAL A 5 11.25 -9.40 6.58
C VAL A 5 12.10 -8.12 6.58
N GLN A 6 11.40 -7.01 6.58
CA GLN A 6 12.02 -5.70 6.61
C GLN A 6 12.39 -5.30 8.02
N ASN A 7 11.64 -5.83 8.95
CA ASN A 7 11.77 -5.62 10.40
C ASN A 7 10.59 -6.29 11.01
N ASP A 8 9.43 -5.68 10.84
CA ASP A 8 8.19 -6.23 11.31
C ASP A 8 7.06 -5.91 10.38
N CYS A 9 6.42 -4.74 10.58
CA CYS A 9 5.17 -4.41 9.90
C CYS A 9 4.15 -5.51 10.14
N ARG A 10 3.58 -5.53 11.33
CA ARG A 10 2.65 -6.57 11.72
C ARG A 10 1.76 -6.10 12.85
N VAL A 11 0.61 -6.70 12.94
CA VAL A 11 -0.33 -6.44 13.99
C VAL A 11 -1.23 -7.67 14.13
N THR A 12 -1.55 -8.07 15.31
CA THR A 12 -2.32 -9.27 15.50
C THR A 12 -3.78 -8.91 15.75
N ASN A 13 -4.70 -9.48 14.96
CA ASN A 13 -6.11 -9.25 15.22
C ASN A 13 -6.72 -10.50 15.80
N PRO A 14 -6.94 -10.52 17.12
CA PRO A 14 -7.51 -11.68 17.79
C PRO A 14 -8.97 -11.94 17.41
N ALA A 15 -9.64 -10.92 16.87
CA ALA A 15 -11.01 -11.07 16.40
C ALA A 15 -11.03 -12.04 15.22
N THR A 16 -10.05 -11.91 14.35
CA THR A 16 -9.89 -12.81 13.25
C THR A 16 -9.18 -14.08 13.72
N GLY A 17 -8.15 -13.88 14.51
CA GLY A 17 -7.36 -14.98 15.00
C GLY A 17 -6.14 -15.19 14.13
N HIS A 18 -6.02 -14.37 13.13
CA HIS A 18 -4.91 -14.44 12.23
C HIS A 18 -4.08 -13.23 12.49
N LEU A 19 -2.82 -13.44 12.74
CA LEU A 19 -1.89 -12.36 12.89
C LEU A 19 -1.78 -11.71 11.52
N PHE A 20 -1.91 -10.42 11.46
CA PHE A 20 -1.90 -9.73 10.22
C PHE A 20 -0.49 -9.28 9.92
N ASP A 21 0.11 -9.99 9.04
CA ASP A 21 1.43 -9.69 8.58
C ASP A 21 1.41 -9.92 7.11
N LEU A 22 1.89 -8.98 6.38
CA LEU A 22 1.84 -9.02 4.93
C LEU A 22 3.15 -9.52 4.34
N THR A 23 3.97 -10.24 5.12
CA THR A 23 5.26 -10.78 4.68
C THR A 23 5.22 -11.47 3.34
N SER A 24 4.23 -12.30 3.10
CA SER A 24 4.16 -13.09 1.87
C SER A 24 3.91 -12.19 0.64
N LEU A 25 3.55 -10.95 0.89
CA LEU A 25 3.27 -10.01 -0.15
C LEU A 25 4.42 -8.96 -0.22
N LYS A 26 5.17 -8.83 0.88
CA LYS A 26 6.32 -7.91 0.94
C LYS A 26 7.42 -8.46 0.05
N ARG A 27 7.93 -7.63 -0.79
CA ARG A 27 8.93 -8.03 -1.74
C ARG A 27 9.93 -6.91 -1.94
N GLU A 28 11.01 -7.19 -2.66
CA GLU A 28 12.10 -6.24 -2.81
C GLU A 28 11.72 -5.02 -3.63
N SER A 29 10.99 -5.21 -4.69
CA SER A 29 10.61 -4.11 -5.53
C SER A 29 9.30 -3.50 -5.04
N GLY A 30 8.22 -4.20 -5.23
CA GLY A 30 6.95 -3.74 -4.81
C GLY A 30 5.89 -4.15 -5.78
N TYR A 31 4.90 -3.34 -5.92
CA TYR A 31 3.81 -3.58 -6.80
C TYR A 31 3.64 -2.44 -7.75
N THR A 32 3.43 -2.77 -8.97
CA THR A 32 3.41 -1.82 -10.01
C THR A 32 2.14 -1.88 -10.79
N ILE A 33 1.52 -0.75 -10.79
CA ILE A 33 0.30 -0.52 -11.43
C ILE A 33 0.37 0.84 -12.10
N THR A 34 -0.70 1.31 -12.66
CA THR A 34 -0.68 2.58 -13.32
C THR A 34 -1.81 3.44 -12.78
N ASP A 35 -1.59 4.75 -12.78
CA ASP A 35 -2.58 5.71 -12.33
C ASP A 35 -3.54 6.00 -13.49
N SER A 36 -4.48 6.89 -13.30
CA SER A 36 -5.45 7.29 -14.30
C SER A 36 -4.80 8.18 -15.39
N HIS A 37 -3.49 8.27 -15.38
CA HIS A 37 -2.71 9.03 -16.34
C HIS A 37 -1.60 8.13 -16.89
N ASN A 38 -0.61 8.72 -17.52
CA ASN A 38 0.59 8.01 -18.00
C ASN A 38 1.37 7.54 -16.83
N ARG A 39 1.45 8.42 -15.85
CA ARG A 39 2.07 8.13 -14.56
C ARG A 39 1.61 6.82 -13.98
N LYS A 40 2.55 6.04 -13.60
CA LYS A 40 2.29 4.77 -13.04
C LYS A 40 2.34 4.89 -11.55
N ILE A 41 1.59 4.08 -10.86
CA ILE A 41 1.67 4.08 -9.45
C ILE A 41 2.55 2.95 -9.04
N GLU A 42 3.65 3.30 -8.56
CA GLU A 42 4.65 2.37 -8.15
C GLU A 42 4.66 2.39 -6.63
N LEU A 43 4.39 1.27 -6.01
CA LEU A 43 4.30 1.23 -4.58
C LEU A 43 4.75 -0.11 -4.04
N ASN A 44 4.76 -0.27 -2.75
CA ASN A 44 5.06 -1.55 -2.15
C ASN A 44 4.06 -1.76 -1.03
N VAL A 45 3.69 -3.02 -0.77
CA VAL A 45 2.66 -3.35 0.21
C VAL A 45 2.97 -2.84 1.61
N CYS A 46 4.17 -3.10 2.07
CA CYS A 46 4.65 -2.66 3.35
C CYS A 46 6.08 -3.03 3.46
N ALA A 47 6.85 -2.33 2.69
CA ALA A 47 8.24 -2.50 2.56
C ALA A 47 8.71 -1.36 1.74
N GLU A 48 9.94 -1.06 1.87
CA GLU A 48 10.59 -0.04 1.11
C GLU A 48 10.47 -0.37 -0.40
N ALA A 49 9.93 0.56 -1.16
CA ALA A 49 9.67 0.32 -2.56
C ALA A 49 10.90 0.55 -3.40
N LYS A 50 11.24 -0.42 -4.20
CA LYS A 50 12.37 -0.33 -5.08
C LYS A 50 11.88 -0.20 -6.53
N SER A 51 10.59 -0.42 -6.72
CA SER A 51 9.98 -0.27 -8.01
C SER A 51 9.78 1.21 -8.28
N SER A 52 10.70 1.79 -9.06
CA SER A 52 10.73 3.21 -9.43
C SER A 52 11.17 4.11 -8.26
N CYS A 53 10.81 3.74 -7.06
CA CYS A 53 11.24 4.44 -5.86
C CYS A 53 12.65 3.93 -5.50
N ALA A 54 13.33 4.57 -4.55
CA ALA A 54 14.64 4.09 -4.16
C ALA A 54 14.61 3.34 -2.84
N ASN A 55 14.67 4.08 -1.76
CA ASN A 55 14.76 3.52 -0.46
C ASN A 55 13.62 3.95 0.45
N GLY A 56 13.53 5.25 0.65
CA GLY A 56 12.59 5.80 1.61
C GLY A 56 11.19 5.92 1.08
N ALA A 57 11.05 6.06 -0.21
CA ALA A 57 9.76 6.22 -0.82
C ALA A 57 9.08 4.86 -0.93
N ALA A 58 7.80 4.81 -0.65
CA ALA A 58 7.08 3.56 -0.75
C ALA A 58 5.92 3.65 -1.71
N VAL A 59 5.49 4.88 -1.99
CA VAL A 59 4.46 5.12 -2.98
C VAL A 59 4.94 6.24 -3.88
N CYS A 60 5.13 5.93 -5.12
CA CYS A 60 5.61 6.87 -6.07
C CYS A 60 4.72 6.93 -7.27
N ILE A 61 4.20 8.06 -7.52
CA ILE A 61 3.44 8.29 -8.69
C ILE A 61 4.48 8.69 -9.71
N THR A 62 4.79 7.81 -10.58
CA THR A 62 5.92 7.99 -11.43
C THR A 62 5.50 8.13 -12.90
N ASP A 63 5.51 9.37 -13.39
CA ASP A 63 5.26 9.63 -14.80
C ASP A 63 6.55 9.75 -15.52
N GLY A 64 6.83 8.74 -16.27
CA GLY A 64 8.08 8.65 -16.97
C GLY A 64 9.19 8.42 -15.97
N PRO A 65 10.21 9.28 -15.92
CA PRO A 65 11.25 9.19 -14.94
C PRO A 65 10.92 10.04 -13.70
N LYS A 66 9.86 10.84 -13.79
CA LYS A 66 9.46 11.73 -12.73
C LYS A 66 8.82 10.94 -11.62
N THR A 67 9.49 10.89 -10.53
CA THR A 67 9.04 10.13 -9.42
C THR A 67 8.43 11.06 -8.38
N LEU A 68 7.12 11.04 -8.26
CA LEU A 68 6.43 11.84 -7.28
C LEU A 68 6.14 10.98 -6.06
N ASN A 69 6.92 11.15 -5.03
CA ASN A 69 6.72 10.40 -3.80
C ASN A 69 5.52 10.95 -3.07
N ALA A 70 4.49 10.13 -2.97
CA ALA A 70 3.26 10.53 -2.33
C ALA A 70 3.24 10.06 -0.90
N GLY A 71 4.10 9.11 -0.60
CA GLY A 71 4.15 8.56 0.71
C GLY A 71 5.40 7.76 0.93
N LYS A 72 6.19 8.18 1.88
CA LYS A 72 7.39 7.46 2.21
C LYS A 72 7.01 6.24 3.04
N LEU A 73 7.94 5.34 3.18
CA LEU A 73 7.73 4.09 3.88
C LEU A 73 7.36 4.30 5.36
N SER A 74 6.17 3.90 5.66
CA SER A 74 5.68 3.81 7.00
C SER A 74 5.38 2.34 7.28
N LYS A 75 6.24 1.70 8.05
CA LYS A 75 6.20 0.24 8.28
C LYS A 75 5.22 -0.06 9.44
N THR A 76 4.15 0.67 9.43
CA THR A 76 3.14 0.61 10.44
C THR A 76 1.87 -0.03 9.87
N LEU A 77 1.47 -1.14 10.45
CA LEU A 77 0.34 -1.86 9.96
C LEU A 77 -0.73 -1.84 11.03
N THR A 78 -1.95 -1.59 10.64
CA THR A 78 -3.02 -1.45 11.58
C THR A 78 -4.33 -1.94 10.99
N TYR A 79 -5.24 -2.35 11.82
CA TYR A 79 -6.52 -2.78 11.34
C TYR A 79 -7.59 -1.88 11.88
N GLU A 80 -8.50 -1.50 11.05
CA GLU A 80 -9.56 -0.63 11.45
C GLU A 80 -10.86 -1.29 11.06
N ASP A 81 -11.47 -1.93 12.05
CA ASP A 81 -12.75 -2.65 11.92
C ASP A 81 -12.80 -3.61 10.73
N GLN A 82 -12.32 -4.82 10.95
CA GLN A 82 -12.34 -5.95 9.98
C GLN A 82 -11.48 -5.74 8.71
N VAL A 83 -11.04 -4.53 8.46
CA VAL A 83 -10.24 -4.25 7.29
C VAL A 83 -8.83 -3.88 7.74
N LEU A 84 -7.85 -4.43 7.06
CA LEU A 84 -6.48 -4.13 7.38
C LEU A 84 -6.11 -2.87 6.64
N LYS A 85 -5.39 -1.98 7.28
CA LYS A 85 -5.09 -0.71 6.67
C LYS A 85 -3.67 -0.27 6.95
N LEU A 86 -3.17 0.54 6.06
CA LEU A 86 -1.87 1.12 6.17
C LEU A 86 -1.95 2.43 5.42
N VAL A 87 -1.38 3.47 5.97
CA VAL A 87 -1.36 4.74 5.32
C VAL A 87 0.06 5.20 5.09
N TYR A 88 0.35 5.56 3.88
CA TYR A 88 1.65 6.10 3.54
C TYR A 88 1.52 7.57 3.30
N GLU A 89 2.35 8.34 3.91
CA GLU A 89 2.34 9.76 3.69
C GLU A 89 3.74 10.31 3.79
N ASP A 90 3.87 11.58 3.43
CA ASP A 90 5.10 12.37 3.47
C ASP A 90 5.98 12.07 2.29
N GLY A 91 5.98 12.98 1.36
CA GLY A 91 6.78 12.82 0.18
C GLY A 91 7.17 14.15 -0.38
N ASP A 92 6.63 14.47 -1.52
CA ASP A 92 6.90 15.72 -2.18
C ASP A 92 5.74 16.67 -1.94
N PRO A 93 5.99 17.84 -1.34
CA PRO A 93 4.96 18.83 -1.12
C PRO A 93 4.41 19.38 -2.44
N CYS A 94 3.19 18.98 -2.74
CA CYS A 94 2.49 19.43 -3.93
C CYS A 94 2.07 20.91 -3.76
N PRO A 95 1.72 21.64 -4.83
CA PRO A 95 1.29 23.05 -4.73
C PRO A 95 0.07 23.24 -3.81
N THR A 96 -0.76 22.23 -3.74
CA THR A 96 -1.91 22.21 -2.96
C THR A 96 -1.60 21.70 -1.54
N ASP A 97 -0.45 21.05 -1.42
CA ASP A 97 -0.10 20.32 -0.23
C ASP A 97 1.24 20.77 0.28
N LEU A 98 1.26 21.97 0.75
CA LEU A 98 2.45 22.59 1.29
C LEU A 98 2.42 22.43 2.79
N LYS A 99 1.29 22.79 3.35
CA LYS A 99 1.06 22.86 4.76
C LYS A 99 0.19 21.70 5.23
N MET A 100 0.11 20.70 4.39
CA MET A 100 -0.73 19.56 4.57
C MET A 100 -0.18 18.48 3.68
N LYS A 101 -0.16 17.30 4.18
CA LYS A 101 0.26 16.14 3.41
C LYS A 101 -0.81 15.09 3.56
N HIS A 102 -1.01 14.27 2.56
CA HIS A 102 -2.10 13.31 2.65
C HIS A 102 -1.65 11.92 2.74
N LYS A 103 -2.56 11.09 3.15
CA LYS A 103 -2.31 9.71 3.32
C LYS A 103 -2.70 8.97 2.06
N SER A 104 -1.89 8.07 1.69
CA SER A 104 -2.22 7.15 0.67
C SER A 104 -2.80 5.94 1.38
N TYR A 105 -4.07 5.73 1.18
CA TYR A 105 -4.84 4.74 1.91
C TYR A 105 -4.76 3.40 1.25
N PHE A 106 -4.18 2.47 1.94
CA PHE A 106 -4.13 1.11 1.49
C PHE A 106 -5.04 0.28 2.37
N SER A 107 -6.15 -0.10 1.81
CA SER A 107 -7.07 -0.96 2.51
C SER A 107 -6.85 -2.39 2.04
N PHE A 108 -6.41 -3.21 2.94
CA PHE A 108 -6.13 -4.59 2.65
C PHE A 108 -7.33 -5.42 3.04
N VAL A 109 -7.87 -6.08 2.06
CA VAL A 109 -9.06 -6.86 2.20
C VAL A 109 -8.93 -8.17 1.42
N CYS A 110 -9.38 -9.27 2.01
CA CYS A 110 -9.34 -10.59 1.38
C CYS A 110 -10.14 -10.64 0.09
N LYS A 111 -9.75 -11.51 -0.79
CA LYS A 111 -10.44 -11.76 -2.01
C LYS A 111 -10.50 -13.25 -2.19
N SER A 112 -11.62 -13.77 -2.58
CA SER A 112 -11.74 -15.17 -2.81
C SER A 112 -11.34 -15.51 -4.23
N ASP A 113 -10.07 -15.28 -4.45
CA ASP A 113 -9.35 -15.50 -5.68
C ASP A 113 -7.94 -15.08 -5.42
N ALA A 114 -7.66 -13.78 -5.60
CA ALA A 114 -6.37 -13.14 -5.32
C ALA A 114 -5.23 -13.66 -6.20
N GLY A 115 -5.52 -14.68 -7.01
CA GLY A 115 -4.55 -15.30 -7.87
C GLY A 115 -3.34 -15.78 -7.11
N ASP A 116 -2.25 -15.13 -7.37
CA ASP A 116 -0.99 -15.36 -6.68
C ASP A 116 -0.44 -14.02 -6.33
N ASP A 117 -0.45 -13.17 -7.31
CA ASP A 117 0.05 -11.85 -7.21
C ASP A 117 -1.13 -10.99 -6.95
N SER A 118 -1.48 -10.96 -5.69
CA SER A 118 -2.61 -10.22 -5.18
C SER A 118 -2.61 -8.80 -5.68
N GLN A 119 -3.63 -8.46 -6.43
CA GLN A 119 -3.74 -7.20 -7.09
C GLN A 119 -4.10 -6.04 -6.16
N PRO A 120 -3.29 -4.97 -6.20
CA PRO A 120 -3.63 -3.74 -5.54
C PRO A 120 -4.59 -2.97 -6.45
N VAL A 121 -5.82 -2.90 -6.05
CA VAL A 121 -6.81 -2.21 -6.82
C VAL A 121 -6.73 -0.74 -6.50
N PHE A 122 -6.37 0.04 -7.46
CA PHE A 122 -6.27 1.44 -7.26
C PHE A 122 -7.60 2.07 -7.55
N LEU A 123 -8.02 2.97 -6.72
CA LEU A 123 -9.21 3.72 -6.99
C LEU A 123 -8.79 4.78 -7.98
N SER A 124 -7.70 5.47 -7.61
CA SER A 124 -7.01 6.45 -8.43
C SER A 124 -6.09 7.22 -7.50
N PHE A 125 -5.15 7.91 -8.08
CA PHE A 125 -4.38 8.86 -7.35
C PHE A 125 -5.04 10.19 -7.58
N ASP A 126 -5.33 10.87 -6.54
CA ASP A 126 -5.90 12.17 -6.65
C ASP A 126 -4.85 13.19 -6.48
N GLU A 127 -4.58 13.88 -7.54
CA GLU A 127 -3.57 14.89 -7.59
C GLU A 127 -4.11 16.20 -7.04
N GLN A 128 -5.44 16.21 -6.87
CA GLN A 128 -6.22 17.29 -6.29
C GLN A 128 -5.52 17.84 -5.05
N THR A 129 -5.34 16.98 -4.08
CA THR A 129 -4.61 17.30 -2.90
C THR A 129 -3.79 16.07 -2.51
N CYS A 130 -3.05 15.58 -3.52
CA CYS A 130 -2.10 14.45 -3.44
C CYS A 130 -2.47 13.31 -2.47
N THR A 131 -3.52 12.60 -2.80
CA THR A 131 -4.02 11.50 -2.00
C THR A 131 -4.16 10.25 -2.88
N SER A 132 -3.69 9.13 -2.42
CA SER A 132 -3.78 7.93 -3.18
C SER A 132 -4.80 6.98 -2.52
N TYR A 133 -5.69 6.40 -3.30
CA TYR A 133 -6.67 5.46 -2.75
C TYR A 133 -6.45 4.05 -3.30
N PHE A 134 -6.22 3.09 -2.42
CA PHE A 134 -5.98 1.71 -2.82
C PHE A 134 -6.80 0.73 -2.00
N SER A 135 -7.18 -0.31 -2.65
CA SER A 135 -7.89 -1.41 -2.08
C SER A 135 -7.17 -2.68 -2.54
N TRP A 136 -6.45 -3.30 -1.67
CA TRP A 136 -5.62 -4.40 -2.05
C TRP A 136 -6.35 -5.67 -1.72
N HIS A 137 -6.73 -6.38 -2.74
CA HIS A 137 -7.45 -7.61 -2.58
C HIS A 137 -6.48 -8.76 -2.46
N THR A 138 -6.21 -9.15 -1.25
CA THR A 138 -5.22 -10.15 -0.96
C THR A 138 -5.67 -11.03 0.19
N SER A 139 -5.24 -12.28 0.18
CA SER A 139 -5.56 -13.23 1.21
C SER A 139 -4.51 -13.14 2.32
N LEU A 140 -3.53 -12.25 2.17
CA LEU A 140 -2.55 -12.01 3.23
C LEU A 140 -3.06 -10.94 4.17
N ALA A 141 -4.20 -10.36 3.82
CA ALA A 141 -4.80 -9.29 4.60
C ALA A 141 -5.53 -9.84 5.82
N CYS A 142 -6.58 -10.55 5.57
CA CYS A 142 -7.40 -11.14 6.60
C CYS A 142 -7.43 -12.65 6.44
N GLU A 143 -8.22 -13.34 7.23
CA GLU A 143 -8.26 -14.76 7.15
C GLU A 143 -9.21 -15.17 6.05
N GLU A 144 -10.43 -14.75 6.19
CA GLU A 144 -11.48 -15.07 5.29
C GLU A 144 -12.19 -13.78 4.89
N GLU A 145 -12.77 -13.73 3.71
CA GLU A 145 -13.54 -12.59 3.31
C GLU A 145 -14.91 -12.76 3.91
N VAL A 146 -15.21 -12.01 4.92
CA VAL A 146 -16.49 -12.14 5.55
C VAL A 146 -17.40 -11.00 5.11
N PRO A 147 -18.32 -11.29 4.19
CA PRO A 147 -19.29 -10.34 3.68
C PRO A 147 -20.63 -10.45 4.44
N ARG A 148 -20.55 -11.05 5.59
CA ARG A 148 -21.69 -11.29 6.42
C ARG A 148 -21.48 -10.60 7.75
N MET A 1 0.68 -16.84 5.64
CA MET A 1 1.85 -17.16 4.81
C MET A 1 3.07 -16.53 5.42
N LYS A 2 4.23 -16.81 4.87
CA LYS A 2 5.46 -16.29 5.39
C LYS A 2 6.53 -16.26 4.32
N SER A 3 6.77 -15.11 3.73
CA SER A 3 7.80 -15.01 2.72
C SER A 3 8.89 -13.98 3.11
N ASN A 4 8.66 -12.71 2.80
CA ASN A 4 9.65 -11.66 3.10
C ASN A 4 9.37 -11.06 4.44
N VAL A 5 10.27 -11.30 5.31
CA VAL A 5 10.09 -10.91 6.67
C VAL A 5 10.83 -9.62 7.01
N GLN A 6 10.10 -8.54 6.96
CA GLN A 6 10.59 -7.28 7.46
C GLN A 6 10.40 -7.29 8.96
N ASN A 7 11.14 -6.49 9.67
CA ASN A 7 11.11 -6.44 11.15
C ASN A 7 9.74 -5.96 11.70
N ASP A 8 8.97 -5.31 10.87
CA ASP A 8 7.66 -4.84 11.28
C ASP A 8 6.64 -5.22 10.19
N CYS A 9 5.42 -4.68 10.28
CA CYS A 9 4.31 -5.02 9.41
C CYS A 9 3.85 -6.46 9.63
N ARG A 10 3.15 -6.63 10.75
CA ARG A 10 2.56 -7.89 11.22
C ARG A 10 1.78 -7.60 12.52
N VAL A 11 0.50 -7.81 12.50
CA VAL A 11 -0.32 -7.54 13.67
C VAL A 11 -1.42 -8.59 13.81
N THR A 12 -1.67 -9.03 15.00
CA THR A 12 -2.67 -10.03 15.23
C THR A 12 -4.04 -9.35 15.49
N ASN A 13 -5.09 -9.86 14.86
CA ASN A 13 -6.43 -9.33 15.08
C ASN A 13 -7.19 -10.29 15.99
N PRO A 14 -7.46 -9.89 17.23
CA PRO A 14 -8.17 -10.74 18.21
C PRO A 14 -9.64 -11.04 17.83
N ALA A 15 -10.21 -10.24 16.95
CA ALA A 15 -11.59 -10.44 16.54
C ALA A 15 -11.69 -11.49 15.44
N THR A 16 -10.64 -11.64 14.68
CA THR A 16 -10.62 -12.62 13.60
C THR A 16 -9.89 -13.89 14.02
N GLY A 17 -8.85 -13.72 14.83
CA GLY A 17 -8.03 -14.85 15.22
C GLY A 17 -6.95 -15.08 14.19
N HIS A 18 -6.82 -14.15 13.28
CA HIS A 18 -5.85 -14.23 12.21
C HIS A 18 -4.79 -13.18 12.44
N LEU A 19 -3.56 -13.52 12.18
CA LEU A 19 -2.48 -12.58 12.29
C LEU A 19 -2.30 -11.98 10.91
N PHE A 20 -2.35 -10.69 10.83
CA PHE A 20 -2.28 -10.00 9.57
C PHE A 20 -0.85 -9.61 9.31
N ASP A 21 -0.24 -10.30 8.40
CA ASP A 21 1.09 -9.97 8.02
C ASP A 21 1.18 -10.11 6.52
N LEU A 22 1.76 -9.14 5.94
CA LEU A 22 1.88 -9.06 4.51
C LEU A 22 3.27 -9.50 4.06
N THR A 23 3.89 -10.45 4.80
CA THR A 23 5.27 -10.86 4.51
C THR A 23 5.44 -11.36 3.07
N SER A 24 4.47 -12.08 2.59
CA SER A 24 4.50 -12.62 1.25
C SER A 24 4.36 -11.53 0.19
N LEU A 25 3.79 -10.43 0.57
CA LEU A 25 3.47 -9.39 -0.35
C LEU A 25 4.55 -8.29 -0.36
N LYS A 26 5.30 -8.19 0.76
CA LYS A 26 6.44 -7.25 0.85
C LYS A 26 7.49 -7.74 -0.11
N ARG A 27 7.96 -6.93 -0.98
CA ARG A 27 8.93 -7.40 -1.92
C ARG A 27 10.19 -6.57 -1.98
N GLU A 28 11.12 -7.04 -2.76
CA GLU A 28 12.46 -6.49 -2.88
C GLU A 28 12.44 -5.17 -3.65
N SER A 29 11.80 -5.21 -4.79
CA SER A 29 11.77 -4.08 -5.68
C SER A 29 10.53 -3.23 -5.43
N GLY A 30 9.38 -3.87 -5.46
CA GLY A 30 8.12 -3.19 -5.28
C GLY A 30 7.14 -3.74 -6.27
N TYR A 31 5.89 -3.41 -6.15
CA TYR A 31 4.91 -3.90 -7.10
C TYR A 31 4.32 -2.72 -7.83
N THR A 32 3.97 -2.90 -9.06
CA THR A 32 3.45 -1.83 -9.83
C THR A 32 2.18 -2.21 -10.53
N ILE A 33 1.38 -1.23 -10.60
CA ILE A 33 0.18 -1.20 -11.30
C ILE A 33 0.19 0.07 -12.11
N THR A 34 -0.66 0.21 -13.04
CA THR A 34 -0.66 1.41 -13.83
C THR A 34 -1.65 2.40 -13.23
N ASP A 35 -1.38 3.68 -13.36
CA ASP A 35 -2.29 4.70 -12.88
C ASP A 35 -3.29 5.01 -14.02
N SER A 36 -3.84 6.19 -14.04
CA SER A 36 -4.86 6.59 -14.96
C SER A 36 -4.35 6.62 -16.40
N HIS A 37 -3.23 7.29 -16.62
CA HIS A 37 -2.70 7.46 -17.95
C HIS A 37 -1.21 7.74 -17.88
N ASN A 38 -0.45 6.97 -18.65
CA ASN A 38 1.02 7.13 -18.83
C ASN A 38 1.79 6.60 -17.64
N ARG A 39 1.51 7.18 -16.53
CA ARG A 39 2.21 6.91 -15.30
C ARG A 39 1.78 5.61 -14.66
N LYS A 40 2.70 5.02 -13.94
CA LYS A 40 2.42 3.81 -13.23
C LYS A 40 2.53 4.11 -11.76
N ILE A 41 1.95 3.28 -10.97
CA ILE A 41 2.02 3.43 -9.57
C ILE A 41 2.93 2.37 -9.02
N GLU A 42 3.97 2.81 -8.41
CA GLU A 42 4.92 1.95 -7.76
C GLU A 42 4.54 1.89 -6.30
N LEU A 43 4.26 0.72 -5.82
CA LEU A 43 3.87 0.53 -4.45
C LEU A 43 4.46 -0.75 -3.88
N ASN A 44 5.27 -0.62 -2.88
CA ASN A 44 5.83 -1.79 -2.25
C ASN A 44 5.15 -1.99 -0.90
N VAL A 45 4.66 -3.18 -0.71
CA VAL A 45 3.84 -3.53 0.44
C VAL A 45 4.59 -3.47 1.76
N CYS A 46 4.33 -2.38 2.50
CA CYS A 46 4.89 -2.07 3.84
C CYS A 46 6.40 -2.15 3.90
N ALA A 47 7.00 -2.05 2.76
CA ALA A 47 8.39 -2.07 2.61
C ALA A 47 8.73 -1.00 1.63
N GLU A 48 9.89 -0.48 1.76
CA GLU A 48 10.37 0.58 0.90
C GLU A 48 10.63 0.06 -0.53
N ALA A 49 10.28 0.85 -1.53
CA ALA A 49 10.40 0.44 -2.93
C ALA A 49 11.72 0.91 -3.52
N LYS A 50 12.25 0.14 -4.47
CA LYS A 50 13.56 0.47 -5.05
C LYS A 50 13.56 0.53 -6.59
N SER A 51 12.46 0.19 -7.22
CA SER A 51 12.41 0.23 -8.67
C SER A 51 12.13 1.64 -9.22
N SER A 52 10.92 2.13 -9.07
CA SER A 52 10.62 3.48 -9.51
C SER A 52 10.92 4.48 -8.40
N CYS A 53 11.05 3.97 -7.20
CA CYS A 53 11.40 4.78 -6.06
C CYS A 53 12.87 4.60 -5.79
N ALA A 54 13.46 5.47 -5.02
CA ALA A 54 14.86 5.34 -4.70
C ALA A 54 15.10 4.50 -3.47
N ASN A 55 14.93 5.12 -2.33
CA ASN A 55 15.27 4.52 -1.09
C ASN A 55 14.12 4.39 -0.10
N GLY A 56 13.70 5.50 0.49
CA GLY A 56 12.75 5.45 1.57
C GLY A 56 11.33 5.68 1.15
N ALA A 57 11.10 5.74 -0.13
CA ALA A 57 9.76 5.92 -0.64
C ALA A 57 9.11 4.54 -0.80
N ALA A 58 7.81 4.48 -0.58
CA ALA A 58 7.13 3.21 -0.67
C ALA A 58 6.10 3.22 -1.78
N VAL A 59 5.46 4.37 -1.95
CA VAL A 59 4.49 4.53 -3.00
C VAL A 59 4.88 5.74 -3.83
N CYS A 60 5.17 5.49 -5.05
CA CYS A 60 5.57 6.53 -5.96
C CYS A 60 4.69 6.53 -7.18
N ILE A 61 4.08 7.63 -7.45
CA ILE A 61 3.34 7.79 -8.66
C ILE A 61 4.39 8.17 -9.67
N THR A 62 4.72 7.25 -10.52
CA THR A 62 5.83 7.46 -11.39
C THR A 62 5.36 7.76 -12.80
N ASP A 63 5.37 9.00 -13.14
CA ASP A 63 4.98 9.45 -14.45
C ASP A 63 6.25 9.54 -15.25
N GLY A 64 6.55 8.48 -15.96
CA GLY A 64 7.80 8.40 -16.65
C GLY A 64 8.96 8.42 -15.65
N PRO A 65 9.83 9.43 -15.74
CA PRO A 65 10.91 9.59 -14.79
C PRO A 65 10.47 10.37 -13.55
N LYS A 66 9.30 11.00 -13.63
CA LYS A 66 8.79 11.83 -12.56
C LYS A 66 8.28 10.97 -11.47
N THR A 67 8.96 11.02 -10.40
CA THR A 67 8.64 10.21 -9.28
C THR A 67 7.95 11.07 -8.24
N LEU A 68 6.65 10.91 -8.11
CA LEU A 68 5.89 11.63 -7.13
C LEU A 68 5.69 10.77 -5.90
N ASN A 69 6.31 11.15 -4.82
CA ASN A 69 6.20 10.44 -3.57
C ASN A 69 4.79 10.61 -3.01
N ALA A 70 3.98 9.60 -3.17
CA ALA A 70 2.63 9.61 -2.65
C ALA A 70 2.66 9.18 -1.20
N GLY A 71 3.69 8.43 -0.88
CA GLY A 71 3.89 7.99 0.45
C GLY A 71 5.24 7.37 0.60
N LYS A 72 5.93 7.73 1.62
CA LYS A 72 7.23 7.14 1.87
C LYS A 72 7.01 5.89 2.71
N LEU A 73 8.06 5.16 2.99
CA LEU A 73 7.97 3.95 3.77
C LEU A 73 7.37 4.23 5.15
N SER A 74 6.13 3.89 5.26
CA SER A 74 5.39 4.00 6.45
C SER A 74 4.81 2.62 6.69
N LYS A 75 5.30 1.94 7.68
CA LYS A 75 4.82 0.62 7.97
C LYS A 75 4.16 0.55 9.34
N THR A 76 2.90 0.91 9.35
CA THR A 76 2.09 0.88 10.55
C THR A 76 0.74 0.25 10.19
N LEU A 77 0.60 -1.02 10.44
CA LEU A 77 -0.62 -1.73 10.15
C LEU A 77 -1.63 -1.49 11.25
N THR A 78 -2.76 -0.94 10.91
CA THR A 78 -3.78 -0.71 11.89
C THR A 78 -5.00 -1.53 11.51
N TYR A 79 -5.44 -2.40 12.37
CA TYR A 79 -6.63 -3.14 12.06
C TYR A 79 -7.84 -2.38 12.60
N GLU A 80 -8.65 -1.89 11.70
CA GLU A 80 -9.84 -1.15 12.05
C GLU A 80 -10.81 -1.35 10.93
N ASP A 81 -12.10 -1.41 11.25
CA ASP A 81 -13.18 -1.72 10.27
C ASP A 81 -12.97 -3.13 9.74
N GLN A 82 -12.25 -3.94 10.54
CA GLN A 82 -11.78 -5.27 10.21
C GLN A 82 -10.98 -5.36 8.89
N VAL A 83 -10.51 -4.21 8.42
CA VAL A 83 -9.72 -4.16 7.23
C VAL A 83 -8.30 -3.76 7.65
N LEU A 84 -7.31 -4.08 6.87
CA LEU A 84 -5.97 -3.75 7.24
C LEU A 84 -5.62 -2.39 6.67
N LYS A 85 -5.51 -1.43 7.54
CA LYS A 85 -5.21 -0.08 7.13
C LYS A 85 -3.74 0.17 7.22
N LEU A 86 -3.21 0.74 6.19
CA LEU A 86 -1.84 1.13 6.15
C LEU A 86 -1.72 2.41 5.35
N VAL A 87 -1.26 3.43 5.98
CA VAL A 87 -1.09 4.70 5.32
C VAL A 87 0.38 4.95 5.04
N TYR A 88 0.67 5.37 3.85
CA TYR A 88 2.01 5.75 3.47
C TYR A 88 2.03 7.24 3.43
N GLU A 89 2.70 7.84 4.36
CA GLU A 89 2.60 9.26 4.52
C GLU A 89 3.80 10.08 4.08
N ASP A 90 3.65 11.39 4.30
CA ASP A 90 4.56 12.44 3.88
C ASP A 90 4.52 12.56 2.38
N GLY A 91 3.33 12.92 1.89
CA GLY A 91 3.15 13.14 0.48
C GLY A 91 3.96 14.31 0.05
N ASP A 92 4.64 14.18 -1.08
CA ASP A 92 5.56 15.20 -1.59
C ASP A 92 4.88 16.56 -1.67
N PRO A 93 5.54 17.62 -1.11
CA PRO A 93 5.01 18.96 -1.10
C PRO A 93 4.55 19.44 -2.46
N CYS A 94 3.27 19.49 -2.62
CA CYS A 94 2.62 19.92 -3.80
C CYS A 94 1.84 21.17 -3.44
N PRO A 95 1.57 22.08 -4.39
CA PRO A 95 0.88 23.37 -4.11
C PRO A 95 -0.52 23.19 -3.51
N THR A 96 -1.04 22.01 -3.65
CA THR A 96 -2.30 21.64 -3.19
C THR A 96 -2.27 21.10 -1.75
N ASP A 97 -1.09 20.71 -1.28
CA ASP A 97 -0.93 20.07 0.03
C ASP A 97 0.45 20.41 0.59
N LEU A 98 0.61 21.68 0.89
CA LEU A 98 1.82 22.26 1.47
C LEU A 98 1.67 22.37 2.97
N LYS A 99 0.59 23.05 3.34
CA LYS A 99 0.30 23.46 4.71
C LYS A 99 -0.61 22.45 5.37
N MET A 100 -0.69 21.35 4.74
CA MET A 100 -1.47 20.25 5.08
C MET A 100 -0.71 19.13 4.49
N LYS A 101 -0.70 18.02 5.11
CA LYS A 101 0.04 16.93 4.57
C LYS A 101 -0.81 15.69 4.51
N HIS A 102 -1.04 15.23 3.33
CA HIS A 102 -1.78 14.04 3.15
C HIS A 102 -0.89 12.84 2.91
N LYS A 103 -1.52 11.72 2.69
CA LYS A 103 -0.83 10.49 2.57
C LYS A 103 -1.57 9.58 1.62
N SER A 104 -0.98 8.47 1.36
CA SER A 104 -1.55 7.47 0.55
C SER A 104 -2.24 6.47 1.47
N TYR A 105 -3.51 6.35 1.33
CA TYR A 105 -4.31 5.52 2.18
C TYR A 105 -4.47 4.18 1.48
N PHE A 106 -3.88 3.17 2.05
CA PHE A 106 -3.90 1.89 1.45
C PHE A 106 -4.75 0.96 2.29
N SER A 107 -5.83 0.52 1.73
CA SER A 107 -6.68 -0.41 2.39
C SER A 107 -6.35 -1.82 1.90
N PHE A 108 -5.77 -2.60 2.75
CA PHE A 108 -5.51 -3.97 2.44
C PHE A 108 -6.72 -4.78 2.81
N VAL A 109 -7.39 -5.24 1.80
CA VAL A 109 -8.63 -5.95 1.97
C VAL A 109 -8.50 -7.36 1.39
N CYS A 110 -8.95 -8.29 2.14
CA CYS A 110 -8.82 -9.68 1.81
C CYS A 110 -9.76 -10.13 0.74
N LYS A 111 -9.25 -10.95 -0.12
CA LYS A 111 -10.01 -11.62 -1.10
C LYS A 111 -9.48 -13.02 -1.17
N SER A 112 -10.26 -13.97 -0.74
CA SER A 112 -9.84 -15.35 -0.71
C SER A 112 -9.60 -15.89 -2.13
N ASP A 113 -10.31 -15.33 -3.09
CA ASP A 113 -10.16 -15.69 -4.51
C ASP A 113 -8.82 -15.18 -5.10
N ALA A 114 -8.19 -14.28 -4.39
CA ALA A 114 -6.93 -13.70 -4.81
C ALA A 114 -5.84 -14.15 -3.84
N GLY A 115 -5.95 -15.40 -3.42
CA GLY A 115 -5.06 -15.98 -2.42
C GLY A 115 -3.59 -16.09 -2.87
N ASP A 116 -3.37 -16.19 -4.16
CA ASP A 116 -2.00 -16.28 -4.68
C ASP A 116 -1.72 -15.06 -5.53
N ASP A 117 -2.74 -14.62 -6.26
CA ASP A 117 -2.64 -13.47 -7.15
C ASP A 117 -2.37 -12.21 -6.36
N SER A 118 -3.36 -11.83 -5.54
CA SER A 118 -3.31 -10.61 -4.74
C SER A 118 -3.12 -9.36 -5.63
N GLN A 119 -4.23 -8.74 -5.99
CA GLN A 119 -4.22 -7.61 -6.92
C GLN A 119 -4.50 -6.28 -6.23
N PRO A 120 -3.71 -5.25 -6.53
CA PRO A 120 -3.92 -3.92 -6.02
C PRO A 120 -4.92 -3.15 -6.86
N VAL A 121 -6.10 -2.99 -6.33
CA VAL A 121 -7.13 -2.25 -7.01
C VAL A 121 -7.02 -0.82 -6.56
N PHE A 122 -6.54 0.03 -7.42
CA PHE A 122 -6.39 1.41 -7.05
C PHE A 122 -7.70 2.13 -7.31
N LEU A 123 -8.10 2.93 -6.38
CA LEU A 123 -9.32 3.67 -6.54
C LEU A 123 -9.02 4.87 -7.39
N SER A 124 -8.28 5.79 -6.83
CA SER A 124 -7.93 6.99 -7.50
C SER A 124 -6.84 7.74 -6.74
N PHE A 125 -5.96 8.37 -7.47
CA PHE A 125 -4.99 9.24 -6.87
C PHE A 125 -5.53 10.66 -6.94
N ASP A 126 -5.72 11.23 -5.79
CA ASP A 126 -6.25 12.57 -5.67
C ASP A 126 -5.09 13.54 -5.73
N GLU A 127 -5.02 14.28 -6.79
CA GLU A 127 -3.92 15.21 -6.98
C GLU A 127 -4.30 16.58 -6.45
N GLN A 128 -5.55 16.73 -6.08
CA GLN A 128 -6.07 17.98 -5.58
C GLN A 128 -5.64 18.21 -4.13
N THR A 129 -5.56 17.16 -3.36
CA THR A 129 -5.09 17.27 -2.01
C THR A 129 -3.93 16.29 -1.75
N CYS A 130 -3.41 15.72 -2.85
CA CYS A 130 -2.26 14.79 -2.81
C CYS A 130 -2.47 13.62 -1.86
N THR A 131 -3.41 12.79 -2.21
CA THR A 131 -3.77 11.62 -1.45
C THR A 131 -3.97 10.49 -2.44
N SER A 132 -3.72 9.30 -2.03
CA SER A 132 -3.95 8.20 -2.90
C SER A 132 -4.85 7.24 -2.18
N TYR A 133 -5.69 6.54 -2.91
CA TYR A 133 -6.62 5.60 -2.32
C TYR A 133 -6.43 4.26 -2.99
N PHE A 134 -5.98 3.28 -2.25
CA PHE A 134 -5.75 1.96 -2.78
C PHE A 134 -6.50 0.92 -1.99
N SER A 135 -6.88 -0.13 -2.66
CA SER A 135 -7.49 -1.26 -2.01
C SER A 135 -6.86 -2.54 -2.60
N TRP A 136 -6.02 -3.18 -1.86
CA TRP A 136 -5.31 -4.34 -2.37
C TRP A 136 -6.02 -5.58 -1.91
N HIS A 137 -6.50 -6.36 -2.86
CA HIS A 137 -7.16 -7.61 -2.56
C HIS A 137 -6.17 -8.71 -2.40
N THR A 138 -5.83 -8.97 -1.17
CA THR A 138 -4.90 -9.99 -0.83
C THR A 138 -5.38 -10.73 0.42
N SER A 139 -5.09 -11.99 0.48
CA SER A 139 -5.51 -12.83 1.58
C SER A 139 -4.62 -12.65 2.82
N LEU A 140 -3.53 -11.93 2.67
CA LEU A 140 -2.60 -11.70 3.79
C LEU A 140 -3.02 -10.45 4.57
N ALA A 141 -4.04 -9.78 4.05
CA ALA A 141 -4.53 -8.54 4.61
C ALA A 141 -5.46 -8.79 5.78
N CYS A 142 -6.47 -9.56 5.54
CA CYS A 142 -7.45 -9.93 6.53
C CYS A 142 -7.94 -11.31 6.21
N GLU A 143 -8.90 -11.82 6.93
CA GLU A 143 -9.37 -13.14 6.62
C GLU A 143 -10.77 -13.10 6.00
N GLU A 144 -11.63 -12.28 6.56
CA GLU A 144 -13.00 -12.25 6.13
C GLU A 144 -13.34 -10.90 5.51
N GLU A 145 -13.83 -10.96 4.29
CA GLU A 145 -14.27 -9.81 3.55
C GLU A 145 -15.76 -9.88 3.39
N VAL A 146 -16.44 -8.82 3.71
CA VAL A 146 -17.83 -8.72 3.44
C VAL A 146 -18.04 -7.81 2.20
N PRO A 147 -18.22 -8.41 1.02
CA PRO A 147 -18.44 -7.65 -0.20
C PRO A 147 -19.90 -7.29 -0.40
N ARG A 148 -20.77 -7.98 0.30
CA ARG A 148 -22.17 -7.77 0.20
C ARG A 148 -22.80 -7.97 1.57
N MET A 1 9.96 -11.77 -1.94
CA MET A 1 8.54 -11.76 -2.26
C MET A 1 7.78 -12.68 -1.33
N LYS A 2 8.07 -13.96 -1.37
CA LYS A 2 7.33 -14.89 -0.56
C LYS A 2 7.86 -14.88 0.86
N SER A 3 7.03 -14.36 1.75
CA SER A 3 7.30 -14.19 3.14
C SER A 3 8.61 -13.47 3.49
N ASN A 4 8.53 -12.16 3.44
CA ASN A 4 9.62 -11.29 3.83
C ASN A 4 9.35 -10.83 5.25
N VAL A 5 10.16 -11.26 6.14
CA VAL A 5 10.05 -10.82 7.50
C VAL A 5 10.99 -9.65 7.71
N GLN A 6 10.39 -8.50 7.76
CA GLN A 6 11.09 -7.25 7.92
C GLN A 6 11.44 -6.97 9.36
N ASN A 7 10.46 -6.53 10.13
CA ASN A 7 10.63 -6.17 11.54
C ASN A 7 9.32 -5.66 12.08
N ASP A 8 8.67 -4.84 11.29
CA ASP A 8 7.40 -4.26 11.67
C ASP A 8 6.47 -4.38 10.46
N CYS A 9 5.46 -3.50 10.38
CA CYS A 9 4.37 -3.60 9.43
C CYS A 9 3.67 -4.92 9.66
N ARG A 10 3.05 -5.00 10.81
CA ARG A 10 2.44 -6.20 11.30
C ARG A 10 1.44 -5.83 12.41
N VAL A 11 0.26 -6.38 12.37
CA VAL A 11 -0.73 -6.07 13.38
C VAL A 11 -1.52 -7.33 13.73
N THR A 12 -1.85 -7.48 14.97
CA THR A 12 -2.62 -8.60 15.39
C THR A 12 -4.09 -8.16 15.52
N ASN A 13 -4.98 -8.89 14.88
CA ASN A 13 -6.40 -8.60 14.98
C ASN A 13 -7.03 -9.60 15.92
N PRO A 14 -7.41 -9.17 17.13
CA PRO A 14 -8.00 -10.04 18.16
C PRO A 14 -9.35 -10.63 17.73
N ALA A 15 -9.94 -10.07 16.69
CA ALA A 15 -11.17 -10.58 16.17
C ALA A 15 -10.91 -11.89 15.41
N THR A 16 -9.97 -11.86 14.48
CA THR A 16 -9.63 -13.06 13.73
C THR A 16 -8.75 -13.98 14.59
N GLY A 17 -8.05 -13.38 15.55
CA GLY A 17 -7.15 -14.11 16.43
C GLY A 17 -5.84 -14.41 15.72
N HIS A 18 -5.72 -13.86 14.54
CA HIS A 18 -4.63 -14.12 13.65
C HIS A 18 -3.76 -12.90 13.52
N LEU A 19 -2.56 -13.13 13.07
CA LEU A 19 -1.57 -12.10 12.89
C LEU A 19 -1.57 -11.66 11.44
N PHE A 20 -1.77 -10.39 11.21
CA PHE A 20 -1.75 -9.85 9.88
C PHE A 20 -0.37 -9.31 9.55
N ASP A 21 0.30 -9.97 8.66
CA ASP A 21 1.56 -9.50 8.15
C ASP A 21 1.56 -9.82 6.70
N LEU A 22 1.93 -8.86 5.90
CA LEU A 22 1.92 -9.01 4.46
C LEU A 22 3.21 -9.70 4.00
N THR A 23 3.52 -10.81 4.63
CA THR A 23 4.72 -11.59 4.41
C THR A 23 5.00 -11.85 2.93
N SER A 24 4.08 -12.52 2.29
CA SER A 24 4.17 -12.90 0.88
C SER A 24 3.99 -11.71 -0.07
N LEU A 25 3.70 -10.58 0.49
CA LEU A 25 3.49 -9.40 -0.28
C LEU A 25 4.76 -8.54 -0.29
N LYS A 26 5.43 -8.49 0.86
CA LYS A 26 6.67 -7.72 1.02
C LYS A 26 7.76 -8.31 0.14
N ARG A 27 8.33 -7.49 -0.69
CA ARG A 27 9.32 -7.94 -1.65
C ARG A 27 10.38 -6.88 -1.86
N GLU A 28 11.43 -7.24 -2.56
CA GLU A 28 12.60 -6.39 -2.70
C GLU A 28 12.33 -5.12 -3.53
N SER A 29 11.77 -5.28 -4.69
CA SER A 29 11.55 -4.14 -5.54
C SER A 29 10.22 -3.49 -5.17
N GLY A 30 9.16 -4.25 -5.29
CA GLY A 30 7.87 -3.77 -4.96
C GLY A 30 6.85 -4.33 -5.91
N TYR A 31 5.77 -3.65 -6.02
CA TYR A 31 4.71 -4.05 -6.91
C TYR A 31 4.37 -2.91 -7.79
N THR A 32 3.88 -3.20 -8.93
CA THR A 32 3.67 -2.22 -9.91
C THR A 32 2.26 -2.28 -10.45
N ILE A 33 1.68 -1.13 -10.59
CA ILE A 33 0.39 -0.97 -11.19
C ILE A 33 0.56 0.13 -12.25
N THR A 34 -0.51 0.54 -12.83
CA THR A 34 -0.48 1.52 -13.85
C THR A 34 -1.38 2.65 -13.40
N ASP A 35 -1.01 3.85 -13.71
CA ASP A 35 -1.79 5.01 -13.34
C ASP A 35 -2.74 5.31 -14.52
N SER A 36 -3.15 6.55 -14.67
CA SER A 36 -4.10 7.01 -15.66
C SER A 36 -3.85 6.44 -17.07
N HIS A 37 -2.62 6.55 -17.57
CA HIS A 37 -2.29 5.99 -18.87
C HIS A 37 -0.79 5.73 -19.00
N ASN A 38 -0.01 6.79 -19.10
CA ASN A 38 1.43 6.66 -19.30
C ASN A 38 2.09 6.46 -17.98
N ARG A 39 1.68 7.28 -17.07
CA ARG A 39 2.20 7.30 -15.72
C ARG A 39 1.93 5.95 -15.05
N LYS A 40 2.77 5.60 -14.15
CA LYS A 40 2.71 4.30 -13.49
C LYS A 40 2.64 4.49 -12.00
N ILE A 41 2.18 3.47 -11.32
CA ILE A 41 2.09 3.50 -9.89
C ILE A 41 2.99 2.40 -9.35
N GLU A 42 4.15 2.77 -8.87
CA GLU A 42 5.11 1.83 -8.34
C GLU A 42 5.10 1.96 -6.83
N LEU A 43 4.90 0.87 -6.12
CA LEU A 43 4.85 0.94 -4.67
C LEU A 43 5.55 -0.27 -4.10
N ASN A 44 5.75 -0.28 -2.82
CA ASN A 44 6.27 -1.44 -2.13
C ASN A 44 5.64 -1.51 -0.76
N VAL A 45 5.13 -2.67 -0.42
CA VAL A 45 4.49 -2.89 0.84
C VAL A 45 5.46 -3.21 1.96
N CYS A 46 5.84 -2.15 2.64
CA CYS A 46 6.64 -2.19 3.87
C CYS A 46 8.03 -2.81 3.74
N ALA A 47 8.49 -3.04 2.55
CA ALA A 47 9.82 -3.58 2.39
C ALA A 47 10.75 -2.58 1.76
N GLU A 48 10.26 -1.34 1.73
CA GLU A 48 10.97 -0.15 1.21
C GLU A 48 11.12 -0.22 -0.33
N ALA A 49 10.55 0.77 -1.00
CA ALA A 49 10.45 0.74 -2.45
C ALA A 49 11.72 1.10 -3.16
N LYS A 50 12.32 0.11 -3.77
CA LYS A 50 13.48 0.32 -4.64
C LYS A 50 13.04 0.18 -6.08
N SER A 51 11.75 0.32 -6.29
CA SER A 51 11.15 0.25 -7.59
C SER A 51 11.46 1.54 -8.38
N SER A 52 10.64 2.54 -8.23
CA SER A 52 10.90 3.81 -8.85
C SER A 52 11.47 4.76 -7.82
N CYS A 53 11.17 4.49 -6.57
CA CYS A 53 11.64 5.28 -5.46
C CYS A 53 13.10 4.89 -5.17
N ALA A 54 13.74 5.55 -4.22
CA ALA A 54 15.10 5.19 -3.88
C ALA A 54 15.12 3.99 -2.96
N ASN A 55 15.03 4.27 -1.68
CA ASN A 55 15.07 3.27 -0.69
C ASN A 55 13.84 3.31 0.24
N GLY A 56 13.83 4.31 1.11
CA GLY A 56 12.88 4.41 2.19
C GLY A 56 11.52 4.98 1.83
N ALA A 57 11.26 5.13 0.57
CA ALA A 57 9.96 5.61 0.14
C ALA A 57 9.07 4.41 -0.15
N ALA A 58 7.81 4.64 -0.48
CA ALA A 58 6.92 3.53 -0.71
C ALA A 58 6.11 3.68 -1.94
N VAL A 59 5.48 4.82 -2.11
CA VAL A 59 4.63 5.03 -3.25
C VAL A 59 5.20 6.10 -4.13
N CYS A 60 5.55 5.74 -5.33
CA CYS A 60 6.04 6.68 -6.28
C CYS A 60 5.28 6.55 -7.58
N ILE A 61 4.64 7.60 -7.95
CA ILE A 61 3.87 7.67 -9.14
C ILE A 61 4.78 8.26 -10.21
N THR A 62 5.31 7.43 -11.03
CA THR A 62 6.26 7.85 -12.02
C THR A 62 5.64 8.10 -13.37
N ASP A 63 5.83 9.29 -13.86
CA ASP A 63 5.45 9.61 -15.21
C ASP A 63 6.77 9.66 -15.94
N GLY A 64 7.14 8.53 -16.51
CA GLY A 64 8.44 8.41 -17.11
C GLY A 64 9.48 8.38 -16.01
N PRO A 65 10.52 9.20 -16.10
CA PRO A 65 11.51 9.35 -15.03
C PRO A 65 11.11 10.43 -14.01
N LYS A 66 9.95 11.02 -14.22
CA LYS A 66 9.42 12.05 -13.36
C LYS A 66 8.68 11.39 -12.20
N THR A 67 9.26 11.43 -11.05
CA THR A 67 8.73 10.75 -9.90
C THR A 67 7.87 11.68 -9.01
N LEU A 68 6.66 11.24 -8.75
CA LEU A 68 5.77 11.87 -7.79
C LEU A 68 5.75 10.98 -6.56
N ASN A 69 6.02 11.52 -5.41
CA ASN A 69 6.09 10.71 -4.22
C ASN A 69 4.79 10.84 -3.47
N ALA A 70 4.13 9.73 -3.24
CA ALA A 70 2.85 9.74 -2.60
C ALA A 70 2.91 9.10 -1.21
N GLY A 71 4.11 8.97 -0.69
CA GLY A 71 4.26 8.42 0.63
C GLY A 71 5.58 7.73 0.81
N LYS A 72 6.15 7.88 1.98
CA LYS A 72 7.38 7.21 2.31
C LYS A 72 7.03 5.84 2.83
N LEU A 73 8.01 5.04 3.11
CA LEU A 73 7.74 3.73 3.59
C LEU A 73 7.49 3.78 5.08
N SER A 74 6.26 3.95 5.43
CA SER A 74 5.84 3.81 6.77
C SER A 74 5.52 2.36 7.02
N LYS A 75 6.44 1.71 7.70
CA LYS A 75 6.39 0.29 7.90
C LYS A 75 5.56 0.01 9.12
N THR A 76 4.27 0.07 8.92
CA THR A 76 3.31 -0.17 9.96
C THR A 76 2.03 -0.76 9.36
N LEU A 77 1.29 -1.51 10.14
CA LEU A 77 0.00 -2.05 9.73
C LEU A 77 -0.97 -1.82 10.83
N THR A 78 -2.19 -1.55 10.48
CA THR A 78 -3.21 -1.31 11.43
C THR A 78 -4.54 -1.70 10.84
N TYR A 79 -5.39 -2.34 11.61
CA TYR A 79 -6.68 -2.65 11.08
C TYR A 79 -7.60 -1.52 11.44
N GLU A 80 -8.36 -1.10 10.50
CA GLU A 80 -9.23 0.01 10.71
C GLU A 80 -10.54 -0.26 10.02
N ASP A 81 -11.58 -0.32 10.82
CA ASP A 81 -12.96 -0.54 10.37
C ASP A 81 -13.09 -1.91 9.69
N GLN A 82 -12.40 -2.89 10.30
CA GLN A 82 -12.41 -4.29 9.93
C GLN A 82 -11.71 -4.58 8.57
N VAL A 83 -10.95 -3.62 8.11
CA VAL A 83 -10.14 -3.79 6.92
C VAL A 83 -8.71 -3.54 7.35
N LEU A 84 -7.77 -4.21 6.73
CA LEU A 84 -6.38 -4.01 7.08
C LEU A 84 -5.92 -2.79 6.35
N LYS A 85 -5.43 -1.84 7.05
CA LYS A 85 -5.03 -0.63 6.42
C LYS A 85 -3.58 -0.33 6.61
N LEU A 86 -3.00 0.11 5.55
CA LEU A 86 -1.65 0.51 5.47
C LEU A 86 -1.65 1.91 4.94
N VAL A 87 -1.00 2.79 5.62
CA VAL A 87 -0.95 4.15 5.19
C VAL A 87 0.45 4.55 4.90
N TYR A 88 0.64 5.14 3.77
CA TYR A 88 1.93 5.68 3.44
C TYR A 88 1.92 7.16 3.58
N GLU A 89 2.52 7.58 4.66
CA GLU A 89 2.48 8.96 5.08
C GLU A 89 3.54 9.82 4.44
N ASP A 90 3.11 11.06 4.15
CA ASP A 90 3.97 12.15 3.70
C ASP A 90 4.82 11.84 2.48
N GLY A 91 4.30 12.24 1.36
CA GLY A 91 5.00 12.13 0.11
C GLY A 91 5.63 13.47 -0.23
N ASP A 92 5.43 13.93 -1.44
CA ASP A 92 5.89 15.26 -1.78
C ASP A 92 4.69 16.20 -1.72
N PRO A 93 4.89 17.42 -1.18
CA PRO A 93 3.80 18.41 -0.97
C PRO A 93 2.86 18.58 -2.16
N CYS A 94 1.66 18.14 -1.97
CA CYS A 94 0.62 18.17 -2.97
C CYS A 94 0.24 19.63 -3.18
N PRO A 95 -0.13 20.04 -4.41
CA PRO A 95 -0.44 21.45 -4.73
C PRO A 95 -1.37 22.16 -3.73
N THR A 96 -2.37 21.47 -3.24
CA THR A 96 -3.29 22.06 -2.30
C THR A 96 -2.98 21.60 -0.85
N ASP A 97 -2.16 20.57 -0.75
CA ASP A 97 -1.84 19.92 0.53
C ASP A 97 -0.32 20.02 0.70
N LEU A 98 0.12 21.25 0.88
CA LEU A 98 1.54 21.61 0.96
C LEU A 98 2.01 21.69 2.40
N LYS A 99 1.30 22.49 3.17
CA LYS A 99 1.69 22.78 4.54
C LYS A 99 0.89 21.91 5.50
N MET A 100 0.17 21.04 4.90
CA MET A 100 -0.67 20.10 5.51
C MET A 100 -0.38 18.89 4.71
N LYS A 101 0.02 17.86 5.35
CA LYS A 101 0.45 16.67 4.65
C LYS A 101 -0.27 15.45 5.19
N HIS A 102 -0.63 14.56 4.31
CA HIS A 102 -1.44 13.41 4.66
C HIS A 102 -0.79 12.09 4.30
N LYS A 103 -1.59 11.04 4.35
CA LYS A 103 -1.15 9.71 4.06
C LYS A 103 -2.11 9.01 3.10
N SER A 104 -1.59 8.08 2.36
CA SER A 104 -2.39 7.36 1.42
C SER A 104 -2.95 6.09 2.07
N TYR A 105 -4.24 5.86 1.87
CA TYR A 105 -4.91 4.74 2.46
C TYR A 105 -4.87 3.55 1.53
N PHE A 106 -4.09 2.58 1.88
CA PHE A 106 -4.05 1.39 1.12
C PHE A 106 -4.77 0.33 1.94
N SER A 107 -5.95 0.00 1.51
CA SER A 107 -6.75 -0.95 2.20
C SER A 107 -6.50 -2.35 1.69
N PHE A 108 -6.20 -3.22 2.58
CA PHE A 108 -6.00 -4.59 2.30
C PHE A 108 -7.22 -5.32 2.74
N VAL A 109 -7.87 -5.89 1.79
CA VAL A 109 -9.09 -6.57 2.00
C VAL A 109 -9.02 -7.96 1.39
N CYS A 110 -9.34 -8.94 2.17
CA CYS A 110 -9.36 -10.30 1.72
C CYS A 110 -10.49 -10.51 0.72
N LYS A 111 -10.15 -11.09 -0.40
CA LYS A 111 -11.08 -11.25 -1.50
C LYS A 111 -11.63 -12.66 -1.47
N SER A 112 -12.85 -12.83 -1.90
CA SER A 112 -13.49 -14.13 -1.93
C SER A 112 -12.80 -15.03 -2.98
N ASP A 113 -12.24 -14.38 -3.98
CA ASP A 113 -11.47 -15.04 -4.99
C ASP A 113 -9.98 -15.00 -4.62
N ALA A 114 -9.30 -13.88 -4.97
CA ALA A 114 -7.88 -13.64 -4.69
C ALA A 114 -6.98 -14.64 -5.41
N GLY A 115 -7.57 -15.42 -6.30
CA GLY A 115 -6.86 -16.41 -7.02
C GLY A 115 -6.43 -15.86 -8.32
N ASP A 116 -7.03 -14.74 -8.69
CA ASP A 116 -6.68 -13.98 -9.88
C ASP A 116 -5.18 -13.71 -9.93
N ASP A 117 -4.64 -13.26 -8.81
CA ASP A 117 -3.22 -12.90 -8.65
C ASP A 117 -3.11 -12.15 -7.34
N SER A 118 -4.21 -11.47 -7.03
CA SER A 118 -4.44 -10.56 -5.93
C SER A 118 -3.99 -9.19 -6.36
N GLN A 119 -4.84 -8.55 -7.09
CA GLN A 119 -4.53 -7.26 -7.65
C GLN A 119 -4.82 -6.09 -6.71
N PRO A 120 -3.89 -5.12 -6.69
CA PRO A 120 -4.06 -3.87 -5.96
C PRO A 120 -4.81 -2.87 -6.83
N VAL A 121 -6.04 -2.62 -6.49
CA VAL A 121 -6.89 -1.76 -7.29
C VAL A 121 -6.82 -0.34 -6.78
N PHE A 122 -6.67 0.59 -7.69
CA PHE A 122 -6.69 1.99 -7.36
C PHE A 122 -8.11 2.52 -7.54
N LEU A 123 -8.68 3.04 -6.49
CA LEU A 123 -10.04 3.53 -6.53
C LEU A 123 -10.06 5.01 -6.86
N SER A 124 -9.40 5.79 -6.05
CA SER A 124 -9.40 7.20 -6.23
C SER A 124 -8.11 7.77 -5.70
N PHE A 125 -7.60 8.76 -6.36
CA PHE A 125 -6.44 9.46 -5.91
C PHE A 125 -6.84 10.92 -5.86
N ASP A 126 -6.80 11.48 -4.70
CA ASP A 126 -7.10 12.88 -4.57
C ASP A 126 -5.83 13.63 -4.34
N GLU A 127 -5.47 14.47 -5.26
CA GLU A 127 -4.22 15.23 -5.12
C GLU A 127 -4.47 16.58 -4.46
N GLN A 128 -5.70 16.82 -4.06
CA GLN A 128 -6.04 18.09 -3.46
C GLN A 128 -5.54 18.10 -2.04
N THR A 129 -6.00 17.15 -1.27
CA THR A 129 -5.55 17.06 0.09
C THR A 129 -4.88 15.69 0.31
N CYS A 130 -4.43 15.12 -0.82
CA CYS A 130 -3.77 13.83 -0.88
C CYS A 130 -4.41 12.73 -0.09
N THR A 131 -5.56 12.38 -0.55
CA THR A 131 -6.31 11.33 0.02
C THR A 131 -6.51 10.28 -1.06
N SER A 132 -5.66 9.31 -1.05
CA SER A 132 -5.68 8.29 -2.04
C SER A 132 -6.23 7.01 -1.44
N TYR A 133 -7.09 6.35 -2.19
CA TYR A 133 -7.71 5.12 -1.76
C TYR A 133 -7.32 4.00 -2.70
N PHE A 134 -6.57 3.08 -2.18
CA PHE A 134 -6.18 1.93 -2.94
C PHE A 134 -6.66 0.71 -2.17
N SER A 135 -6.95 -0.35 -2.85
CA SER A 135 -7.44 -1.54 -2.20
C SER A 135 -6.85 -2.80 -2.83
N TRP A 136 -6.11 -3.53 -2.05
CA TRP A 136 -5.51 -4.75 -2.50
C TRP A 136 -6.37 -5.88 -2.00
N HIS A 137 -6.89 -6.63 -2.91
CA HIS A 137 -7.70 -7.76 -2.57
C HIS A 137 -6.81 -8.98 -2.47
N THR A 138 -6.36 -9.28 -1.28
CA THR A 138 -5.41 -10.34 -1.07
C THR A 138 -5.75 -11.13 0.17
N SER A 139 -5.36 -12.38 0.18
CA SER A 139 -5.57 -13.24 1.31
C SER A 139 -4.53 -12.96 2.41
N LEU A 140 -3.52 -12.15 2.10
CA LEU A 140 -2.50 -11.77 3.11
C LEU A 140 -3.02 -10.68 4.01
N ALA A 141 -4.12 -10.08 3.59
CA ALA A 141 -4.75 -9.02 4.32
C ALA A 141 -5.49 -9.56 5.54
N CYS A 142 -6.38 -10.47 5.30
CA CYS A 142 -7.15 -11.07 6.34
C CYS A 142 -7.51 -12.48 5.99
N GLU A 143 -8.09 -13.19 6.94
CA GLU A 143 -8.40 -14.61 6.81
C GLU A 143 -9.88 -14.69 6.49
N GLU A 144 -10.31 -13.73 5.68
CA GLU A 144 -11.68 -13.48 5.35
C GLU A 144 -12.49 -13.06 6.56
N GLU A 145 -12.58 -11.76 6.77
CA GLU A 145 -13.34 -11.24 7.86
C GLU A 145 -14.18 -10.17 7.25
N VAL A 146 -15.37 -10.53 6.93
CA VAL A 146 -16.26 -9.69 6.23
C VAL A 146 -17.06 -8.81 7.19
N PRO A 147 -16.94 -7.49 7.00
CA PRO A 147 -17.62 -6.46 7.82
C PRO A 147 -19.13 -6.62 7.81
N ARG A 148 -19.67 -7.02 6.66
CA ARG A 148 -21.09 -7.28 6.45
C ARG A 148 -21.93 -6.04 6.76
N MET A 1 3.46 -18.11 -0.13
CA MET A 1 3.09 -17.26 0.98
C MET A 1 4.27 -17.03 1.87
N LYS A 2 4.32 -15.88 2.52
CA LYS A 2 5.39 -15.48 3.44
C LYS A 2 6.74 -15.37 2.77
N SER A 3 6.94 -14.30 2.04
CA SER A 3 8.19 -14.07 1.36
C SER A 3 9.18 -13.29 2.25
N ASN A 4 8.75 -12.15 2.77
CA ASN A 4 9.61 -11.29 3.56
C ASN A 4 9.05 -11.15 4.96
N VAL A 5 9.92 -11.15 5.93
CA VAL A 5 9.53 -10.98 7.31
C VAL A 5 10.20 -9.72 7.88
N GLN A 6 9.38 -8.74 8.18
CA GLN A 6 9.89 -7.52 8.82
C GLN A 6 9.62 -7.54 10.30
N ASN A 7 8.58 -8.30 10.69
CA ASN A 7 8.19 -8.50 12.12
C ASN A 7 7.47 -7.28 12.75
N ASP A 8 7.70 -6.11 12.23
CA ASP A 8 7.09 -4.90 12.77
C ASP A 8 5.79 -4.53 12.07
N CYS A 9 5.77 -4.52 10.73
CA CYS A 9 4.52 -4.23 10.03
C CYS A 9 3.60 -5.46 9.98
N ARG A 10 2.99 -5.72 11.10
CA ARG A 10 2.04 -6.77 11.27
C ARG A 10 1.13 -6.37 12.38
N VAL A 11 -0.06 -6.86 12.35
CA VAL A 11 -1.02 -6.52 13.36
C VAL A 11 -1.96 -7.70 13.54
N THR A 12 -2.43 -7.91 14.72
CA THR A 12 -3.31 -9.01 14.98
C THR A 12 -4.74 -8.49 15.07
N ASN A 13 -5.65 -9.16 14.43
CA ASN A 13 -7.05 -8.79 14.52
C ASN A 13 -7.70 -9.71 15.53
N PRO A 14 -8.10 -9.19 16.68
CA PRO A 14 -8.72 -9.99 17.76
C PRO A 14 -10.04 -10.64 17.34
N ALA A 15 -10.62 -10.15 16.26
CA ALA A 15 -11.84 -10.71 15.73
C ALA A 15 -11.57 -12.04 15.06
N THR A 16 -10.42 -12.16 14.43
CA THR A 16 -10.02 -13.38 13.78
C THR A 16 -9.14 -14.19 14.72
N GLY A 17 -8.41 -13.48 15.57
CA GLY A 17 -7.50 -14.06 16.51
C GLY A 17 -6.21 -14.40 15.83
N HIS A 18 -6.14 -14.04 14.57
CA HIS A 18 -5.02 -14.38 13.74
C HIS A 18 -4.23 -13.13 13.38
N LEU A 19 -3.02 -13.35 12.96
CA LEU A 19 -2.07 -12.29 12.69
C LEU A 19 -2.08 -11.92 11.22
N PHE A 20 -2.10 -10.64 10.95
CA PHE A 20 -2.02 -10.13 9.61
C PHE A 20 -0.61 -9.62 9.37
N ASP A 21 0.02 -10.12 8.35
CA ASP A 21 1.32 -9.61 7.93
C ASP A 21 1.43 -9.79 6.44
N LEU A 22 1.69 -8.71 5.76
CA LEU A 22 1.84 -8.72 4.33
C LEU A 22 3.24 -9.18 4.00
N THR A 23 3.48 -10.43 4.25
CA THR A 23 4.76 -11.08 4.12
C THR A 23 5.28 -11.09 2.70
N SER A 24 4.48 -11.56 1.79
CA SER A 24 4.88 -11.68 0.40
C SER A 24 4.74 -10.39 -0.37
N LEU A 25 4.19 -9.37 0.26
CA LEU A 25 3.96 -8.13 -0.41
C LEU A 25 5.19 -7.22 -0.31
N LYS A 26 5.96 -7.44 0.73
CA LYS A 26 7.21 -6.75 0.91
C LYS A 26 8.31 -7.49 0.22
N ARG A 27 9.20 -6.78 -0.42
CA ARG A 27 10.22 -7.38 -1.24
C ARG A 27 11.36 -6.39 -1.46
N GLU A 28 12.30 -6.76 -2.32
CA GLU A 28 13.45 -5.91 -2.57
C GLU A 28 13.27 -4.98 -3.76
N SER A 29 12.13 -5.01 -4.38
CA SER A 29 11.86 -4.13 -5.47
C SER A 29 10.65 -3.20 -5.19
N GLY A 30 9.47 -3.66 -5.57
CA GLY A 30 8.26 -2.91 -5.41
C GLY A 30 7.09 -3.66 -6.02
N TYR A 31 5.97 -3.02 -6.15
CA TYR A 31 4.80 -3.64 -6.72
C TYR A 31 4.07 -2.61 -7.56
N THR A 32 3.65 -2.99 -8.72
CA THR A 32 3.13 -2.04 -9.66
C THR A 32 1.84 -2.45 -10.29
N ILE A 33 1.11 -1.42 -10.57
CA ILE A 33 -0.16 -1.43 -11.21
C ILE A 33 -0.24 -0.23 -12.13
N THR A 34 -1.33 -0.10 -12.83
CA THR A 34 -1.54 1.04 -13.68
C THR A 34 -2.25 2.13 -12.87
N ASP A 35 -1.92 3.38 -13.15
CA ASP A 35 -2.55 4.52 -12.51
C ASP A 35 -3.81 4.89 -13.30
N SER A 36 -4.49 5.95 -12.91
CA SER A 36 -5.63 6.44 -13.65
C SER A 36 -5.15 7.01 -15.00
N HIS A 37 -3.89 7.39 -15.05
CA HIS A 37 -3.25 7.87 -16.26
C HIS A 37 -2.58 6.68 -16.97
N ASN A 38 -1.75 6.98 -17.95
CA ASN A 38 -0.98 5.95 -18.65
C ASN A 38 0.14 5.45 -17.78
N ARG A 39 0.68 6.38 -17.02
CA ARG A 39 1.73 6.17 -16.03
C ARG A 39 1.40 5.01 -15.05
N LYS A 40 2.40 4.56 -14.35
CA LYS A 40 2.24 3.42 -13.49
C LYS A 40 2.37 3.79 -12.03
N ILE A 41 1.63 3.09 -11.21
CA ILE A 41 1.74 3.20 -9.79
C ILE A 41 2.70 2.11 -9.38
N GLU A 42 3.71 2.47 -8.68
CA GLU A 42 4.72 1.53 -8.33
C GLU A 42 5.13 1.82 -6.90
N LEU A 43 4.76 0.96 -6.03
CA LEU A 43 4.93 1.18 -4.63
C LEU A 43 5.23 -0.10 -3.91
N ASN A 44 6.03 -0.04 -2.89
CA ASN A 44 6.31 -1.23 -2.16
C ASN A 44 5.68 -1.14 -0.80
N VAL A 45 5.00 -2.19 -0.45
CA VAL A 45 4.27 -2.24 0.78
C VAL A 45 5.04 -3.07 1.79
N CYS A 46 5.23 -2.49 2.97
CA CYS A 46 5.90 -3.14 4.10
C CYS A 46 7.39 -3.23 3.92
N ALA A 47 7.89 -2.55 2.93
CA ALA A 47 9.28 -2.50 2.66
C ALA A 47 9.54 -1.25 1.90
N GLU A 48 10.76 -0.83 1.92
CA GLU A 48 11.22 0.37 1.24
C GLU A 48 10.93 0.25 -0.26
N ALA A 49 10.51 1.33 -0.88
CA ALA A 49 10.32 1.33 -2.31
C ALA A 49 11.66 1.43 -2.99
N LYS A 50 12.21 0.28 -3.27
CA LYS A 50 13.54 0.14 -3.84
C LYS A 50 13.48 0.03 -5.34
N SER A 51 12.47 0.64 -5.87
CA SER A 51 12.24 0.76 -7.27
C SER A 51 11.48 2.07 -7.50
N SER A 52 11.55 2.58 -8.72
CA SER A 52 10.93 3.84 -9.12
C SER A 52 11.58 5.07 -8.45
N CYS A 53 11.37 5.25 -7.16
CA CYS A 53 11.93 6.39 -6.47
C CYS A 53 13.41 6.15 -6.14
N ALA A 54 13.69 5.45 -5.04
CA ALA A 54 15.06 5.15 -4.64
C ALA A 54 15.11 4.12 -3.54
N ASN A 55 15.11 4.60 -2.31
CA ASN A 55 15.26 3.75 -1.20
C ASN A 55 14.11 3.87 -0.18
N GLY A 56 14.15 4.93 0.62
CA GLY A 56 13.26 5.09 1.79
C GLY A 56 11.84 5.53 1.46
N ALA A 57 11.49 5.51 0.21
CA ALA A 57 10.18 5.88 -0.22
C ALA A 57 9.25 4.68 -0.05
N ALA A 58 8.00 4.84 -0.36
CA ALA A 58 7.07 3.74 -0.32
C ALA A 58 6.10 3.82 -1.47
N VAL A 59 5.40 4.93 -1.56
CA VAL A 59 4.43 5.14 -2.64
C VAL A 59 5.07 5.95 -3.73
N CYS A 60 5.19 5.37 -4.90
CA CYS A 60 5.75 6.05 -6.02
C CYS A 60 4.81 6.01 -7.22
N ILE A 61 4.51 7.14 -7.74
CA ILE A 61 3.71 7.25 -8.93
C ILE A 61 4.69 7.61 -10.03
N THR A 62 5.00 6.69 -10.88
CA THR A 62 6.01 6.94 -11.87
C THR A 62 5.38 7.59 -13.08
N ASP A 63 5.46 8.90 -13.16
CA ASP A 63 4.90 9.64 -14.26
C ASP A 63 6.00 9.80 -15.28
N GLY A 64 6.01 8.90 -16.23
CA GLY A 64 7.08 8.86 -17.17
C GLY A 64 8.36 8.43 -16.48
N PRO A 65 9.46 9.14 -16.67
CA PRO A 65 10.70 8.84 -15.99
C PRO A 65 10.83 9.61 -14.65
N LYS A 66 9.83 10.41 -14.33
CA LYS A 66 9.85 11.21 -13.14
C LYS A 66 8.90 10.64 -12.12
N THR A 67 9.45 10.14 -11.07
CA THR A 67 8.67 9.47 -10.09
C THR A 67 8.16 10.43 -9.00
N LEU A 68 6.87 10.48 -8.85
CA LEU A 68 6.21 11.29 -7.84
C LEU A 68 6.07 10.45 -6.58
N ASN A 69 6.51 10.96 -5.48
CA ASN A 69 6.41 10.24 -4.23
C ASN A 69 5.19 10.70 -3.47
N ALA A 70 4.35 9.76 -3.09
CA ALA A 70 3.15 10.11 -2.37
C ALA A 70 3.19 9.61 -0.93
N GLY A 71 4.34 9.12 -0.51
CA GLY A 71 4.51 8.64 0.84
C GLY A 71 5.83 7.93 1.02
N LYS A 72 6.44 8.12 2.18
CA LYS A 72 7.71 7.49 2.51
C LYS A 72 7.44 6.16 3.19
N LEU A 73 8.47 5.37 3.40
CA LEU A 73 8.34 4.09 4.08
C LEU A 73 7.85 4.28 5.52
N SER A 74 6.68 3.77 5.77
CA SER A 74 6.06 3.78 7.07
C SER A 74 5.69 2.32 7.35
N LYS A 75 6.47 1.68 8.16
CA LYS A 75 6.31 0.28 8.36
C LYS A 75 5.61 -0.02 9.68
N THR A 76 4.31 0.09 9.63
CA THR A 76 3.43 -0.22 10.72
C THR A 76 2.11 -0.69 10.08
N LEU A 77 1.35 -1.50 10.74
CA LEU A 77 0.13 -2.02 10.13
C LEU A 77 -1.07 -1.85 11.07
N THR A 78 -2.26 -1.60 10.51
CA THR A 78 -3.46 -1.35 11.33
C THR A 78 -4.65 -2.17 10.79
N TYR A 79 -5.69 -2.28 11.58
CA TYR A 79 -6.94 -2.90 11.18
C TYR A 79 -8.08 -1.95 11.52
N GLU A 80 -8.78 -1.47 10.52
CA GLU A 80 -9.83 -0.49 10.72
C GLU A 80 -10.99 -0.85 9.84
N ASP A 81 -12.12 -1.19 10.50
CA ASP A 81 -13.36 -1.73 9.87
C ASP A 81 -13.11 -3.21 9.52
N GLN A 82 -12.08 -3.74 10.18
CA GLN A 82 -11.53 -5.10 9.99
C GLN A 82 -10.79 -5.27 8.67
N VAL A 83 -10.85 -4.27 7.84
CA VAL A 83 -10.08 -4.26 6.64
C VAL A 83 -8.70 -3.74 7.03
N LEU A 84 -7.69 -4.20 6.37
CA LEU A 84 -6.35 -3.92 6.78
C LEU A 84 -5.94 -2.56 6.27
N LYS A 85 -5.45 -1.72 7.14
CA LYS A 85 -5.06 -0.38 6.74
C LYS A 85 -3.58 -0.17 6.85
N LEU A 86 -3.09 0.60 5.94
CA LEU A 86 -1.73 1.01 5.90
C LEU A 86 -1.72 2.44 5.44
N VAL A 87 -0.85 3.24 5.99
CA VAL A 87 -0.75 4.63 5.64
C VAL A 87 0.68 5.02 5.30
N TYR A 88 0.87 5.50 4.11
CA TYR A 88 2.17 6.01 3.72
C TYR A 88 2.12 7.51 3.67
N GLU A 89 2.60 8.10 4.73
CA GLU A 89 2.59 9.52 4.92
C GLU A 89 3.90 10.16 4.50
N ASP A 90 3.85 11.47 4.27
CA ASP A 90 5.00 12.31 3.86
C ASP A 90 5.46 12.02 2.46
N GLY A 91 4.91 12.75 1.54
CA GLY A 91 5.29 12.60 0.16
C GLY A 91 5.79 13.89 -0.39
N ASP A 92 5.81 14.00 -1.70
CA ASP A 92 6.23 15.22 -2.36
C ASP A 92 5.14 16.26 -2.19
N PRO A 93 5.49 17.42 -1.64
CA PRO A 93 4.51 18.45 -1.31
C PRO A 93 3.90 19.14 -2.51
N CYS A 94 2.64 18.84 -2.74
CA CYS A 94 1.87 19.50 -3.76
C CYS A 94 1.54 20.93 -3.27
N PRO A 95 1.12 21.88 -4.15
CA PRO A 95 0.85 23.29 -3.77
C PRO A 95 -0.11 23.43 -2.56
N THR A 96 -1.01 22.50 -2.46
CA THR A 96 -1.96 22.45 -1.42
C THR A 96 -1.33 21.84 -0.14
N ASP A 97 -0.45 20.88 -0.34
CA ASP A 97 0.18 20.08 0.73
C ASP A 97 1.34 20.77 1.37
N LEU A 98 1.53 21.98 0.99
CA LEU A 98 2.51 22.80 1.62
C LEU A 98 1.93 23.26 2.93
N LYS A 99 0.62 23.29 2.97
CA LYS A 99 -0.11 23.75 4.08
C LYS A 99 -0.99 22.60 4.67
N MET A 100 -0.77 21.40 4.17
CA MET A 100 -1.47 20.24 4.59
C MET A 100 -0.48 19.13 4.67
N LYS A 101 -0.92 18.02 5.07
CA LYS A 101 -0.11 16.82 5.20
C LYS A 101 -0.83 15.69 4.50
N HIS A 102 -0.16 14.94 3.64
CA HIS A 102 -0.88 13.85 2.97
C HIS A 102 -0.35 12.49 3.35
N LYS A 103 -1.28 11.61 3.58
CA LYS A 103 -1.01 10.24 3.90
C LYS A 103 -1.77 9.39 2.91
N SER A 104 -1.13 8.43 2.32
CA SER A 104 -1.80 7.58 1.37
C SER A 104 -2.33 6.34 2.08
N TYR A 105 -3.60 6.08 1.88
CA TYR A 105 -4.31 5.02 2.57
C TYR A 105 -4.44 3.79 1.70
N PHE A 106 -4.05 2.69 2.27
CA PHE A 106 -4.16 1.41 1.63
C PHE A 106 -5.13 0.56 2.40
N SER A 107 -6.15 0.11 1.70
CA SER A 107 -7.13 -0.75 2.27
C SER A 107 -6.93 -2.15 1.71
N PHE A 108 -6.37 -3.01 2.51
CA PHE A 108 -6.11 -4.37 2.11
C PHE A 108 -7.29 -5.21 2.49
N VAL A 109 -7.98 -5.66 1.49
CA VAL A 109 -9.18 -6.43 1.65
C VAL A 109 -9.01 -7.84 1.12
N CYS A 110 -9.20 -8.79 1.99
CA CYS A 110 -9.11 -10.19 1.67
C CYS A 110 -10.18 -10.65 0.68
N LYS A 111 -9.74 -11.06 -0.49
CA LYS A 111 -10.64 -11.57 -1.49
C LYS A 111 -10.07 -12.87 -2.03
N SER A 112 -10.78 -13.96 -1.80
CA SER A 112 -10.35 -15.30 -2.23
C SER A 112 -10.20 -15.36 -3.76
N ASP A 113 -11.02 -14.56 -4.44
CA ASP A 113 -11.03 -14.45 -5.88
C ASP A 113 -9.72 -13.86 -6.42
N ALA A 114 -9.02 -13.13 -5.57
CA ALA A 114 -7.73 -12.55 -5.95
C ALA A 114 -6.61 -13.44 -5.42
N GLY A 115 -6.92 -14.20 -4.39
CA GLY A 115 -5.98 -15.12 -3.80
C GLY A 115 -4.86 -14.40 -3.09
N ASP A 116 -3.76 -15.09 -2.93
CA ASP A 116 -2.59 -14.50 -2.29
C ASP A 116 -1.83 -13.65 -3.30
N ASP A 117 -2.30 -13.67 -4.56
CA ASP A 117 -1.68 -12.88 -5.63
C ASP A 117 -1.64 -11.43 -5.27
N SER A 118 -2.67 -10.97 -4.59
CA SER A 118 -2.74 -9.62 -4.05
C SER A 118 -2.69 -8.53 -5.14
N GLN A 119 -3.82 -8.18 -5.72
CA GLN A 119 -3.78 -7.15 -6.72
C GLN A 119 -4.40 -5.85 -6.20
N PRO A 120 -3.70 -4.75 -6.37
CA PRO A 120 -4.17 -3.45 -5.96
C PRO A 120 -5.07 -2.82 -6.99
N VAL A 121 -6.26 -2.54 -6.60
CA VAL A 121 -7.18 -1.85 -7.43
C VAL A 121 -7.16 -0.42 -6.97
N PHE A 122 -6.76 0.48 -7.83
CA PHE A 122 -6.72 1.87 -7.48
C PHE A 122 -8.14 2.38 -7.28
N LEU A 123 -8.47 2.63 -6.04
CA LEU A 123 -9.82 2.94 -5.67
C LEU A 123 -10.10 4.36 -6.03
N SER A 124 -9.34 5.23 -5.46
CA SER A 124 -9.51 6.61 -5.68
C SER A 124 -8.17 7.32 -5.49
N PHE A 125 -7.97 8.37 -6.24
CA PHE A 125 -6.79 9.17 -6.13
C PHE A 125 -7.23 10.61 -6.05
N ASP A 126 -6.93 11.22 -4.96
CA ASP A 126 -7.31 12.59 -4.71
C ASP A 126 -6.22 13.51 -5.22
N GLU A 127 -6.58 14.38 -6.14
CA GLU A 127 -5.63 15.32 -6.74
C GLU A 127 -5.41 16.53 -5.83
N GLN A 128 -6.41 16.81 -5.00
CA GLN A 128 -6.43 17.98 -4.12
C GLN A 128 -5.23 17.98 -3.19
N THR A 129 -5.12 16.96 -2.41
CA THR A 129 -4.06 16.83 -1.44
C THR A 129 -3.17 15.63 -1.81
N CYS A 130 -3.25 15.22 -3.09
CA CYS A 130 -2.40 14.16 -3.64
C CYS A 130 -2.43 12.87 -2.80
N THR A 131 -3.61 12.55 -2.29
CA THR A 131 -3.80 11.41 -1.44
C THR A 131 -4.23 10.18 -2.25
N SER A 132 -3.55 9.09 -2.04
CA SER A 132 -3.87 7.87 -2.71
C SER A 132 -4.75 6.98 -1.83
N TYR A 133 -5.76 6.38 -2.43
CA TYR A 133 -6.62 5.39 -1.77
C TYR A 133 -6.63 4.13 -2.62
N PHE A 134 -6.05 3.08 -2.12
CA PHE A 134 -5.98 1.87 -2.89
C PHE A 134 -6.65 0.73 -2.18
N SER A 135 -7.36 -0.07 -2.93
CA SER A 135 -8.04 -1.20 -2.39
C SER A 135 -7.30 -2.43 -2.90
N TRP A 136 -6.60 -3.07 -2.04
CA TRP A 136 -5.76 -4.16 -2.43
C TRP A 136 -6.48 -5.46 -2.12
N HIS A 137 -6.85 -6.17 -3.17
CA HIS A 137 -7.55 -7.43 -3.01
C HIS A 137 -6.56 -8.54 -2.79
N THR A 138 -6.41 -8.91 -1.56
CA THR A 138 -5.49 -9.92 -1.17
C THR A 138 -6.01 -10.74 -0.01
N SER A 139 -6.09 -12.04 -0.15
CA SER A 139 -6.51 -12.88 0.97
C SER A 139 -5.29 -13.25 1.85
N LEU A 140 -4.25 -12.44 1.70
CA LEU A 140 -3.07 -12.52 2.52
C LEU A 140 -3.16 -11.33 3.53
N ALA A 141 -4.11 -10.42 3.27
CA ALA A 141 -4.36 -9.25 4.12
C ALA A 141 -5.18 -9.64 5.33
N CYS A 142 -6.13 -10.48 5.10
CA CYS A 142 -6.96 -11.01 6.13
C CYS A 142 -7.15 -12.44 5.76
N GLU A 143 -7.54 -13.28 6.68
CA GLU A 143 -7.60 -14.68 6.39
C GLU A 143 -8.85 -14.98 5.58
N GLU A 144 -9.99 -14.73 6.20
CA GLU A 144 -11.30 -14.92 5.61
C GLU A 144 -11.48 -16.34 5.06
N GLU A 145 -11.16 -16.51 3.80
CA GLU A 145 -11.25 -17.76 3.14
C GLU A 145 -10.02 -17.90 2.29
N VAL A 146 -9.00 -18.50 2.85
CA VAL A 146 -7.75 -18.71 2.15
C VAL A 146 -8.01 -19.70 1.01
N PRO A 147 -7.92 -19.25 -0.24
CA PRO A 147 -8.24 -20.06 -1.40
C PRO A 147 -7.07 -20.88 -1.88
N ARG A 148 -6.09 -21.07 -1.00
CA ARG A 148 -4.85 -21.79 -1.29
C ARG A 148 -4.05 -21.04 -2.33
N MET A 1 4.86 -20.10 2.31
CA MET A 1 3.67 -19.30 2.56
C MET A 1 4.04 -17.85 2.64
N LYS A 2 4.96 -17.53 3.51
CA LYS A 2 5.37 -16.18 3.72
C LYS A 2 6.54 -15.89 2.82
N SER A 3 6.46 -14.82 2.07
CA SER A 3 7.52 -14.51 1.14
C SER A 3 8.76 -13.94 1.83
N ASN A 4 8.78 -12.65 2.10
CA ASN A 4 9.97 -12.06 2.68
C ASN A 4 9.59 -11.06 3.73
N VAL A 5 10.42 -10.94 4.75
CA VAL A 5 10.16 -10.07 5.88
C VAL A 5 10.16 -8.59 5.48
N GLN A 6 9.27 -7.87 6.09
CA GLN A 6 9.09 -6.45 5.86
C GLN A 6 9.80 -5.64 6.94
N ASN A 7 10.50 -6.36 7.84
CA ASN A 7 11.21 -5.78 9.01
C ASN A 7 10.22 -5.50 10.12
N ASP A 8 9.26 -4.68 9.82
CA ASP A 8 8.19 -4.33 10.73
C ASP A 8 6.91 -4.57 9.96
N CYS A 9 5.85 -3.86 10.28
CA CYS A 9 4.55 -3.99 9.63
C CYS A 9 3.91 -5.33 9.92
N ARG A 10 3.26 -5.39 11.05
CA ARG A 10 2.59 -6.59 11.48
C ARG A 10 1.70 -6.21 12.66
N VAL A 11 0.52 -6.76 12.73
CA VAL A 11 -0.41 -6.43 13.80
C VAL A 11 -1.38 -7.61 14.06
N THR A 12 -1.77 -7.81 15.29
CA THR A 12 -2.66 -8.89 15.64
C THR A 12 -4.14 -8.44 15.58
N ASN A 13 -4.98 -9.29 15.01
CA ASN A 13 -6.41 -9.03 14.94
C ASN A 13 -7.07 -9.81 16.08
N PRO A 14 -7.66 -9.12 17.06
CA PRO A 14 -8.29 -9.75 18.25
C PRO A 14 -9.48 -10.65 17.90
N ALA A 15 -10.10 -10.43 16.77
CA ALA A 15 -11.24 -11.22 16.36
C ALA A 15 -10.79 -12.51 15.72
N THR A 16 -9.77 -12.43 14.91
CA THR A 16 -9.25 -13.58 14.21
C THR A 16 -8.30 -14.39 15.09
N GLY A 17 -7.56 -13.71 15.94
CA GLY A 17 -6.59 -14.37 16.79
C GLY A 17 -5.29 -14.59 16.05
N HIS A 18 -5.21 -14.05 14.86
CA HIS A 18 -4.04 -14.17 14.03
C HIS A 18 -3.36 -12.84 13.93
N LEU A 19 -2.13 -12.88 13.55
CA LEU A 19 -1.35 -11.72 13.37
C LEU A 19 -1.13 -11.53 11.89
N PHE A 20 -1.45 -10.36 11.41
CA PHE A 20 -1.33 -10.06 10.03
C PHE A 20 -0.01 -9.41 9.76
N ASP A 21 0.71 -9.97 8.87
CA ASP A 21 1.90 -9.37 8.33
C ASP A 21 1.86 -9.63 6.85
N LEU A 22 2.30 -8.68 6.09
CA LEU A 22 2.16 -8.74 4.66
C LEU A 22 3.47 -9.16 3.98
N THR A 23 4.18 -10.06 4.64
CA THR A 23 5.46 -10.55 4.14
C THR A 23 5.35 -11.22 2.77
N SER A 24 4.23 -11.87 2.52
CA SER A 24 3.98 -12.51 1.25
C SER A 24 3.49 -11.51 0.21
N LEU A 25 3.22 -10.30 0.64
CA LEU A 25 2.68 -9.31 -0.25
C LEU A 25 3.77 -8.35 -0.72
N LYS A 26 4.79 -8.09 0.10
CA LYS A 26 5.90 -7.23 -0.33
C LYS A 26 6.68 -7.92 -1.41
N ARG A 27 7.28 -7.17 -2.29
CA ARG A 27 8.08 -7.79 -3.30
C ARG A 27 9.49 -7.33 -3.08
N GLU A 28 10.39 -7.79 -3.92
CA GLU A 28 11.78 -7.38 -3.86
C GLU A 28 11.95 -6.03 -4.55
N SER A 29 10.89 -5.54 -5.16
CA SER A 29 10.87 -4.22 -5.74
C SER A 29 9.56 -3.54 -5.35
N GLY A 30 8.45 -4.17 -5.69
CA GLY A 30 7.18 -3.65 -5.30
C GLY A 30 6.13 -3.97 -6.31
N TYR A 31 4.88 -3.93 -5.90
CA TYR A 31 3.81 -4.16 -6.81
C TYR A 31 3.49 -2.88 -7.57
N THR A 32 3.42 -3.01 -8.86
CA THR A 32 3.34 -1.87 -9.70
C THR A 32 2.33 -2.00 -10.76
N ILE A 33 1.72 -0.90 -11.01
CA ILE A 33 0.68 -0.76 -11.94
C ILE A 33 0.88 0.53 -12.70
N THR A 34 0.03 0.82 -13.62
CA THR A 34 0.18 2.04 -14.38
C THR A 34 -0.92 3.03 -13.98
N ASP A 35 -0.59 4.30 -13.99
CA ASP A 35 -1.51 5.35 -13.61
C ASP A 35 -2.34 5.78 -14.83
N SER A 36 -3.39 6.53 -14.58
CA SER A 36 -4.39 6.98 -15.52
C SER A 36 -3.85 7.45 -16.89
N HIS A 37 -2.84 8.30 -16.91
CA HIS A 37 -2.41 8.86 -18.18
C HIS A 37 -0.94 8.62 -18.51
N ASN A 38 -0.07 9.23 -17.76
CA ASN A 38 1.35 9.22 -18.09
C ASN A 38 2.15 8.50 -17.05
N ARG A 39 1.77 8.76 -15.84
CA ARG A 39 2.50 8.28 -14.68
C ARG A 39 2.35 6.76 -14.52
N LYS A 40 3.21 6.21 -13.71
CA LYS A 40 3.15 4.81 -13.40
C LYS A 40 3.19 4.67 -11.89
N ILE A 41 2.30 3.87 -11.34
CA ILE A 41 2.15 3.75 -9.91
C ILE A 41 3.03 2.64 -9.38
N GLU A 42 4.11 3.05 -8.80
CA GLU A 42 5.08 2.14 -8.26
C GLU A 42 4.97 2.13 -6.75
N LEU A 43 4.63 1.00 -6.14
CA LEU A 43 4.54 0.99 -4.68
C LEU A 43 4.95 -0.35 -4.12
N ASN A 44 5.35 -0.38 -2.88
CA ASN A 44 5.71 -1.63 -2.25
C ASN A 44 5.15 -1.62 -0.86
N VAL A 45 4.60 -2.73 -0.44
CA VAL A 45 3.91 -2.78 0.83
C VAL A 45 4.83 -3.10 2.02
N CYS A 46 4.91 -2.12 2.94
CA CYS A 46 5.65 -2.16 4.19
C CYS A 46 7.10 -2.48 3.99
N ALA A 47 7.54 -2.23 2.81
CA ALA A 47 8.86 -2.48 2.43
C ALA A 47 9.23 -1.42 1.47
N GLU A 48 10.46 -1.05 1.54
CA GLU A 48 11.07 -0.06 0.70
C GLU A 48 10.73 -0.32 -0.76
N ALA A 49 10.18 0.67 -1.42
CA ALA A 49 9.77 0.52 -2.78
C ALA A 49 10.94 0.71 -3.69
N LYS A 50 11.42 -0.38 -4.22
CA LYS A 50 12.56 -0.37 -5.11
C LYS A 50 12.06 -0.58 -6.53
N SER A 51 10.82 -0.22 -6.73
CA SER A 51 10.14 -0.33 -7.99
C SER A 51 10.73 0.67 -9.00
N SER A 52 10.50 1.94 -8.76
CA SER A 52 11.08 3.02 -9.54
C SER A 52 11.63 4.10 -8.62
N CYS A 53 11.69 3.77 -7.38
CA CYS A 53 12.25 4.61 -6.38
C CYS A 53 13.23 3.75 -5.57
N ALA A 54 13.88 4.28 -4.55
CA ALA A 54 14.86 3.48 -3.83
C ALA A 54 14.37 2.88 -2.49
N ASN A 55 14.58 3.61 -1.40
CA ASN A 55 14.23 3.11 -0.11
C ASN A 55 13.28 4.00 0.68
N GLY A 56 13.53 5.31 0.69
CA GLY A 56 12.78 6.25 1.51
C GLY A 56 11.34 6.45 1.09
N ALA A 57 11.00 5.95 -0.07
CA ALA A 57 9.68 6.07 -0.60
C ALA A 57 9.00 4.72 -0.59
N ALA A 58 7.73 4.71 -0.34
CA ALA A 58 6.98 3.48 -0.39
C ALA A 58 6.01 3.51 -1.55
N VAL A 59 5.60 4.71 -1.91
CA VAL A 59 4.76 4.90 -3.07
C VAL A 59 5.40 5.96 -3.92
N CYS A 60 5.77 5.61 -5.08
CA CYS A 60 6.35 6.51 -5.99
C CYS A 60 5.59 6.53 -7.29
N ILE A 61 4.85 7.58 -7.48
CA ILE A 61 4.13 7.77 -8.68
C ILE A 61 5.15 8.31 -9.65
N THR A 62 5.67 7.45 -10.44
CA THR A 62 6.75 7.83 -11.27
C THR A 62 6.21 8.38 -12.58
N ASP A 63 6.19 9.69 -12.67
CA ASP A 63 5.74 10.42 -13.84
C ASP A 63 6.89 10.53 -14.76
N GLY A 64 6.95 9.64 -15.70
CA GLY A 64 8.08 9.57 -16.57
C GLY A 64 9.26 9.04 -15.80
N PRO A 65 10.41 9.70 -15.87
CA PRO A 65 11.58 9.31 -15.11
C PRO A 65 11.64 10.08 -13.78
N LYS A 66 10.59 10.82 -13.49
CA LYS A 66 10.50 11.68 -12.33
C LYS A 66 9.66 11.04 -11.24
N THR A 67 10.27 10.83 -10.10
CA THR A 67 9.63 10.18 -8.99
C THR A 67 8.77 11.17 -8.17
N LEU A 68 7.49 10.90 -8.07
CA LEU A 68 6.60 11.65 -7.20
C LEU A 68 6.28 10.80 -5.98
N ASN A 69 6.84 11.16 -4.87
CA ASN A 69 6.63 10.45 -3.63
C ASN A 69 5.24 10.72 -3.13
N ALA A 70 4.39 9.73 -3.17
CA ALA A 70 3.03 9.89 -2.69
C ALA A 70 2.98 9.60 -1.20
N GLY A 71 3.87 8.74 -0.77
CA GLY A 71 3.97 8.40 0.60
C GLY A 71 5.33 7.85 0.90
N LYS A 72 5.89 8.24 2.04
CA LYS A 72 7.19 7.77 2.45
C LYS A 72 7.11 6.33 2.89
N LEU A 73 8.25 5.73 3.08
CA LEU A 73 8.32 4.40 3.58
C LEU A 73 7.92 4.40 5.05
N SER A 74 6.69 4.06 5.28
CA SER A 74 6.13 3.96 6.59
C SER A 74 5.53 2.57 6.74
N LYS A 75 6.23 1.72 7.43
CA LYS A 75 5.79 0.37 7.61
C LYS A 75 5.04 0.26 8.93
N THR A 76 3.83 0.75 8.90
CA THR A 76 2.96 0.74 10.03
C THR A 76 1.65 0.09 9.59
N LEU A 77 1.35 -1.01 10.19
CA LEU A 77 0.21 -1.78 9.82
C LEU A 77 -0.79 -1.72 10.93
N THR A 78 -2.02 -1.62 10.57
CA THR A 78 -3.07 -1.52 11.51
C THR A 78 -4.33 -2.11 10.89
N TYR A 79 -5.39 -2.11 11.60
CA TYR A 79 -6.64 -2.64 11.13
C TYR A 79 -7.72 -1.70 11.58
N GLU A 80 -8.70 -1.52 10.75
CA GLU A 80 -9.79 -0.65 11.07
C GLU A 80 -11.02 -1.27 10.44
N ASP A 81 -12.05 -1.50 11.27
CA ASP A 81 -13.32 -2.15 10.85
C ASP A 81 -13.04 -3.63 10.53
N GLN A 82 -11.94 -4.11 11.13
CA GLN A 82 -11.39 -5.47 10.99
C GLN A 82 -10.74 -5.71 9.62
N VAL A 83 -10.78 -4.70 8.79
CA VAL A 83 -10.12 -4.72 7.51
C VAL A 83 -8.70 -4.25 7.76
N LEU A 84 -7.76 -4.74 7.01
CA LEU A 84 -6.39 -4.41 7.25
C LEU A 84 -6.10 -3.07 6.61
N LYS A 85 -5.49 -2.20 7.34
CA LYS A 85 -5.28 -0.85 6.88
C LYS A 85 -3.81 -0.48 6.90
N LEU A 86 -3.39 0.13 5.83
CA LEU A 86 -2.07 0.66 5.68
C LEU A 86 -2.20 2.09 5.21
N VAL A 87 -1.43 2.99 5.77
CA VAL A 87 -1.50 4.38 5.39
C VAL A 87 -0.12 4.94 5.08
N TYR A 88 0.11 5.25 3.83
CA TYR A 88 1.36 5.87 3.45
C TYR A 88 1.20 7.35 3.41
N GLU A 89 1.75 8.00 4.38
CA GLU A 89 1.64 9.40 4.50
C GLU A 89 2.91 10.13 4.11
N ASP A 90 2.74 11.44 3.90
CA ASP A 90 3.81 12.43 3.60
C ASP A 90 4.96 11.92 2.71
N GLY A 91 4.86 12.16 1.44
CA GLY A 91 5.94 11.80 0.56
C GLY A 91 6.69 13.04 0.14
N ASP A 92 6.24 13.65 -0.91
CA ASP A 92 6.74 14.93 -1.34
C ASP A 92 5.63 15.92 -1.09
N PRO A 93 5.86 16.91 -0.21
CA PRO A 93 4.86 17.91 0.17
C PRO A 93 4.24 18.64 -1.01
N CYS A 94 3.01 18.32 -1.28
CA CYS A 94 2.29 18.87 -2.35
C CYS A 94 1.80 20.24 -1.94
N PRO A 95 1.43 21.12 -2.91
CA PRO A 95 0.96 22.49 -2.63
C PRO A 95 -0.30 22.56 -1.78
N THR A 96 -0.89 21.43 -1.54
CA THR A 96 -2.04 21.36 -0.73
C THR A 96 -1.72 20.91 0.70
N ASP A 97 -0.68 20.09 0.88
CA ASP A 97 -0.39 19.58 2.22
C ASP A 97 0.61 20.42 2.96
N LEU A 98 0.19 21.63 3.16
CA LEU A 98 0.95 22.62 3.86
C LEU A 98 0.49 22.63 5.30
N LYS A 99 -0.79 22.86 5.47
CA LYS A 99 -1.44 22.99 6.74
C LYS A 99 -2.31 21.76 7.01
N MET A 100 -1.98 20.69 6.33
CA MET A 100 -2.66 19.46 6.40
C MET A 100 -1.67 18.46 5.90
N LYS A 101 -1.87 17.25 6.19
CA LYS A 101 -1.02 16.18 5.73
C LYS A 101 -1.80 15.06 5.09
N HIS A 102 -1.22 14.53 4.03
CA HIS A 102 -1.87 13.52 3.25
C HIS A 102 -1.38 12.14 3.61
N LYS A 103 -2.29 11.20 3.63
CA LYS A 103 -1.99 9.82 3.81
C LYS A 103 -2.76 9.04 2.77
N SER A 104 -2.14 8.09 2.19
CA SER A 104 -2.77 7.29 1.19
C SER A 104 -3.37 6.07 1.88
N TYR A 105 -4.59 5.77 1.50
CA TYR A 105 -5.39 4.80 2.19
C TYR A 105 -5.32 3.47 1.45
N PHE A 106 -4.67 2.51 2.06
CA PHE A 106 -4.57 1.20 1.48
C PHE A 106 -5.37 0.23 2.31
N SER A 107 -6.49 -0.16 1.78
CA SER A 107 -7.34 -1.06 2.46
C SER A 107 -7.12 -2.46 1.97
N PHE A 108 -6.56 -3.27 2.81
CA PHE A 108 -6.33 -4.62 2.51
C PHE A 108 -7.46 -5.41 3.08
N VAL A 109 -8.29 -5.87 2.24
CA VAL A 109 -9.45 -6.58 2.64
C VAL A 109 -9.29 -8.05 2.25
N CYS A 110 -10.05 -8.90 2.90
CA CYS A 110 -9.99 -10.34 2.76
C CYS A 110 -9.94 -10.80 1.30
N LYS A 111 -9.19 -11.85 1.07
CA LYS A 111 -8.89 -12.37 -0.25
C LYS A 111 -10.14 -12.81 -0.97
N SER A 112 -10.38 -12.16 -2.05
CA SER A 112 -11.41 -12.55 -2.98
C SER A 112 -10.79 -12.72 -4.37
N ASP A 113 -9.59 -12.15 -4.57
CA ASP A 113 -8.92 -12.25 -5.87
C ASP A 113 -7.47 -12.63 -5.66
N ALA A 114 -6.62 -11.61 -5.44
CA ALA A 114 -5.19 -11.73 -5.13
C ALA A 114 -4.40 -12.20 -6.33
N GLY A 115 -4.77 -13.33 -6.84
CA GLY A 115 -4.15 -13.89 -7.97
C GLY A 115 -2.74 -14.33 -7.68
N ASP A 116 -1.84 -13.82 -8.45
CA ASP A 116 -0.43 -14.10 -8.31
C ASP A 116 0.38 -12.83 -8.49
N ASP A 117 -0.09 -11.96 -9.39
CA ASP A 117 0.60 -10.69 -9.71
C ASP A 117 0.56 -9.76 -8.53
N SER A 118 -0.47 -9.94 -7.70
CA SER A 118 -0.65 -9.21 -6.45
C SER A 118 -0.84 -7.71 -6.70
N GLN A 119 -1.57 -7.38 -7.77
CA GLN A 119 -1.76 -5.98 -8.12
C GLN A 119 -2.94 -5.35 -7.37
N PRO A 120 -2.70 -4.27 -6.63
CA PRO A 120 -3.71 -3.57 -5.84
C PRO A 120 -4.74 -2.89 -6.73
N VAL A 121 -5.94 -2.75 -6.26
CA VAL A 121 -6.98 -2.09 -7.00
C VAL A 121 -6.90 -0.61 -6.70
N PHE A 122 -6.60 0.17 -7.71
CA PHE A 122 -6.53 1.59 -7.56
C PHE A 122 -7.88 2.20 -7.84
N LEU A 123 -8.47 2.76 -6.81
CA LEU A 123 -9.77 3.39 -6.90
C LEU A 123 -9.62 4.76 -7.49
N SER A 124 -8.63 5.49 -7.00
CA SER A 124 -8.36 6.83 -7.48
C SER A 124 -7.11 7.38 -6.82
N PHE A 125 -6.42 8.22 -7.54
CA PHE A 125 -5.35 9.00 -7.02
C PHE A 125 -5.76 10.43 -7.24
N ASP A 126 -5.91 11.15 -6.18
CA ASP A 126 -6.36 12.51 -6.26
C ASP A 126 -5.26 13.45 -5.95
N GLU A 127 -5.06 14.42 -6.82
CA GLU A 127 -4.06 15.47 -6.63
C GLU A 127 -4.55 16.46 -5.56
N GLN A 128 -5.79 16.20 -5.08
CA GLN A 128 -6.51 16.92 -4.03
C GLN A 128 -5.57 17.29 -2.91
N THR A 129 -4.81 16.34 -2.46
CA THR A 129 -3.76 16.58 -1.52
C THR A 129 -2.69 15.50 -1.70
N CYS A 130 -2.76 14.83 -2.87
CA CYS A 130 -1.89 13.70 -3.21
C CYS A 130 -2.22 12.50 -2.34
N THR A 131 -3.44 12.05 -2.47
CA THR A 131 -3.96 10.95 -1.73
C THR A 131 -4.46 9.89 -2.68
N SER A 132 -4.26 8.66 -2.34
CA SER A 132 -4.71 7.61 -3.17
C SER A 132 -5.63 6.67 -2.39
N TYR A 133 -6.62 6.16 -3.06
CA TYR A 133 -7.54 5.20 -2.50
C TYR A 133 -7.27 3.87 -3.11
N PHE A 134 -6.78 2.95 -2.32
CA PHE A 134 -6.51 1.63 -2.78
C PHE A 134 -7.23 0.60 -1.95
N SER A 135 -7.56 -0.47 -2.57
CA SER A 135 -8.19 -1.57 -1.94
C SER A 135 -7.60 -2.81 -2.58
N TRP A 136 -7.35 -3.81 -1.80
CA TRP A 136 -6.77 -5.01 -2.33
C TRP A 136 -7.28 -6.21 -1.54
N HIS A 137 -7.99 -7.09 -2.23
CA HIS A 137 -8.47 -8.32 -1.61
C HIS A 137 -7.34 -9.36 -1.64
N THR A 138 -6.63 -9.46 -0.54
CA THR A 138 -5.44 -10.28 -0.49
C THR A 138 -5.49 -11.24 0.72
N SER A 139 -4.83 -12.36 0.57
CA SER A 139 -4.82 -13.45 1.54
C SER A 139 -4.28 -13.04 2.91
N LEU A 140 -3.36 -12.11 2.93
CA LEU A 140 -2.69 -11.71 4.18
C LEU A 140 -3.37 -10.51 4.80
N ALA A 141 -4.51 -10.14 4.27
CA ALA A 141 -5.24 -9.00 4.77
C ALA A 141 -6.13 -9.39 5.93
N CYS A 142 -7.15 -10.15 5.64
CA CYS A 142 -8.01 -10.69 6.65
C CYS A 142 -8.54 -12.01 6.17
N GLU A 143 -9.08 -12.80 7.07
CA GLU A 143 -9.47 -14.15 6.74
C GLU A 143 -10.97 -14.36 6.89
N GLU A 144 -11.73 -13.27 6.92
CA GLU A 144 -13.19 -13.36 7.03
C GLU A 144 -13.76 -13.95 5.77
N GLU A 145 -13.21 -13.52 4.65
CA GLU A 145 -13.50 -14.11 3.38
C GLU A 145 -12.39 -15.08 3.12
N VAL A 146 -12.73 -16.34 3.06
CA VAL A 146 -11.77 -17.43 2.98
C VAL A 146 -10.83 -17.31 1.77
N PRO A 147 -9.52 -17.13 2.04
CA PRO A 147 -8.49 -16.98 1.00
C PRO A 147 -8.06 -18.31 0.39
N ARG A 148 -8.72 -19.35 0.80
CA ARG A 148 -8.44 -20.68 0.33
C ARG A 148 -9.53 -21.12 -0.61
#